data_1E1Q
#
_entry.id   1E1Q
#
_cell.length_a   280.800
_cell.length_b   107.400
_cell.length_c   139.600
_cell.angle_alpha   90.00
_cell.angle_beta   90.00
_cell.angle_gamma   90.00
#
_symmetry.space_group_name_H-M   'P 21 21 21'
#
loop_
_entity.id
_entity.type
_entity.pdbx_description
1 polymer 'BOVINE MITOCHONDRIAL F1-ATPASE'
2 polymer 'BOVINE MITOCHONDRIAL F1-ATPASE'
3 polymer 'BOVINE MITOCHONDRIAL F1-ATPASE'
4 non-polymer 'PHOSPHOAMINOPHOSPHONIC ACID-ADENYLATE ESTER'
5 non-polymer 'MAGNESIUM ION'
6 non-polymer "ADENOSINE-5'-DIPHOSPHATE"
7 non-polymer 'PHOSPHATE ION'
8 water water
#
loop_
_entity_poly.entity_id
_entity_poly.type
_entity_poly.pdbx_seq_one_letter_code
_entity_poly.pdbx_strand_id
1 'polypeptide(L)'
;QKTGTAEVSSILEERILGADTSVDLEETGRVLSIGDGIARVHGLRNVQAEEMVEFSSGLKGMSLNLEPDNVGVVVFGNDK
LIKEGDIVKRTGAIVDVPVGEELLGRVVDALGNAIDGKGPIGSKARRRVGLKAPGIIPRISVREPMQTGIKAVDSLVPIG
RGQRELIIGDRQTGKTSIAIDTIINQKRFNDGTDEKKKLYCIYVAIGQKRSTVAQLVKRLTDADAMKYTIVVSATASDAA
PLQYLAPYSGCSMGEYFRDNGKHALIIYDDLSKQAVAYRQMSLLLRRPPGREAYPGDVFYLHSRLLERAAKMNDAFGGGS
LTALPVIETQAGDVSAYIPTNVISITDGQIFLETELFYKGIRPAINVGLSVSRVGSAAQTRAMKQVAGTMKLELAQYREV
AAFAQFGSDLDAATQQLLSRGVRLTELLKQGQYSPMAIEEQVAVIYAGVRGYLDKLEPSKITKFENAFLSHVISQHQALL
GKIRTDGKISEESDAKLKEIVTNFLAGFEA
;
A,B,C
2 'polypeptide(L)'
;AAQASPSPKAGATTGRIVAVIGAVVDVQFDEGLPPILNALEVQGRETRLVLEVAQHLGESTVRTIAMDGTEGLVRGQKVL
DSGAPIRIPVGPETLGRIMNVIGEPIDERGPIKTKQFAAIHAEAPEFVEMSVEQEILVTGIKVVDLLAPYAKGGKIGLFG
GAGVGKTVLIMELINNVAKAHGGYSVFAGVGERTREGNDLYHEMIESGVINLKDATSKVALVYGQMNEPPGARARVALTG
LTVAEYFRDQEGQDVLLFIDNIFRFTQAGSEVSALLGRIPSAVGYQPTLATDMGTMQERITTTKKGSITSVQAIYVPADD
LTDPAPATTFAHLDATTVLSRAIAELGIYPAVDPLDSTSRIMDPNIVGSEHYDVARGVQKILQDYKSLQDIIAILGMDEL
SEEDKLTVSRARKIQRFLSQPFQVAEVFTGHLGKLVPLKETIKGFQQILAGEYDHLPEQAFYMVGPIEEAVAKADKLAEE
HS
;
D,E,F
3 'polypeptide(L)'
;ATLKDITRRLKSIKNIQKITKSMKMVAAAKYARAERELKPARVYGVGSLALYEKADIKTPEDKKKHLIIGVSSDRGLCGA
IHSSVAKQMKSEAANLAAAGKEVKIIGVGDKIRSILHRTHSDQFLVTFKEVGRRPPTFGDASVIALELLNSGYEFDEGSI
IFNRFRSVISYKTEEKPIFSLDTISSAESMSIYDDIDADVLRNYQEYSLANIIYYSLKESTTSEQSARMTAMDNASKNAS
EMIDKLTLTFNRTRQAVITKELIEIISGAAAL
;
G
#
loop_
_chem_comp.id
_chem_comp.type
_chem_comp.name
_chem_comp.formula
ADP non-polymer ADENOSINE-5'-DIPHOSPHATE 'C10 H15 N5 O10 P2'
ANP non-polymer 'PHOSPHOAMINOPHOSPHONIC ACID-ADENYLATE ESTER' 'C10 H17 N6 O12 P3'
MG non-polymer 'MAGNESIUM ION' 'Mg 2'
PO4 non-polymer 'PHOSPHATE ION' 'O4 P -3'
#
# COMPACT_ATOMS: atom_id res chain seq x y z
N ASP A 24 8.80 23.56 -47.37
CA ASP A 24 7.77 24.52 -46.90
C ASP A 24 7.36 24.23 -45.46
N LEU A 25 8.05 24.82 -44.50
CA LEU A 25 7.81 24.64 -43.08
C LEU A 25 6.44 25.05 -42.61
N GLU A 26 5.55 25.40 -43.55
CA GLU A 26 4.19 25.79 -43.17
C GLU A 26 3.20 24.63 -43.33
N GLU A 27 3.37 23.88 -44.42
CA GLU A 27 2.46 22.79 -44.77
C GLU A 27 3.18 21.45 -44.78
N THR A 28 4.49 21.50 -44.59
CA THR A 28 5.28 20.28 -44.61
C THR A 28 6.32 20.38 -43.49
N GLY A 29 6.93 19.22 -43.20
CA GLY A 29 7.94 19.21 -42.14
C GLY A 29 8.91 18.06 -42.38
N ARG A 30 9.95 18.00 -41.58
CA ARG A 30 10.92 16.90 -41.69
C ARG A 30 11.04 16.22 -40.33
N VAL A 31 11.25 14.92 -40.29
CA VAL A 31 11.38 14.23 -39.02
C VAL A 31 12.70 14.53 -38.32
N LEU A 32 12.58 14.96 -37.06
CA LEU A 32 13.75 15.19 -36.23
C LEU A 32 14.19 13.89 -35.57
N SER A 33 13.19 13.28 -34.91
CA SER A 33 13.49 11.98 -34.27
C SER A 33 12.30 11.06 -34.34
N ILE A 34 12.57 9.75 -34.32
CA ILE A 34 11.53 8.74 -34.41
C ILE A 34 11.89 7.52 -33.58
N GLY A 35 11.00 7.14 -32.68
CA GLY A 35 11.07 6.03 -31.80
C GLY A 35 9.76 5.69 -31.13
N ASP A 36 9.50 4.42 -30.84
CA ASP A 36 8.31 3.97 -30.15
C ASP A 36 7.01 4.58 -30.59
N GLY A 37 6.70 4.67 -31.86
CA GLY A 37 5.46 5.24 -32.35
C GLY A 37 5.38 6.75 -32.31
N ILE A 38 6.42 7.42 -31.83
CA ILE A 38 6.47 8.86 -31.75
C ILE A 38 7.47 9.48 -32.72
N ALA A 39 6.99 10.34 -33.60
CA ALA A 39 7.82 11.02 -34.58
C ALA A 39 7.86 12.53 -34.25
N ARG A 40 9.00 13.03 -33.83
CA ARG A 40 9.19 14.46 -33.58
C ARG A 40 9.47 15.14 -34.93
N VAL A 41 8.54 15.98 -35.33
CA VAL A 41 8.62 16.62 -36.66
C VAL A 41 8.93 18.10 -36.55
N HIS A 42 9.89 18.52 -37.35
CA HIS A 42 10.24 19.95 -37.42
C HIS A 42 9.44 20.64 -38.51
N GLY A 43 9.00 21.88 -38.33
CA GLY A 43 8.20 22.59 -39.35
C GLY A 43 6.71 22.45 -39.12
N LEU A 44 5.95 22.11 -40.17
CA LEU A 44 4.50 21.92 -40.02
C LEU A 44 3.88 23.04 -39.21
N ARG A 45 4.43 24.24 -39.34
CA ARG A 45 3.98 25.39 -38.60
C ARG A 45 2.51 25.69 -38.71
N ASN A 46 1.77 25.20 -39.71
CA ASN A 46 0.33 25.47 -39.76
C ASN A 46 -0.53 24.30 -39.29
N VAL A 47 0.03 23.22 -38.73
CA VAL A 47 -0.81 22.12 -38.32
C VAL A 47 -1.75 22.54 -37.18
N GLN A 48 -2.90 21.91 -37.14
CA GLN A 48 -3.82 22.09 -36.03
C GLN A 48 -3.59 20.94 -35.04
N ALA A 49 -3.95 21.15 -33.78
CA ALA A 49 -3.89 20.06 -32.83
C ALA A 49 -4.90 18.98 -33.26
N GLU A 50 -4.44 17.73 -33.25
CA GLU A 50 -5.28 16.58 -33.57
C GLU A 50 -5.50 16.42 -35.07
N GLU A 51 -4.69 17.08 -35.88
CA GLU A 51 -4.80 16.94 -37.33
C GLU A 51 -3.94 15.81 -37.90
N MET A 52 -4.48 14.98 -38.78
CA MET A 52 -3.78 13.89 -39.42
C MET A 52 -2.72 14.38 -40.41
N VAL A 53 -1.52 13.88 -40.35
CA VAL A 53 -0.47 14.24 -41.33
C VAL A 53 0.01 13.01 -42.09
N GLU A 54 0.66 13.14 -43.22
CA GLU A 54 1.13 11.95 -43.96
C GLU A 54 2.65 11.95 -44.05
N PHE A 55 3.28 10.80 -43.83
CA PHE A 55 4.73 10.70 -43.92
C PHE A 55 5.12 10.29 -45.33
N SER A 56 6.40 10.36 -45.67
CA SER A 56 6.85 9.97 -47.00
C SER A 56 6.32 8.58 -47.39
N SER A 57 6.46 7.61 -46.50
CA SER A 57 6.11 6.25 -46.73
C SER A 57 4.63 6.04 -46.99
N GLY A 58 3.82 7.04 -46.67
CA GLY A 58 2.37 6.92 -46.91
C GLY A 58 1.65 6.47 -45.64
N LEU A 59 2.37 6.42 -44.53
CA LEU A 59 1.75 6.12 -43.24
C LEU A 59 1.09 7.41 -42.73
N LYS A 60 -0.01 7.30 -41.99
CA LYS A 60 -0.66 8.46 -41.42
C LYS A 60 -0.13 8.66 -39.98
N GLY A 61 -0.26 9.87 -39.46
CA GLY A 61 0.16 10.22 -38.13
C GLY A 61 -0.73 11.34 -37.58
N MET A 62 -0.94 11.36 -36.27
CA MET A 62 -1.81 12.41 -35.69
C MET A 62 -0.99 13.31 -34.79
N SER A 63 -1.07 14.60 -34.98
CA SER A 63 -0.33 15.63 -34.29
C SER A 63 -0.97 15.96 -32.94
N LEU A 64 -0.54 15.18 -31.96
CA LEU A 64 -1.04 15.28 -30.60
C LEU A 64 -0.38 16.35 -29.76
N ASN A 65 0.87 16.68 -29.99
CA ASN A 65 1.58 17.70 -29.26
C ASN A 65 2.06 18.81 -30.19
N LEU A 66 1.67 20.05 -29.97
CA LEU A 66 2.21 21.18 -30.72
C LEU A 66 3.21 21.91 -29.80
N GLU A 67 4.48 21.77 -30.09
CA GLU A 67 5.54 22.40 -29.30
C GLU A 67 6.13 23.55 -30.08
N PRO A 68 6.83 24.45 -29.44
CA PRO A 68 7.42 25.63 -30.05
C PRO A 68 8.46 25.31 -31.11
N ASP A 69 9.25 24.27 -30.93
CA ASP A 69 10.25 23.81 -31.87
C ASP A 69 9.90 22.51 -32.61
N ASN A 70 8.81 21.85 -32.27
CA ASN A 70 8.46 20.58 -32.95
C ASN A 70 7.00 20.17 -32.72
N VAL A 71 6.53 19.26 -33.55
CA VAL A 71 5.22 18.65 -33.47
C VAL A 71 5.45 17.17 -33.08
N GLY A 72 4.75 16.76 -32.02
CA GLY A 72 4.85 15.36 -31.54
C GLY A 72 3.72 14.57 -32.26
N VAL A 73 4.14 13.75 -33.20
CA VAL A 73 3.25 12.97 -34.05
C VAL A 73 3.15 11.52 -33.63
N VAL A 74 1.96 11.03 -33.48
CA VAL A 74 1.63 9.64 -33.05
C VAL A 74 1.44 8.76 -34.27
N VAL A 75 2.25 7.72 -34.45
CA VAL A 75 2.26 6.95 -35.69
C VAL A 75 1.25 5.81 -35.78
N PHE A 76 0.38 5.90 -36.77
CA PHE A 76 -0.63 4.90 -37.08
C PHE A 76 0.02 3.77 -37.88
N GLY A 77 0.96 3.04 -37.27
CA GLY A 77 1.66 1.98 -38.01
C GLY A 77 3.08 1.79 -37.47
N ASN A 78 3.90 1.06 -38.20
CA ASN A 78 5.26 0.71 -37.80
C ASN A 78 6.27 1.81 -38.11
N ASP A 79 6.99 2.24 -37.08
CA ASP A 79 7.98 3.32 -37.22
C ASP A 79 9.14 2.93 -38.11
N LYS A 80 9.22 1.65 -38.40
CA LYS A 80 10.23 1.13 -39.30
C LYS A 80 10.33 1.98 -40.55
N LEU A 81 9.20 2.36 -41.14
CA LEU A 81 9.18 3.11 -42.38
C LEU A 81 9.34 4.61 -42.26
N ILE A 82 9.84 5.06 -41.10
CA ILE A 82 10.04 6.47 -40.85
C ILE A 82 11.47 6.69 -40.35
N LYS A 83 12.19 7.54 -41.08
CA LYS A 83 13.57 7.89 -40.74
C LYS A 83 13.75 9.39 -40.54
N GLU A 84 14.81 9.77 -39.85
CA GLU A 84 15.13 11.20 -39.66
C GLU A 84 15.16 11.84 -41.04
N GLY A 85 14.56 13.02 -41.20
CA GLY A 85 14.60 13.68 -42.50
C GLY A 85 13.39 13.44 -43.38
N ASP A 86 12.56 12.46 -43.04
CA ASP A 86 11.38 12.17 -43.84
C ASP A 86 10.44 13.36 -43.91
N ILE A 87 9.93 13.62 -45.11
CA ILE A 87 8.97 14.71 -45.30
C ILE A 87 7.61 14.33 -44.72
N VAL A 88 6.95 15.22 -44.03
CA VAL A 88 5.62 15.01 -43.48
C VAL A 88 4.68 16.13 -43.96
N LYS A 89 3.67 15.73 -44.74
CA LYS A 89 2.71 16.61 -45.34
C LYS A 89 1.42 16.74 -44.53
N ARG A 90 0.78 17.92 -44.63
CA ARG A 90 -0.50 18.08 -43.98
C ARG A 90 -1.59 17.46 -44.87
N THR A 91 -2.50 16.71 -44.26
CA THR A 91 -3.55 16.08 -45.08
C THR A 91 -4.69 17.09 -45.21
N GLY A 92 -4.82 17.81 -44.10
CA GLY A 92 -5.90 18.78 -43.93
C GLY A 92 -7.09 17.99 -43.33
N ALA A 93 -7.53 16.99 -44.10
CA ALA A 93 -8.67 16.18 -43.69
C ALA A 93 -8.43 15.55 -42.31
N ILE A 94 -9.35 15.81 -41.41
CA ILE A 94 -9.29 15.28 -40.05
C ILE A 94 -9.87 13.85 -39.99
N VAL A 95 -9.85 13.30 -38.78
CA VAL A 95 -10.27 11.93 -38.58
C VAL A 95 -11.78 11.83 -38.67
N ASP A 96 -12.22 11.09 -39.67
CA ASP A 96 -13.60 10.83 -39.98
C ASP A 96 -13.73 9.39 -40.48
N VAL A 97 -14.84 8.74 -40.19
CA VAL A 97 -15.03 7.36 -40.61
C VAL A 97 -16.28 7.19 -41.45
N PRO A 98 -16.37 6.12 -42.21
CA PRO A 98 -17.54 5.82 -43.03
C PRO A 98 -18.73 5.51 -42.14
N VAL A 99 -19.88 6.04 -42.44
CA VAL A 99 -21.04 5.78 -41.53
C VAL A 99 -22.26 5.45 -42.38
N GLY A 100 -23.07 4.47 -41.98
CA GLY A 100 -24.25 4.11 -42.72
C GLY A 100 -24.69 2.67 -42.49
N GLU A 101 -25.75 2.27 -43.19
CA GLU A 101 -26.28 0.92 -43.07
C GLU A 101 -25.45 -0.06 -43.90
N GLU A 102 -24.58 0.50 -44.73
CA GLU A 102 -23.74 -0.38 -45.55
C GLU A 102 -22.62 -1.04 -44.74
N LEU A 103 -22.44 -0.67 -43.48
CA LEU A 103 -21.46 -1.27 -42.60
C LEU A 103 -22.05 -2.47 -41.86
N LEU A 104 -23.38 -2.58 -41.91
CA LEU A 104 -24.04 -3.68 -41.20
C LEU A 104 -23.59 -5.01 -41.79
N GLY A 105 -23.33 -6.00 -40.95
CA GLY A 105 -22.84 -7.28 -41.43
C GLY A 105 -21.35 -7.23 -41.72
N ARG A 106 -20.70 -6.07 -41.63
CA ARG A 106 -19.27 -6.05 -41.99
C ARG A 106 -18.28 -6.08 -40.84
N VAL A 107 -17.01 -6.38 -41.12
CA VAL A 107 -15.96 -6.33 -40.11
C VAL A 107 -14.95 -5.26 -40.50
N VAL A 108 -14.87 -4.20 -39.69
CA VAL A 108 -13.99 -3.10 -40.02
C VAL A 108 -12.98 -2.79 -38.92
N ASP A 109 -11.90 -2.14 -39.33
CA ASP A 109 -10.80 -1.75 -38.45
C ASP A 109 -11.18 -0.42 -37.79
N ALA A 110 -10.28 0.20 -37.06
CA ALA A 110 -10.57 1.44 -36.35
C ALA A 110 -10.91 2.62 -37.24
N LEU A 111 -10.46 2.67 -38.49
CA LEU A 111 -10.81 3.80 -39.36
C LEU A 111 -11.92 3.43 -40.32
N GLY A 112 -12.54 2.26 -40.22
CA GLY A 112 -13.59 1.86 -41.14
C GLY A 112 -13.14 1.10 -42.38
N ASN A 113 -11.90 0.68 -42.46
CA ASN A 113 -11.44 -0.14 -43.61
C ASN A 113 -11.95 -1.55 -43.40
N ALA A 114 -12.50 -2.16 -44.43
CA ALA A 114 -13.05 -3.52 -44.29
C ALA A 114 -11.91 -4.53 -44.14
N ILE A 115 -11.99 -5.30 -43.04
CA ILE A 115 -10.97 -6.33 -42.81
C ILE A 115 -11.56 -7.74 -42.87
N ASP A 116 -12.76 -7.84 -43.44
CA ASP A 116 -13.44 -9.12 -43.53
C ASP A 116 -13.21 -9.73 -44.91
N GLY A 117 -12.58 -8.96 -45.80
CA GLY A 117 -12.34 -9.44 -47.15
C GLY A 117 -13.59 -9.42 -48.01
N LYS A 118 -14.77 -9.17 -47.45
CA LYS A 118 -15.97 -9.19 -48.26
C LYS A 118 -16.05 -8.00 -49.22
N GLY A 119 -14.91 -7.48 -49.68
CA GLY A 119 -14.90 -6.36 -50.62
C GLY A 119 -14.99 -5.04 -49.87
N PRO A 120 -15.10 -3.93 -50.57
CA PRO A 120 -15.25 -2.61 -49.99
C PRO A 120 -16.64 -2.35 -49.43
N ILE A 121 -16.73 -1.36 -48.57
CA ILE A 121 -17.99 -0.94 -47.97
C ILE A 121 -18.54 0.23 -48.77
N GLY A 122 -19.83 0.23 -49.04
CA GLY A 122 -20.40 1.31 -49.85
C GLY A 122 -20.62 2.59 -49.08
N SER A 123 -19.56 3.16 -48.54
CA SER A 123 -19.62 4.39 -47.77
C SER A 123 -20.48 5.44 -48.46
N LYS A 124 -21.71 5.62 -48.00
CA LYS A 124 -22.58 6.64 -48.60
C LYS A 124 -22.40 7.98 -47.88
N ALA A 125 -22.10 7.92 -46.59
CA ALA A 125 -21.85 9.12 -45.80
C ALA A 125 -20.65 8.92 -44.87
N ARG A 126 -20.07 9.99 -44.35
CA ARG A 126 -18.95 9.86 -43.42
C ARG A 126 -19.22 10.80 -42.23
N ARG A 127 -18.67 10.48 -41.07
CA ARG A 127 -18.86 11.32 -39.87
C ARG A 127 -17.53 11.40 -39.11
N ARG A 128 -17.36 12.50 -38.39
CA ARG A 128 -16.16 12.72 -37.60
C ARG A 128 -16.13 11.83 -36.37
N VAL A 129 -14.96 11.32 -36.02
CA VAL A 129 -14.88 10.44 -34.85
C VAL A 129 -14.96 11.28 -33.60
N GLY A 130 -14.45 12.51 -33.72
CA GLY A 130 -14.50 13.39 -32.55
C GLY A 130 -15.63 14.41 -32.73
N LEU A 131 -16.72 14.18 -32.02
CA LEU A 131 -17.88 15.05 -32.10
C LEU A 131 -18.46 15.20 -30.70
N LYS A 132 -18.74 16.43 -30.31
CA LYS A 132 -19.33 16.73 -29.03
C LYS A 132 -20.65 16.02 -28.81
N ALA A 133 -20.90 15.52 -27.62
CA ALA A 133 -22.16 14.86 -27.31
C ALA A 133 -23.35 15.79 -27.46
N PRO A 134 -24.53 15.22 -27.64
CA PRO A 134 -25.76 15.99 -27.69
C PRO A 134 -25.92 16.66 -26.32
N GLY A 135 -26.20 17.95 -26.30
CA GLY A 135 -26.36 18.68 -25.07
C GLY A 135 -27.45 18.22 -24.14
N ILE A 136 -27.71 19.03 -23.12
CA ILE A 136 -28.73 18.83 -22.14
C ILE A 136 -30.16 19.00 -22.60
N ILE A 137 -30.44 19.88 -23.55
CA ILE A 137 -31.80 20.14 -23.96
C ILE A 137 -32.41 19.20 -24.96
N PRO A 138 -31.70 18.69 -25.92
CA PRO A 138 -32.25 17.85 -26.98
C PRO A 138 -32.58 16.43 -26.52
N ARG A 139 -32.29 16.13 -25.26
CA ARG A 139 -32.57 14.85 -24.70
C ARG A 139 -33.91 14.74 -24.02
N ILE A 140 -34.33 13.51 -23.72
CA ILE A 140 -35.56 13.22 -23.02
C ILE A 140 -35.32 11.98 -22.17
N SER A 141 -35.87 11.95 -20.97
CA SER A 141 -35.75 10.80 -20.10
C SER A 141 -35.80 9.48 -20.83
N VAL A 142 -35.10 8.51 -20.24
CA VAL A 142 -35.00 7.16 -20.75
C VAL A 142 -36.16 6.30 -20.32
N ARG A 143 -36.99 5.83 -21.24
CA ARG A 143 -38.10 4.96 -20.83
C ARG A 143 -38.19 3.69 -21.66
N GLU A 144 -37.79 3.72 -22.91
CA GLU A 144 -37.83 2.50 -23.74
C GLU A 144 -36.91 1.40 -23.23
N PRO A 145 -37.45 0.23 -23.00
CA PRO A 145 -36.73 -0.96 -22.58
C PRO A 145 -35.69 -1.46 -23.58
N MET A 146 -34.49 -1.74 -23.08
CA MET A 146 -33.43 -2.27 -23.97
C MET A 146 -33.21 -3.74 -23.57
N GLN A 147 -34.10 -4.60 -24.01
CA GLN A 147 -34.16 -6.00 -23.65
C GLN A 147 -32.90 -6.81 -23.90
N THR A 148 -32.28 -7.30 -22.78
CA THR A 148 -31.08 -8.08 -23.01
C THR A 148 -31.40 -9.54 -23.36
N GLY A 149 -32.46 -10.09 -22.81
CA GLY A 149 -32.84 -11.47 -22.94
C GLY A 149 -32.34 -12.32 -21.79
N ILE A 150 -31.49 -11.73 -20.94
CA ILE A 150 -30.93 -12.44 -19.78
C ILE A 150 -31.80 -12.20 -18.57
N LYS A 151 -32.37 -13.19 -17.94
CA LYS A 151 -33.26 -12.98 -16.81
C LYS A 151 -32.71 -12.10 -15.70
N ALA A 152 -31.48 -12.28 -15.25
CA ALA A 152 -30.93 -11.57 -14.10
C ALA A 152 -30.81 -10.06 -14.32
N VAL A 153 -30.56 -9.66 -15.55
CA VAL A 153 -30.48 -8.26 -15.96
C VAL A 153 -31.85 -7.65 -16.17
N ASP A 154 -32.67 -8.29 -17.02
CA ASP A 154 -33.97 -7.69 -17.36
C ASP A 154 -34.87 -7.55 -16.14
N SER A 155 -34.76 -8.37 -15.11
CA SER A 155 -35.58 -8.29 -13.94
C SER A 155 -34.93 -7.49 -12.80
N LEU A 156 -33.62 -7.63 -12.62
CA LEU A 156 -32.99 -6.92 -11.53
C LEU A 156 -32.08 -5.78 -11.89
N VAL A 157 -31.80 -5.50 -13.14
CA VAL A 157 -30.87 -4.43 -13.50
C VAL A 157 -31.27 -3.91 -14.88
N PRO A 158 -32.54 -3.62 -15.06
CA PRO A 158 -33.10 -3.27 -16.34
C PRO A 158 -32.35 -2.13 -16.99
N ILE A 159 -32.13 -2.16 -18.28
CA ILE A 159 -31.46 -1.19 -19.08
C ILE A 159 -32.49 -0.53 -20.02
N GLY A 160 -32.25 0.75 -20.35
CA GLY A 160 -33.10 1.49 -21.23
C GLY A 160 -32.39 2.15 -22.39
N ARG A 161 -33.15 2.45 -23.44
CA ARG A 161 -32.55 3.02 -24.64
C ARG A 161 -32.06 4.45 -24.39
N GLY A 162 -30.75 4.58 -24.33
CA GLY A 162 -30.07 5.85 -24.12
C GLY A 162 -29.19 5.70 -22.87
N GLN A 163 -29.41 4.67 -22.12
CA GLN A 163 -28.60 4.44 -20.93
C GLN A 163 -27.18 3.97 -21.24
N ARG A 164 -26.28 4.08 -20.28
CA ARG A 164 -24.90 3.57 -20.39
C ARG A 164 -24.79 2.60 -19.19
N GLU A 165 -24.54 1.33 -19.45
CA GLU A 165 -24.51 0.37 -18.31
C GLU A 165 -23.22 -0.45 -18.37
N LEU A 166 -22.39 -0.26 -17.34
CA LEU A 166 -21.07 -0.87 -17.27
C LEU A 166 -21.16 -2.36 -17.07
N ILE A 167 -20.44 -3.13 -17.89
CA ILE A 167 -20.32 -4.59 -17.56
C ILE A 167 -18.94 -4.70 -16.89
N ILE A 168 -18.76 -5.24 -15.71
CA ILE A 168 -17.52 -5.11 -14.98
C ILE A 168 -17.28 -6.35 -14.13
N GLY A 169 -16.03 -6.80 -14.16
CA GLY A 169 -15.64 -8.01 -13.44
C GLY A 169 -14.24 -8.47 -13.73
N ASP A 170 -13.75 -9.54 -13.10
CA ASP A 170 -12.43 -10.08 -13.41
C ASP A 170 -12.35 -10.74 -14.77
N ARG A 171 -11.12 -11.12 -15.17
CA ARG A 171 -10.86 -11.91 -16.38
C ARG A 171 -11.66 -13.21 -16.32
N GLN A 172 -12.24 -13.57 -17.47
CA GLN A 172 -13.09 -14.76 -17.58
C GLN A 172 -14.25 -14.82 -16.62
N THR A 173 -14.98 -13.73 -16.35
CA THR A 173 -16.11 -13.86 -15.43
C THR A 173 -17.44 -14.02 -16.18
N GLY A 174 -17.44 -13.79 -17.48
CA GLY A 174 -18.60 -13.89 -18.31
C GLY A 174 -19.03 -12.55 -18.88
N LYS A 175 -18.09 -11.58 -18.92
CA LYS A 175 -18.49 -10.26 -19.39
C LYS A 175 -18.93 -10.22 -20.83
N THR A 176 -18.16 -10.78 -21.73
CA THR A 176 -18.43 -10.62 -23.17
C THR A 176 -19.72 -11.34 -23.54
N SER A 177 -19.96 -12.44 -22.84
CA SER A 177 -21.14 -13.25 -23.07
C SER A 177 -22.43 -12.47 -22.80
N ILE A 178 -22.40 -11.56 -21.83
CA ILE A 178 -23.57 -10.69 -21.59
C ILE A 178 -23.83 -9.83 -22.83
N ALA A 179 -22.75 -9.29 -23.37
CA ALA A 179 -22.84 -8.51 -24.58
C ALA A 179 -23.41 -9.31 -25.75
N ILE A 180 -22.85 -10.48 -26.07
CA ILE A 180 -23.33 -11.24 -27.24
C ILE A 180 -24.74 -11.75 -27.03
N ASP A 181 -25.06 -12.37 -25.89
CA ASP A 181 -26.46 -12.71 -25.66
C ASP A 181 -27.38 -11.54 -26.01
N THR A 182 -27.06 -10.33 -25.57
CA THR A 182 -27.80 -9.13 -25.79
C THR A 182 -27.94 -8.87 -27.28
N ILE A 183 -26.85 -9.03 -28.02
CA ILE A 183 -26.92 -8.77 -29.45
C ILE A 183 -27.86 -9.80 -30.09
N ILE A 184 -27.66 -11.05 -29.67
CA ILE A 184 -28.41 -12.15 -30.24
C ILE A 184 -29.91 -11.83 -30.10
N ASN A 185 -30.32 -11.60 -28.87
CA ASN A 185 -31.67 -11.25 -28.47
C ASN A 185 -32.35 -10.29 -29.42
N GLN A 186 -31.64 -9.31 -29.97
CA GLN A 186 -32.31 -8.32 -30.81
C GLN A 186 -32.98 -8.91 -32.04
N LYS A 187 -32.60 -10.12 -32.43
CA LYS A 187 -33.11 -10.78 -33.62
C LYS A 187 -34.63 -10.80 -33.69
N ARG A 188 -35.24 -11.06 -32.53
CA ARG A 188 -36.67 -11.03 -32.40
C ARG A 188 -37.23 -9.71 -32.97
N PHE A 189 -36.71 -8.56 -32.55
CA PHE A 189 -37.37 -7.32 -32.91
C PHE A 189 -37.00 -6.92 -34.32
N ASN A 190 -35.78 -7.32 -34.64
CA ASN A 190 -35.16 -6.95 -35.90
C ASN A 190 -35.83 -7.70 -37.04
N ASP A 191 -36.34 -8.90 -36.73
CA ASP A 191 -37.06 -9.66 -37.74
C ASP A 191 -38.53 -9.28 -37.74
N GLY A 192 -38.98 -8.71 -36.63
CA GLY A 192 -40.36 -8.29 -36.49
C GLY A 192 -40.73 -7.12 -37.38
N THR A 193 -41.98 -6.66 -37.19
CA THR A 193 -42.50 -5.56 -37.99
C THR A 193 -42.57 -4.26 -37.20
N ASP A 194 -42.37 -4.33 -35.89
CA ASP A 194 -42.41 -3.15 -35.02
C ASP A 194 -41.10 -2.36 -35.09
N GLU A 195 -40.93 -1.60 -36.17
CA GLU A 195 -39.72 -0.86 -36.46
C GLU A 195 -39.25 0.04 -35.34
N LYS A 196 -40.16 0.38 -34.45
CA LYS A 196 -39.80 1.23 -33.31
C LYS A 196 -38.98 0.44 -32.29
N LYS A 197 -39.16 -0.87 -32.27
CA LYS A 197 -38.43 -1.74 -31.36
C LYS A 197 -37.11 -2.28 -31.91
N LYS A 198 -36.78 -2.04 -33.16
CA LYS A 198 -35.52 -2.54 -33.71
C LYS A 198 -34.27 -1.90 -33.11
N LEU A 199 -33.17 -2.64 -33.11
CA LEU A 199 -31.92 -2.23 -32.48
C LEU A 199 -30.68 -2.71 -33.19
N TYR A 200 -29.90 -1.78 -33.72
CA TYR A 200 -28.66 -2.08 -34.44
C TYR A 200 -27.49 -2.20 -33.46
N CYS A 201 -26.62 -3.20 -33.65
CA CYS A 201 -25.51 -3.40 -32.73
C CYS A 201 -24.19 -3.00 -33.35
N ILE A 202 -23.27 -2.57 -32.50
CA ILE A 202 -21.92 -2.22 -32.94
C ILE A 202 -20.99 -2.84 -31.88
N TYR A 203 -20.24 -3.86 -32.27
CA TYR A 203 -19.38 -4.49 -31.26
C TYR A 203 -17.97 -3.94 -31.52
N VAL A 204 -17.46 -3.21 -30.53
CA VAL A 204 -16.13 -2.63 -30.58
C VAL A 204 -15.13 -3.53 -29.89
N ALA A 205 -14.14 -4.02 -30.60
CA ALA A 205 -13.13 -4.89 -30.01
C ALA A 205 -11.80 -4.13 -29.93
N ILE A 206 -11.28 -4.02 -28.72
CA ILE A 206 -10.07 -3.26 -28.51
C ILE A 206 -9.01 -4.08 -27.78
N GLY A 207 -7.84 -4.22 -28.40
CA GLY A 207 -6.73 -4.89 -27.78
C GLY A 207 -6.87 -6.39 -27.80
N GLN A 208 -7.98 -6.94 -28.24
CA GLN A 208 -8.16 -8.40 -28.28
C GLN A 208 -7.36 -9.03 -29.40
N LYS A 209 -7.23 -10.35 -29.40
CA LYS A 209 -6.49 -11.02 -30.51
C LYS A 209 -7.41 -11.34 -31.69
N ARG A 210 -6.92 -11.41 -32.92
CA ARG A 210 -7.84 -11.65 -34.02
C ARG A 210 -8.50 -13.02 -33.96
N SER A 211 -7.87 -14.03 -33.38
CA SER A 211 -8.57 -15.34 -33.34
C SER A 211 -9.91 -15.10 -32.61
N THR A 212 -9.81 -14.41 -31.48
CA THR A 212 -10.98 -14.20 -30.64
C THR A 212 -12.04 -13.41 -31.38
N VAL A 213 -11.59 -12.49 -32.24
CA VAL A 213 -12.59 -11.71 -33.00
C VAL A 213 -13.28 -12.68 -33.94
N ALA A 214 -12.53 -13.43 -34.69
CA ALA A 214 -12.95 -14.47 -35.59
C ALA A 214 -14.00 -15.39 -34.98
N GLN A 215 -13.69 -15.90 -33.78
CA GLN A 215 -14.73 -16.75 -33.16
C GLN A 215 -16.02 -15.94 -32.98
N LEU A 216 -15.91 -14.81 -32.32
CA LEU A 216 -16.99 -13.87 -32.04
C LEU A 216 -17.81 -13.59 -33.28
N VAL A 217 -17.21 -13.24 -34.40
CA VAL A 217 -18.07 -12.97 -35.56
C VAL A 217 -18.75 -14.22 -36.08
N LYS A 218 -18.25 -15.39 -35.69
CA LYS A 218 -18.76 -16.66 -36.15
C LYS A 218 -20.03 -17.07 -35.44
N ARG A 219 -19.99 -16.89 -34.12
CA ARG A 219 -21.17 -17.07 -33.30
C ARG A 219 -22.28 -16.09 -33.72
N LEU A 220 -21.91 -14.83 -33.95
CA LEU A 220 -22.88 -13.86 -34.43
C LEU A 220 -23.44 -14.29 -35.78
N THR A 221 -22.61 -14.83 -36.65
CA THR A 221 -23.14 -15.23 -37.97
C THR A 221 -24.00 -16.48 -37.85
N ASP A 222 -23.55 -17.44 -37.05
CA ASP A 222 -24.35 -18.63 -36.83
C ASP A 222 -25.71 -18.27 -36.25
N ALA A 223 -25.76 -17.18 -35.48
CA ALA A 223 -27.02 -16.81 -34.85
C ALA A 223 -27.77 -15.83 -35.74
N ASP A 224 -27.20 -15.46 -36.85
CA ASP A 224 -27.84 -14.55 -37.81
C ASP A 224 -28.01 -13.15 -37.24
N ALA A 225 -27.08 -12.79 -36.34
CA ALA A 225 -27.04 -11.46 -35.73
C ALA A 225 -26.09 -10.56 -36.49
N MET A 226 -25.17 -11.09 -37.30
CA MET A 226 -24.32 -10.20 -38.08
C MET A 226 -25.10 -9.27 -39.00
N LYS A 227 -26.26 -9.65 -39.54
CA LYS A 227 -26.97 -8.78 -40.50
C LYS A 227 -27.24 -7.40 -39.91
N TYR A 228 -27.42 -7.27 -38.59
CA TYR A 228 -27.67 -5.95 -38.01
C TYR A 228 -26.54 -5.51 -37.07
N THR A 229 -25.41 -6.22 -37.10
CA THR A 229 -24.28 -5.87 -36.27
C THR A 229 -23.12 -5.35 -37.10
N ILE A 230 -22.42 -4.35 -36.59
CA ILE A 230 -21.17 -3.88 -37.21
C ILE A 230 -20.07 -4.25 -36.17
N VAL A 231 -18.96 -4.72 -36.67
CA VAL A 231 -17.83 -5.10 -35.82
C VAL A 231 -16.65 -4.19 -36.10
N VAL A 232 -16.28 -3.41 -35.09
CA VAL A 232 -15.13 -2.50 -35.25
C VAL A 232 -13.94 -3.15 -34.56
N SER A 233 -12.85 -3.47 -35.25
CA SER A 233 -11.78 -4.17 -34.55
C SER A 233 -10.43 -3.45 -34.59
N ALA A 234 -9.84 -3.24 -33.43
CA ALA A 234 -8.48 -2.72 -33.35
C ALA A 234 -7.78 -3.70 -32.38
N THR A 235 -7.11 -4.66 -33.01
CA THR A 235 -6.53 -5.73 -32.18
C THR A 235 -5.20 -5.40 -31.59
N ALA A 236 -4.68 -6.34 -30.81
CA ALA A 236 -3.43 -6.19 -30.10
C ALA A 236 -2.19 -5.90 -30.91
N SER A 237 -2.16 -6.11 -32.22
CA SER A 237 -0.99 -5.78 -33.03
C SER A 237 -1.25 -4.50 -33.78
N ASP A 238 -2.44 -3.92 -33.54
CA ASP A 238 -2.67 -2.61 -34.20
C ASP A 238 -1.99 -1.54 -33.36
N ALA A 239 -1.33 -0.57 -33.94
CA ALA A 239 -0.71 0.51 -33.16
C ALA A 239 -1.67 1.14 -32.16
N ALA A 240 -1.07 1.70 -31.11
CA ALA A 240 -1.81 2.38 -30.04
C ALA A 240 -2.87 3.35 -30.50
N PRO A 241 -2.61 4.26 -31.40
CA PRO A 241 -3.56 5.26 -31.85
C PRO A 241 -4.81 4.69 -32.52
N LEU A 242 -4.71 3.57 -33.22
CA LEU A 242 -5.89 2.89 -33.76
C LEU A 242 -6.74 2.34 -32.62
N GLN A 243 -6.09 1.74 -31.61
CA GLN A 243 -6.90 1.18 -30.51
C GLN A 243 -7.55 2.29 -29.72
N TYR A 244 -6.91 3.45 -29.72
CA TYR A 244 -7.41 4.65 -29.04
C TYR A 244 -8.61 5.22 -29.76
N LEU A 245 -8.60 5.33 -31.09
CA LEU A 245 -9.75 5.81 -31.84
C LEU A 245 -10.96 4.88 -31.89
N ALA A 246 -10.71 3.57 -31.89
CA ALA A 246 -11.71 2.58 -32.21
C ALA A 246 -13.07 2.82 -31.61
N PRO A 247 -13.17 3.04 -30.32
CA PRO A 247 -14.43 3.35 -29.64
C PRO A 247 -15.09 4.58 -30.26
N TYR A 248 -14.31 5.67 -30.40
CA TYR A 248 -14.84 6.88 -31.02
C TYR A 248 -15.35 6.57 -32.43
N SER A 249 -14.58 5.92 -33.30
CA SER A 249 -15.04 5.57 -34.62
C SER A 249 -16.28 4.68 -34.65
N GLY A 250 -16.47 3.80 -33.67
CA GLY A 250 -17.69 3.00 -33.58
C GLY A 250 -18.86 3.82 -33.02
N CYS A 251 -18.60 4.72 -32.08
CA CYS A 251 -19.63 5.62 -31.54
C CYS A 251 -20.23 6.51 -32.62
N SER A 252 -19.38 7.11 -33.45
CA SER A 252 -19.93 7.91 -34.56
C SER A 252 -20.80 7.01 -35.42
N MET A 253 -20.34 5.74 -35.58
CA MET A 253 -21.12 4.80 -36.41
C MET A 253 -22.51 4.70 -35.80
N GLY A 254 -22.57 4.65 -34.47
CA GLY A 254 -23.83 4.48 -33.77
C GLY A 254 -24.69 5.75 -33.79
N GLU A 255 -24.07 6.92 -33.84
CA GLU A 255 -24.78 8.18 -33.86
C GLU A 255 -25.49 8.44 -35.19
N TYR A 256 -25.16 7.71 -36.24
CA TYR A 256 -25.90 7.79 -37.50
C TYR A 256 -27.32 7.30 -37.23
N PHE A 257 -27.43 6.26 -36.40
CA PHE A 257 -28.74 5.71 -36.09
C PHE A 257 -29.43 6.63 -35.08
N ARG A 258 -28.66 7.14 -34.11
CA ARG A 258 -29.21 7.97 -33.07
C ARG A 258 -29.80 9.24 -33.67
N ASP A 259 -29.11 9.83 -34.63
CA ASP A 259 -29.63 11.07 -35.19
C ASP A 259 -30.69 10.91 -36.26
N ASN A 260 -31.03 9.72 -36.71
CA ASN A 260 -31.99 9.50 -37.77
C ASN A 260 -33.15 8.61 -37.37
N GLY A 261 -33.68 8.85 -36.17
CA GLY A 261 -34.81 8.15 -35.64
C GLY A 261 -34.60 6.67 -35.39
N LYS A 262 -33.38 6.19 -35.57
CA LYS A 262 -33.10 4.78 -35.29
C LYS A 262 -32.50 4.61 -33.90
N HIS A 263 -32.38 3.39 -33.39
CA HIS A 263 -31.77 3.05 -32.14
C HIS A 263 -30.59 2.07 -32.34
N ALA A 264 -29.47 2.38 -31.74
CA ALA A 264 -28.24 1.64 -31.79
C ALA A 264 -27.78 1.22 -30.40
N LEU A 265 -27.10 0.14 -30.25
CA LEU A 265 -26.48 -0.41 -29.06
C LEU A 265 -24.98 -0.53 -29.39
N ILE A 266 -24.10 -0.01 -28.56
CA ILE A 266 -22.66 -0.12 -28.78
C ILE A 266 -22.00 -0.73 -27.54
N ILE A 267 -21.19 -1.74 -27.79
CA ILE A 267 -20.43 -2.39 -26.72
C ILE A 267 -18.95 -2.08 -26.96
N TYR A 268 -18.30 -1.55 -25.92
CA TYR A 268 -16.88 -1.19 -25.98
C TYR A 268 -16.12 -2.26 -25.23
N ASP A 269 -15.53 -3.24 -25.91
CA ASP A 269 -14.87 -4.35 -25.16
C ASP A 269 -13.37 -4.31 -25.44
N ASP A 270 -12.51 -3.85 -24.56
CA ASP A 270 -12.80 -3.28 -23.29
C ASP A 270 -12.35 -1.77 -23.33
N LEU A 271 -12.81 -1.02 -22.34
CA LEU A 271 -12.31 0.35 -22.19
C LEU A 271 -11.01 0.37 -21.40
N SER A 272 -10.77 -0.72 -20.64
CA SER A 272 -9.49 -0.83 -19.92
C SER A 272 -8.31 -0.78 -20.91
N LYS A 273 -8.41 -1.43 -22.04
CA LYS A 273 -7.36 -1.51 -23.02
C LYS A 273 -7.25 -0.25 -23.86
N GLN A 274 -8.36 0.50 -23.86
CA GLN A 274 -8.29 1.71 -24.71
C GLN A 274 -7.44 2.71 -23.91
N ALA A 275 -7.63 2.58 -22.60
CA ALA A 275 -6.95 3.45 -21.66
C ALA A 275 -5.45 3.12 -21.62
N VAL A 276 -5.08 1.86 -21.81
CA VAL A 276 -3.65 1.47 -21.80
C VAL A 276 -2.98 2.03 -23.04
N ALA A 277 -3.67 1.87 -24.17
CA ALA A 277 -3.23 2.43 -25.42
C ALA A 277 -3.00 3.92 -25.25
N TYR A 278 -3.98 4.65 -24.71
CA TYR A 278 -3.84 6.09 -24.56
C TYR A 278 -2.70 6.42 -23.62
N ARG A 279 -2.62 5.72 -22.52
CA ARG A 279 -1.56 5.92 -21.57
C ARG A 279 -0.18 5.79 -22.27
N GLN A 280 -0.11 4.86 -23.21
CA GLN A 280 1.20 4.56 -23.84
C GLN A 280 1.70 5.78 -24.58
N MET A 281 0.80 6.30 -25.40
CA MET A 281 1.07 7.49 -26.22
C MET A 281 1.37 8.68 -25.30
N SER A 282 0.60 8.80 -24.21
CA SER A 282 0.79 9.94 -23.31
C SER A 282 2.17 9.90 -22.65
N LEU A 283 2.55 8.74 -22.16
CA LEU A 283 3.90 8.63 -21.57
C LEU A 283 4.96 8.84 -22.66
N LEU A 284 4.83 8.33 -23.87
CA LEU A 284 5.89 8.49 -24.87
C LEU A 284 5.94 9.94 -25.33
N LEU A 285 4.85 10.69 -25.18
CA LEU A 285 4.88 12.10 -25.56
C LEU A 285 5.40 12.87 -24.35
N ARG A 286 5.69 12.17 -23.27
CA ARG A 286 6.31 12.82 -22.12
C ARG A 286 5.37 13.74 -21.41
N ARG A 287 4.07 13.44 -21.40
CA ARG A 287 3.08 14.14 -20.60
C ARG A 287 3.22 13.59 -19.20
N PRO A 288 2.95 14.37 -18.18
CA PRO A 288 3.11 14.01 -16.79
C PRO A 288 2.18 12.87 -16.44
N PRO A 289 2.72 11.87 -15.79
CA PRO A 289 1.97 10.68 -15.45
C PRO A 289 1.36 10.86 -14.09
N GLY A 290 0.34 10.06 -13.77
CA GLY A 290 -0.32 10.12 -12.48
C GLY A 290 -0.58 8.78 -11.87
N ARG A 291 -1.73 8.54 -11.30
CA ARG A 291 -2.09 7.26 -10.66
C ARG A 291 -2.06 6.13 -11.69
N GLU A 292 -1.34 5.08 -11.32
CA GLU A 292 -1.04 4.01 -12.29
C GLU A 292 -0.38 4.53 -13.55
N ALA A 293 0.26 5.69 -13.53
CA ALA A 293 0.95 6.26 -14.68
C ALA A 293 0.01 6.72 -15.78
N TYR A 294 -1.29 6.84 -15.47
CA TYR A 294 -2.25 7.40 -16.42
C TYR A 294 -2.13 8.91 -16.49
N PRO A 295 -2.43 9.55 -17.59
CA PRO A 295 -2.39 11.00 -17.74
C PRO A 295 -3.60 11.63 -17.04
N GLY A 296 -3.54 12.94 -16.79
CA GLY A 296 -4.52 13.68 -16.02
C GLY A 296 -5.89 13.72 -16.67
N ASP A 297 -5.90 13.62 -18.01
CA ASP A 297 -7.18 13.72 -18.71
C ASP A 297 -7.72 12.34 -19.08
N VAL A 298 -7.36 11.30 -18.34
CA VAL A 298 -7.84 9.97 -18.70
C VAL A 298 -9.32 9.83 -18.43
N PHE A 299 -9.79 10.47 -17.33
CA PHE A 299 -11.23 10.52 -17.10
C PHE A 299 -11.95 11.16 -18.29
N TYR A 300 -11.39 12.22 -18.84
CA TYR A 300 -11.98 13.02 -19.91
C TYR A 300 -12.05 12.24 -21.21
N LEU A 301 -11.16 11.28 -21.38
CA LEU A 301 -11.18 10.33 -22.48
C LEU A 301 -12.51 9.56 -22.49
N HIS A 302 -12.78 8.84 -21.40
CA HIS A 302 -14.00 8.07 -21.29
C HIS A 302 -15.23 8.96 -21.18
N SER A 303 -15.23 10.00 -20.33
CA SER A 303 -16.44 10.82 -20.23
C SER A 303 -16.91 11.32 -21.58
N ARG A 304 -16.04 11.86 -22.39
CA ARG A 304 -16.45 12.44 -23.66
C ARG A 304 -16.97 11.37 -24.60
N LEU A 305 -16.54 10.11 -24.35
CA LEU A 305 -17.02 8.97 -25.07
C LEU A 305 -18.42 8.53 -24.67
N LEU A 306 -18.63 8.14 -23.45
CA LEU A 306 -19.88 7.68 -22.93
C LEU A 306 -21.04 8.65 -22.98
N GLU A 307 -20.81 9.94 -22.77
CA GLU A 307 -21.85 10.96 -22.80
C GLU A 307 -22.54 11.01 -24.16
N ARG A 308 -21.84 10.67 -25.24
CA ARG A 308 -22.42 10.65 -26.58
C ARG A 308 -23.56 9.64 -26.69
N ALA A 309 -23.61 8.74 -25.72
CA ALA A 309 -24.69 7.78 -25.62
C ALA A 309 -25.93 8.58 -25.18
N ALA A 310 -27.07 8.46 -25.87
CA ALA A 310 -28.18 9.34 -25.46
C ALA A 310 -29.54 9.07 -26.07
N LYS A 311 -30.56 9.42 -25.34
CA LYS A 311 -31.95 9.32 -25.72
C LYS A 311 -32.47 10.67 -26.22
N MET A 312 -32.57 10.76 -27.54
CA MET A 312 -33.00 11.96 -28.23
C MET A 312 -34.51 12.19 -28.07
N ASN A 313 -34.91 13.46 -27.95
CA ASN A 313 -36.32 13.77 -27.84
C ASN A 313 -37.00 13.71 -29.22
N ASP A 314 -38.31 13.69 -29.18
CA ASP A 314 -39.16 13.60 -30.36
C ASP A 314 -38.84 14.66 -31.40
N ALA A 315 -38.44 15.84 -30.95
CA ALA A 315 -38.10 16.92 -31.86
C ALA A 315 -36.79 16.64 -32.60
N PHE A 316 -35.98 15.72 -32.08
CA PHE A 316 -34.69 15.39 -32.70
C PHE A 316 -34.73 13.96 -33.25
N GLY A 317 -35.94 13.48 -33.48
CA GLY A 317 -36.20 12.21 -34.12
C GLY A 317 -36.52 11.07 -33.19
N GLY A 318 -36.28 11.25 -31.89
CA GLY A 318 -36.48 10.19 -30.93
C GLY A 318 -35.53 9.00 -31.01
N GLY A 319 -34.48 9.04 -31.84
CA GLY A 319 -33.56 7.90 -31.90
C GLY A 319 -32.77 7.80 -30.59
N SER A 320 -31.94 6.78 -30.44
CA SER A 320 -31.11 6.67 -29.26
C SER A 320 -29.83 5.89 -29.50
N LEU A 321 -28.87 6.02 -28.58
CA LEU A 321 -27.63 5.24 -28.60
C LEU A 321 -27.42 4.66 -27.20
N THR A 322 -27.56 3.37 -27.03
CA THR A 322 -27.25 2.76 -25.73
C THR A 322 -25.82 2.23 -25.75
N ALA A 323 -25.08 2.28 -24.66
CA ALA A 323 -23.69 1.86 -24.66
C ALA A 323 -23.42 0.92 -23.51
N LEU A 324 -22.77 -0.20 -23.85
CA LEU A 324 -22.37 -1.14 -22.79
C LEU A 324 -20.84 -1.30 -22.79
N PRO A 325 -20.18 -0.45 -22.04
CA PRO A 325 -18.75 -0.47 -21.89
C PRO A 325 -18.35 -1.65 -21.04
N VAL A 326 -17.17 -2.22 -21.37
CA VAL A 326 -16.72 -3.31 -20.50
C VAL A 326 -15.53 -2.87 -19.72
N ILE A 327 -15.39 -3.25 -18.46
CA ILE A 327 -14.19 -2.93 -17.68
C ILE A 327 -13.75 -4.21 -16.95
N GLU A 328 -12.47 -4.55 -17.07
CA GLU A 328 -11.93 -5.74 -16.41
C GLU A 328 -11.15 -5.22 -15.20
N THR A 329 -11.49 -5.70 -14.04
CA THR A 329 -10.87 -5.33 -12.80
C THR A 329 -9.80 -6.38 -12.50
N GLN A 330 -8.85 -6.02 -11.69
CA GLN A 330 -7.85 -6.85 -11.13
C GLN A 330 -8.12 -7.30 -9.71
N ALA A 331 -8.29 -8.64 -9.60
CA ALA A 331 -8.55 -9.26 -8.32
C ALA A 331 -9.61 -8.44 -7.56
N GLY A 332 -10.75 -8.15 -8.18
CA GLY A 332 -11.88 -7.52 -7.54
C GLY A 332 -11.72 -6.06 -7.20
N ASP A 333 -10.69 -5.37 -7.69
CA ASP A 333 -10.45 -3.98 -7.34
C ASP A 333 -11.28 -2.99 -8.11
N VAL A 334 -12.48 -2.70 -7.61
CA VAL A 334 -13.38 -1.75 -8.28
C VAL A 334 -12.98 -0.32 -7.96
N SER A 335 -12.07 -0.17 -6.98
CA SER A 335 -11.63 1.20 -6.65
C SER A 335 -10.36 1.59 -7.37
N ALA A 336 -9.87 0.74 -8.27
CA ALA A 336 -8.65 1.08 -9.00
C ALA A 336 -8.98 2.27 -9.88
N TYR A 337 -8.07 2.83 -10.64
CA TYR A 337 -8.27 4.05 -11.37
C TYR A 337 -9.22 3.97 -12.52
N ILE A 338 -9.04 3.15 -13.56
CA ILE A 338 -9.99 3.19 -14.69
C ILE A 338 -11.40 2.77 -14.29
N PRO A 339 -11.59 1.70 -13.55
CA PRO A 339 -12.86 1.28 -13.01
C PRO A 339 -13.56 2.42 -12.24
N THR A 340 -12.82 3.05 -11.32
CA THR A 340 -13.40 4.15 -10.54
C THR A 340 -14.02 5.21 -11.46
N ASN A 341 -13.31 5.62 -12.49
CA ASN A 341 -13.76 6.55 -13.45
C ASN A 341 -14.98 6.07 -14.22
N VAL A 342 -14.98 4.81 -14.71
CA VAL A 342 -16.08 4.42 -15.62
C VAL A 342 -17.32 4.13 -14.81
N ILE A 343 -17.15 3.72 -13.56
CA ILE A 343 -18.25 3.52 -12.63
C ILE A 343 -18.87 4.87 -12.35
N SER A 344 -18.09 5.97 -12.31
CA SER A 344 -18.80 7.25 -12.01
C SER A 344 -19.47 7.81 -13.23
N ILE A 345 -18.90 7.60 -14.41
CA ILE A 345 -19.53 8.11 -15.63
C ILE A 345 -20.82 7.40 -16.00
N THR A 346 -21.00 6.11 -15.70
CA THR A 346 -22.18 5.40 -16.17
C THR A 346 -23.41 5.46 -15.27
N ASP A 347 -24.53 4.99 -15.83
CA ASP A 347 -25.78 4.94 -15.10
C ASP A 347 -25.94 3.73 -14.23
N GLY A 348 -24.94 2.85 -14.15
CA GLY A 348 -25.07 1.68 -13.26
C GLY A 348 -24.15 0.53 -13.72
N GLN A 349 -24.01 -0.48 -12.89
CA GLN A 349 -23.09 -1.56 -13.26
C GLN A 349 -23.69 -2.94 -13.16
N ILE A 350 -23.22 -3.88 -13.95
CA ILE A 350 -23.58 -5.30 -13.76
C ILE A 350 -22.27 -5.97 -13.32
N PHE A 351 -22.15 -6.31 -12.05
CA PHE A 351 -20.95 -6.88 -11.49
C PHE A 351 -20.84 -8.38 -11.64
N LEU A 352 -19.75 -8.88 -12.24
CA LEU A 352 -19.51 -10.32 -12.35
C LEU A 352 -18.48 -10.87 -11.39
N GLU A 353 -18.71 -12.06 -10.83
CA GLU A 353 -17.78 -12.60 -9.85
C GLU A 353 -17.35 -14.02 -10.14
N THR A 354 -16.06 -14.30 -9.93
CA THR A 354 -15.49 -15.61 -10.13
C THR A 354 -16.15 -16.63 -9.18
N GLU A 355 -16.24 -16.23 -7.94
CA GLU A 355 -16.80 -17.06 -6.89
C GLU A 355 -18.22 -17.48 -7.20
N LEU A 356 -19.09 -16.57 -7.66
CA LEU A 356 -20.42 -17.04 -8.06
C LEU A 356 -20.33 -17.98 -9.26
N PHE A 357 -19.46 -17.70 -10.20
CA PHE A 357 -19.33 -18.47 -11.43
C PHE A 357 -19.14 -19.95 -11.15
N TYR A 358 -18.11 -20.28 -10.38
CA TYR A 358 -17.81 -21.67 -10.06
C TYR A 358 -18.79 -22.30 -9.11
N LYS A 359 -19.54 -21.52 -8.37
CA LYS A 359 -20.55 -22.06 -7.45
C LYS A 359 -21.73 -22.62 -8.25
N GLY A 360 -21.91 -22.25 -9.50
CA GLY A 360 -23.00 -22.67 -10.32
C GLY A 360 -23.84 -21.51 -10.83
N ILE A 361 -23.65 -20.31 -10.29
CA ILE A 361 -24.38 -19.13 -10.66
C ILE A 361 -23.81 -18.54 -11.95
N ARG A 362 -24.54 -18.70 -13.05
CA ARG A 362 -24.11 -18.19 -14.34
C ARG A 362 -25.33 -17.76 -15.13
N PRO A 363 -25.34 -16.56 -15.66
CA PRO A 363 -24.29 -15.57 -15.54
C PRO A 363 -23.97 -15.20 -14.09
N ALA A 364 -22.69 -14.93 -13.87
CA ALA A 364 -22.16 -14.72 -12.53
C ALA A 364 -22.49 -13.34 -12.03
N ILE A 365 -23.73 -12.89 -12.28
CA ILE A 365 -24.10 -11.54 -11.93
C ILE A 365 -24.33 -11.45 -10.42
N ASN A 366 -23.83 -10.37 -9.82
CA ASN A 366 -24.05 -10.17 -8.38
C ASN A 366 -25.28 -9.26 -8.24
N VAL A 367 -26.37 -9.83 -7.71
CA VAL A 367 -27.64 -9.13 -7.64
C VAL A 367 -27.65 -8.05 -6.59
N GLY A 368 -26.93 -8.24 -5.49
CA GLY A 368 -26.78 -7.25 -4.45
C GLY A 368 -26.02 -6.01 -4.91
N LEU A 369 -24.88 -6.13 -5.59
CA LEU A 369 -24.12 -4.99 -6.05
C LEU A 369 -24.54 -4.45 -7.39
N SER A 370 -25.22 -5.16 -8.27
CA SER A 370 -25.47 -4.52 -9.59
C SER A 370 -26.57 -3.51 -9.44
N VAL A 371 -26.59 -2.47 -10.26
CA VAL A 371 -27.58 -1.44 -10.13
C VAL A 371 -27.89 -0.83 -11.49
N SER A 372 -29.09 -0.24 -11.50
CA SER A 372 -29.55 0.54 -12.64
C SER A 372 -30.19 1.80 -12.11
N ARG A 373 -29.58 2.95 -12.26
CA ARG A 373 -30.21 4.18 -11.72
C ARG A 373 -31.51 4.44 -12.48
N VAL A 374 -31.59 3.99 -13.72
CA VAL A 374 -32.80 4.09 -14.50
C VAL A 374 -33.88 3.15 -13.97
N GLY A 375 -33.54 1.92 -13.60
CA GLY A 375 -34.42 0.91 -13.06
C GLY A 375 -35.75 0.75 -13.81
N SER A 376 -36.84 0.69 -13.07
CA SER A 376 -38.18 0.51 -13.62
C SER A 376 -38.49 1.44 -14.77
N ALA A 377 -38.03 2.67 -14.75
CA ALA A 377 -38.38 3.52 -15.90
C ALA A 377 -38.23 2.71 -17.19
N ALA A 378 -37.25 1.82 -17.29
CA ALA A 378 -37.10 1.07 -18.56
C ALA A 378 -37.50 -0.39 -18.43
N GLN A 379 -38.51 -0.70 -17.64
CA GLN A 379 -38.90 -2.10 -17.44
C GLN A 379 -40.41 -2.22 -17.64
N THR A 380 -40.89 -3.23 -18.35
CA THR A 380 -42.31 -3.40 -18.63
C THR A 380 -43.07 -3.75 -17.35
N ARG A 381 -44.37 -3.48 -17.41
CA ARG A 381 -45.19 -3.64 -16.22
C ARG A 381 -45.23 -5.05 -15.71
N ALA A 382 -45.37 -5.99 -16.66
CA ALA A 382 -45.35 -7.40 -16.29
C ALA A 382 -44.05 -7.74 -15.56
N MET A 383 -42.91 -7.31 -16.10
CA MET A 383 -41.63 -7.61 -15.46
C MET A 383 -41.47 -6.90 -14.13
N LYS A 384 -41.92 -5.64 -14.11
CA LYS A 384 -41.89 -4.85 -12.88
C LYS A 384 -42.57 -5.65 -11.75
N GLN A 385 -43.82 -6.03 -12.05
CA GLN A 385 -44.59 -6.76 -11.07
C GLN A 385 -43.78 -7.87 -10.43
N VAL A 386 -43.36 -8.84 -11.23
CA VAL A 386 -42.70 -10.04 -10.71
C VAL A 386 -41.32 -9.73 -10.20
N ALA A 387 -40.62 -8.81 -10.91
CA ALA A 387 -39.29 -8.43 -10.44
C ALA A 387 -39.30 -7.75 -9.08
N GLY A 388 -40.28 -6.90 -8.76
CA GLY A 388 -40.31 -6.25 -7.46
C GLY A 388 -40.38 -7.24 -6.31
N THR A 389 -41.11 -8.35 -6.50
CA THR A 389 -41.24 -9.35 -5.43
C THR A 389 -39.96 -10.16 -5.25
N MET A 390 -39.39 -10.46 -6.41
CA MET A 390 -38.14 -11.20 -6.46
C MET A 390 -37.00 -10.36 -5.89
N LYS A 391 -37.01 -9.05 -6.19
CA LYS A 391 -35.92 -8.23 -5.62
C LYS A 391 -36.06 -8.17 -4.11
N LEU A 392 -37.28 -8.13 -3.59
CA LEU A 392 -37.42 -8.04 -2.13
C LEU A 392 -37.10 -9.38 -1.49
N GLU A 393 -37.59 -10.46 -2.10
CA GLU A 393 -37.31 -11.80 -1.56
C GLU A 393 -35.81 -12.11 -1.54
N LEU A 394 -35.12 -11.94 -2.66
CA LEU A 394 -33.68 -12.14 -2.73
C LEU A 394 -32.96 -11.27 -1.70
N ALA A 395 -33.44 -10.04 -1.49
CA ALA A 395 -32.78 -9.16 -0.51
C ALA A 395 -32.90 -9.78 0.88
N GLN A 396 -34.05 -10.33 1.19
CA GLN A 396 -34.25 -10.96 2.48
C GLN A 396 -33.35 -12.19 2.58
N TYR A 397 -33.27 -12.89 1.46
CA TYR A 397 -32.48 -14.11 1.41
C TYR A 397 -31.02 -13.78 1.72
N ARG A 398 -30.48 -12.76 1.06
CA ARG A 398 -29.09 -12.39 1.29
C ARG A 398 -28.77 -12.24 2.76
N GLU A 399 -29.64 -11.62 3.54
CA GLU A 399 -29.38 -11.39 4.96
C GLU A 399 -29.28 -12.66 5.78
N VAL A 400 -30.02 -13.70 5.44
CA VAL A 400 -30.01 -14.93 6.23
C VAL A 400 -29.11 -15.98 5.62
N ALA A 401 -28.84 -15.87 4.33
CA ALA A 401 -28.04 -16.81 3.58
C ALA A 401 -26.84 -17.37 4.31
N ALA A 402 -26.22 -16.65 5.23
CA ALA A 402 -25.05 -17.19 5.92
C ALA A 402 -25.47 -18.22 6.96
N PHE A 403 -26.53 -17.95 7.72
CA PHE A 403 -27.01 -18.84 8.76
C PHE A 403 -27.37 -20.21 8.21
N ALA A 404 -27.43 -20.37 6.91
CA ALA A 404 -27.87 -21.60 6.27
C ALA A 404 -27.21 -22.88 6.80
N GLN A 405 -25.93 -23.04 6.52
CA GLN A 405 -25.16 -24.22 6.81
C GLN A 405 -24.81 -24.41 8.27
N PHE A 406 -25.26 -23.50 9.14
CA PHE A 406 -24.94 -23.62 10.56
C PHE A 406 -26.16 -23.40 11.46
N GLY A 407 -27.26 -22.97 10.85
CA GLY A 407 -28.49 -22.73 11.61
C GLY A 407 -29.22 -24.06 11.80
N SER A 408 -28.75 -24.85 12.75
CA SER A 408 -29.35 -26.17 12.99
C SER A 408 -30.55 -26.11 13.91
N ASP A 409 -31.47 -25.20 13.62
CA ASP A 409 -32.69 -25.02 14.41
C ASP A 409 -33.34 -23.69 14.01
N LEU A 410 -33.23 -23.37 12.72
CA LEU A 410 -33.78 -22.11 12.22
C LEU A 410 -35.31 -22.17 12.28
N ASP A 411 -35.93 -21.05 12.65
CA ASP A 411 -37.38 -21.01 12.72
C ASP A 411 -38.00 -21.06 11.33
N ALA A 412 -39.24 -21.52 11.24
CA ALA A 412 -39.95 -21.66 9.99
C ALA A 412 -39.95 -20.38 9.16
N ALA A 413 -39.90 -19.24 9.81
CA ALA A 413 -39.93 -17.97 9.07
C ALA A 413 -38.63 -17.79 8.29
N THR A 414 -37.51 -17.87 9.01
CA THR A 414 -36.21 -17.71 8.34
C THR A 414 -35.92 -18.90 7.44
N GLN A 415 -36.54 -20.04 7.76
CA GLN A 415 -36.37 -21.23 6.95
C GLN A 415 -37.07 -21.13 5.60
N GLN A 416 -38.09 -20.28 5.51
CA GLN A 416 -38.81 -20.11 4.26
C GLN A 416 -38.05 -19.11 3.39
N LEU A 417 -37.40 -18.16 4.06
CA LEU A 417 -36.65 -17.14 3.33
C LEU A 417 -35.55 -17.85 2.50
N LEU A 418 -34.95 -18.80 3.20
CA LEU A 418 -33.87 -19.58 2.58
C LEU A 418 -34.42 -20.32 1.35
N SER A 419 -35.51 -21.08 1.54
CA SER A 419 -36.06 -21.85 0.43
C SER A 419 -36.43 -20.97 -0.75
N ARG A 420 -37.06 -19.83 -0.55
CA ARG A 420 -37.39 -18.97 -1.68
C ARG A 420 -36.11 -18.55 -2.40
N GLY A 421 -35.12 -18.21 -1.57
CA GLY A 421 -33.84 -17.70 -1.98
C GLY A 421 -33.06 -18.63 -2.89
N VAL A 422 -33.02 -19.90 -2.50
CA VAL A 422 -32.34 -20.91 -3.34
C VAL A 422 -33.12 -21.14 -4.62
N ARG A 423 -34.44 -21.22 -4.52
CA ARG A 423 -35.32 -21.40 -5.65
C ARG A 423 -35.12 -20.28 -6.65
N LEU A 424 -35.16 -19.03 -6.17
CA LEU A 424 -35.04 -17.89 -7.10
C LEU A 424 -33.67 -17.82 -7.75
N THR A 425 -32.61 -18.03 -6.99
CA THR A 425 -31.24 -18.04 -7.50
C THR A 425 -31.16 -19.02 -8.67
N GLU A 426 -31.76 -20.20 -8.48
CA GLU A 426 -31.83 -21.20 -9.54
C GLU A 426 -32.59 -20.72 -10.74
N LEU A 427 -33.67 -19.95 -10.51
CA LEU A 427 -34.37 -19.44 -11.70
C LEU A 427 -33.58 -18.33 -12.36
N LEU A 428 -32.53 -17.81 -11.72
CA LEU A 428 -31.74 -16.73 -12.37
C LEU A 428 -30.65 -17.27 -13.28
N LYS A 429 -30.21 -18.47 -13.05
CA LYS A 429 -29.28 -19.20 -13.88
C LYS A 429 -29.82 -19.29 -15.30
N GLN A 430 -28.98 -19.19 -16.29
CA GLN A 430 -29.44 -19.20 -17.67
C GLN A 430 -28.27 -19.60 -18.57
N GLY A 431 -28.57 -20.50 -19.50
CA GLY A 431 -27.59 -21.00 -20.44
C GLY A 431 -27.10 -19.91 -21.37
N GLN A 432 -25.98 -20.16 -22.01
CA GLN A 432 -25.35 -19.19 -22.91
C GLN A 432 -25.94 -19.16 -24.29
N TYR A 433 -25.89 -18.01 -24.95
CA TYR A 433 -26.43 -17.90 -26.30
C TYR A 433 -27.91 -18.28 -26.39
N SER A 434 -28.68 -18.09 -25.31
CA SER A 434 -30.12 -18.33 -25.37
C SER A 434 -30.93 -17.24 -24.70
N PRO A 435 -30.93 -16.05 -25.25
CA PRO A 435 -31.65 -14.91 -24.71
C PRO A 435 -33.13 -15.17 -24.90
N MET A 436 -33.93 -15.09 -23.83
CA MET A 436 -35.35 -15.35 -23.89
C MET A 436 -36.19 -14.09 -23.99
N ALA A 437 -37.42 -14.21 -24.49
CA ALA A 437 -38.31 -13.07 -24.59
C ALA A 437 -38.84 -12.69 -23.22
N ILE A 438 -39.32 -11.42 -23.08
CA ILE A 438 -39.73 -10.96 -21.78
C ILE A 438 -40.91 -11.73 -21.24
N GLU A 439 -41.91 -12.07 -22.07
CA GLU A 439 -43.02 -12.90 -21.58
C GLU A 439 -42.55 -14.24 -21.01
N GLU A 440 -41.54 -14.89 -21.61
CA GLU A 440 -41.04 -16.16 -21.05
C GLU A 440 -40.34 -15.91 -19.72
N GLN A 441 -39.78 -14.71 -19.52
CA GLN A 441 -39.05 -14.46 -18.28
C GLN A 441 -40.03 -14.28 -17.14
N VAL A 442 -41.13 -13.54 -17.41
CA VAL A 442 -42.11 -13.35 -16.31
C VAL A 442 -42.71 -14.70 -15.95
N ALA A 443 -43.11 -15.51 -16.92
CA ALA A 443 -43.65 -16.83 -16.69
C ALA A 443 -42.78 -17.69 -15.79
N VAL A 444 -41.48 -17.83 -16.12
CA VAL A 444 -40.65 -18.64 -15.22
C VAL A 444 -40.45 -17.97 -13.88
N ILE A 445 -40.35 -16.63 -13.85
CA ILE A 445 -40.13 -15.99 -12.55
C ILE A 445 -41.38 -16.17 -11.70
N TYR A 446 -42.53 -15.97 -12.33
CA TYR A 446 -43.85 -16.15 -11.74
C TYR A 446 -43.92 -17.44 -10.94
N ALA A 447 -43.42 -18.50 -11.56
CA ALA A 447 -43.39 -19.81 -10.95
C ALA A 447 -42.76 -19.78 -9.57
N GLY A 448 -41.59 -19.17 -9.50
CA GLY A 448 -40.82 -19.08 -8.29
C GLY A 448 -41.34 -18.09 -7.29
N VAL A 449 -41.74 -16.90 -7.79
CA VAL A 449 -42.18 -15.88 -6.84
C VAL A 449 -43.55 -16.20 -6.25
N ARG A 450 -44.32 -17.04 -6.97
CA ARG A 450 -45.58 -17.49 -6.42
C ARG A 450 -45.46 -18.71 -5.51
N GLY A 451 -44.27 -19.23 -5.33
CA GLY A 451 -44.06 -20.33 -4.39
C GLY A 451 -44.34 -21.72 -4.91
N TYR A 452 -44.67 -21.88 -6.18
CA TYR A 452 -45.03 -23.18 -6.72
C TYR A 452 -43.82 -24.12 -6.65
N LEU A 453 -42.62 -23.58 -6.83
CA LEU A 453 -41.42 -24.39 -6.80
C LEU A 453 -40.85 -24.50 -5.40
N ASP A 454 -41.58 -24.11 -4.36
CA ASP A 454 -41.00 -24.17 -3.00
C ASP A 454 -40.83 -25.60 -2.53
N LYS A 455 -41.48 -26.53 -3.24
CA LYS A 455 -41.44 -27.93 -2.84
C LYS A 455 -40.47 -28.73 -3.69
N LEU A 456 -40.29 -28.30 -4.94
CA LEU A 456 -39.38 -28.94 -5.85
C LEU A 456 -37.97 -28.85 -5.28
N GLU A 457 -37.18 -29.90 -5.42
CA GLU A 457 -35.80 -29.91 -4.92
C GLU A 457 -34.95 -29.01 -5.80
N PRO A 458 -34.15 -28.15 -5.21
CA PRO A 458 -33.31 -27.18 -5.88
C PRO A 458 -32.57 -27.71 -7.08
N SER A 459 -31.96 -28.87 -6.95
CA SER A 459 -31.19 -29.46 -8.04
C SER A 459 -32.04 -29.66 -9.30
N LYS A 460 -33.34 -29.82 -9.12
CA LYS A 460 -34.26 -30.03 -10.22
C LYS A 460 -34.78 -28.76 -10.90
N ILE A 461 -34.79 -27.64 -10.17
CA ILE A 461 -35.37 -26.39 -10.66
C ILE A 461 -34.85 -26.03 -12.04
N THR A 462 -33.61 -26.32 -12.33
CA THR A 462 -33.05 -25.98 -13.63
C THR A 462 -33.63 -26.83 -14.74
N LYS A 463 -33.88 -28.10 -14.40
CA LYS A 463 -34.50 -29.02 -15.39
C LYS A 463 -35.98 -28.66 -15.51
N PHE A 464 -36.60 -28.27 -14.38
CA PHE A 464 -37.99 -27.84 -14.45
C PHE A 464 -38.16 -26.70 -15.45
N GLU A 465 -37.48 -25.59 -15.17
CA GLU A 465 -37.61 -24.37 -15.98
C GLU A 465 -37.54 -24.64 -17.48
N ASN A 466 -36.61 -25.47 -17.88
CA ASN A 466 -36.38 -25.81 -19.27
C ASN A 466 -37.53 -26.57 -19.87
N ALA A 467 -38.13 -27.46 -19.07
CA ALA A 467 -39.25 -28.27 -19.53
C ALA A 467 -40.51 -27.44 -19.57
N PHE A 468 -40.75 -26.70 -18.48
CA PHE A 468 -41.90 -25.81 -18.33
C PHE A 468 -41.94 -24.73 -19.42
N LEU A 469 -40.80 -24.05 -19.60
CA LEU A 469 -40.67 -23.07 -20.67
C LEU A 469 -40.93 -23.67 -22.04
N SER A 470 -40.37 -24.82 -22.38
CA SER A 470 -40.59 -25.45 -23.69
C SER A 470 -42.05 -25.84 -23.93
N HIS A 471 -42.70 -26.23 -22.85
CA HIS A 471 -44.12 -26.52 -22.83
C HIS A 471 -44.94 -25.27 -23.05
N VAL A 472 -44.75 -24.20 -22.24
CA VAL A 472 -45.59 -23.02 -22.46
C VAL A 472 -45.32 -22.47 -23.86
N ILE A 473 -44.08 -22.54 -24.35
CA ILE A 473 -43.80 -22.02 -25.67
C ILE A 473 -44.64 -22.70 -26.75
N SER A 474 -44.76 -24.01 -26.60
CA SER A 474 -45.50 -24.83 -27.53
C SER A 474 -47.00 -24.79 -27.40
N GLN A 475 -47.56 -25.23 -26.27
CA GLN A 475 -49.00 -25.26 -26.13
C GLN A 475 -49.62 -23.96 -25.71
N HIS A 476 -48.89 -23.08 -25.02
CA HIS A 476 -49.53 -21.87 -24.52
C HIS A 476 -49.04 -20.56 -25.08
N GLN A 477 -48.85 -20.46 -26.39
CA GLN A 477 -48.46 -19.24 -27.06
C GLN A 477 -49.42 -18.10 -26.72
N ALA A 478 -50.71 -18.42 -26.77
CA ALA A 478 -51.75 -17.43 -26.51
C ALA A 478 -51.65 -16.82 -25.13
N LEU A 479 -51.08 -17.54 -24.20
CA LEU A 479 -50.94 -17.03 -22.83
C LEU A 479 -49.70 -16.12 -22.78
N LEU A 480 -48.72 -16.40 -23.64
CA LEU A 480 -47.48 -15.66 -23.72
C LEU A 480 -47.73 -14.30 -24.37
N GLY A 481 -48.61 -14.28 -25.38
CA GLY A 481 -49.01 -13.05 -26.04
C GLY A 481 -49.86 -12.20 -25.08
N LYS A 482 -50.75 -12.83 -24.31
CA LYS A 482 -51.61 -12.09 -23.40
C LYS A 482 -50.80 -11.33 -22.36
N ILE A 483 -49.75 -11.97 -21.87
CA ILE A 483 -48.85 -11.37 -20.88
C ILE A 483 -48.24 -10.06 -21.35
N ARG A 484 -48.05 -9.96 -22.65
CA ARG A 484 -47.57 -8.74 -23.30
C ARG A 484 -48.74 -7.75 -23.45
N THR A 485 -49.75 -8.11 -24.22
CA THR A 485 -50.95 -7.30 -24.37
C THR A 485 -51.32 -6.60 -23.07
N ASP A 486 -51.84 -7.33 -22.10
CA ASP A 486 -52.30 -6.79 -20.85
C ASP A 486 -51.22 -5.96 -20.16
N GLY A 487 -50.02 -6.00 -20.72
CA GLY A 487 -48.90 -5.28 -20.11
C GLY A 487 -48.44 -6.01 -18.84
N LYS A 488 -49.40 -6.53 -18.07
CA LYS A 488 -49.08 -7.27 -16.86
C LYS A 488 -49.62 -8.70 -16.82
N ILE A 489 -49.70 -9.22 -15.59
CA ILE A 489 -50.28 -10.54 -15.35
C ILE A 489 -51.78 -10.29 -15.09
N SER A 490 -52.63 -10.52 -16.10
CA SER A 490 -54.06 -10.28 -15.89
C SER A 490 -54.63 -11.32 -14.92
N GLU A 491 -55.86 -11.09 -14.46
CA GLU A 491 -56.50 -12.01 -13.54
C GLU A 491 -56.71 -13.40 -14.16
N GLU A 492 -56.97 -13.42 -15.47
CA GLU A 492 -57.09 -14.65 -16.20
C GLU A 492 -55.72 -15.34 -16.30
N SER A 493 -54.75 -14.62 -16.89
CA SER A 493 -53.41 -15.20 -17.03
C SER A 493 -52.96 -15.75 -15.67
N ASP A 494 -53.35 -15.04 -14.62
CA ASP A 494 -52.94 -15.50 -13.29
C ASP A 494 -53.57 -16.81 -12.89
N ALA A 495 -54.75 -17.14 -13.39
CA ALA A 495 -55.41 -18.40 -13.05
C ALA A 495 -54.96 -19.53 -14.00
N LYS A 496 -54.76 -19.11 -15.26
CA LYS A 496 -54.31 -20.13 -16.22
C LYS A 496 -52.93 -20.61 -15.84
N LEU A 497 -52.05 -19.71 -15.43
CA LEU A 497 -50.71 -20.12 -15.03
C LEU A 497 -50.76 -21.07 -13.84
N LYS A 498 -51.69 -20.79 -12.92
CA LYS A 498 -51.82 -21.64 -11.74
C LYS A 498 -52.21 -23.06 -12.15
N GLU A 499 -53.12 -23.18 -13.11
CA GLU A 499 -53.52 -24.53 -13.56
C GLU A 499 -52.31 -25.20 -14.20
N ILE A 500 -51.74 -24.62 -15.26
CA ILE A 500 -50.54 -25.12 -15.89
C ILE A 500 -49.44 -25.59 -14.95
N VAL A 501 -48.74 -24.72 -14.23
CA VAL A 501 -47.67 -25.12 -13.33
C VAL A 501 -48.13 -26.18 -12.34
N THR A 502 -49.31 -26.11 -11.73
CA THR A 502 -49.65 -27.17 -10.76
C THR A 502 -49.64 -28.54 -11.44
N ASN A 503 -50.43 -28.69 -12.49
CA ASN A 503 -50.54 -29.95 -13.21
C ASN A 503 -49.15 -30.41 -13.64
N PHE A 504 -48.49 -29.58 -14.44
CA PHE A 504 -47.13 -29.85 -14.90
C PHE A 504 -46.22 -30.31 -13.77
N LEU A 505 -46.16 -29.53 -12.71
CA LEU A 505 -45.30 -29.89 -11.57
C LEU A 505 -45.58 -31.32 -11.14
N ALA A 506 -46.84 -31.61 -10.92
CA ALA A 506 -47.33 -32.91 -10.50
C ALA A 506 -46.84 -34.01 -11.45
N GLY A 507 -46.91 -33.76 -12.75
CA GLY A 507 -46.42 -34.66 -13.73
C GLY A 507 -44.89 -34.81 -13.57
N PHE A 508 -44.24 -33.68 -13.33
CA PHE A 508 -42.78 -33.60 -13.22
C PHE A 508 -42.28 -34.47 -12.09
N GLU A 509 -43.06 -34.56 -11.02
CA GLU A 509 -42.62 -35.35 -9.87
C GLU A 509 -43.38 -36.66 -9.73
N ALA A 510 -43.76 -37.26 -10.85
CA ALA A 510 -44.62 -38.44 -10.84
C ALA A 510 -43.87 -39.72 -10.58
N ASP B 24 18.96 48.75 -10.76
CA ASP B 24 19.86 48.35 -9.70
C ASP B 24 19.73 46.89 -9.27
N LEU B 25 20.43 45.97 -9.90
CA LEU B 25 20.41 44.56 -9.60
C LEU B 25 21.07 44.19 -8.30
N GLU B 26 21.71 45.10 -7.58
CA GLU B 26 22.33 44.72 -6.32
C GLU B 26 21.31 44.69 -5.19
N GLU B 27 20.30 45.56 -5.23
CA GLU B 27 19.35 45.61 -4.11
C GLU B 27 17.90 45.42 -4.58
N THR B 28 17.78 45.27 -5.88
CA THR B 28 16.46 45.15 -6.53
C THR B 28 16.53 44.01 -7.53
N GLY B 29 15.39 43.50 -7.98
CA GLY B 29 15.38 42.47 -8.98
C GLY B 29 14.06 42.49 -9.74
N ARG B 30 13.99 41.68 -10.78
CA ARG B 30 12.79 41.51 -11.58
C ARG B 30 12.34 40.03 -11.63
N VAL B 31 11.01 39.83 -11.57
CA VAL B 31 10.47 38.48 -11.59
C VAL B 31 10.66 37.81 -12.95
N LEU B 32 11.32 36.65 -12.93
CA LEU B 32 11.60 35.91 -14.15
C LEU B 32 10.41 35.00 -14.49
N SER B 33 9.79 34.42 -13.48
CA SER B 33 8.66 33.53 -13.70
C SER B 33 7.92 33.24 -12.38
N ILE B 34 6.60 33.20 -12.47
CA ILE B 34 5.83 33.00 -11.23
C ILE B 34 4.85 31.84 -11.42
N GLY B 35 4.90 30.96 -10.43
CA GLY B 35 4.05 29.77 -10.36
C GLY B 35 4.77 28.71 -9.52
N ASP B 36 4.20 27.53 -9.39
CA ASP B 36 4.80 26.50 -8.57
C ASP B 36 5.06 27.06 -7.16
N GLY B 37 4.36 28.14 -6.85
CA GLY B 37 4.43 28.81 -5.57
C GLY B 37 5.70 29.61 -5.34
N ILE B 38 6.75 29.28 -6.09
CA ILE B 38 8.02 29.97 -5.90
C ILE B 38 8.25 31.03 -6.96
N ALA B 39 8.64 32.22 -6.53
CA ALA B 39 8.94 33.29 -7.48
C ALA B 39 10.42 33.21 -7.85
N ARG B 40 10.67 33.20 -9.14
CA ARG B 40 12.04 33.19 -9.64
C ARG B 40 12.41 34.66 -9.96
N VAL B 41 13.29 35.19 -9.13
CA VAL B 41 13.73 36.55 -9.25
C VAL B 41 15.12 36.71 -9.81
N HIS B 42 15.21 37.58 -10.80
CA HIS B 42 16.48 37.94 -11.43
C HIS B 42 17.08 39.16 -10.75
N GLY B 43 18.22 39.03 -10.09
CA GLY B 43 18.89 40.13 -9.46
C GLY B 43 19.14 39.97 -7.99
N LEU B 44 18.81 41.01 -7.23
CA LEU B 44 18.97 41.01 -5.78
C LEU B 44 20.33 40.44 -5.39
N ARG B 45 21.37 40.89 -6.09
CA ARG B 45 22.70 40.35 -5.87
C ARG B 45 23.14 40.46 -4.43
N ASN B 46 22.69 41.45 -3.68
CA ASN B 46 23.11 41.51 -2.28
C ASN B 46 22.13 40.90 -1.30
N VAL B 47 21.06 40.20 -1.73
CA VAL B 47 20.20 39.56 -0.75
C VAL B 47 20.94 38.46 0.06
N GLN B 48 20.41 38.25 1.24
CA GLN B 48 20.83 37.21 2.14
C GLN B 48 19.81 36.06 2.10
N ALA B 49 20.30 34.85 2.36
CA ALA B 49 19.43 33.67 2.53
C ALA B 49 18.52 33.95 3.73
N GLU B 50 17.23 33.80 3.54
CA GLU B 50 16.24 33.97 4.57
C GLU B 50 15.94 35.43 4.82
N GLU B 51 16.26 36.28 3.81
CA GLU B 51 15.94 37.70 3.95
C GLU B 51 14.57 38.02 3.33
N MET B 52 13.81 38.90 3.97
CA MET B 52 12.48 39.29 3.49
C MET B 52 12.64 40.24 2.31
N VAL B 53 11.80 40.14 1.30
CA VAL B 53 11.81 41.03 0.14
C VAL B 53 10.40 41.56 -0.12
N GLU B 54 10.28 42.68 -0.80
CA GLU B 54 8.96 43.28 -1.02
C GLU B 54 8.63 43.34 -2.52
N PHE B 55 7.42 42.96 -2.87
CA PHE B 55 7.00 42.95 -4.27
C PHE B 55 6.28 44.25 -4.62
N SER B 56 6.34 44.64 -5.88
CA SER B 56 5.62 45.81 -6.37
C SER B 56 4.24 45.87 -5.71
N SER B 57 3.54 44.74 -5.62
CA SER B 57 2.19 44.72 -5.11
C SER B 57 2.04 44.73 -3.60
N GLY B 58 3.00 45.21 -2.85
CA GLY B 58 2.93 45.25 -1.40
C GLY B 58 3.11 43.91 -0.69
N LEU B 59 3.05 42.82 -1.45
CA LEU B 59 3.22 41.46 -0.98
C LEU B 59 4.66 41.19 -0.59
N LYS B 60 4.86 40.47 0.52
CA LYS B 60 6.19 40.13 0.98
C LYS B 60 6.59 38.70 0.61
N GLY B 61 7.89 38.45 0.58
CA GLY B 61 8.46 37.16 0.30
C GLY B 61 9.69 36.84 1.15
N MET B 62 10.32 35.71 0.88
CA MET B 62 11.50 35.24 1.59
C MET B 62 12.51 34.64 0.63
N SER B 63 13.74 35.09 0.63
CA SER B 63 14.77 34.58 -0.29
C SER B 63 15.17 33.19 0.23
N LEU B 64 14.64 32.16 -0.40
CA LEU B 64 14.92 30.81 0.08
C LEU B 64 16.13 30.20 -0.62
N ASN B 65 16.15 30.26 -1.96
CA ASN B 65 17.21 29.64 -2.73
C ASN B 65 18.13 30.63 -3.42
N LEU B 66 19.39 30.68 -2.99
CA LEU B 66 20.34 31.60 -3.62
C LEU B 66 21.03 30.93 -4.78
N GLU B 67 20.66 31.27 -6.02
CA GLU B 67 21.31 30.59 -7.15
C GLU B 67 22.18 31.55 -7.94
N PRO B 68 23.12 31.04 -8.68
CA PRO B 68 24.02 31.83 -9.49
C PRO B 68 23.29 32.74 -10.46
N ASP B 69 22.07 32.43 -10.87
CA ASP B 69 21.41 33.24 -11.91
C ASP B 69 20.00 33.69 -11.54
N ASN B 70 19.57 33.40 -10.32
CA ASN B 70 18.25 33.76 -9.84
C ASN B 70 18.19 33.55 -8.32
N VAL B 71 17.10 34.06 -7.77
CA VAL B 71 16.71 33.88 -6.40
C VAL B 71 15.30 33.29 -6.38
N GLY B 72 15.03 32.26 -5.61
CA GLY B 72 13.68 31.72 -5.53
C GLY B 72 13.08 32.29 -4.24
N VAL B 73 11.91 32.90 -4.41
CA VAL B 73 11.31 33.54 -3.24
C VAL B 73 10.00 32.84 -2.88
N VAL B 74 9.87 32.45 -1.63
CA VAL B 74 8.61 31.92 -1.10
C VAL B 74 7.73 33.16 -0.84
N VAL B 75 6.53 33.22 -1.41
CA VAL B 75 5.63 34.34 -1.29
C VAL B 75 4.65 34.25 -0.13
N PHE B 76 4.72 35.21 0.80
CA PHE B 76 3.90 35.13 1.99
C PHE B 76 2.51 35.70 1.75
N GLY B 77 1.88 35.30 0.66
CA GLY B 77 0.54 35.68 0.29
C GLY B 77 0.14 35.13 -1.07
N ASN B 78 -0.87 35.73 -1.70
CA ASN B 78 -1.35 35.26 -2.99
C ASN B 78 -0.42 35.58 -4.15
N ASP B 79 0.47 34.64 -4.44
CA ASP B 79 1.41 34.78 -5.54
C ASP B 79 0.71 35.01 -6.87
N LYS B 80 -0.59 34.81 -7.03
CA LYS B 80 -1.21 35.10 -8.34
C LYS B 80 -1.07 36.60 -8.60
N LEU B 81 -0.89 37.32 -7.48
CA LEU B 81 -0.77 38.77 -7.60
C LEU B 81 0.61 39.20 -8.12
N ILE B 82 1.48 38.34 -8.56
CA ILE B 82 2.81 38.68 -8.98
C ILE B 82 2.96 38.38 -10.47
N LYS B 83 3.73 39.19 -11.21
CA LYS B 83 3.93 38.92 -12.61
C LYS B 83 5.38 38.99 -13.08
N GLU B 84 5.62 38.37 -14.23
CA GLU B 84 6.96 38.55 -14.83
C GLU B 84 7.25 40.06 -14.92
N GLY B 85 8.45 40.48 -14.56
CA GLY B 85 8.84 41.89 -14.67
C GLY B 85 8.61 42.65 -13.39
N ASP B 86 7.79 42.11 -12.48
CA ASP B 86 7.56 42.85 -11.23
C ASP B 86 8.88 43.11 -10.51
N ILE B 87 8.90 44.25 -9.83
CA ILE B 87 10.11 44.72 -9.16
C ILE B 87 10.12 44.07 -7.79
N VAL B 88 11.30 43.65 -7.38
CA VAL B 88 11.42 43.02 -6.06
C VAL B 88 12.53 43.73 -5.28
N LYS B 89 12.20 44.31 -4.15
CA LYS B 89 13.12 45.06 -3.34
C LYS B 89 13.49 44.34 -2.06
N ARG B 90 14.75 44.40 -1.67
CA ARG B 90 15.19 43.88 -0.39
C ARG B 90 14.70 44.77 0.76
N THR B 91 14.57 44.19 1.93
CA THR B 91 14.23 44.90 3.15
C THR B 91 15.48 44.86 4.05
N GLY B 92 16.45 44.04 3.66
CA GLY B 92 17.72 43.93 4.38
C GLY B 92 17.56 43.18 5.68
N ALA B 93 16.31 42.75 5.99
CA ALA B 93 16.07 42.05 7.27
C ALA B 93 15.78 40.57 7.18
N ILE B 94 16.36 39.74 8.05
CA ILE B 94 16.10 38.29 8.05
C ILE B 94 14.65 38.15 8.55
N VAL B 95 13.82 37.36 7.91
CA VAL B 95 12.43 37.25 8.33
C VAL B 95 12.25 37.44 9.81
N ASP B 96 11.38 38.41 10.17
CA ASP B 96 11.12 38.66 11.58
C ASP B 96 9.67 39.15 11.72
N VAL B 97 9.25 39.21 12.98
CA VAL B 97 7.91 39.70 13.27
C VAL B 97 7.86 40.67 14.45
N PRO B 98 6.77 41.43 14.50
CA PRO B 98 6.49 42.38 15.58
C PRO B 98 6.46 41.62 16.91
N VAL B 99 6.95 42.10 17.99
CA VAL B 99 6.89 41.34 19.26
C VAL B 99 6.69 42.31 20.41
N GLY B 100 6.14 41.94 21.53
CA GLY B 100 5.94 42.64 22.72
C GLY B 100 4.56 42.58 23.36
N GLU B 101 4.42 43.21 24.55
CA GLU B 101 3.12 43.20 25.21
C GLU B 101 2.02 43.92 24.44
N GLU B 102 2.34 44.76 23.49
CA GLU B 102 1.29 45.44 22.74
C GLU B 102 0.57 44.53 21.77
N LEU B 103 0.82 43.22 21.73
CA LEU B 103 0.08 42.38 20.77
C LEU B 103 -1.08 41.68 21.50
N LEU B 104 -0.96 41.74 22.82
CA LEU B 104 -2.01 41.21 23.67
C LEU B 104 -3.35 41.86 23.31
N GLY B 105 -4.41 41.08 23.40
CA GLY B 105 -5.74 41.49 22.99
C GLY B 105 -5.85 41.66 21.50
N ARG B 106 -4.79 41.51 20.71
CA ARG B 106 -4.98 41.71 19.26
C ARG B 106 -5.11 40.41 18.46
N VAL B 107 -5.56 40.52 17.21
CA VAL B 107 -5.68 39.49 16.23
C VAL B 107 -4.84 39.88 14.99
N VAL B 108 -3.74 39.18 14.79
CA VAL B 108 -2.84 39.44 13.69
C VAL B 108 -2.70 38.21 12.77
N ASP B 109 -2.20 38.43 11.58
CA ASP B 109 -1.90 37.40 10.60
C ASP B 109 -0.47 36.89 10.77
N ALA B 110 0.01 36.00 9.86
CA ALA B 110 1.30 35.38 10.11
C ALA B 110 2.45 36.35 10.13
N LEU B 111 2.38 37.46 9.43
CA LEU B 111 3.43 38.46 9.43
C LEU B 111 3.37 39.39 10.63
N GLY B 112 2.30 39.41 11.39
CA GLY B 112 2.18 40.32 12.53
C GLY B 112 1.31 41.53 12.20
N ASN B 113 0.87 41.74 10.97
CA ASN B 113 -0.09 42.77 10.63
C ASN B 113 -1.42 42.49 11.36
N ALA B 114 -2.03 43.50 11.95
CA ALA B 114 -3.28 43.31 12.69
C ALA B 114 -4.46 43.13 11.73
N ILE B 115 -5.41 42.24 12.09
CA ILE B 115 -6.52 41.98 11.18
C ILE B 115 -7.84 42.10 11.90
N ASP B 116 -7.77 42.55 13.14
CA ASP B 116 -8.96 42.80 13.94
C ASP B 116 -9.55 44.20 13.72
N GLY B 117 -9.23 44.97 12.71
CA GLY B 117 -9.84 46.27 12.55
C GLY B 117 -9.44 47.35 13.58
N LYS B 118 -8.81 47.02 14.67
CA LYS B 118 -8.35 47.90 15.69
C LYS B 118 -7.02 48.58 15.45
N GLY B 119 -6.78 49.11 14.25
CA GLY B 119 -5.58 49.85 13.94
C GLY B 119 -4.27 49.11 14.11
N PRO B 120 -3.17 49.84 14.06
CA PRO B 120 -1.82 49.33 14.12
C PRO B 120 -1.41 48.82 15.49
N ILE B 121 -0.31 48.06 15.50
CA ILE B 121 0.21 47.48 16.74
C ILE B 121 1.36 48.40 17.12
N GLY B 122 1.42 48.81 18.37
CA GLY B 122 2.49 49.75 18.75
C GLY B 122 3.71 48.95 19.18
N SER B 123 4.08 47.94 18.38
CA SER B 123 5.26 47.18 18.78
C SER B 123 6.50 48.06 18.65
N LYS B 124 7.35 48.00 19.65
CA LYS B 124 8.60 48.72 19.72
C LYS B 124 9.76 47.76 19.44
N ALA B 125 9.45 46.47 19.32
CA ALA B 125 10.46 45.46 19.10
C ALA B 125 10.06 44.37 18.10
N ARG B 126 11.08 43.78 17.50
CA ARG B 126 10.90 42.74 16.51
C ARG B 126 11.75 41.53 16.82
N ARG B 127 11.25 40.36 16.42
CA ARG B 127 12.07 39.15 16.68
C ARG B 127 12.09 38.28 15.45
N ARG B 128 13.26 37.76 15.10
CA ARG B 128 13.39 36.81 14.00
C ARG B 128 12.56 35.54 14.27
N VAL B 129 11.80 35.08 13.29
CA VAL B 129 11.00 33.88 13.42
C VAL B 129 11.82 32.58 13.47
N GLY B 130 13.05 32.61 12.96
CA GLY B 130 13.96 31.54 12.92
C GLY B 130 15.01 31.39 13.96
N LEU B 131 14.84 31.97 15.16
CA LEU B 131 15.96 31.82 16.12
C LEU B 131 16.09 30.38 16.57
N LYS B 132 17.28 29.97 16.98
CA LYS B 132 17.52 28.63 17.46
C LYS B 132 17.22 28.55 18.94
N ALA B 133 16.53 27.55 19.44
CA ALA B 133 16.16 27.34 20.80
C ALA B 133 17.32 27.34 21.79
N PRO B 134 17.04 27.89 22.99
CA PRO B 134 18.02 27.80 24.06
C PRO B 134 18.71 26.42 24.09
N GLY B 135 19.98 26.40 24.45
CA GLY B 135 20.84 25.25 24.59
C GLY B 135 20.68 24.61 25.94
N ILE B 136 21.60 23.80 26.40
CA ILE B 136 21.51 23.09 27.66
C ILE B 136 21.59 23.93 28.91
N ILE B 137 22.54 24.84 29.00
CA ILE B 137 22.86 25.59 30.19
C ILE B 137 21.80 26.54 30.71
N PRO B 138 21.17 27.31 29.85
CA PRO B 138 20.15 28.24 30.24
C PRO B 138 18.87 27.59 30.76
N ARG B 139 18.78 26.26 30.81
CA ARG B 139 17.54 25.57 31.15
C ARG B 139 17.57 24.95 32.53
N ILE B 140 16.40 24.58 33.06
CA ILE B 140 16.33 23.92 34.39
C ILE B 140 15.10 23.01 34.31
N SER B 141 14.99 21.89 35.01
CA SER B 141 13.76 21.11 34.96
C SER B 141 12.51 21.94 35.33
N VAL B 142 11.39 21.64 34.69
CA VAL B 142 10.15 22.31 34.99
C VAL B 142 9.71 22.03 36.43
N ARG B 143 9.11 23.05 37.05
CA ARG B 143 8.69 22.86 38.44
C ARG B 143 7.54 23.80 38.83
N GLU B 144 7.06 24.60 37.91
CA GLU B 144 5.98 25.54 38.16
C GLU B 144 4.78 25.00 37.36
N PRO B 145 3.72 24.72 38.08
CA PRO B 145 2.47 24.25 37.56
C PRO B 145 1.88 25.13 36.49
N MET B 146 1.49 24.52 35.39
CA MET B 146 0.78 25.29 34.33
C MET B 146 -0.69 24.84 34.46
N GLN B 147 -1.40 25.37 35.46
CA GLN B 147 -2.75 24.88 35.72
C GLN B 147 -3.64 24.98 34.51
N THR B 148 -4.37 23.94 34.14
CA THR B 148 -5.26 24.03 32.98
C THR B 148 -6.70 24.31 33.47
N GLY B 149 -6.94 24.05 34.76
CA GLY B 149 -8.31 24.22 35.24
C GLY B 149 -9.19 23.01 34.90
N ILE B 150 -8.65 21.98 34.22
CA ILE B 150 -9.40 20.79 33.89
C ILE B 150 -8.99 19.63 34.78
N LYS B 151 -9.90 19.08 35.56
CA LYS B 151 -9.60 18.04 36.52
C LYS B 151 -8.81 16.87 35.95
N ALA B 152 -9.31 16.21 34.90
CA ALA B 152 -8.63 15.01 34.42
C ALA B 152 -7.18 15.32 34.04
N VAL B 153 -6.87 16.56 33.67
CA VAL B 153 -5.49 16.89 33.36
C VAL B 153 -4.62 17.29 34.55
N ASP B 154 -5.13 18.12 35.43
CA ASP B 154 -4.32 18.66 36.52
C ASP B 154 -4.06 17.60 37.57
N SER B 155 -4.85 16.53 37.55
CA SER B 155 -4.67 15.41 38.45
C SER B 155 -3.88 14.25 37.85
N LEU B 156 -4.19 13.73 36.67
CA LEU B 156 -3.54 12.59 36.07
C LEU B 156 -2.52 12.90 34.99
N VAL B 157 -2.56 14.07 34.37
CA VAL B 157 -1.59 14.38 33.29
C VAL B 157 -1.08 15.79 33.50
N PRO B 158 -0.48 16.06 34.65
CA PRO B 158 -0.05 17.36 35.12
C PRO B 158 1.00 18.01 34.23
N ILE B 159 0.71 19.16 33.69
CA ILE B 159 1.55 20.00 32.89
C ILE B 159 2.34 20.99 33.78
N GLY B 160 3.51 21.37 33.32
CA GLY B 160 4.49 22.22 33.93
C GLY B 160 4.85 23.34 32.95
N ARG B 161 5.31 24.44 33.52
CA ARG B 161 5.66 25.59 32.69
C ARG B 161 7.00 25.42 32.02
N GLY B 162 6.99 25.47 30.69
CA GLY B 162 8.22 25.23 29.93
C GLY B 162 8.19 23.88 29.21
N GLN B 163 7.25 23.03 29.57
CA GLN B 163 7.01 21.72 28.99
C GLN B 163 6.28 21.83 27.65
N ARG B 164 6.41 20.77 26.88
CA ARG B 164 5.73 20.64 25.59
C ARG B 164 4.75 19.46 25.78
N GLU B 165 3.45 19.72 25.69
CA GLU B 165 2.53 18.59 25.94
C GLU B 165 1.61 18.49 24.75
N LEU B 166 1.61 17.34 24.07
CA LEU B 166 0.79 17.19 22.85
C LEU B 166 -0.69 17.00 23.17
N ILE B 167 -1.56 17.48 22.28
CA ILE B 167 -3.00 17.26 22.46
C ILE B 167 -3.39 16.48 21.18
N ILE B 168 -3.65 15.21 21.31
CA ILE B 168 -3.79 14.31 20.17
C ILE B 168 -5.09 13.52 20.25
N GLY B 169 -5.72 13.47 19.08
CA GLY B 169 -7.00 12.84 18.89
C GLY B 169 -7.60 13.06 17.51
N ASP B 170 -8.68 12.34 17.26
CA ASP B 170 -9.40 12.42 16.02
C ASP B 170 -10.20 13.72 15.93
N ARG B 171 -10.76 13.97 14.75
CA ARG B 171 -11.54 15.18 14.57
C ARG B 171 -12.72 15.16 15.55
N GLN B 172 -13.12 16.33 16.03
CA GLN B 172 -14.21 16.50 16.96
C GLN B 172 -14.10 15.71 18.21
N THR B 173 -12.92 15.52 18.76
CA THR B 173 -12.88 14.82 20.08
C THR B 173 -12.74 15.78 21.23
N GLY B 174 -12.78 17.08 20.98
CA GLY B 174 -12.69 18.15 21.92
C GLY B 174 -11.27 18.62 22.25
N LYS B 175 -10.31 18.44 21.33
CA LYS B 175 -8.92 18.85 21.57
C LYS B 175 -8.83 20.36 21.84
N THR B 176 -9.25 21.16 20.88
CA THR B 176 -9.26 22.60 21.03
C THR B 176 -9.85 23.13 22.34
N SER B 177 -11.05 22.65 22.70
CA SER B 177 -11.67 22.95 23.97
C SER B 177 -10.65 22.83 25.10
N ILE B 178 -9.80 21.78 25.02
CA ILE B 178 -8.82 21.67 26.10
C ILE B 178 -7.94 22.94 26.12
N ALA B 179 -7.69 23.48 24.94
CA ALA B 179 -6.79 24.61 24.84
C ALA B 179 -7.47 25.84 25.44
N ILE B 180 -8.68 26.12 24.95
CA ILE B 180 -9.51 27.21 25.37
C ILE B 180 -9.81 27.23 26.87
N ASP B 181 -10.03 26.10 27.51
CA ASP B 181 -10.31 26.12 28.93
C ASP B 181 -9.03 26.42 29.70
N THR B 182 -7.90 26.20 29.06
CA THR B 182 -6.59 26.50 29.66
C THR B 182 -6.34 27.98 29.61
N ILE B 183 -6.55 28.69 28.50
CA ILE B 183 -6.41 30.13 28.42
C ILE B 183 -7.36 30.84 29.42
N ILE B 184 -8.66 30.75 29.20
CA ILE B 184 -9.66 31.21 30.16
C ILE B 184 -9.27 30.95 31.60
N ASN B 185 -8.72 29.83 31.98
CA ASN B 185 -8.43 29.58 33.40
C ASN B 185 -7.36 30.53 33.93
N GLN B 186 -6.58 31.10 33.00
CA GLN B 186 -5.45 31.89 33.53
C GLN B 186 -5.90 33.19 34.19
N LYS B 187 -7.06 33.70 33.74
CA LYS B 187 -7.65 34.90 34.28
C LYS B 187 -7.53 35.10 35.80
N ARG B 188 -7.56 34.02 36.56
CA ARG B 188 -7.49 34.16 38.02
C ARG B 188 -6.09 34.47 38.52
N PHE B 189 -5.13 34.32 37.60
CA PHE B 189 -3.73 34.56 37.94
C PHE B 189 -3.36 35.93 37.37
N ASN B 190 -3.76 36.18 36.13
CA ASN B 190 -3.42 37.39 35.39
C ASN B 190 -4.04 38.66 35.97
N ASP B 191 -4.96 38.45 36.90
CA ASP B 191 -5.61 39.56 37.58
C ASP B 191 -5.12 39.64 39.03
N GLY B 192 -3.95 39.10 39.30
CA GLY B 192 -3.38 39.16 40.66
C GLY B 192 -2.39 40.32 40.67
N THR B 193 -1.25 40.15 41.34
CA THR B 193 -0.29 41.27 41.35
C THR B 193 1.12 40.85 40.99
N ASP B 194 1.56 39.74 41.56
CA ASP B 194 2.87 39.16 41.35
C ASP B 194 2.99 38.50 39.97
N GLU B 195 3.71 39.15 39.10
CA GLU B 195 3.92 38.70 37.74
C GLU B 195 4.56 37.33 37.63
N LYS B 196 4.73 36.64 38.75
CA LYS B 196 5.40 35.35 38.74
C LYS B 196 4.44 34.21 38.45
N LYS B 197 3.21 34.30 38.95
CA LYS B 197 2.20 33.28 38.65
C LYS B 197 1.42 33.66 37.41
N LYS B 198 1.74 34.78 36.77
CA LYS B 198 0.89 35.09 35.61
C LYS B 198 1.18 34.16 34.47
N LEU B 199 0.31 34.19 33.47
CA LEU B 199 0.54 33.39 32.29
C LEU B 199 0.00 34.04 31.03
N TYR B 200 0.83 34.60 30.17
CA TYR B 200 0.31 35.17 28.93
C TYR B 200 0.09 34.02 27.94
N CYS B 201 -0.90 34.18 27.10
CA CYS B 201 -1.41 33.19 26.19
C CYS B 201 -1.37 33.62 24.73
N ILE B 202 -0.86 32.70 23.91
CA ILE B 202 -0.89 32.88 22.45
C ILE B 202 -1.54 31.67 21.76
N TYR B 203 -2.49 31.90 20.88
CA TYR B 203 -3.26 30.93 20.16
C TYR B 203 -2.94 31.06 18.67
N VAL B 204 -2.23 30.07 18.15
CA VAL B 204 -1.90 30.07 16.72
C VAL B 204 -2.94 29.19 16.02
N ALA B 205 -3.68 29.79 15.11
CA ALA B 205 -4.76 29.05 14.44
C ALA B 205 -4.21 28.76 13.04
N ILE B 206 -3.94 27.46 12.82
CA ILE B 206 -3.35 27.06 11.54
C ILE B 206 -4.25 26.14 10.73
N GLY B 207 -4.70 26.60 9.60
CA GLY B 207 -5.57 25.91 8.70
C GLY B 207 -7.04 25.92 9.08
N GLN B 208 -7.42 26.47 10.24
CA GLN B 208 -8.83 26.49 10.64
C GLN B 208 -9.64 27.39 9.73
N LYS B 209 -10.96 27.41 9.89
CA LYS B 209 -11.75 28.40 9.12
C LYS B 209 -11.81 29.77 9.84
N ARG B 210 -11.93 30.83 9.03
CA ARG B 210 -12.09 32.16 9.64
C ARG B 210 -13.27 32.13 10.62
N SER B 211 -14.46 31.71 10.18
CA SER B 211 -15.60 31.62 11.07
C SER B 211 -15.16 31.18 12.49
N THR B 212 -14.47 30.06 12.61
CA THR B 212 -14.09 29.46 13.88
C THR B 212 -13.15 30.32 14.73
N VAL B 213 -12.28 31.09 14.11
CA VAL B 213 -11.33 31.93 14.80
C VAL B 213 -12.06 33.16 15.36
N ALA B 214 -12.89 33.78 14.53
CA ALA B 214 -13.80 34.81 14.93
C ALA B 214 -14.63 34.40 16.14
N GLN B 215 -15.19 33.18 16.09
CA GLN B 215 -16.08 32.79 17.20
C GLN B 215 -15.27 32.51 18.44
N LEU B 216 -14.00 32.22 18.21
CA LEU B 216 -13.04 31.94 19.28
C LEU B 216 -12.71 33.23 20.02
N VAL B 217 -12.34 34.26 19.24
CA VAL B 217 -11.89 35.47 19.91
C VAL B 217 -13.08 36.07 20.68
N LYS B 218 -14.27 35.87 20.14
CA LYS B 218 -15.51 36.34 20.74
C LYS B 218 -15.76 35.66 22.07
N ARG B 219 -15.48 34.35 22.09
CA ARG B 219 -15.67 33.60 23.34
C ARG B 219 -14.66 34.11 24.36
N LEU B 220 -13.40 34.24 23.93
CA LEU B 220 -12.35 34.65 24.86
C LEU B 220 -12.64 36.05 25.42
N THR B 221 -13.08 36.93 24.56
CA THR B 221 -13.55 38.25 24.93
C THR B 221 -14.57 38.17 26.08
N ASP B 222 -15.64 37.42 25.82
CA ASP B 222 -16.66 37.26 26.84
C ASP B 222 -16.05 36.78 28.15
N ALA B 223 -15.06 35.90 28.11
CA ALA B 223 -14.49 35.39 29.36
C ALA B 223 -13.41 36.33 29.87
N ASP B 224 -13.27 37.47 29.22
CA ASP B 224 -12.21 38.41 29.61
C ASP B 224 -10.82 37.77 29.61
N ALA B 225 -10.50 37.08 28.52
CA ALA B 225 -9.20 36.42 28.39
C ALA B 225 -8.38 37.11 27.29
N MET B 226 -9.08 37.63 26.29
CA MET B 226 -8.40 38.29 25.19
C MET B 226 -7.38 39.31 25.63
N LYS B 227 -7.63 40.00 26.74
CA LYS B 227 -6.69 40.99 27.23
C LYS B 227 -5.32 40.40 27.56
N TYR B 228 -5.18 39.08 27.80
CA TYR B 228 -3.89 38.49 28.04
C TYR B 228 -3.53 37.43 26.99
N THR B 229 -4.04 37.63 25.77
CA THR B 229 -3.90 36.64 24.73
C THR B 229 -3.64 37.22 23.37
N ILE B 230 -2.63 36.67 22.68
CA ILE B 230 -2.46 37.10 21.27
C ILE B 230 -3.08 35.97 20.41
N VAL B 231 -3.52 36.26 19.22
CA VAL B 231 -4.07 35.34 18.28
C VAL B 231 -3.42 35.48 16.92
N VAL B 232 -2.69 34.42 16.48
CA VAL B 232 -2.08 34.48 15.14
C VAL B 232 -2.91 33.62 14.18
N SER B 233 -3.52 34.18 13.17
CA SER B 233 -4.41 33.47 12.29
C SER B 233 -3.90 33.31 10.88
N ALA B 234 -3.79 32.07 10.44
CA ALA B 234 -3.44 31.71 9.06
C ALA B 234 -4.43 30.60 8.70
N THR B 235 -5.59 31.05 8.26
CA THR B 235 -6.69 30.11 8.00
C THR B 235 -6.73 29.51 6.62
N ALA B 236 -7.65 28.57 6.44
CA ALA B 236 -7.80 27.80 5.22
C ALA B 236 -7.66 28.52 3.90
N SER B 237 -8.10 29.76 3.81
CA SER B 237 -8.01 30.53 2.57
C SER B 237 -6.62 31.14 2.46
N ASP B 238 -5.83 31.16 3.52
CA ASP B 238 -4.50 31.77 3.39
C ASP B 238 -3.52 30.89 2.61
N ALA B 239 -2.60 31.52 1.89
CA ALA B 239 -1.61 30.75 1.13
C ALA B 239 -0.81 29.82 2.01
N ALA B 240 -0.34 28.71 1.45
CA ALA B 240 0.39 27.73 2.28
C ALA B 240 1.52 28.30 3.11
N PRO B 241 2.33 29.15 2.53
CA PRO B 241 3.48 29.82 3.17
C PRO B 241 3.09 30.62 4.39
N LEU B 242 1.89 31.24 4.43
CA LEU B 242 1.45 31.77 5.71
C LEU B 242 1.15 30.69 6.74
N GLN B 243 0.49 29.57 6.37
CA GLN B 243 0.11 28.61 7.45
C GLN B 243 1.38 27.98 7.96
N TYR B 244 2.36 27.92 7.01
CA TYR B 244 3.65 27.38 7.44
C TYR B 244 4.39 28.31 8.37
N LEU B 245 4.49 29.61 8.08
CA LEU B 245 5.14 30.59 8.95
C LEU B 245 4.45 30.74 10.31
N ALA B 246 3.11 30.68 10.39
CA ALA B 246 2.39 31.05 11.55
C ALA B 246 2.96 30.60 12.87
N PRO B 247 3.06 29.29 13.04
CA PRO B 247 3.56 28.75 14.30
C PRO B 247 4.86 29.45 14.69
N TYR B 248 5.83 29.59 13.77
CA TYR B 248 7.09 30.20 14.05
C TYR B 248 6.98 31.67 14.48
N SER B 249 6.20 32.45 13.74
CA SER B 249 5.89 33.81 14.11
C SER B 249 5.29 33.85 15.51
N GLY B 250 4.26 33.10 15.80
CA GLY B 250 3.64 33.07 17.11
C GLY B 250 4.62 32.66 18.17
N CYS B 251 5.51 31.70 17.89
CA CYS B 251 6.43 31.27 18.98
C CYS B 251 7.43 32.39 19.32
N SER B 252 7.82 33.21 18.35
CA SER B 252 8.73 34.30 18.62
C SER B 252 8.07 35.30 19.59
N MET B 253 6.79 35.62 19.38
CA MET B 253 6.02 36.43 20.28
C MET B 253 6.02 35.83 21.68
N GLY B 254 6.13 34.49 21.78
CA GLY B 254 6.14 33.83 23.07
C GLY B 254 7.52 33.94 23.70
N GLU B 255 8.53 34.04 22.85
CA GLU B 255 9.91 34.02 23.39
C GLU B 255 10.20 35.33 24.13
N TYR B 256 9.55 36.41 23.71
CA TYR B 256 9.71 37.69 24.40
C TYR B 256 9.42 37.50 25.88
N PHE B 257 8.26 36.91 26.20
CA PHE B 257 7.91 36.58 27.56
C PHE B 257 8.92 35.72 28.28
N ARG B 258 9.29 34.58 27.68
CA ARG B 258 10.21 33.58 28.13
C ARG B 258 11.60 34.09 28.50
N ASP B 259 12.16 34.91 27.62
CA ASP B 259 13.47 35.48 27.85
C ASP B 259 13.46 36.73 28.71
N ASN B 260 12.32 37.32 29.04
CA ASN B 260 12.26 38.49 29.89
C ASN B 260 11.66 38.19 31.24
N GLY B 261 11.90 37.02 31.83
CA GLY B 261 11.37 36.72 33.17
C GLY B 261 9.89 36.48 33.23
N LYS B 262 9.17 36.51 32.10
CA LYS B 262 7.72 36.26 32.16
C LYS B 262 7.35 34.87 31.65
N HIS B 263 6.13 34.40 31.84
CA HIS B 263 5.68 33.08 31.45
C HIS B 263 4.64 33.08 30.35
N ALA B 264 4.91 32.40 29.21
CA ALA B 264 3.90 32.36 28.15
C ALA B 264 3.53 30.89 27.84
N LEU B 265 2.36 30.71 27.25
CA LEU B 265 1.79 29.47 26.81
C LEU B 265 1.34 29.70 25.36
N ILE B 266 1.83 28.89 24.47
CA ILE B 266 1.44 28.91 23.06
C ILE B 266 0.73 27.59 22.73
N ILE B 267 -0.27 27.74 21.86
CA ILE B 267 -1.11 26.64 21.43
C ILE B 267 -1.05 26.52 19.92
N TYR B 268 -0.56 25.38 19.42
CA TYR B 268 -0.41 25.29 17.95
C TYR B 268 -1.54 24.40 17.43
N ASP B 269 -2.56 25.01 16.84
CA ASP B 269 -3.78 24.36 16.41
C ASP B 269 -4.06 24.46 14.92
N ASP B 270 -3.73 23.45 14.10
CA ASP B 270 -3.03 22.27 14.64
C ASP B 270 -1.73 22.11 13.84
N LEU B 271 -0.76 21.33 14.27
CA LEU B 271 0.46 21.08 13.52
C LEU B 271 0.27 20.18 12.31
N SER B 272 -0.73 19.30 12.34
CA SER B 272 -1.10 18.49 11.19
C SER B 272 -1.35 19.38 9.96
N LYS B 273 -2.23 20.40 10.16
CA LYS B 273 -2.51 21.28 9.01
C LYS B 273 -1.31 22.06 8.53
N GLN B 274 -0.40 22.41 9.47
CA GLN B 274 0.84 23.04 9.06
C GLN B 274 1.68 22.08 8.18
N ALA B 275 1.84 20.86 8.69
CA ALA B 275 2.56 19.81 7.97
C ALA B 275 2.01 19.60 6.57
N VAL B 276 0.71 19.75 6.34
CA VAL B 276 0.20 19.63 4.96
C VAL B 276 0.55 20.84 4.14
N ALA B 277 0.42 22.06 4.71
CA ALA B 277 0.90 23.25 3.93
C ALA B 277 2.38 23.12 3.55
N TYR B 278 3.20 22.61 4.45
CA TYR B 278 4.65 22.51 4.12
C TYR B 278 4.87 21.48 3.03
N ARG B 279 4.02 20.41 3.06
CA ARG B 279 4.05 19.38 2.02
C ARG B 279 3.61 19.99 0.70
N GLN B 280 2.66 20.93 0.74
CA GLN B 280 2.28 21.58 -0.54
C GLN B 280 3.44 22.39 -1.09
N MET B 281 4.21 23.04 -0.21
CA MET B 281 5.37 23.80 -0.65
C MET B 281 6.46 22.88 -1.22
N SER B 282 6.79 21.82 -0.49
CA SER B 282 7.82 20.87 -0.86
C SER B 282 7.58 20.14 -2.17
N LEU B 283 6.39 19.57 -2.39
CA LEU B 283 6.07 18.97 -3.66
C LEU B 283 6.08 19.99 -4.77
N LEU B 284 5.58 21.22 -4.51
CA LEU B 284 5.70 22.24 -5.60
C LEU B 284 7.16 22.58 -5.83
N LEU B 285 8.09 22.50 -4.89
CA LEU B 285 9.48 22.72 -5.19
C LEU B 285 10.11 21.43 -5.80
N ARG B 286 9.34 20.35 -5.80
CA ARG B 286 9.83 19.09 -6.31
C ARG B 286 10.82 18.43 -5.38
N ARG B 287 10.60 18.59 -4.09
CA ARG B 287 11.44 17.86 -3.12
C ARG B 287 10.89 16.43 -3.13
N PRO B 288 11.74 15.43 -3.05
CA PRO B 288 11.40 14.03 -3.04
C PRO B 288 10.47 13.60 -1.92
N PRO B 289 9.34 13.06 -2.27
CA PRO B 289 8.34 12.56 -1.37
C PRO B 289 8.75 11.25 -0.70
N GLY B 290 8.33 11.05 0.54
CA GLY B 290 8.59 9.79 1.23
C GLY B 290 7.29 9.38 1.89
N ARG B 291 7.32 8.91 3.12
CA ARG B 291 6.11 8.53 3.83
C ARG B 291 5.00 9.58 3.69
N GLU B 292 3.86 9.02 3.29
CA GLU B 292 2.67 9.78 3.07
C GLU B 292 2.96 10.99 2.19
N ALA B 293 3.93 10.83 1.31
CA ALA B 293 4.34 11.90 0.42
C ALA B 293 4.88 13.12 1.18
N TYR B 294 5.28 13.01 2.44
CA TYR B 294 5.90 14.12 3.14
C TYR B 294 7.41 14.16 2.87
N PRO B 295 7.99 15.34 2.94
CA PRO B 295 9.41 15.58 2.70
C PRO B 295 10.18 15.04 3.90
N GLY B 296 11.47 14.83 3.70
CA GLY B 296 12.31 14.29 4.74
C GLY B 296 12.49 15.23 5.92
N ASP B 297 12.23 16.52 5.74
CA ASP B 297 12.46 17.46 6.85
C ASP B 297 11.22 17.78 7.66
N VAL B 298 10.10 17.12 7.44
CA VAL B 298 8.93 17.38 8.23
C VAL B 298 9.23 17.16 9.72
N PHE B 299 10.22 16.34 10.05
CA PHE B 299 10.50 16.13 11.47
C PHE B 299 11.14 17.42 12.00
N TYR B 300 11.98 18.03 11.20
CA TYR B 300 12.77 19.17 11.67
C TYR B 300 11.82 20.37 11.80
N LEU B 301 10.83 20.31 10.90
CA LEU B 301 9.83 21.38 10.81
C LEU B 301 9.20 21.61 12.17
N HIS B 302 8.91 20.52 12.88
CA HIS B 302 8.27 20.61 14.17
C HIS B 302 9.29 20.62 15.31
N SER B 303 10.46 19.99 15.09
CA SER B 303 11.41 19.87 16.18
C SER B 303 12.04 21.23 16.54
N ARG B 304 12.56 21.92 15.54
CA ARG B 304 13.13 23.23 15.76
C ARG B 304 12.09 24.19 16.37
N LEU B 305 10.82 23.95 16.08
CA LEU B 305 9.73 24.74 16.59
C LEU B 305 9.50 24.44 18.07
N LEU B 306 9.36 23.19 18.44
CA LEU B 306 8.98 22.82 19.79
C LEU B 306 10.11 22.86 20.76
N GLU B 307 11.33 22.84 20.32
CA GLU B 307 12.52 22.92 21.18
C GLU B 307 12.58 24.33 21.80
N ARG B 308 11.95 25.30 21.14
CA ARG B 308 11.89 26.69 21.53
C ARG B 308 11.00 26.91 22.75
N ALA B 309 10.17 25.90 23.10
CA ALA B 309 9.37 26.03 24.32
C ALA B 309 10.24 25.46 25.42
N ALA B 310 10.53 26.22 26.45
CA ALA B 310 11.46 25.72 27.47
C ALA B 310 11.28 26.44 28.79
N LYS B 311 11.97 26.01 29.81
CA LYS B 311 12.05 26.58 31.11
C LYS B 311 13.49 27.06 31.39
N MET B 312 13.56 28.40 31.52
CA MET B 312 14.85 29.05 31.83
C MET B 312 15.18 29.01 33.31
N ASN B 313 16.49 28.87 33.65
CA ASN B 313 16.76 28.88 35.10
C ASN B 313 16.89 30.33 35.60
N ASP B 314 17.12 30.53 36.88
CA ASP B 314 17.15 31.91 37.41
C ASP B 314 18.20 32.80 36.76
N ALA B 315 19.36 32.31 36.32
CA ALA B 315 20.35 33.21 35.72
C ALA B 315 19.92 33.74 34.38
N PHE B 316 18.85 33.24 33.78
CA PHE B 316 18.46 33.72 32.44
C PHE B 316 17.08 34.37 32.56
N GLY B 317 16.70 34.58 33.83
CA GLY B 317 15.51 35.28 34.14
C GLY B 317 14.38 34.44 34.69
N GLY B 318 14.50 33.11 34.66
CA GLY B 318 13.44 32.27 35.23
C GLY B 318 12.17 32.21 34.44
N GLY B 319 12.11 32.84 33.25
CA GLY B 319 10.88 32.75 32.47
C GLY B 319 10.69 31.34 31.90
N SER B 320 9.55 31.17 31.19
CA SER B 320 9.27 29.93 30.49
C SER B 320 8.18 30.18 29.42
N LEU B 321 8.17 29.24 28.51
CA LEU B 321 7.22 29.16 27.42
C LEU B 321 6.72 27.70 27.39
N THR B 322 5.43 27.52 27.58
CA THR B 322 4.82 26.20 27.54
C THR B 322 4.13 25.99 26.22
N ALA B 323 4.29 24.78 25.61
CA ALA B 323 3.59 24.60 24.33
C ALA B 323 2.61 23.44 24.37
N LEU B 324 1.46 23.61 23.74
CA LEU B 324 0.42 22.61 23.58
C LEU B 324 0.07 22.53 22.10
N PRO B 325 0.91 21.82 21.39
CA PRO B 325 0.72 21.54 19.96
C PRO B 325 -0.47 20.56 19.86
N VAL B 326 -1.16 20.57 18.75
CA VAL B 326 -2.34 19.78 18.55
C VAL B 326 -2.12 19.06 17.22
N ILE B 327 -2.45 17.78 17.25
CA ILE B 327 -2.37 16.86 16.15
C ILE B 327 -3.67 16.12 15.99
N GLU B 328 -4.17 16.07 14.78
CA GLU B 328 -5.36 15.32 14.42
C GLU B 328 -4.95 13.96 13.86
N THR B 329 -5.44 12.88 14.45
CA THR B 329 -5.14 11.55 13.88
C THR B 329 -6.27 11.15 12.94
N GLN B 330 -6.06 10.13 12.12
CA GLN B 330 -7.14 9.50 11.33
C GLN B 330 -7.43 8.12 11.98
N ALA B 331 -8.64 7.93 12.42
CA ALA B 331 -9.20 6.79 13.10
C ALA B 331 -8.28 6.31 14.21
N GLY B 332 -7.96 7.16 15.17
CA GLY B 332 -7.09 6.83 16.27
C GLY B 332 -5.75 6.27 15.78
N ASP B 333 -5.28 6.54 14.56
CA ASP B 333 -3.99 5.97 14.18
C ASP B 333 -2.83 6.81 14.73
N VAL B 334 -2.48 6.59 16.00
CA VAL B 334 -1.35 7.29 16.55
C VAL B 334 -0.02 6.70 16.12
N SER B 335 0.06 5.79 15.17
CA SER B 335 1.35 5.21 14.77
C SER B 335 1.77 5.77 13.42
N ALA B 336 0.93 6.63 12.90
CA ALA B 336 1.28 7.32 11.64
C ALA B 336 2.53 8.19 11.77
N TYR B 337 3.00 8.73 10.65
CA TYR B 337 4.24 9.44 10.53
C TYR B 337 4.28 10.71 11.40
N ILE B 338 3.29 11.55 11.16
CA ILE B 338 3.23 12.83 11.84
C ILE B 338 3.00 12.73 13.32
N PRO B 339 2.02 11.97 13.74
CA PRO B 339 1.74 11.73 15.15
C PRO B 339 2.97 11.22 15.86
N THR B 340 3.73 10.30 15.25
CA THR B 340 4.83 9.69 16.02
C THR B 340 5.96 10.70 16.09
N ASN B 341 6.03 11.46 15.00
CA ASN B 341 7.00 12.54 14.94
C ASN B 341 6.79 13.47 16.15
N VAL B 342 5.56 14.00 16.27
CA VAL B 342 5.38 14.97 17.38
C VAL B 342 5.52 14.28 18.70
N ILE B 343 5.16 12.98 18.77
CA ILE B 343 5.32 12.25 20.03
C ILE B 343 6.79 12.16 20.37
N SER B 344 7.63 12.14 19.35
CA SER B 344 9.06 11.95 19.66
C SER B 344 9.71 13.27 20.04
N ILE B 345 8.99 14.37 19.89
CA ILE B 345 9.51 15.70 20.26
C ILE B 345 9.02 16.14 21.62
N THR B 346 7.71 16.11 21.88
CA THR B 346 7.08 16.59 23.09
C THR B 346 7.37 15.79 24.34
N ASP B 347 6.84 16.22 25.48
CA ASP B 347 7.08 15.61 26.78
C ASP B 347 5.87 14.81 27.29
N GLY B 348 5.07 14.31 26.33
CA GLY B 348 3.94 13.43 26.79
C GLY B 348 2.77 13.77 25.91
N GLN B 349 1.59 13.29 26.18
CA GLN B 349 0.46 13.57 25.31
C GLN B 349 -0.83 13.38 26.15
N ILE B 350 -1.90 13.99 25.71
CA ILE B 350 -3.22 13.75 26.29
C ILE B 350 -4.05 13.16 25.13
N PHE B 351 -4.43 11.89 25.23
CA PHE B 351 -5.18 11.30 24.15
C PHE B 351 -6.69 11.52 24.27
N LEU B 352 -7.34 11.96 23.23
CA LEU B 352 -8.79 12.05 23.24
C LEU B 352 -9.34 10.93 22.34
N GLU B 353 -10.15 10.04 22.87
CA GLU B 353 -10.70 8.91 22.11
C GLU B 353 -12.06 9.26 21.50
N THR B 354 -12.23 8.87 20.24
CA THR B 354 -13.49 9.10 19.55
C THR B 354 -14.62 8.33 20.24
N GLU B 355 -14.25 7.19 20.81
CA GLU B 355 -15.19 6.35 21.52
C GLU B 355 -15.73 7.03 22.77
N LEU B 356 -14.87 7.40 23.70
CA LEU B 356 -15.31 8.14 24.88
C LEU B 356 -16.14 9.37 24.52
N PHE B 357 -15.69 10.16 23.55
CA PHE B 357 -16.49 11.36 23.22
C PHE B 357 -17.92 10.93 22.89
N TYR B 358 -18.10 10.21 21.80
CA TYR B 358 -19.39 9.81 21.30
C TYR B 358 -20.26 9.11 22.31
N LYS B 359 -19.67 8.50 23.32
CA LYS B 359 -20.37 7.87 24.43
C LYS B 359 -20.76 8.91 25.48
N GLY B 360 -20.53 10.19 25.19
CA GLY B 360 -20.77 11.27 26.11
C GLY B 360 -19.73 11.55 27.17
N ILE B 361 -18.59 10.86 27.25
CA ILE B 361 -17.57 11.20 28.25
C ILE B 361 -16.75 12.43 27.83
N ARG B 362 -16.96 13.55 28.48
CA ARG B 362 -16.31 14.81 28.17
C ARG B 362 -15.71 15.46 29.41
N PRO B 363 -14.47 15.85 29.36
CA PRO B 363 -13.57 15.68 28.24
C PRO B 363 -13.22 14.20 28.04
N ALA B 364 -13.16 13.77 26.80
CA ALA B 364 -12.92 12.37 26.46
C ALA B 364 -11.46 11.95 26.52
N ILE B 365 -10.84 12.05 27.68
CA ILE B 365 -9.42 11.73 27.80
C ILE B 365 -9.23 10.25 28.07
N ASN B 366 -8.27 9.64 27.42
CA ASN B 366 -7.93 8.23 27.68
C ASN B 366 -6.80 8.24 28.69
N VAL B 367 -7.16 8.41 29.94
CA VAL B 367 -6.21 8.40 31.06
C VAL B 367 -5.11 7.38 30.88
N GLY B 368 -5.39 6.16 30.48
CA GLY B 368 -4.37 5.14 30.35
C GLY B 368 -3.34 5.41 29.31
N LEU B 369 -3.65 6.07 28.20
CA LEU B 369 -2.64 6.28 27.16
C LEU B 369 -2.02 7.67 27.22
N SER B 370 -2.68 8.59 27.93
CA SER B 370 -2.13 9.93 28.08
C SER B 370 -0.88 9.87 28.96
N VAL B 371 0.18 10.63 28.70
CA VAL B 371 1.30 10.66 29.60
C VAL B 371 1.79 12.13 29.77
N SER B 372 2.63 12.30 30.79
CA SER B 372 3.33 13.51 31.10
C SER B 372 4.72 13.19 31.66
N ARG B 373 5.73 13.36 30.83
CA ARG B 373 7.08 12.92 31.19
C ARG B 373 7.69 13.75 32.30
N VAL B 374 7.38 15.03 32.38
CA VAL B 374 7.97 15.95 33.35
C VAL B 374 6.92 16.85 33.96
N GLY B 375 5.92 16.30 34.64
CA GLY B 375 4.83 17.22 35.08
C GLY B 375 4.61 17.02 36.56
N SER B 376 4.87 15.79 37.00
CA SER B 376 4.74 15.48 38.41
C SER B 376 5.45 16.55 39.24
N ALA B 377 6.74 16.69 39.03
CA ALA B 377 7.50 17.70 39.80
C ALA B 377 6.78 19.03 39.85
N ALA B 378 6.11 19.45 38.79
CA ALA B 378 5.36 20.68 38.75
C ALA B 378 3.93 20.56 39.27
N GLN B 379 3.49 19.38 39.69
CA GLN B 379 2.12 19.27 40.22
C GLN B 379 2.10 19.75 41.66
N THR B 380 1.02 20.40 42.06
CA THR B 380 0.84 20.92 43.42
C THR B 380 0.76 19.83 44.48
N ARG B 381 1.39 20.03 45.62
CA ARG B 381 1.35 19.07 46.72
C ARG B 381 -0.07 18.70 47.13
N ALA B 382 -0.98 19.68 47.03
CA ALA B 382 -2.38 19.41 47.34
C ALA B 382 -2.91 18.25 46.48
N MET B 383 -2.68 18.31 45.18
CA MET B 383 -3.00 17.29 44.22
C MET B 383 -2.17 16.01 44.43
N LYS B 384 -0.86 16.13 44.55
CA LYS B 384 -0.06 14.94 44.84
C LYS B 384 -0.79 14.08 45.88
N GLN B 385 -1.45 14.74 46.84
CA GLN B 385 -2.09 14.06 47.95
C GLN B 385 -3.33 13.26 47.60
N VAL B 386 -4.26 13.90 46.90
CA VAL B 386 -5.48 13.19 46.50
C VAL B 386 -5.33 12.57 45.13
N ALA B 387 -4.97 13.34 44.11
CA ALA B 387 -4.80 12.82 42.75
C ALA B 387 -3.85 11.63 42.71
N GLY B 388 -2.80 11.68 43.53
CA GLY B 388 -1.83 10.58 43.55
C GLY B 388 -2.56 9.24 43.64
N THR B 389 -3.35 9.07 44.70
CA THR B 389 -4.16 7.88 44.91
C THR B 389 -5.28 7.67 43.90
N MET B 390 -5.79 8.71 43.26
CA MET B 390 -6.81 8.57 42.24
C MET B 390 -6.29 7.84 41.01
N LYS B 391 -5.03 8.14 40.63
CA LYS B 391 -4.44 7.45 39.48
C LYS B 391 -4.33 5.97 39.86
N LEU B 392 -3.83 5.73 41.06
CA LEU B 392 -3.60 4.34 41.47
C LEU B 392 -4.89 3.54 41.53
N GLU B 393 -5.93 4.09 42.13
CA GLU B 393 -7.24 3.46 42.23
C GLU B 393 -7.81 3.17 40.85
N LEU B 394 -7.69 4.14 39.93
CA LEU B 394 -8.21 3.98 38.58
C LEU B 394 -7.37 2.94 37.80
N ALA B 395 -6.23 2.60 38.36
CA ALA B 395 -5.36 1.61 37.76
C ALA B 395 -5.91 0.21 38.06
N GLN B 396 -6.18 -0.01 39.35
CA GLN B 396 -6.82 -1.23 39.81
C GLN B 396 -8.11 -1.43 39.00
N TYR B 397 -9.00 -0.45 39.07
CA TYR B 397 -10.27 -0.50 38.36
C TYR B 397 -10.09 -0.94 36.90
N ARG B 398 -9.31 -0.16 36.17
CA ARG B 398 -9.04 -0.41 34.77
C ARG B 398 -8.62 -1.85 34.53
N GLU B 399 -7.95 -2.49 35.49
CA GLU B 399 -7.48 -3.86 35.29
C GLU B 399 -8.62 -4.87 35.42
N VAL B 400 -9.64 -4.52 36.19
CA VAL B 400 -10.78 -5.35 36.46
C VAL B 400 -11.94 -5.18 35.50
N ALA B 401 -12.37 -3.93 35.25
CA ALA B 401 -13.51 -3.73 34.34
C ALA B 401 -13.23 -4.42 33.01
N LEU B 410 -18.67 -10.69 40.75
CA LEU B 410 -18.73 -11.10 42.16
C LEU B 410 -17.37 -10.89 42.83
N ASP B 411 -17.29 -11.33 44.08
CA ASP B 411 -16.12 -11.20 44.91
C ASP B 411 -15.99 -9.79 45.49
N ALA B 412 -16.22 -9.70 46.79
CA ALA B 412 -16.16 -8.50 47.57
C ALA B 412 -14.96 -7.61 47.25
N ALA B 413 -13.79 -8.24 47.26
CA ALA B 413 -12.54 -7.55 46.96
C ALA B 413 -12.69 -6.76 45.67
N THR B 414 -12.77 -7.45 44.54
CA THR B 414 -12.90 -6.80 43.24
C THR B 414 -14.12 -5.91 43.17
N GLN B 415 -15.18 -6.28 43.88
CA GLN B 415 -16.37 -5.43 43.90
C GLN B 415 -15.96 -4.03 44.32
N GLN B 416 -15.31 -3.93 45.47
CA GLN B 416 -14.93 -2.61 45.99
C GLN B 416 -14.24 -1.76 44.95
N LEU B 417 -13.34 -2.36 44.18
CA LEU B 417 -12.57 -1.63 43.17
C LEU B 417 -13.44 -1.15 42.02
N LEU B 418 -14.41 -1.94 41.62
CA LEU B 418 -15.35 -1.58 40.58
C LEU B 418 -16.26 -0.43 40.99
N SER B 419 -16.67 -0.42 42.26
CA SER B 419 -17.52 0.65 42.78
C SER B 419 -16.76 1.98 42.71
N ARG B 420 -15.56 2.04 43.26
CA ARG B 420 -14.77 3.26 43.22
C ARG B 420 -14.53 3.75 41.79
N GLY B 421 -14.11 2.84 40.93
CA GLY B 421 -13.81 3.08 39.55
C GLY B 421 -14.79 4.00 38.83
N VAL B 422 -16.02 3.54 38.71
CA VAL B 422 -17.11 4.24 38.09
C VAL B 422 -17.33 5.62 38.70
N ARG B 423 -17.12 5.74 40.02
CA ARG B 423 -17.29 7.02 40.70
C ARG B 423 -16.18 8.00 40.29
N LEU B 424 -14.93 7.67 40.64
CA LEU B 424 -13.82 8.52 40.22
C LEU B 424 -13.97 8.87 38.74
N THR B 425 -14.43 7.92 37.92
CA THR B 425 -14.62 8.25 36.50
C THR B 425 -15.66 9.36 36.37
N GLU B 426 -16.67 9.38 37.24
CA GLU B 426 -17.69 10.42 37.13
C GLU B 426 -17.09 11.77 37.51
N LEU B 427 -16.21 11.78 38.50
CA LEU B 427 -15.59 13.03 38.93
C LEU B 427 -14.69 13.67 37.90
N LEU B 428 -14.09 12.91 36.99
CA LEU B 428 -13.26 13.49 35.94
C LEU B 428 -14.16 14.12 34.87
N LYS B 429 -15.45 13.83 34.95
CA LYS B 429 -16.33 14.43 33.90
C LYS B 429 -16.36 15.93 34.18
N GLN B 430 -16.29 16.77 33.17
CA GLN B 430 -16.32 18.21 33.44
C GLN B 430 -16.92 18.93 32.26
N GLY B 431 -17.64 20.03 32.51
CA GLY B 431 -18.31 20.77 31.45
C GLY B 431 -17.31 21.72 30.80
N GLN B 432 -17.82 22.51 29.89
CA GLN B 432 -17.01 23.42 29.08
C GLN B 432 -17.08 24.85 29.59
N TYR B 433 -15.99 25.58 29.37
CA TYR B 433 -15.91 27.00 29.69
C TYR B 433 -15.93 27.27 31.18
N SER B 434 -15.64 26.28 32.02
CA SER B 434 -15.65 26.62 33.46
C SER B 434 -14.48 25.96 34.17
N PRO B 435 -13.29 26.44 33.88
CA PRO B 435 -12.08 25.90 34.45
C PRO B 435 -12.13 26.02 35.97
N MET B 436 -11.79 25.01 36.71
CA MET B 436 -11.84 24.98 38.15
C MET B 436 -10.52 25.38 38.78
N ALA B 437 -10.65 26.08 39.93
CA ALA B 437 -9.43 26.49 40.63
C ALA B 437 -8.83 25.22 41.25
N ILE B 438 -7.55 25.30 41.55
CA ILE B 438 -6.88 24.11 42.05
C ILE B 438 -7.42 23.68 43.37
N GLU B 439 -7.79 24.60 44.25
CA GLU B 439 -8.37 24.21 45.55
C GLU B 439 -9.69 23.48 45.38
N GLU B 440 -10.53 23.91 44.45
CA GLU B 440 -11.81 23.19 44.31
C GLU B 440 -11.56 21.80 43.73
N GLN B 441 -10.68 21.61 42.74
CA GLN B 441 -10.43 20.28 42.20
C GLN B 441 -10.05 19.32 43.32
N VAL B 442 -9.13 19.73 44.20
CA VAL B 442 -8.68 18.77 45.21
C VAL B 442 -9.86 18.42 46.11
N ALA B 443 -10.71 19.42 46.35
CA ALA B 443 -11.90 19.20 47.20
C ALA B 443 -12.76 18.06 46.68
N VAL B 444 -13.27 18.26 45.47
CA VAL B 444 -14.11 17.25 44.83
C VAL B 444 -13.39 15.92 44.72
N ILE B 445 -12.13 15.89 44.25
CA ILE B 445 -11.41 14.63 44.16
C ILE B 445 -11.37 13.99 45.54
N TYR B 446 -11.02 14.75 46.56
CA TYR B 446 -10.92 14.21 47.93
C TYR B 446 -12.11 13.35 48.32
N ALA B 447 -13.29 13.91 48.08
CA ALA B 447 -14.55 13.23 48.33
C ALA B 447 -14.50 11.77 47.86
N GLY B 448 -14.36 11.54 46.57
CA GLY B 448 -14.30 10.21 45.99
C GLY B 448 -13.14 9.35 46.42
N VAL B 449 -11.95 9.94 46.57
CA VAL B 449 -10.80 9.12 46.92
C VAL B 449 -10.91 8.58 48.34
N ARG B 450 -11.45 9.39 49.23
CA ARG B 450 -11.59 8.98 50.64
C ARG B 450 -12.77 8.02 50.78
N GLY B 451 -13.78 8.17 49.93
CA GLY B 451 -14.92 7.28 49.94
C GLY B 451 -16.27 7.93 50.15
N TYR B 452 -16.31 9.23 50.38
CA TYR B 452 -17.59 9.88 50.62
C TYR B 452 -18.52 9.74 49.43
N LEU B 453 -18.23 8.84 48.49
CA LEU B 453 -19.16 8.65 47.37
C LEU B 453 -19.42 7.15 47.14
N ASP B 454 -18.77 6.31 47.92
CA ASP B 454 -18.88 4.86 47.78
C ASP B 454 -20.31 4.36 47.89
N LYS B 455 -21.08 4.90 48.81
CA LYS B 455 -22.47 4.48 49.01
C LYS B 455 -23.37 5.16 47.99
N LEU B 456 -23.00 6.34 47.54
CA LEU B 456 -23.78 7.11 46.57
C LEU B 456 -23.82 6.38 45.24
N GLU B 457 -24.94 6.47 44.53
CA GLU B 457 -25.08 5.82 43.23
C GLU B 457 -24.53 6.68 42.11
N PRO B 458 -23.89 6.07 41.13
CA PRO B 458 -23.24 6.71 40.02
C PRO B 458 -24.01 7.84 39.39
N SER B 459 -25.31 7.71 39.30
CA SER B 459 -26.19 8.71 38.70
C SER B 459 -26.15 10.05 39.43
N LYS B 460 -25.97 9.99 40.75
CA LYS B 460 -25.99 11.18 41.57
C LYS B 460 -24.60 11.73 41.85
N ILE B 461 -23.55 11.13 41.28
CA ILE B 461 -22.19 11.58 41.55
C ILE B 461 -21.99 12.97 40.97
N THR B 462 -22.55 13.19 39.79
CA THR B 462 -22.41 14.53 39.18
C THR B 462 -23.18 15.57 39.97
N LYS B 463 -24.44 15.26 40.28
CA LYS B 463 -25.31 16.11 41.07
C LYS B 463 -24.64 16.47 42.40
N PHE B 464 -24.05 15.48 43.05
CA PHE B 464 -23.37 15.71 44.32
C PHE B 464 -22.22 16.69 44.17
N GLU B 465 -21.42 16.43 43.14
CA GLU B 465 -20.24 17.25 42.89
C GLU B 465 -20.60 18.72 42.83
N ASN B 466 -21.48 19.07 41.91
CA ASN B 466 -21.92 20.43 41.72
C ASN B 466 -22.50 21.06 42.97
N ALA B 467 -23.27 20.28 43.73
CA ALA B 467 -23.89 20.77 44.94
C ALA B 467 -22.85 20.97 46.04
N PHE B 468 -21.97 20.01 46.17
CA PHE B 468 -20.91 20.04 47.17
C PHE B 468 -19.89 21.13 46.87
N LEU B 469 -19.68 21.41 45.58
CA LEU B 469 -18.73 22.43 45.18
C LEU B 469 -19.23 23.80 45.61
N SER B 470 -20.45 24.13 45.19
CA SER B 470 -21.04 25.41 45.60
C SER B 470 -21.14 25.52 47.11
N HIS B 471 -21.36 24.41 47.79
CA HIS B 471 -21.43 24.40 49.25
C HIS B 471 -20.13 24.91 49.87
N VAL B 472 -19.07 24.12 49.72
CA VAL B 472 -17.76 24.43 50.24
C VAL B 472 -17.28 25.83 49.84
N ILE B 473 -17.44 26.18 48.57
CA ILE B 473 -17.00 27.51 48.11
C ILE B 473 -17.60 28.57 49.04
N SER B 474 -18.91 28.64 49.03
CA SER B 474 -19.70 29.57 49.79
C SER B 474 -19.52 29.49 51.29
N GLN B 475 -19.88 28.34 51.85
CA GLN B 475 -19.85 28.15 53.29
C GLN B 475 -18.49 27.79 53.84
N HIS B 476 -17.44 27.69 53.03
CA HIS B 476 -16.13 27.31 53.54
C HIS B 476 -14.94 27.93 52.83
N GLN B 477 -15.00 29.20 52.51
CA GLN B 477 -13.86 29.90 51.92
C GLN B 477 -12.58 29.68 52.72
N ALA B 478 -12.63 29.72 54.05
CA ALA B 478 -11.44 29.56 54.87
C ALA B 478 -10.62 28.35 54.45
N LEU B 479 -11.21 27.18 54.66
CA LEU B 479 -10.59 25.90 54.35
C LEU B 479 -9.92 25.93 52.97
N LEU B 480 -10.66 26.39 51.97
CA LEU B 480 -10.14 26.50 50.62
C LEU B 480 -8.94 27.42 50.53
N GLY B 481 -9.04 28.58 51.17
CA GLY B 481 -7.99 29.58 51.18
C GLY B 481 -6.71 29.01 51.79
N LYS B 482 -6.86 28.22 52.85
CA LYS B 482 -5.70 27.64 53.53
C LYS B 482 -4.97 26.72 52.57
N ILE B 483 -5.74 25.84 51.94
CA ILE B 483 -5.20 24.91 50.95
C ILE B 483 -4.56 25.65 49.79
N ARG B 484 -5.20 26.70 49.31
CA ARG B 484 -4.64 27.49 48.21
C ARG B 484 -3.30 28.06 48.61
N THR B 485 -3.25 28.70 49.77
CA THR B 485 -2.02 29.32 50.24
C THR B 485 -0.97 28.33 50.65
N ASP B 486 -1.32 27.19 51.22
CA ASP B 486 -0.32 26.19 51.60
C ASP B 486 0.00 25.26 50.44
N GLY B 487 -0.85 25.30 49.41
CA GLY B 487 -0.66 24.44 48.24
C GLY B 487 -0.60 23.00 48.71
N LYS B 488 -0.97 22.82 49.98
CA LYS B 488 -0.99 21.48 50.56
C LYS B 488 -2.28 21.28 51.35
N ILE B 489 -2.65 20.04 51.60
CA ILE B 489 -3.79 19.75 52.47
C ILE B 489 -3.17 19.37 53.82
N SER B 490 -2.88 20.39 54.61
CA SER B 490 -2.25 20.23 55.91
C SER B 490 -3.17 19.50 56.89
N GLU B 491 -2.54 18.78 57.82
CA GLU B 491 -3.28 18.00 58.81
C GLU B 491 -4.46 18.77 59.39
N GLU B 492 -4.26 20.03 59.72
CA GLU B 492 -5.32 20.91 60.22
C GLU B 492 -6.45 21.01 59.20
N SER B 493 -6.07 21.36 57.97
CA SER B 493 -7.04 21.50 56.89
C SER B 493 -7.76 20.18 56.67
N ASP B 494 -6.99 19.10 56.66
CA ASP B 494 -7.56 17.77 56.43
C ASP B 494 -8.73 17.46 57.36
N ALA B 495 -8.46 17.52 58.67
CA ALA B 495 -9.48 17.16 59.66
C ALA B 495 -10.73 18.01 59.44
N LYS B 496 -10.54 19.29 59.14
CA LYS B 496 -11.69 20.15 58.88
C LYS B 496 -12.47 19.66 57.66
N LEU B 497 -11.75 19.52 56.55
CA LEU B 497 -12.35 19.09 55.30
C LEU B 497 -13.20 17.83 55.50
N LYS B 498 -12.67 16.90 56.29
CA LYS B 498 -13.41 15.65 56.53
C LYS B 498 -14.81 16.00 57.03
N GLU B 499 -14.83 16.72 58.14
CA GLU B 499 -16.09 17.16 58.74
C GLU B 499 -16.99 17.79 57.70
N ILE B 500 -16.50 18.80 57.00
CA ILE B 500 -17.27 19.49 55.99
C ILE B 500 -17.98 18.56 55.02
N VAL B 501 -17.28 17.54 54.52
CA VAL B 501 -17.90 16.65 53.54
C VAL B 501 -18.83 15.65 54.20
N THR B 502 -18.43 15.17 55.37
CA THR B 502 -19.23 14.21 56.13
C THR B 502 -20.61 14.77 56.44
N ASN B 503 -20.61 15.94 57.07
CA ASN B 503 -21.86 16.59 57.43
C ASN B 503 -22.66 17.03 56.20
N PHE B 504 -22.02 16.93 55.03
CA PHE B 504 -22.73 17.29 53.80
C PHE B 504 -23.56 16.13 53.27
N LEU B 505 -23.02 14.93 53.35
CA LEU B 505 -23.66 13.71 52.93
C LEU B 505 -25.06 13.51 53.51
N ALA B 506 -25.17 13.72 54.82
CA ALA B 506 -26.44 13.49 55.51
C ALA B 506 -27.51 14.40 54.94
N GLY B 507 -27.11 15.58 54.47
CA GLY B 507 -28.04 16.56 53.97
C GLY B 507 -28.29 16.48 52.48
N PHE B 508 -27.44 15.75 51.79
CA PHE B 508 -27.57 15.61 50.35
C PHE B 508 -28.83 14.83 49.98
N GLU B 509 -29.74 15.51 49.31
CA GLU B 509 -30.98 14.88 48.85
C GLU B 509 -30.68 14.03 47.62
N ALA B 510 -31.03 12.75 47.73
CA ALA B 510 -30.82 11.78 46.66
C ALA B 510 -31.44 12.27 45.35
N ALA C 19 58.64 17.60 -26.12
CA ALA C 19 57.21 17.30 -26.24
C ALA C 19 56.79 16.29 -25.20
N ASP C 20 56.22 16.77 -24.10
CA ASP C 20 55.77 15.75 -23.10
C ASP C 20 54.51 15.12 -23.68
N THR C 21 54.56 13.88 -24.17
CA THR C 21 53.34 13.30 -24.75
C THR C 21 52.73 12.27 -23.81
N SER C 22 53.20 12.26 -22.57
CA SER C 22 52.72 11.26 -21.62
C SER C 22 51.27 11.47 -21.23
N VAL C 23 50.68 12.64 -21.48
CA VAL C 23 49.29 12.88 -21.08
C VAL C 23 48.44 13.21 -22.29
N ASP C 24 48.30 12.26 -23.23
CA ASP C 24 47.40 12.46 -24.36
C ASP C 24 45.97 12.04 -23.91
N LEU C 25 44.99 12.73 -24.45
CA LEU C 25 43.60 12.47 -24.11
C LEU C 25 43.03 11.21 -24.71
N GLU C 26 43.89 10.36 -25.28
CA GLU C 26 43.41 9.10 -25.83
C GLU C 26 43.63 8.00 -24.80
N GLU C 27 44.77 8.05 -24.10
CA GLU C 27 45.11 7.01 -23.14
C GLU C 27 44.95 7.51 -21.71
N THR C 28 44.65 8.81 -21.63
CA THR C 28 44.55 9.39 -20.30
C THR C 28 43.40 10.37 -20.25
N GLY C 29 42.96 10.67 -19.03
CA GLY C 29 41.90 11.65 -18.88
C GLY C 29 42.09 12.60 -17.72
N ARG C 30 41.13 13.50 -17.60
CA ARG C 30 41.13 14.41 -16.45
C ARG C 30 39.77 14.46 -15.79
N VAL C 31 39.78 14.38 -14.46
CA VAL C 31 38.54 14.38 -13.70
C VAL C 31 37.86 15.73 -13.87
N LEU C 32 36.66 15.70 -14.40
CA LEU C 32 35.81 16.83 -14.55
C LEU C 32 35.10 17.15 -13.23
N SER C 33 34.74 16.09 -12.51
CA SER C 33 33.92 16.18 -11.30
C SER C 33 33.96 14.88 -10.51
N ILE C 34 33.84 14.98 -9.20
CA ILE C 34 33.97 13.77 -8.38
C ILE C 34 33.08 13.91 -7.14
N GLY C 35 32.25 12.91 -6.93
CA GLY C 35 31.28 12.97 -5.83
C GLY C 35 30.59 11.61 -5.68
N ASP C 36 30.36 11.22 -4.44
CA ASP C 36 29.75 9.94 -4.09
C ASP C 36 30.32 8.76 -4.86
N GLY C 37 31.63 8.68 -5.06
CA GLY C 37 32.26 7.55 -5.70
C GLY C 37 32.10 7.48 -7.21
N ILE C 38 31.70 8.56 -7.85
CA ILE C 38 31.53 8.64 -9.27
C ILE C 38 32.40 9.80 -9.76
N ALA C 39 33.22 9.51 -10.74
CA ALA C 39 34.03 10.57 -11.34
C ALA C 39 33.60 10.66 -12.80
N ARG C 40 33.40 11.85 -13.28
CA ARG C 40 33.12 12.16 -14.67
C ARG C 40 34.44 12.53 -15.34
N VAL C 41 35.00 11.60 -16.14
CA VAL C 41 36.31 11.81 -16.71
C VAL C 41 36.28 12.32 -18.12
N HIS C 42 37.02 13.41 -18.36
CA HIS C 42 37.19 13.98 -19.69
C HIS C 42 38.42 13.37 -20.36
N GLY C 43 38.33 12.98 -21.59
CA GLY C 43 39.42 12.32 -22.30
C GLY C 43 39.14 10.81 -22.34
N LEU C 44 40.23 10.04 -22.22
CA LEU C 44 40.15 8.59 -22.21
C LEU C 44 39.47 8.10 -23.49
N ARG C 45 39.90 8.67 -24.60
CA ARG C 45 39.27 8.37 -25.88
C ARG C 45 39.32 6.93 -26.26
N ASN C 46 40.30 6.17 -25.79
CA ASN C 46 40.41 4.76 -26.13
C ASN C 46 39.97 3.86 -24.98
N VAL C 47 39.45 4.34 -23.85
CA VAL C 47 38.94 3.41 -22.86
C VAL C 47 37.79 2.56 -23.52
N GLN C 48 37.71 1.36 -23.05
CA GLN C 48 36.72 0.38 -23.38
C GLN C 48 35.68 0.29 -22.26
N ALA C 49 34.47 -0.13 -22.63
CA ALA C 49 33.47 -0.28 -21.56
C ALA C 49 33.98 -1.36 -20.61
N GLU C 50 33.82 -1.15 -19.32
CA GLU C 50 34.15 -2.12 -18.29
C GLU C 50 35.64 -2.30 -18.08
N GLU C 51 36.44 -1.39 -18.59
CA GLU C 51 37.87 -1.37 -18.45
C GLU C 51 38.29 -0.71 -17.12
N MET C 52 39.32 -1.28 -16.54
CA MET C 52 39.87 -0.75 -15.29
C MET C 52 40.80 0.44 -15.51
N VAL C 53 40.61 1.52 -14.78
CA VAL C 53 41.43 2.70 -14.92
C VAL C 53 42.14 3.00 -13.62
N GLU C 54 43.13 3.89 -13.64
CA GLU C 54 43.95 4.12 -12.44
C GLU C 54 44.00 5.61 -12.13
N PHE C 55 43.84 5.93 -10.86
CA PHE C 55 43.79 7.32 -10.42
C PHE C 55 45.15 7.73 -9.84
N SER C 56 45.41 9.04 -9.95
CA SER C 56 46.67 9.61 -9.48
C SER C 56 47.16 8.87 -8.24
N SER C 57 46.28 8.71 -7.28
CA SER C 57 46.48 8.12 -5.99
C SER C 57 46.78 6.64 -5.92
N GLY C 58 46.71 5.86 -6.99
CA GLY C 58 46.93 4.41 -6.82
C GLY C 58 45.56 3.72 -6.79
N LEU C 59 44.53 4.49 -6.51
CA LEU C 59 43.14 4.02 -6.52
C LEU C 59 42.71 3.56 -7.91
N LYS C 60 41.99 2.47 -7.99
CA LYS C 60 41.44 1.96 -9.22
C LYS C 60 39.96 2.27 -9.38
N GLY C 61 39.51 2.24 -10.63
CA GLY C 61 38.14 2.59 -10.95
C GLY C 61 37.67 1.79 -12.17
N MET C 62 36.37 1.75 -12.40
CA MET C 62 35.87 0.95 -13.54
C MET C 62 35.08 1.86 -14.47
N SER C 63 35.40 1.79 -15.72
CA SER C 63 34.83 2.64 -16.76
C SER C 63 33.50 2.06 -17.21
N LEU C 64 32.40 2.53 -16.60
CA LEU C 64 31.08 2.03 -16.89
C LEU C 64 30.25 2.77 -17.91
N ASN C 65 30.28 4.10 -17.85
CA ASN C 65 29.49 4.90 -18.76
C ASN C 65 30.42 5.55 -19.78
N LEU C 66 30.34 5.13 -21.01
CA LEU C 66 31.05 5.84 -22.08
C LEU C 66 30.08 6.84 -22.72
N GLU C 67 30.11 8.09 -22.30
CA GLU C 67 29.28 9.10 -22.98
C GLU C 67 30.10 9.87 -23.97
N PRO C 68 29.51 10.64 -24.87
CA PRO C 68 30.19 11.43 -25.87
C PRO C 68 31.19 12.42 -25.33
N ASP C 69 30.93 13.02 -24.19
CA ASP C 69 31.85 14.04 -23.64
C ASP C 69 32.41 13.65 -22.28
N ASN C 70 32.11 12.41 -21.83
CA ASN C 70 32.70 12.04 -20.53
C ASN C 70 32.62 10.53 -20.36
N VAL C 71 33.32 10.05 -19.34
CA VAL C 71 33.37 8.65 -19.00
C VAL C 71 32.96 8.60 -17.53
N GLY C 72 31.89 7.86 -17.19
CA GLY C 72 31.56 7.82 -15.77
C GLY C 72 32.36 6.63 -15.20
N VAL C 73 33.23 6.95 -14.25
CA VAL C 73 34.02 5.88 -13.65
C VAL C 73 33.52 5.68 -12.23
N VAL C 74 33.46 4.47 -11.78
CA VAL C 74 33.05 4.10 -10.42
C VAL C 74 34.29 3.70 -9.66
N VAL C 75 34.65 4.30 -8.54
CA VAL C 75 35.88 4.10 -7.82
C VAL C 75 35.96 2.89 -6.93
N PHE C 76 36.89 1.96 -7.09
CA PHE C 76 36.94 0.87 -6.12
C PHE C 76 37.57 1.25 -4.80
N GLY C 77 37.16 2.32 -4.12
CA GLY C 77 37.77 2.65 -2.83
C GLY C 77 37.38 4.04 -2.36
N ASN C 78 38.10 4.63 -1.44
CA ASN C 78 37.80 5.94 -0.89
C ASN C 78 38.11 7.08 -1.84
N ASP C 79 37.09 7.56 -2.53
CA ASP C 79 37.17 8.61 -3.50
C ASP C 79 37.43 10.01 -2.95
N LYS C 80 37.62 10.14 -1.66
CA LYS C 80 37.98 11.43 -1.06
C LYS C 80 39.28 11.98 -1.62
N LEU C 81 40.16 11.10 -2.10
CA LEU C 81 41.48 11.48 -2.58
C LEU C 81 41.47 11.95 -4.03
N ILE C 82 40.32 11.93 -4.67
CA ILE C 82 40.20 12.39 -6.04
C ILE C 82 39.68 13.81 -6.12
N LYS C 83 40.35 14.62 -6.96
CA LYS C 83 39.91 16.02 -7.06
C LYS C 83 39.83 16.38 -8.54
N GLU C 84 39.09 17.43 -8.81
CA GLU C 84 38.97 17.92 -10.18
C GLU C 84 40.34 18.06 -10.84
N GLY C 85 40.49 17.72 -12.11
CA GLY C 85 41.79 17.85 -12.76
C GLY C 85 42.68 16.66 -12.60
N ASP C 86 42.39 15.70 -11.73
CA ASP C 86 43.30 14.56 -11.64
C ASP C 86 43.37 13.82 -12.95
N ILE C 87 44.57 13.27 -13.19
CA ILE C 87 44.81 12.50 -14.42
C ILE C 87 44.36 11.08 -14.10
N VAL C 88 43.72 10.47 -15.08
CA VAL C 88 43.27 9.06 -14.95
C VAL C 88 43.94 8.32 -16.09
N LYS C 89 44.43 7.16 -15.79
CA LYS C 89 45.19 6.41 -16.80
C LYS C 89 44.50 5.10 -17.16
N ARG C 90 44.49 4.74 -18.45
CA ARG C 90 43.94 3.45 -18.87
C ARG C 90 44.85 2.31 -18.40
N THR C 91 44.29 1.18 -18.09
CA THR C 91 45.08 0.00 -17.72
C THR C 91 45.16 -0.92 -18.93
N GLY C 92 44.24 -0.72 -19.88
CA GLY C 92 44.03 -1.51 -21.04
C GLY C 92 43.35 -2.84 -20.78
N ALA C 93 42.98 -3.18 -19.53
CA ALA C 93 42.35 -4.47 -19.27
C ALA C 93 40.98 -4.43 -18.59
N ILE C 94 40.09 -5.33 -18.98
CA ILE C 94 38.76 -5.49 -18.40
C ILE C 94 38.96 -5.97 -16.97
N VAL C 95 38.06 -5.62 -16.05
CA VAL C 95 38.33 -5.96 -14.63
C VAL C 95 38.62 -7.42 -14.42
N ASP C 96 39.64 -7.70 -13.58
CA ASP C 96 40.00 -9.12 -13.36
C ASP C 96 40.56 -9.30 -11.96
N VAL C 97 40.70 -10.54 -11.50
CA VAL C 97 41.26 -10.73 -10.16
C VAL C 97 42.30 -11.85 -10.11
N PRO C 98 43.18 -11.83 -9.14
CA PRO C 98 44.09 -12.93 -8.87
C PRO C 98 43.31 -14.23 -8.68
N VAL C 99 43.63 -15.31 -9.34
CA VAL C 99 42.88 -16.56 -9.06
C VAL C 99 43.84 -17.70 -8.84
N GLY C 100 43.42 -18.82 -8.28
CA GLY C 100 44.16 -20.01 -8.06
C GLY C 100 44.16 -20.54 -6.64
N GLU C 101 44.81 -21.68 -6.41
CA GLU C 101 44.86 -22.30 -5.11
C GLU C 101 45.72 -21.54 -4.13
N GLU C 102 46.38 -20.49 -4.56
CA GLU C 102 47.19 -19.72 -3.61
C GLU C 102 46.27 -18.87 -2.75
N LEU C 103 44.95 -18.89 -3.02
CA LEU C 103 43.99 -18.17 -2.21
C LEU C 103 43.48 -18.98 -1.04
N LEU C 104 43.59 -20.30 -1.11
CA LEU C 104 43.08 -21.17 -0.07
C LEU C 104 43.57 -20.81 1.31
N GLY C 105 42.67 -20.86 2.28
CA GLY C 105 43.08 -20.61 3.68
C GLY C 105 43.42 -19.15 3.87
N ARG C 106 43.12 -18.38 2.83
CA ARG C 106 43.37 -16.92 2.93
C ARG C 106 42.21 -15.98 2.87
N VAL C 107 42.32 -14.80 3.47
CA VAL C 107 41.22 -13.82 3.51
C VAL C 107 41.55 -12.61 2.66
N VAL C 108 40.77 -12.37 1.61
CA VAL C 108 41.11 -11.24 0.71
C VAL C 108 39.97 -10.26 0.54
N ASP C 109 40.16 -9.18 -0.21
CA ASP C 109 39.13 -8.18 -0.47
C ASP C 109 38.55 -8.45 -1.83
N ALA C 110 37.58 -7.73 -2.35
CA ALA C 110 36.97 -8.11 -3.62
C ALA C 110 37.94 -7.97 -4.77
N LEU C 111 39.05 -7.25 -4.50
CA LEU C 111 39.99 -7.07 -5.65
C LEU C 111 41.06 -8.16 -5.65
N GLY C 112 41.16 -8.97 -4.62
CA GLY C 112 42.10 -10.04 -4.52
C GLY C 112 43.26 -9.75 -3.59
N ASN C 113 43.33 -8.58 -3.02
CA ASN C 113 44.46 -8.22 -2.16
C ASN C 113 44.27 -8.90 -0.81
N ALA C 114 45.29 -9.45 -0.20
CA ALA C 114 45.15 -10.06 1.12
C ALA C 114 44.86 -9.00 2.17
N ILE C 115 44.08 -9.38 3.18
CA ILE C 115 43.69 -8.46 4.25
C ILE C 115 43.79 -9.13 5.61
N ASP C 116 44.23 -10.38 5.64
CA ASP C 116 44.42 -11.14 6.85
C ASP C 116 45.80 -10.91 7.45
N GLY C 117 46.57 -10.00 6.86
CA GLY C 117 47.85 -9.67 7.43
C GLY C 117 48.90 -10.77 7.34
N LYS C 118 48.71 -11.72 6.44
CA LYS C 118 49.65 -12.80 6.23
C LYS C 118 50.43 -12.68 4.93
N GLY C 119 50.75 -11.52 4.45
CA GLY C 119 51.60 -11.27 3.30
C GLY C 119 50.93 -11.36 1.96
N PRO C 120 51.64 -11.09 0.88
CA PRO C 120 51.16 -11.23 -0.49
C PRO C 120 50.57 -12.60 -0.80
N ILE C 121 49.73 -12.60 -1.82
CA ILE C 121 49.14 -13.81 -2.38
C ILE C 121 50.09 -14.20 -3.53
N GLY C 122 50.50 -15.44 -3.66
CA GLY C 122 51.40 -15.70 -4.83
C GLY C 122 50.63 -16.16 -6.04
N SER C 123 49.55 -15.47 -6.36
CA SER C 123 48.70 -15.89 -7.49
C SER C 123 49.56 -15.95 -8.75
N LYS C 124 49.43 -16.99 -9.57
CA LYS C 124 50.20 -17.03 -10.81
C LYS C 124 49.24 -16.86 -11.99
N ALA C 125 47.95 -16.67 -11.66
CA ALA C 125 46.95 -16.52 -12.72
C ALA C 125 45.88 -15.48 -12.39
N ARG C 126 45.32 -14.91 -13.45
CA ARG C 126 44.31 -13.86 -13.28
C ARG C 126 43.08 -14.16 -14.12
N ARG C 127 41.90 -13.87 -13.60
CA ARG C 127 40.71 -14.15 -14.42
C ARG C 127 39.77 -12.97 -14.32
N ARG C 128 39.09 -12.68 -15.41
CA ARG C 128 38.07 -11.65 -15.47
C ARG C 128 36.86 -12.03 -14.59
N VAL C 129 36.25 -10.99 -14.02
CA VAL C 129 35.09 -11.19 -13.16
C VAL C 129 33.81 -11.27 -13.95
N GLY C 130 33.85 -10.78 -15.18
CA GLY C 130 32.69 -10.75 -16.05
C GLY C 130 32.55 -11.92 -17.00
N LEU C 131 33.41 -12.92 -16.93
CA LEU C 131 33.26 -14.05 -17.83
C LEU C 131 31.83 -14.56 -17.95
N LYS C 132 31.38 -14.75 -19.18
CA LYS C 132 30.07 -15.34 -19.42
C LYS C 132 30.00 -16.80 -18.96
N ALA C 133 28.86 -17.21 -18.41
CA ALA C 133 28.67 -18.60 -18.00
C ALA C 133 28.79 -19.58 -19.16
N PRO C 134 29.19 -20.81 -18.85
CA PRO C 134 29.33 -21.90 -19.82
C PRO C 134 27.97 -22.19 -20.47
N GLY C 135 27.95 -22.41 -21.78
CA GLY C 135 26.71 -22.66 -22.49
C GLY C 135 26.14 -24.07 -22.30
N ILE C 136 25.30 -24.47 -23.24
CA ILE C 136 24.70 -25.77 -23.28
C ILE C 136 25.67 -26.93 -23.42
N ILE C 137 26.55 -26.89 -24.42
CA ILE C 137 27.40 -28.04 -24.65
C ILE C 137 28.37 -28.43 -23.55
N PRO C 138 29.12 -27.56 -22.96
CA PRO C 138 30.08 -27.86 -21.92
C PRO C 138 29.56 -28.55 -20.69
N ARG C 139 28.23 -28.58 -20.48
CA ARG C 139 27.75 -29.09 -19.18
C ARG C 139 27.16 -30.49 -19.30
N ILE C 140 26.86 -31.08 -18.15
CA ILE C 140 26.34 -32.40 -17.99
C ILE C 140 25.43 -32.41 -16.76
N SER C 141 24.26 -33.02 -16.87
CA SER C 141 23.32 -33.08 -15.76
C SER C 141 23.97 -33.31 -14.42
N VAL C 142 23.48 -32.57 -13.42
CA VAL C 142 23.97 -32.69 -12.04
C VAL C 142 23.72 -34.08 -11.50
N ARG C 143 24.73 -34.78 -11.01
CA ARG C 143 24.50 -36.09 -10.42
C ARG C 143 25.30 -36.35 -9.16
N GLU C 144 26.40 -35.68 -8.96
CA GLU C 144 27.25 -35.89 -7.78
C GLU C 144 26.67 -35.11 -6.60
N PRO C 145 26.40 -35.82 -5.52
CA PRO C 145 25.95 -35.28 -4.25
C PRO C 145 26.90 -34.23 -3.67
N MET C 146 26.36 -33.27 -2.92
CA MET C 146 27.11 -32.21 -2.26
C MET C 146 26.53 -32.17 -0.85
N GLN C 147 27.01 -33.10 -0.03
CA GLN C 147 26.48 -33.31 1.30
C GLN C 147 26.74 -32.12 2.20
N THR C 148 25.66 -31.64 2.79
CA THR C 148 25.72 -30.47 3.66
C THR C 148 25.96 -30.97 5.09
N GLY C 149 25.54 -32.22 5.28
CA GLY C 149 25.70 -32.83 6.62
C GLY C 149 24.47 -32.54 7.44
N ILE C 150 23.52 -31.86 6.78
CA ILE C 150 22.28 -31.45 7.44
C ILE C 150 21.16 -32.41 7.01
N LYS C 151 20.66 -33.18 7.99
CA LYS C 151 19.63 -34.17 7.62
C LYS C 151 18.49 -33.58 6.82
N ALA C 152 17.97 -32.45 7.29
CA ALA C 152 16.84 -31.76 6.71
C ALA C 152 17.05 -31.48 5.23
N VAL C 153 18.21 -30.95 4.93
CA VAL C 153 18.58 -30.57 3.56
C VAL C 153 18.93 -31.76 2.68
N ASP C 154 19.74 -32.66 3.21
CA ASP C 154 20.24 -33.83 2.51
C ASP C 154 19.14 -34.82 2.18
N SER C 155 18.07 -34.89 2.99
CA SER C 155 16.99 -35.80 2.67
C SER C 155 15.83 -35.13 1.91
N LEU C 156 15.43 -33.91 2.31
CA LEU C 156 14.31 -33.24 1.70
C LEU C 156 14.62 -32.31 0.54
N VAL C 157 15.70 -31.58 0.54
CA VAL C 157 16.00 -30.59 -0.52
C VAL C 157 17.46 -30.79 -0.89
N PRO C 158 17.77 -31.97 -1.39
CA PRO C 158 19.11 -32.43 -1.65
C PRO C 158 19.80 -31.52 -2.65
N ILE C 159 21.05 -31.19 -2.38
CA ILE C 159 21.88 -30.40 -3.28
C ILE C 159 22.87 -31.28 -4.03
N GLY C 160 23.20 -30.94 -5.26
CA GLY C 160 24.18 -31.60 -6.06
C GLY C 160 25.26 -30.67 -6.59
N ARG C 161 26.36 -31.30 -7.09
CA ARG C 161 27.51 -30.53 -7.55
C ARG C 161 27.19 -29.81 -8.84
N GLY C 162 27.38 -28.48 -8.86
CA GLY C 162 26.99 -27.73 -10.08
C GLY C 162 25.61 -27.06 -9.90
N GLN C 163 24.94 -27.34 -8.80
CA GLN C 163 23.66 -26.74 -8.53
C GLN C 163 23.74 -25.35 -7.88
N ARG C 164 22.68 -24.61 -7.98
CA ARG C 164 22.48 -23.38 -7.19
C ARG C 164 21.30 -23.57 -6.25
N GLU C 165 21.51 -23.48 -4.94
CA GLU C 165 20.43 -23.66 -3.97
C GLU C 165 20.35 -22.41 -3.08
N LEU C 166 19.24 -21.69 -3.14
CA LEU C 166 19.12 -20.47 -2.33
C LEU C 166 18.90 -20.71 -0.85
N ILE C 167 19.56 -19.99 0.04
CA ILE C 167 19.26 -19.98 1.47
C ILE C 167 18.50 -18.68 1.78
N ILE C 168 17.20 -18.74 2.05
CA ILE C 168 16.34 -17.58 2.21
C ILE C 168 15.50 -17.57 3.48
N GLY C 169 15.29 -16.39 4.08
CA GLY C 169 14.55 -16.25 5.31
C GLY C 169 14.85 -14.94 6.03
N ASP C 170 14.08 -14.58 7.07
CA ASP C 170 14.31 -13.35 7.80
C ASP C 170 15.64 -13.28 8.53
N ARG C 171 15.98 -12.14 9.07
CA ARG C 171 17.21 -11.91 9.81
C ARG C 171 17.21 -12.86 11.01
N GLN C 172 18.37 -13.33 11.44
CA GLN C 172 18.40 -14.31 12.54
C GLN C 172 17.55 -15.54 12.42
N THR C 173 17.41 -16.19 11.27
CA THR C 173 16.68 -17.46 11.13
C THR C 173 17.61 -18.65 10.88
N GLY C 174 18.90 -18.48 10.98
CA GLY C 174 19.95 -19.44 10.88
C GLY C 174 20.54 -19.60 9.49
N LYS C 175 20.36 -18.67 8.59
CA LYS C 175 20.77 -18.72 7.22
C LYS C 175 22.24 -19.05 7.05
N THR C 176 23.09 -18.17 7.55
CA THR C 176 24.53 -18.34 7.52
C THR C 176 24.95 -19.66 8.17
N SER C 177 24.21 -20.16 9.14
CA SER C 177 24.60 -21.39 9.79
C SER C 177 24.53 -22.56 8.83
N ILE C 178 23.51 -22.63 7.99
CA ILE C 178 23.41 -23.70 7.01
C ILE C 178 24.66 -23.69 6.12
N ALA C 179 25.12 -22.49 5.79
CA ALA C 179 26.25 -22.31 4.91
C ALA C 179 27.52 -22.80 5.61
N ILE C 180 27.70 -22.36 6.85
CA ILE C 180 28.91 -22.69 7.61
C ILE C 180 29.00 -24.18 7.89
N ASP C 181 27.86 -24.75 8.33
CA ASP C 181 27.93 -26.21 8.60
C ASP C 181 28.39 -26.95 7.33
N THR C 182 27.91 -26.56 6.18
CA THR C 182 28.22 -27.18 4.91
C THR C 182 29.69 -27.17 4.55
N ILE C 183 30.38 -26.07 4.81
CA ILE C 183 31.84 -25.94 4.62
C ILE C 183 32.63 -26.80 5.60
N ILE C 184 32.22 -26.77 6.87
CA ILE C 184 32.84 -27.62 7.87
C ILE C 184 32.64 -29.09 7.46
N ASN C 185 31.51 -29.50 6.87
CA ASN C 185 31.24 -30.89 6.59
C ASN C 185 32.25 -31.50 5.62
N GLN C 186 32.74 -30.66 4.70
CA GLN C 186 33.63 -31.10 3.64
C GLN C 186 34.98 -31.56 4.16
N LYS C 187 35.23 -31.39 5.47
CA LYS C 187 36.50 -31.80 6.01
C LYS C 187 36.79 -33.27 5.76
N ARG C 188 35.79 -34.11 5.96
CA ARG C 188 35.83 -35.54 5.76
C ARG C 188 36.50 -35.83 4.40
N PHE C 189 35.92 -35.30 3.32
CA PHE C 189 36.47 -35.59 2.01
C PHE C 189 37.78 -34.88 1.78
N ASN C 190 37.93 -33.64 2.24
CA ASN C 190 39.16 -32.89 1.97
C ASN C 190 40.37 -33.52 2.64
N ASP C 191 40.16 -34.38 3.62
CA ASP C 191 41.26 -35.10 4.25
C ASP C 191 41.26 -36.56 3.84
N GLY C 192 40.30 -36.90 3.00
CA GLY C 192 40.10 -38.27 2.56
C GLY C 192 41.06 -38.61 1.42
N THR C 193 41.01 -39.86 0.99
CA THR C 193 41.91 -40.30 -0.06
C THR C 193 41.33 -40.09 -1.45
N ASP C 194 40.03 -39.93 -1.56
CA ASP C 194 39.37 -39.81 -2.85
C ASP C 194 39.28 -38.37 -3.33
N GLU C 195 40.29 -37.98 -4.07
CA GLU C 195 40.42 -36.64 -4.63
C GLU C 195 39.21 -36.21 -5.45
N LYS C 196 38.35 -37.12 -5.88
CA LYS C 196 37.21 -36.70 -6.71
C LYS C 196 36.10 -36.15 -5.82
N LYS C 197 36.04 -36.63 -4.57
CA LYS C 197 35.01 -36.16 -3.65
C LYS C 197 35.38 -34.83 -3.03
N LYS C 198 36.62 -34.39 -3.09
CA LYS C 198 36.98 -33.14 -2.43
C LYS C 198 36.20 -31.94 -2.96
N LEU C 199 35.97 -30.99 -2.07
CA LEU C 199 35.25 -29.75 -2.32
C LEU C 199 35.95 -28.56 -1.67
N TYR C 200 36.34 -27.60 -2.48
CA TYR C 200 36.97 -26.39 -1.94
C TYR C 200 35.86 -25.35 -1.81
N CYS C 201 35.91 -24.59 -0.75
CA CYS C 201 34.88 -23.61 -0.43
C CYS C 201 35.36 -22.15 -0.49
N ILE C 202 34.49 -21.28 -0.95
CA ILE C 202 34.63 -19.84 -1.03
C ILE C 202 33.47 -19.13 -0.35
N TYR C 203 33.74 -18.33 0.67
CA TYR C 203 32.70 -17.62 1.40
C TYR C 203 32.78 -16.12 1.10
N VAL C 204 31.84 -15.61 0.32
CA VAL C 204 31.81 -14.18 0.02
C VAL C 204 30.88 -13.42 0.98
N ALA C 205 31.49 -12.51 1.72
CA ALA C 205 30.80 -11.68 2.71
C ALA C 205 30.47 -10.31 2.10
N ILE C 206 29.21 -10.01 1.81
CA ILE C 206 28.89 -8.71 1.21
C ILE C 206 28.11 -7.85 2.20
N GLY C 207 28.60 -6.67 2.51
CA GLY C 207 27.86 -5.68 3.32
C GLY C 207 27.78 -6.02 4.78
N GLN C 208 28.54 -7.01 5.19
CA GLN C 208 28.54 -7.44 6.60
C GLN C 208 29.41 -6.53 7.42
N LYS C 209 29.40 -6.78 8.72
CA LYS C 209 30.28 -6.02 9.65
C LYS C 209 31.58 -6.79 9.87
N ARG C 210 32.74 -6.18 9.69
CA ARG C 210 34.01 -6.86 9.86
C ARG C 210 34.13 -7.73 11.11
N SER C 211 33.58 -7.27 12.25
CA SER C 211 33.78 -8.21 13.39
C SER C 211 33.11 -9.52 13.05
N THR C 212 31.99 -9.55 12.35
CA THR C 212 31.23 -10.76 12.06
C THR C 212 32.08 -11.72 11.20
N VAL C 213 32.80 -11.15 10.27
CA VAL C 213 33.72 -11.86 9.39
C VAL C 213 34.88 -12.41 10.19
N ALA C 214 35.42 -11.66 11.15
CA ALA C 214 36.50 -12.15 11.97
C ALA C 214 36.08 -13.37 12.79
N GLN C 215 34.86 -13.36 13.34
CA GLN C 215 34.43 -14.52 14.13
C GLN C 215 34.28 -15.73 13.20
N LEU C 216 33.85 -15.46 11.99
CA LEU C 216 33.49 -16.34 10.94
C LEU C 216 34.78 -17.14 10.58
N VAL C 217 35.85 -16.36 10.34
CA VAL C 217 37.11 -16.98 10.06
C VAL C 217 37.68 -17.67 11.31
N LYS C 218 37.45 -17.10 12.49
CA LYS C 218 37.91 -17.78 13.68
C LYS C 218 37.25 -19.15 13.85
N ARG C 219 35.97 -19.18 13.51
CA ARG C 219 35.19 -20.41 13.62
C ARG C 219 35.68 -21.42 12.60
N LEU C 220 35.97 -21.01 11.38
CA LEU C 220 36.38 -21.92 10.35
C LEU C 220 37.77 -22.48 10.67
N THR C 221 38.59 -21.70 11.35
CA THR C 221 39.96 -21.96 11.69
C THR C 221 40.00 -23.01 12.80
N ASP C 222 39.07 -22.86 13.75
CA ASP C 222 39.02 -23.86 14.82
C ASP C 222 38.43 -25.16 14.31
N ALA C 223 37.75 -25.17 13.18
CA ALA C 223 37.09 -26.43 12.78
C ALA C 223 37.97 -27.12 11.75
N ASP C 224 39.08 -26.42 11.49
CA ASP C 224 40.04 -26.87 10.48
C ASP C 224 39.44 -26.80 9.08
N ALA C 225 38.57 -25.82 8.84
CA ALA C 225 37.99 -25.73 7.49
C ALA C 225 38.65 -24.63 6.69
N MET C 226 39.30 -23.68 7.37
CA MET C 226 39.93 -22.55 6.71
C MET C 226 40.89 -23.02 5.63
N LYS C 227 41.60 -24.13 5.93
CA LYS C 227 42.62 -24.72 5.08
C LYS C 227 42.12 -24.91 3.65
N TYR C 228 40.84 -25.22 3.44
CA TYR C 228 40.37 -25.37 2.05
C TYR C 228 39.40 -24.28 1.66
N THR C 229 39.36 -23.20 2.46
CA THR C 229 38.38 -22.15 2.18
C THR C 229 39.06 -20.87 1.72
N ILE C 230 38.42 -20.19 0.77
CA ILE C 230 38.79 -18.83 0.42
C ILE C 230 37.69 -17.86 0.93
N VAL C 231 38.08 -16.89 1.73
CA VAL C 231 37.16 -15.84 2.22
C VAL C 231 37.35 -14.51 1.49
N VAL C 232 36.35 -14.08 0.73
CA VAL C 232 36.38 -12.80 0.01
C VAL C 232 35.48 -11.79 0.75
N SER C 233 36.04 -10.75 1.32
CA SER C 233 35.35 -9.78 2.10
C SER C 233 35.22 -8.36 1.56
N ALA C 234 33.96 -7.96 1.32
CA ALA C 234 33.59 -6.59 0.98
C ALA C 234 32.53 -6.18 2.03
N THR C 235 33.06 -5.62 3.13
CA THR C 235 32.34 -5.32 4.35
C THR C 235 31.63 -3.98 4.26
N ALA C 236 30.81 -3.59 5.21
CA ALA C 236 30.03 -2.38 5.18
C ALA C 236 30.76 -1.06 4.99
N SER C 237 31.99 -0.90 5.41
CA SER C 237 32.79 0.30 5.21
C SER C 237 33.41 0.26 3.82
N ASP C 238 33.29 -0.81 3.04
CA ASP C 238 33.87 -0.79 1.71
C ASP C 238 32.98 -0.08 0.70
N ALA C 239 33.60 0.66 -0.22
CA ALA C 239 32.79 1.34 -1.20
C ALA C 239 31.79 0.44 -1.93
N ALA C 240 30.66 0.99 -2.31
CA ALA C 240 29.59 0.33 -3.04
C ALA C 240 30.05 -0.56 -4.16
N PRO C 241 30.89 -0.06 -5.03
CA PRO C 241 31.47 -0.81 -6.16
C PRO C 241 32.23 -2.03 -5.69
N LEU C 242 32.89 -1.99 -4.53
CA LEU C 242 33.53 -3.17 -3.99
C LEU C 242 32.48 -4.21 -3.64
N GLN C 243 31.45 -3.80 -2.91
CA GLN C 243 30.39 -4.70 -2.44
C GLN C 243 29.70 -5.34 -3.63
N TYR C 244 29.63 -4.55 -4.69
CA TYR C 244 29.09 -4.97 -5.95
C TYR C 244 29.90 -6.04 -6.66
N LEU C 245 31.22 -5.84 -6.71
CA LEU C 245 32.07 -6.75 -7.46
C LEU C 245 32.35 -8.06 -6.73
N ALA C 246 32.38 -8.02 -5.40
CA ALA C 246 32.83 -9.14 -4.61
C ALA C 246 32.26 -10.48 -4.99
N PRO C 247 30.96 -10.60 -5.21
CA PRO C 247 30.36 -11.86 -5.61
C PRO C 247 30.96 -12.32 -6.92
N TYR C 248 31.18 -11.39 -7.86
CA TYR C 248 31.73 -11.83 -9.15
C TYR C 248 33.20 -12.26 -9.01
N SER C 249 33.95 -11.58 -8.16
CA SER C 249 35.32 -11.89 -7.93
C SER C 249 35.46 -13.32 -7.38
N GLY C 250 34.62 -13.62 -6.40
CA GLY C 250 34.71 -14.93 -5.76
C GLY C 250 34.31 -16.01 -6.79
N CYS C 251 33.38 -15.65 -7.67
CA CYS C 251 32.94 -16.58 -8.70
C CYS C 251 34.12 -16.95 -9.57
N SER C 252 34.87 -15.96 -9.99
CA SER C 252 36.09 -16.15 -10.78
C SER C 252 37.03 -17.13 -10.09
N MET C 253 37.35 -16.88 -8.84
CA MET C 253 38.18 -17.78 -8.04
C MET C 253 37.60 -19.19 -8.02
N GLY C 254 36.27 -19.24 -8.04
CA GLY C 254 35.55 -20.50 -8.00
C GLY C 254 35.70 -21.21 -9.36
N GLU C 255 35.51 -20.50 -10.45
CA GLU C 255 35.61 -21.01 -11.80
C GLU C 255 36.92 -21.73 -12.04
N TYR C 256 37.98 -21.24 -11.40
CA TYR C 256 39.31 -21.83 -11.57
C TYR C 256 39.28 -23.32 -11.24
N PHE C 257 38.61 -23.66 -10.13
CA PHE C 257 38.49 -25.06 -9.80
C PHE C 257 37.57 -25.70 -10.84
N ARG C 258 36.44 -25.05 -11.05
CA ARG C 258 35.46 -25.57 -11.97
C ARG C 258 36.07 -26.06 -13.29
N ASP C 259 37.03 -25.29 -13.79
CA ASP C 259 37.52 -25.55 -15.14
C ASP C 259 38.82 -26.34 -15.14
N ASN C 260 39.15 -26.93 -14.00
CA ASN C 260 40.32 -27.77 -13.91
C ASN C 260 39.96 -29.07 -13.21
N GLY C 261 38.80 -29.63 -13.51
CA GLY C 261 38.35 -30.83 -12.88
C GLY C 261 38.35 -30.87 -11.38
N LYS C 262 38.38 -29.73 -10.68
CA LYS C 262 38.12 -29.78 -9.23
C LYS C 262 36.67 -29.32 -8.98
N HIS C 263 36.27 -29.47 -7.74
CA HIS C 263 34.94 -29.08 -7.31
C HIS C 263 35.02 -27.99 -6.24
N ALA C 264 34.25 -26.91 -6.46
CA ALA C 264 34.19 -25.83 -5.50
C ALA C 264 32.74 -25.46 -5.15
N LEU C 265 32.63 -24.97 -3.93
CA LEU C 265 31.36 -24.45 -3.42
C LEU C 265 31.55 -22.97 -3.03
N ILE C 266 30.62 -22.13 -3.42
CA ILE C 266 30.65 -20.69 -3.07
C ILE C 266 29.35 -20.25 -2.42
N ILE C 267 29.48 -19.60 -1.27
CA ILE C 267 28.40 -18.98 -0.52
C ILE C 267 28.44 -17.46 -0.79
N TYR C 268 27.31 -16.87 -1.09
CA TYR C 268 27.23 -15.42 -1.39
C TYR C 268 26.36 -14.74 -0.32
N ASP C 269 27.05 -14.35 0.77
CA ASP C 269 26.31 -13.91 1.97
C ASP C 269 26.38 -12.40 2.25
N ASP C 270 25.41 -11.60 1.84
CA ASP C 270 24.22 -12.10 1.16
C ASP C 270 23.94 -11.26 -0.08
N LEU C 271 23.19 -11.74 -1.06
CA LEU C 271 22.98 -11.02 -2.30
C LEU C 271 22.02 -9.86 -2.14
N SER C 272 21.27 -9.79 -1.05
CA SER C 272 20.43 -8.64 -0.78
C SER C 272 21.26 -7.34 -0.66
N LYS C 273 22.27 -7.39 0.20
CA LYS C 273 23.20 -6.29 0.35
C LYS C 273 23.89 -5.95 -0.95
N GLN C 274 24.30 -6.99 -1.72
CA GLN C 274 24.87 -6.70 -3.03
C GLN C 274 23.90 -5.90 -3.90
N ALA C 275 22.63 -6.23 -3.92
CA ALA C 275 21.69 -5.48 -4.77
C ALA C 275 21.52 -4.03 -4.27
N VAL C 276 21.65 -3.81 -2.97
CA VAL C 276 21.59 -2.50 -2.39
C VAL C 276 22.78 -1.67 -2.87
N ALA C 277 23.97 -2.26 -2.84
CA ALA C 277 25.16 -1.53 -3.32
C ALA C 277 25.02 -1.24 -4.81
N TYR C 278 24.36 -2.14 -5.55
CA TYR C 278 24.27 -1.87 -7.01
C TYR C 278 23.34 -0.70 -7.22
N ARG C 279 22.19 -0.75 -6.55
CA ARG C 279 21.18 0.28 -6.60
C ARG C 279 21.84 1.64 -6.29
N GLN C 280 22.68 1.71 -5.23
CA GLN C 280 23.39 2.94 -4.95
C GLN C 280 24.21 3.43 -6.15
N MET C 281 25.07 2.56 -6.61
CA MET C 281 26.00 2.89 -7.74
C MET C 281 25.21 3.28 -8.97
N SER C 282 24.22 2.49 -9.34
CA SER C 282 23.37 2.83 -10.48
C SER C 282 22.74 4.21 -10.28
N LEU C 283 22.12 4.46 -9.15
CA LEU C 283 21.42 5.73 -8.94
C LEU C 283 22.42 6.90 -9.05
N LEU C 284 23.57 6.74 -8.39
CA LEU C 284 24.62 7.76 -8.51
C LEU C 284 25.09 7.94 -9.94
N LEU C 285 25.00 6.96 -10.81
CA LEU C 285 25.46 7.09 -12.20
C LEU C 285 24.39 7.79 -13.04
N ARG C 286 23.35 8.25 -12.34
CA ARG C 286 22.20 8.90 -12.94
C ARG C 286 21.35 7.96 -13.78
N ARG C 287 21.33 6.67 -13.46
CA ARG C 287 20.37 5.78 -14.18
C ARG C 287 19.04 5.78 -13.43
N PRO C 288 17.96 5.97 -14.14
CA PRO C 288 16.62 6.11 -13.58
C PRO C 288 16.17 4.89 -12.83
N PRO C 289 15.67 5.04 -11.61
CA PRO C 289 15.25 3.97 -10.75
C PRO C 289 13.97 3.27 -11.24
N GLY C 290 13.84 1.97 -11.03
CA GLY C 290 12.64 1.21 -11.38
C GLY C 290 11.97 0.71 -10.13
N ARG C 291 11.31 -0.43 -10.25
CA ARG C 291 10.61 -1.04 -9.10
C ARG C 291 11.47 -0.89 -7.86
N GLU C 292 10.91 -0.61 -6.72
CA GLU C 292 11.57 -0.42 -5.47
C GLU C 292 12.85 0.38 -5.55
N ALA C 293 12.99 1.25 -6.55
CA ALA C 293 14.21 2.05 -6.63
C ALA C 293 15.39 1.28 -7.21
N TYR C 294 15.33 -0.03 -7.25
CA TYR C 294 16.32 -0.88 -7.85
C TYR C 294 16.28 -0.66 -9.36
N PRO C 295 17.42 -0.78 -10.01
CA PRO C 295 17.54 -0.60 -11.45
C PRO C 295 16.72 -1.69 -12.15
N GLY C 296 16.32 -1.55 -13.39
CA GLY C 296 15.58 -2.56 -14.12
C GLY C 296 16.30 -3.88 -14.28
N ASP C 297 17.61 -3.92 -14.55
CA ASP C 297 18.31 -5.17 -14.69
C ASP C 297 18.75 -5.81 -13.39
N VAL C 298 18.10 -5.62 -12.26
CA VAL C 298 18.55 -6.26 -11.02
C VAL C 298 18.52 -7.79 -11.11
N PHE C 299 17.59 -8.34 -11.87
CA PHE C 299 17.44 -9.75 -12.13
C PHE C 299 18.73 -10.21 -12.86
N TYR C 300 19.07 -9.53 -13.93
CA TYR C 300 20.26 -9.77 -14.71
C TYR C 300 21.53 -9.66 -13.85
N LEU C 301 21.55 -8.84 -12.83
CA LEU C 301 22.73 -8.71 -11.97
C LEU C 301 22.97 -10.06 -11.27
N HIS C 302 21.88 -10.70 -10.90
CA HIS C 302 22.01 -11.95 -10.14
C HIS C 302 22.02 -13.15 -11.09
N SER C 303 21.25 -13.03 -12.17
CA SER C 303 21.09 -14.05 -13.15
C SER C 303 22.44 -14.42 -13.75
N ARG C 304 23.13 -13.53 -14.37
CA ARG C 304 24.45 -13.67 -14.90
C ARG C 304 25.34 -14.44 -13.90
N LEU C 305 25.35 -13.91 -12.67
CA LEU C 305 26.20 -14.42 -11.64
C LEU C 305 26.01 -15.91 -11.36
N LEU C 306 24.77 -16.29 -11.18
CA LEU C 306 24.41 -17.61 -10.71
C LEU C 306 24.50 -18.67 -11.80
N GLU C 307 24.33 -18.27 -13.05
CA GLU C 307 24.51 -19.20 -14.17
C GLU C 307 25.95 -19.70 -14.28
N ARG C 308 26.89 -18.99 -13.66
CA ARG C 308 28.30 -19.36 -13.70
C ARG C 308 28.59 -20.56 -12.83
N ALA C 309 27.67 -20.96 -11.98
CA ALA C 309 27.84 -22.14 -11.14
C ALA C 309 27.15 -23.26 -11.96
N ALA C 310 27.95 -24.31 -12.24
CA ALA C 310 27.55 -25.34 -13.17
C ALA C 310 28.34 -26.63 -13.01
N LYS C 311 27.83 -27.65 -13.71
CA LYS C 311 28.50 -28.95 -13.74
C LYS C 311 29.15 -29.10 -15.11
N MET C 312 30.44 -29.38 -15.18
CA MET C 312 31.06 -29.47 -16.51
C MET C 312 31.03 -30.90 -17.00
N ASN C 313 31.07 -31.16 -18.30
CA ASN C 313 31.21 -32.56 -18.71
C ASN C 313 32.67 -33.05 -18.69
N ASP C 314 32.81 -34.36 -18.98
CA ASP C 314 34.15 -34.95 -18.93
C ASP C 314 35.06 -34.32 -19.97
N ALA C 315 34.52 -33.99 -21.13
CA ALA C 315 35.40 -33.36 -22.11
C ALA C 315 35.92 -32.04 -21.59
N PHE C 316 35.23 -31.45 -20.61
CA PHE C 316 35.69 -30.12 -20.16
C PHE C 316 36.33 -30.24 -18.80
N GLY C 317 36.56 -31.48 -18.37
CA GLY C 317 37.30 -31.74 -17.15
C GLY C 317 36.48 -32.25 -16.01
N GLY C 318 35.14 -32.22 -16.18
CA GLY C 318 34.21 -32.70 -15.20
C GLY C 318 34.25 -32.02 -13.86
N GLY C 319 34.79 -30.81 -13.78
CA GLY C 319 34.76 -30.05 -12.53
C GLY C 319 33.38 -29.39 -12.34
N SER C 320 33.17 -28.72 -11.21
CA SER C 320 31.88 -28.06 -10.96
C SER C 320 31.98 -26.89 -10.00
N LEU C 321 31.02 -25.95 -10.16
CA LEU C 321 30.84 -24.86 -9.21
C LEU C 321 29.41 -24.86 -8.65
N THR C 322 29.26 -25.19 -7.38
CA THR C 322 27.93 -25.20 -6.72
C THR C 322 27.69 -23.86 -6.00
N ALA C 323 26.52 -23.23 -6.14
CA ALA C 323 26.30 -21.97 -5.41
C ALA C 323 25.25 -21.99 -4.32
N LEU C 324 25.55 -21.26 -3.23
CA LEU C 324 24.52 -21.08 -2.17
C LEU C 324 24.37 -19.60 -1.83
N PRO C 325 23.80 -18.83 -2.73
CA PRO C 325 23.39 -17.45 -2.46
C PRO C 325 22.41 -17.42 -1.27
N VAL C 326 22.45 -16.41 -0.48
CA VAL C 326 21.63 -16.13 0.69
C VAL C 326 20.83 -14.85 0.48
N ILE C 327 19.54 -14.86 0.76
CA ILE C 327 18.71 -13.65 0.58
C ILE C 327 17.98 -13.33 1.90
N GLU C 328 17.99 -12.07 2.33
CA GLU C 328 17.28 -11.78 3.60
C GLU C 328 15.89 -11.25 3.32
N THR C 329 14.83 -11.94 3.78
CA THR C 329 13.50 -11.37 3.52
C THR C 329 13.11 -10.32 4.57
N GLN C 330 12.00 -9.63 4.34
CA GLN C 330 11.50 -8.66 5.38
C GLN C 330 10.14 -9.16 5.85
N ALA C 331 10.02 -9.37 7.15
CA ALA C 331 8.74 -9.88 7.64
C ALA C 331 8.26 -11.16 6.97
N GLY C 332 9.15 -12.02 6.52
CA GLY C 332 8.82 -13.31 5.96
C GLY C 332 8.09 -13.39 4.65
N ASP C 333 8.19 -12.38 3.78
CA ASP C 333 7.51 -12.49 2.49
C ASP C 333 8.40 -13.00 1.37
N VAL C 334 8.24 -14.28 1.05
CA VAL C 334 8.98 -14.91 -0.03
C VAL C 334 8.40 -14.55 -1.39
N SER C 335 7.20 -13.97 -1.37
CA SER C 335 6.55 -13.56 -2.60
C SER C 335 6.84 -12.12 -2.96
N ALA C 336 7.96 -11.55 -2.54
CA ALA C 336 8.25 -10.17 -2.97
C ALA C 336 9.20 -10.14 -4.17
N TYR C 337 9.30 -8.95 -4.77
CA TYR C 337 10.14 -8.71 -5.93
C TYR C 337 11.47 -9.47 -5.86
N ILE C 338 12.44 -8.90 -5.16
CA ILE C 338 13.78 -9.45 -5.05
C ILE C 338 13.82 -10.93 -4.72
N PRO C 339 13.33 -11.37 -3.59
CA PRO C 339 13.26 -12.75 -3.24
C PRO C 339 12.86 -13.61 -4.41
N THR C 340 11.78 -13.26 -5.10
CA THR C 340 11.21 -14.08 -6.16
C THR C 340 12.15 -13.97 -7.36
N ASN C 341 12.81 -12.82 -7.45
CA ASN C 341 13.81 -12.73 -8.51
C ASN C 341 14.84 -13.88 -8.39
N VAL C 342 15.42 -13.98 -7.19
CA VAL C 342 16.42 -14.99 -6.95
C VAL C 342 15.84 -16.40 -6.92
N ILE C 343 14.65 -16.60 -6.33
CA ILE C 343 14.07 -17.94 -6.39
C ILE C 343 13.94 -18.41 -7.85
N SER C 344 13.63 -17.52 -8.76
CA SER C 344 13.42 -17.86 -10.14
C SER C 344 14.73 -18.06 -10.88
N ILE C 345 15.83 -17.92 -10.20
CA ILE C 345 17.15 -18.14 -10.80
C ILE C 345 17.71 -19.51 -10.34
N THR C 346 17.71 -19.71 -9.03
CA THR C 346 18.38 -20.89 -8.49
C THR C 346 17.70 -22.20 -8.81
N ASP C 347 18.29 -23.31 -8.35
CA ASP C 347 17.62 -24.61 -8.59
C ASP C 347 16.91 -25.01 -7.31
N GLY C 348 16.13 -24.12 -6.72
CA GLY C 348 15.42 -24.41 -5.49
C GLY C 348 15.81 -23.51 -4.34
N GLN C 349 15.11 -23.69 -3.21
CA GLN C 349 15.45 -22.81 -2.07
C GLN C 349 15.16 -23.43 -0.73
N ILE C 350 15.93 -23.10 0.28
CA ILE C 350 15.71 -23.58 1.64
C ILE C 350 15.08 -22.37 2.38
N PHE C 351 13.81 -22.40 2.74
CA PHE C 351 13.22 -21.22 3.40
C PHE C 351 13.24 -21.39 4.89
N LEU C 352 13.80 -20.46 5.65
CA LEU C 352 13.80 -20.60 7.12
C LEU C 352 12.79 -19.60 7.71
N GLU C 353 12.28 -19.83 8.91
CA GLU C 353 11.26 -19.02 9.54
C GLU C 353 11.45 -18.89 11.03
N THR C 354 11.35 -17.70 11.58
CA THR C 354 11.48 -17.44 13.01
C THR C 354 10.45 -18.19 13.85
N GLU C 355 9.25 -18.38 13.34
CA GLU C 355 8.22 -19.09 14.09
C GLU C 355 8.67 -20.53 14.31
N LEU C 356 9.05 -21.21 13.20
CA LEU C 356 9.56 -22.57 13.37
C LEU C 356 10.78 -22.46 14.29
N PHE C 357 11.65 -21.48 14.01
CA PHE C 357 12.85 -21.38 14.86
C PHE C 357 12.49 -21.36 16.34
N TYR C 358 11.55 -20.53 16.75
CA TYR C 358 11.22 -20.45 18.19
C TYR C 358 10.46 -21.65 18.71
N LYS C 359 9.61 -22.26 17.90
CA LYS C 359 8.95 -23.51 18.29
C LYS C 359 9.96 -24.61 18.56
N GLY C 360 11.19 -24.48 18.11
CA GLY C 360 12.21 -25.48 18.44
C GLY C 360 12.61 -26.32 17.22
N ILE C 361 12.00 -26.06 16.08
CA ILE C 361 12.30 -26.64 14.82
C ILE C 361 13.57 -25.94 14.28
N ARG C 362 14.71 -26.45 14.69
CA ARG C 362 16.01 -25.99 14.19
C ARG C 362 16.76 -27.19 13.60
N PRO C 363 17.20 -27.11 12.36
CA PRO C 363 17.08 -25.95 11.49
C PRO C 363 15.67 -25.58 11.13
N ALA C 364 15.35 -24.30 11.15
CA ALA C 364 13.99 -23.80 10.97
C ALA C 364 13.53 -23.90 9.54
N ILE C 365 13.66 -25.04 8.91
CA ILE C 365 13.35 -25.24 7.51
C ILE C 365 11.86 -25.39 7.35
N ASN C 366 11.29 -24.67 6.38
CA ASN C 366 9.85 -24.82 6.13
C ASN C 366 9.75 -25.80 4.96
N VAL C 367 9.42 -27.03 5.23
CA VAL C 367 9.33 -28.11 4.24
C VAL C 367 8.41 -27.81 3.09
N GLY C 368 7.25 -27.24 3.29
CA GLY C 368 6.33 -26.96 2.20
C GLY C 368 6.89 -25.95 1.24
N LEU C 369 7.50 -24.85 1.73
CA LEU C 369 8.01 -23.87 0.77
C LEU C 369 9.38 -24.14 0.21
N SER C 370 10.19 -24.97 0.86
CA SER C 370 11.53 -25.29 0.35
C SER C 370 11.49 -26.31 -0.77
N VAL C 371 12.37 -26.27 -1.74
CA VAL C 371 12.39 -27.32 -2.76
C VAL C 371 13.82 -27.51 -3.30
N SER C 372 14.05 -28.59 -4.00
CA SER C 372 15.22 -28.89 -4.76
C SER C 372 14.82 -29.19 -6.21
N ARG C 373 15.40 -28.52 -7.18
CA ARG C 373 14.97 -28.80 -8.56
C ARG C 373 15.78 -29.93 -9.20
N VAL C 374 16.58 -30.61 -8.40
CA VAL C 374 17.48 -31.66 -8.80
C VAL C 374 17.00 -33.01 -8.29
N GLY C 375 16.39 -32.97 -7.09
CA GLY C 375 15.81 -34.14 -6.49
C GLY C 375 16.83 -35.26 -6.21
N SER C 376 16.30 -36.50 -6.20
CA SER C 376 17.09 -37.69 -5.89
C SER C 376 18.28 -37.85 -6.80
N ALA C 377 18.31 -37.24 -7.98
CA ALA C 377 19.58 -37.32 -8.72
C ALA C 377 20.76 -36.76 -7.93
N ALA C 378 20.63 -36.16 -6.77
CA ALA C 378 21.73 -35.54 -6.05
C ALA C 378 22.01 -36.30 -4.75
N GLN C 379 21.19 -37.31 -4.52
CA GLN C 379 21.33 -38.20 -3.38
C GLN C 379 21.96 -39.56 -3.76
N THR C 380 22.55 -40.20 -2.77
CA THR C 380 23.03 -41.58 -2.96
C THR C 380 21.83 -42.52 -3.01
N ARG C 381 21.94 -43.75 -3.50
CA ARG C 381 20.82 -44.69 -3.48
C ARG C 381 20.33 -44.91 -2.04
N ALA C 382 21.28 -44.93 -1.09
CA ALA C 382 20.88 -45.20 0.27
C ALA C 382 19.84 -44.19 0.76
N MET C 383 20.23 -42.90 0.67
CA MET C 383 19.40 -41.80 1.15
C MET C 383 18.13 -41.73 0.31
N LYS C 384 18.22 -42.15 -0.96
CA LYS C 384 16.95 -42.17 -1.73
C LYS C 384 16.07 -43.31 -1.26
N GLN C 385 16.68 -44.32 -0.62
CA GLN C 385 15.75 -45.39 -0.16
C GLN C 385 14.89 -44.88 0.97
N VAL C 386 15.50 -44.28 1.97
CA VAL C 386 14.78 -43.76 3.12
C VAL C 386 14.00 -42.48 2.90
N ALA C 387 14.54 -41.46 2.27
CA ALA C 387 13.90 -40.18 2.09
C ALA C 387 12.95 -40.08 0.90
N GLY C 388 13.00 -41.07 0.03
CA GLY C 388 12.21 -41.18 -1.16
C GLY C 388 10.96 -40.34 -1.26
N THR C 389 9.93 -40.61 -0.49
CA THR C 389 8.68 -39.86 -0.61
C THR C 389 8.40 -39.03 0.63
N MET C 390 9.43 -38.82 1.45
CA MET C 390 9.33 -38.08 2.69
C MET C 390 8.77 -36.69 2.47
N LYS C 391 9.34 -35.98 1.52
CA LYS C 391 8.90 -34.61 1.30
C LYS C 391 7.41 -34.42 1.10
N LEU C 392 6.85 -35.10 0.10
CA LEU C 392 5.43 -34.93 -0.19
C LEU C 392 4.61 -35.48 0.97
N GLU C 393 5.12 -36.50 1.65
CA GLU C 393 4.43 -37.02 2.82
C GLU C 393 4.33 -35.95 3.91
N LEU C 394 5.43 -35.32 4.25
CA LEU C 394 5.51 -34.26 5.24
C LEU C 394 4.61 -33.09 4.87
N ALA C 395 4.56 -32.69 3.59
CA ALA C 395 3.63 -31.65 3.16
C ALA C 395 2.20 -32.05 3.52
N GLN C 396 1.76 -33.19 3.01
CA GLN C 396 0.44 -33.73 3.21
C GLN C 396 0.14 -33.84 4.70
N TYR C 397 1.16 -34.28 5.45
CA TYR C 397 0.93 -34.38 6.91
C TYR C 397 0.52 -33.04 7.49
N ARG C 398 1.27 -31.99 7.19
CA ARG C 398 1.01 -30.66 7.67
C ARG C 398 -0.40 -30.19 7.31
N GLU C 399 -0.86 -30.48 6.10
CA GLU C 399 -2.21 -30.05 5.73
C GLU C 399 -3.26 -30.78 6.58
N VAL C 400 -3.01 -32.03 6.89
CA VAL C 400 -3.97 -32.84 7.62
C VAL C 400 -3.94 -32.47 9.09
N ALA C 401 -2.79 -31.95 9.53
CA ALA C 401 -2.67 -31.53 10.93
C ALA C 401 -3.39 -30.20 11.12
N ALA C 402 -3.39 -29.41 10.05
CA ALA C 402 -4.08 -28.13 10.09
C ALA C 402 -5.58 -28.42 10.21
N PHE C 403 -6.05 -29.26 9.29
CA PHE C 403 -7.46 -29.62 9.22
C PHE C 403 -7.99 -30.27 10.49
N ALA C 404 -7.14 -30.99 11.20
CA ALA C 404 -7.59 -31.66 12.42
C ALA C 404 -7.26 -30.83 13.66
N GLN C 405 -7.18 -29.51 13.51
CA GLN C 405 -6.89 -28.66 14.67
C GLN C 405 -8.02 -28.83 15.71
N PHE C 406 -8.84 -29.83 15.48
CA PHE C 406 -9.94 -30.23 16.34
C PHE C 406 -10.26 -31.70 16.07
N GLY C 407 -10.83 -32.44 17.01
CA GLY C 407 -11.13 -33.84 16.82
C GLY C 407 -12.10 -34.18 15.70
N SER C 408 -11.72 -33.92 14.45
CA SER C 408 -12.55 -34.18 13.29
C SER C 408 -12.73 -35.66 12.98
N ASP C 409 -13.05 -36.48 13.96
CA ASP C 409 -13.26 -37.92 13.76
C ASP C 409 -12.18 -38.54 12.91
N LEU C 410 -10.94 -38.38 13.36
CA LEU C 410 -9.77 -38.88 12.67
C LEU C 410 -9.79 -40.38 12.46
N ASP C 411 -9.90 -40.81 11.22
CA ASP C 411 -9.86 -42.23 10.88
C ASP C 411 -8.48 -42.79 11.22
N ALA C 412 -8.34 -44.10 11.08
CA ALA C 412 -7.09 -44.78 11.41
C ALA C 412 -5.96 -44.36 10.49
N ALA C 413 -6.28 -44.10 9.23
CA ALA C 413 -5.30 -43.70 8.24
C ALA C 413 -4.65 -42.36 8.61
N THR C 414 -5.50 -41.36 8.83
CA THR C 414 -5.00 -40.03 9.17
C THR C 414 -4.32 -40.02 10.52
N GLN C 415 -4.87 -40.78 11.45
CA GLN C 415 -4.26 -40.86 12.80
C GLN C 415 -2.89 -41.50 12.69
N GLN C 416 -2.69 -42.41 11.73
CA GLN C 416 -1.37 -43.02 11.55
C GLN C 416 -0.39 -41.98 11.00
N LEU C 417 -0.80 -41.39 9.89
CA LEU C 417 -0.07 -40.35 9.18
C LEU C 417 0.34 -39.20 10.07
N LEU C 418 -0.53 -38.84 11.01
CA LEU C 418 -0.18 -37.79 11.95
C LEU C 418 0.94 -38.24 12.89
N SER C 419 1.01 -39.52 13.19
CA SER C 419 2.04 -40.05 14.08
C SER C 419 3.38 -40.16 13.40
N ARG C 420 3.39 -40.44 12.09
CA ARG C 420 4.68 -40.43 11.37
C ARG C 420 5.26 -39.00 11.42
N GLY C 421 4.51 -38.07 10.86
CA GLY C 421 4.91 -36.69 10.68
C GLY C 421 5.52 -36.09 11.93
N VAL C 422 4.79 -36.20 13.04
CA VAL C 422 5.38 -35.70 14.28
C VAL C 422 6.70 -36.34 14.58
N ARG C 423 6.88 -37.65 14.31
CA ARG C 423 8.16 -38.28 14.61
C ARG C 423 9.22 -37.86 13.58
N LEU C 424 8.80 -37.79 12.31
CA LEU C 424 9.78 -37.42 11.31
C LEU C 424 10.32 -36.02 11.60
N THR C 425 9.43 -35.12 12.06
CA THR C 425 9.84 -33.79 12.46
C THR C 425 10.91 -33.83 13.54
N GLU C 426 10.71 -34.68 14.56
CA GLU C 426 11.71 -34.71 15.64
C GLU C 426 13.02 -35.21 15.08
N LEU C 427 12.95 -36.08 14.05
CA LEU C 427 14.23 -36.63 13.58
C LEU C 427 14.97 -35.56 12.79
N LEU C 428 14.19 -34.67 12.14
CA LEU C 428 14.79 -33.66 11.27
C LEU C 428 15.40 -32.53 12.08
N LYS C 429 15.20 -32.46 13.39
CA LYS C 429 15.86 -31.41 14.16
C LYS C 429 17.35 -31.77 14.22
N GLN C 430 18.23 -30.85 14.43
CA GLN C 430 19.65 -31.03 14.49
C GLN C 430 20.26 -29.76 15.05
N GLY C 431 21.33 -29.92 15.79
CA GLY C 431 22.02 -28.78 16.40
C GLY C 431 23.09 -28.31 15.42
N GLN C 432 23.97 -27.41 15.85
CA GLN C 432 24.97 -26.86 14.97
C GLN C 432 26.41 -27.32 15.26
N TYR C 433 27.18 -27.20 14.18
CA TYR C 433 28.59 -27.42 14.18
C TYR C 433 28.97 -28.88 14.24
N SER C 434 28.10 -29.81 13.85
CA SER C 434 28.48 -31.21 13.76
C SER C 434 27.69 -31.93 12.67
N PRO C 435 27.95 -31.53 11.45
CA PRO C 435 27.33 -32.11 10.29
C PRO C 435 27.49 -33.62 10.33
N MET C 436 26.46 -34.35 9.96
CA MET C 436 26.46 -35.79 10.01
C MET C 436 26.97 -36.41 8.71
N ALA C 437 27.61 -37.56 8.87
CA ALA C 437 28.07 -38.34 7.71
C ALA C 437 26.82 -38.92 7.05
N ILE C 438 26.86 -39.08 5.74
CA ILE C 438 25.62 -39.54 5.10
C ILE C 438 25.10 -40.84 5.65
N GLU C 439 25.95 -41.79 5.97
CA GLU C 439 25.51 -43.14 6.37
C GLU C 439 24.77 -43.11 7.69
N GLU C 440 25.20 -42.16 8.54
CA GLU C 440 24.59 -41.95 9.84
C GLU C 440 23.24 -41.23 9.65
N GLN C 441 23.16 -40.47 8.56
CA GLN C 441 21.94 -39.71 8.31
C GLN C 441 20.83 -40.71 7.96
N VAL C 442 21.21 -41.63 7.13
CA VAL C 442 20.33 -42.71 6.66
C VAL C 442 19.95 -43.65 7.78
N ALA C 443 20.90 -43.91 8.72
CA ALA C 443 20.48 -44.84 9.78
C ALA C 443 19.37 -44.18 10.59
N VAL C 444 19.63 -42.96 11.08
CA VAL C 444 18.61 -42.33 11.91
C VAL C 444 17.33 -42.09 11.13
N ILE C 445 17.39 -41.78 9.84
CA ILE C 445 16.14 -41.53 9.11
C ILE C 445 15.41 -42.85 8.89
N TYR C 446 16.19 -43.93 8.83
CA TYR C 446 15.66 -45.26 8.63
C TYR C 446 14.67 -45.66 9.73
N ALA C 447 15.17 -45.59 10.99
CA ALA C 447 14.28 -46.04 12.08
C ALA C 447 12.95 -45.31 11.99
N GLY C 448 13.01 -44.00 11.65
CA GLY C 448 11.75 -43.27 11.58
C GLY C 448 10.88 -43.70 10.43
N VAL C 449 11.44 -43.67 9.22
CA VAL C 449 10.63 -43.97 8.03
C VAL C 449 10.12 -45.39 8.02
N ARG C 450 10.92 -46.35 8.53
CA ARG C 450 10.42 -47.73 8.56
C ARG C 450 9.33 -47.93 9.62
N GLY C 451 9.07 -46.96 10.47
CA GLY C 451 8.00 -47.08 11.43
C GLY C 451 8.40 -47.62 12.79
N TYR C 452 9.65 -47.99 12.96
CA TYR C 452 10.10 -48.52 14.22
C TYR C 452 10.00 -47.56 15.37
N LEU C 453 9.68 -46.29 15.16
CA LEU C 453 9.62 -45.37 16.31
C LEU C 453 8.18 -44.94 16.54
N ASP C 454 7.26 -45.48 15.75
CA ASP C 454 5.89 -44.99 15.79
C ASP C 454 5.27 -45.08 17.17
N LYS C 455 5.73 -46.00 18.00
CA LYS C 455 5.09 -46.22 19.29
C LYS C 455 5.86 -45.57 20.40
N LEU C 456 6.79 -44.69 20.09
CA LEU C 456 7.57 -43.98 21.09
C LEU C 456 7.06 -42.55 21.29
N GLU C 457 7.35 -41.99 22.46
CA GLU C 457 6.89 -40.66 22.84
C GLU C 457 7.77 -39.62 22.16
N PRO C 458 7.19 -38.75 21.37
CA PRO C 458 7.92 -37.78 20.58
C PRO C 458 9.00 -37.03 21.33
N SER C 459 8.78 -36.74 22.60
CA SER C 459 9.79 -36.02 23.38
C SER C 459 11.06 -36.82 23.60
N LYS C 460 10.94 -38.14 23.53
CA LYS C 460 12.08 -39.02 23.78
C LYS C 460 12.87 -39.26 22.50
N ILE C 461 12.31 -38.88 21.35
CA ILE C 461 12.98 -39.11 20.08
C ILE C 461 14.34 -38.48 19.94
N THR C 462 14.48 -37.20 20.27
CA THR C 462 15.82 -36.61 20.17
C THR C 462 16.82 -37.42 21.00
N LYS C 463 16.43 -37.74 22.22
CA LYS C 463 17.24 -38.51 23.15
C LYS C 463 17.49 -39.91 22.61
N PHE C 464 16.50 -40.44 21.89
CA PHE C 464 16.69 -41.74 21.28
C PHE C 464 17.79 -41.68 20.21
N GLU C 465 17.58 -40.82 19.21
CA GLU C 465 18.55 -40.69 18.14
C GLU C 465 19.96 -40.56 18.69
N ASN C 466 20.18 -39.84 19.77
CA ASN C 466 21.56 -39.73 20.27
C ASN C 466 22.13 -41.12 20.62
N ALA C 467 21.34 -41.84 21.39
CA ALA C 467 21.62 -43.16 21.90
C ALA C 467 21.85 -44.16 20.78
N PHE C 468 20.89 -44.20 19.85
CA PHE C 468 21.01 -45.11 18.71
C PHE C 468 22.26 -44.79 17.89
N LEU C 469 22.45 -43.55 17.52
CA LEU C 469 23.61 -43.12 16.76
C LEU C 469 24.91 -43.62 17.37
N SER C 470 25.22 -43.17 18.58
CA SER C 470 26.43 -43.55 19.30
C SER C 470 26.53 -45.07 19.41
N HIS C 471 25.38 -45.72 19.41
CA HIS C 471 25.40 -47.18 19.45
C HIS C 471 25.94 -47.67 18.12
N VAL C 472 25.34 -47.34 16.98
CA VAL C 472 25.86 -47.91 15.74
C VAL C 472 27.24 -47.41 15.37
N ILE C 473 27.72 -46.29 15.88
CA ILE C 473 29.03 -45.75 15.52
C ILE C 473 30.16 -46.52 16.19
N SER C 474 29.94 -46.91 17.44
CA SER C 474 30.93 -47.63 18.21
C SER C 474 30.96 -49.11 17.84
N GLN C 475 29.87 -49.80 18.11
CA GLN C 475 29.70 -51.19 17.81
C GLN C 475 29.59 -51.50 16.33
N HIS C 476 28.53 -51.09 15.67
CA HIS C 476 28.25 -51.39 14.29
C HIS C 476 28.99 -50.62 13.23
N GLN C 477 30.23 -50.27 13.51
CA GLN C 477 31.16 -49.63 12.59
C GLN C 477 31.12 -50.29 11.23
N ALA C 478 30.92 -51.59 11.16
CA ALA C 478 30.84 -52.35 9.91
C ALA C 478 29.62 -52.00 9.07
N LEU C 479 28.43 -52.17 9.63
CA LEU C 479 27.19 -51.84 8.92
C LEU C 479 27.31 -50.47 8.26
N LEU C 480 27.64 -49.43 9.03
CA LEU C 480 27.80 -48.10 8.48
C LEU C 480 28.79 -48.10 7.33
N GLY C 481 29.96 -48.69 7.57
CA GLY C 481 31.01 -48.74 6.56
C GLY C 481 30.45 -49.33 5.27
N LYS C 482 29.64 -50.38 5.39
CA LYS C 482 29.14 -51.03 4.18
C LYS C 482 28.17 -50.13 3.44
N ILE C 483 27.23 -49.57 4.19
CA ILE C 483 26.25 -48.67 3.60
C ILE C 483 26.94 -47.52 2.87
N ARG C 484 27.95 -46.93 3.51
CA ARG C 484 28.72 -45.87 2.89
C ARG C 484 29.34 -46.34 1.57
N THR C 485 30.23 -47.30 1.64
CA THR C 485 30.92 -47.87 0.50
C THR C 485 29.94 -48.25 -0.58
N ASP C 486 28.87 -48.95 -0.21
CA ASP C 486 27.88 -49.34 -1.21
C ASP C 486 27.04 -48.17 -1.69
N GLY C 487 26.84 -47.18 -0.83
CA GLY C 487 25.99 -46.03 -1.15
C GLY C 487 24.53 -46.46 -1.27
N LYS C 488 24.24 -47.65 -0.81
CA LYS C 488 22.91 -48.26 -0.87
C LYS C 488 22.66 -49.05 0.41
N ILE C 489 21.43 -49.43 0.66
CA ILE C 489 21.05 -50.33 1.73
C ILE C 489 20.66 -51.68 1.08
N SER C 490 21.57 -52.65 1.20
CA SER C 490 21.37 -53.98 0.62
C SER C 490 20.40 -54.78 1.49
N GLU C 491 19.84 -55.87 1.02
CA GLU C 491 18.87 -56.64 1.83
C GLU C 491 19.52 -57.12 3.14
N GLU C 492 20.83 -57.24 3.07
CA GLU C 492 21.63 -57.63 4.22
C GLU C 492 21.61 -56.48 5.21
N SER C 493 22.09 -55.32 4.77
CA SER C 493 22.15 -54.12 5.62
C SER C 493 20.79 -53.82 6.23
N ASP C 494 19.78 -53.99 5.37
CA ASP C 494 18.41 -53.80 5.84
C ASP C 494 18.12 -54.65 7.06
N ALA C 495 18.24 -55.96 6.93
CA ALA C 495 18.02 -56.95 7.98
C ALA C 495 18.78 -56.63 9.24
N LYS C 496 20.07 -56.30 9.07
CA LYS C 496 20.87 -55.90 10.23
C LYS C 496 20.39 -54.63 10.91
N LEU C 497 19.72 -53.71 10.20
CA LEU C 497 19.29 -52.46 10.81
C LEU C 497 17.97 -52.70 11.56
N LYS C 498 17.15 -53.53 10.94
CA LYS C 498 15.86 -53.86 11.58
C LYS C 498 16.13 -54.51 12.94
N GLU C 499 17.16 -55.35 12.97
CA GLU C 499 17.47 -56.09 14.18
C GLU C 499 17.93 -55.12 15.26
N ILE C 500 18.95 -54.34 14.94
CA ILE C 500 19.46 -53.35 15.88
C ILE C 500 18.47 -52.33 16.41
N VAL C 501 17.58 -51.75 15.60
CA VAL C 501 16.72 -50.70 16.10
C VAL C 501 15.64 -51.25 17.03
N THR C 502 15.06 -52.37 16.63
CA THR C 502 13.94 -52.92 17.39
C THR C 502 14.42 -53.30 18.78
N ASN C 503 15.51 -54.04 18.83
CA ASN C 503 16.03 -54.50 20.11
C ASN C 503 16.51 -53.33 20.94
N PHE C 504 17.30 -52.43 20.35
CA PHE C 504 17.83 -51.26 21.04
C PHE C 504 16.66 -50.42 21.57
N LEU C 505 15.67 -50.25 20.71
CA LEU C 505 14.50 -49.46 21.13
C LEU C 505 13.88 -50.08 22.39
N ALA C 506 13.58 -51.37 22.29
CA ALA C 506 13.13 -52.18 23.42
C ALA C 506 13.93 -51.85 24.68
N GLY C 507 15.24 -52.08 24.60
CA GLY C 507 16.11 -51.81 25.76
C GLY C 507 15.78 -50.39 26.25
N PHE C 508 15.84 -49.47 25.30
CA PHE C 508 15.59 -48.05 25.55
C PHE C 508 14.31 -47.76 26.30
N GLU C 509 13.22 -48.46 26.07
CA GLU C 509 11.94 -48.25 26.71
C GLU C 509 11.70 -49.26 27.85
N ALA C 510 12.75 -49.54 28.61
CA ALA C 510 12.67 -50.53 29.68
C ALA C 510 12.19 -49.93 31.00
N THR D 13 26.99 0.59 -45.50
CA THR D 13 27.27 1.85 -44.74
C THR D 13 27.91 1.62 -43.38
N THR D 14 28.81 2.54 -43.03
CA THR D 14 29.63 2.48 -41.84
C THR D 14 29.38 3.65 -40.89
N GLY D 15 29.26 3.36 -39.60
CA GLY D 15 29.09 4.41 -38.60
C GLY D 15 30.12 4.17 -37.48
N ARG D 16 30.09 4.98 -36.45
CA ARG D 16 30.98 4.87 -35.31
C ARG D 16 30.22 4.99 -33.99
N ILE D 17 30.63 4.19 -33.02
CA ILE D 17 29.98 4.25 -31.70
C ILE D 17 30.25 5.62 -31.07
N VAL D 18 29.19 6.26 -30.55
CA VAL D 18 29.42 7.54 -29.85
C VAL D 18 29.04 7.39 -28.39
N ALA D 19 28.41 6.25 -28.05
CA ALA D 19 28.11 6.09 -26.62
C ALA D 19 27.78 4.65 -26.25
N VAL D 20 28.20 4.26 -25.04
CA VAL D 20 27.96 2.91 -24.58
C VAL D 20 27.52 2.89 -23.13
N ILE D 21 26.25 2.65 -22.91
CA ILE D 21 25.73 2.53 -21.54
C ILE D 21 25.03 1.16 -21.51
N GLY D 22 25.57 0.24 -20.73
CA GLY D 22 24.97 -1.09 -20.67
C GLY D 22 24.75 -1.75 -22.02
N ALA D 23 23.57 -2.26 -22.28
CA ALA D 23 23.22 -2.93 -23.52
C ALA D 23 22.91 -1.90 -24.61
N VAL D 24 22.87 -0.65 -24.20
CA VAL D 24 22.44 0.38 -25.13
C VAL D 24 23.60 1.15 -25.68
N VAL D 25 23.71 1.10 -27.02
CA VAL D 25 24.87 1.76 -27.64
C VAL D 25 24.36 2.71 -28.71
N ASP D 26 24.81 3.94 -28.72
CA ASP D 26 24.48 4.94 -29.73
C ASP D 26 25.53 4.91 -30.86
N VAL D 27 25.05 5.05 -32.09
CA VAL D 27 25.85 4.97 -33.29
C VAL D 27 25.55 6.14 -34.21
N GLN D 28 26.60 6.79 -34.70
CA GLN D 28 26.53 7.92 -35.62
C GLN D 28 27.02 7.50 -37.02
N PHE D 29 26.24 7.85 -38.01
CA PHE D 29 26.48 7.49 -39.38
C PHE D 29 26.59 8.77 -40.22
N ASP D 30 27.32 8.74 -41.32
CA ASP D 30 27.43 9.96 -42.13
C ASP D 30 27.02 9.70 -43.56
N GLU D 31 26.67 8.46 -43.86
CA GLU D 31 26.22 8.04 -45.19
C GLU D 31 24.71 7.86 -45.06
N GLY D 32 24.19 6.67 -45.33
CA GLY D 32 22.76 6.43 -45.10
C GLY D 32 22.49 6.01 -43.64
N LEU D 33 21.48 6.64 -43.05
CA LEU D 33 21.09 6.28 -41.67
C LEU D 33 20.17 5.06 -41.74
N PRO D 34 20.58 4.00 -41.10
CA PRO D 34 19.89 2.73 -41.04
C PRO D 34 18.51 2.83 -40.41
N PRO D 35 17.53 2.23 -41.02
CA PRO D 35 16.16 2.21 -40.52
C PRO D 35 16.04 1.43 -39.22
N ILE D 36 15.04 1.82 -38.44
CA ILE D 36 14.75 1.10 -37.20
C ILE D 36 14.49 -0.37 -37.54
N LEU D 37 14.94 -1.25 -36.66
CA LEU D 37 14.83 -2.67 -36.69
C LEU D 37 16.01 -3.33 -37.43
N ASN D 38 16.87 -2.55 -38.05
CA ASN D 38 17.98 -3.13 -38.81
C ASN D 38 19.09 -3.68 -37.95
N ALA D 39 19.76 -4.72 -38.45
CA ALA D 39 20.89 -5.30 -37.76
C ALA D 39 22.20 -4.60 -38.20
N LEU D 40 22.95 -4.14 -37.20
CA LEU D 40 24.23 -3.48 -37.45
C LEU D 40 25.33 -4.42 -36.97
N GLU D 41 26.51 -4.39 -37.58
CA GLU D 41 27.55 -5.34 -37.17
C GLU D 41 28.76 -4.57 -36.61
N VAL D 42 29.07 -4.81 -35.35
CA VAL D 42 30.22 -4.12 -34.76
C VAL D 42 31.52 -4.71 -35.32
N GLN D 43 32.34 -3.86 -35.91
CA GLN D 43 33.63 -4.26 -36.41
C GLN D 43 34.67 -4.27 -35.28
N GLY D 44 35.60 -5.21 -35.42
CA GLY D 44 36.71 -5.36 -34.48
C GLY D 44 36.38 -6.12 -33.21
N ARG D 45 35.69 -7.24 -33.36
CA ARG D 45 35.36 -8.10 -32.25
C ARG D 45 35.64 -9.57 -32.55
N GLU D 46 36.16 -10.36 -31.61
CA GLU D 46 36.52 -11.74 -31.97
C GLU D 46 35.30 -12.60 -32.14
N THR D 47 34.20 -12.00 -31.73
CA THR D 47 32.89 -12.68 -31.74
C THR D 47 31.91 -11.75 -32.41
N ARG D 48 30.94 -12.29 -33.10
CA ARG D 48 29.98 -11.48 -33.87
C ARG D 48 28.98 -10.78 -32.96
N LEU D 49 29.02 -9.45 -32.97
CA LEU D 49 28.26 -8.57 -32.14
C LEU D 49 27.26 -7.76 -32.96
N VAL D 50 26.00 -8.11 -32.81
CA VAL D 50 24.94 -7.44 -33.56
C VAL D 50 24.27 -6.40 -32.68
N LEU D 51 23.90 -5.29 -33.28
CA LEU D 51 23.19 -4.20 -32.69
C LEU D 51 21.86 -4.03 -33.43
N GLU D 52 20.74 -3.95 -32.75
CA GLU D 52 19.44 -3.74 -33.39
C GLU D 52 19.08 -2.28 -33.29
N VAL D 53 18.79 -1.61 -34.42
CA VAL D 53 18.42 -0.18 -34.23
C VAL D 53 17.09 -0.06 -33.52
N ALA D 54 17.00 0.81 -32.49
CA ALA D 54 15.77 1.00 -31.74
C ALA D 54 15.08 2.31 -32.07
N GLN D 55 15.86 3.36 -32.22
CA GLN D 55 15.33 4.69 -32.43
C GLN D 55 16.33 5.55 -33.26
N HIS D 56 15.80 6.67 -33.77
CA HIS D 56 16.59 7.70 -34.44
C HIS D 56 16.52 8.92 -33.50
N LEU D 57 17.62 9.18 -32.86
CA LEU D 57 17.74 10.18 -31.83
C LEU D 57 17.66 11.59 -32.39
N GLY D 58 18.04 11.73 -33.64
CA GLY D 58 18.29 13.00 -34.29
C GLY D 58 19.79 13.13 -34.60
N GLU D 59 20.15 14.05 -35.46
CA GLU D 59 21.54 14.29 -35.85
C GLU D 59 22.34 13.08 -36.24
N SER D 60 21.82 12.29 -37.15
CA SER D 60 22.50 11.14 -37.74
C SER D 60 22.97 10.15 -36.70
N THR D 61 22.30 10.19 -35.54
CA THR D 61 22.65 9.26 -34.47
C THR D 61 21.49 8.32 -34.25
N VAL D 62 21.78 7.02 -34.20
CA VAL D 62 20.69 6.06 -33.97
C VAL D 62 20.91 5.42 -32.62
N ARG D 63 19.86 4.96 -31.93
CA ARG D 63 20.10 4.29 -30.63
C ARG D 63 19.76 2.81 -30.85
N THR D 64 20.64 1.93 -30.39
CA THR D 64 20.50 0.52 -30.68
C THR D 64 20.62 -0.35 -29.45
N ILE D 65 20.08 -1.57 -29.50
CA ILE D 65 20.22 -2.51 -28.39
C ILE D 65 21.13 -3.66 -28.85
N ALA D 66 22.17 -3.95 -28.09
CA ALA D 66 23.11 -4.98 -28.43
C ALA D 66 22.56 -6.40 -28.24
N MET D 67 23.02 -7.32 -29.12
CA MET D 67 22.61 -8.71 -28.96
C MET D 67 23.60 -9.52 -28.13
N ASP D 68 24.66 -8.93 -27.59
CA ASP D 68 25.59 -9.65 -26.70
C ASP D 68 26.22 -8.57 -25.81
N GLY D 69 27.15 -8.91 -24.95
CA GLY D 69 27.78 -7.95 -24.05
C GLY D 69 28.52 -6.83 -24.77
N THR D 70 28.67 -5.68 -24.13
CA THR D 70 29.29 -4.48 -24.66
C THR D 70 30.62 -4.19 -23.95
N GLU D 71 31.06 -5.09 -23.10
CA GLU D 71 32.39 -5.08 -22.53
C GLU D 71 33.40 -4.95 -23.70
N GLY D 72 34.32 -4.00 -23.52
CA GLY D 72 35.40 -3.79 -24.43
C GLY D 72 35.06 -2.91 -25.59
N LEU D 73 33.82 -2.51 -25.81
CA LEU D 73 33.59 -1.56 -26.89
C LEU D 73 34.29 -0.24 -26.51
N VAL D 74 34.54 0.53 -27.57
CA VAL D 74 35.23 1.78 -27.54
C VAL D 74 34.53 2.80 -28.41
N ARG D 75 34.43 4.02 -27.87
CA ARG D 75 33.84 5.11 -28.65
C ARG D 75 34.66 5.30 -29.92
N GLY D 76 34.05 5.26 -31.09
CA GLY D 76 34.76 5.40 -32.35
C GLY D 76 34.84 4.09 -33.11
N GLN D 77 34.66 2.95 -32.44
CA GLN D 77 34.70 1.65 -33.12
C GLN D 77 33.71 1.62 -34.28
N LYS D 78 34.08 0.97 -35.38
CA LYS D 78 33.21 0.95 -36.55
C LYS D 78 32.04 -0.02 -36.43
N VAL D 79 30.94 0.40 -37.03
CA VAL D 79 29.71 -0.34 -37.13
C VAL D 79 29.20 -0.29 -38.57
N LEU D 80 28.97 -1.45 -39.14
CA LEU D 80 28.46 -1.61 -40.47
C LEU D 80 26.98 -1.94 -40.48
N ASP D 81 26.23 -1.27 -41.34
CA ASP D 81 24.80 -1.54 -41.49
C ASP D 81 24.59 -2.71 -42.44
N SER D 82 24.06 -3.81 -41.93
CA SER D 82 23.84 -5.01 -42.72
C SER D 82 22.79 -4.79 -43.80
N GLY D 83 22.06 -3.68 -43.75
CA GLY D 83 21.00 -3.44 -44.72
C GLY D 83 19.67 -4.09 -44.37
N ALA D 84 19.52 -4.78 -43.25
CA ALA D 84 18.25 -5.45 -42.94
C ALA D 84 18.16 -5.85 -41.48
N PRO D 85 16.98 -6.19 -41.01
CA PRO D 85 16.78 -6.78 -39.69
C PRO D 85 17.60 -8.05 -39.50
N ILE D 86 17.49 -8.68 -38.35
CA ILE D 86 18.19 -9.95 -38.10
C ILE D 86 17.57 -11.04 -38.94
N ARG D 87 18.37 -11.64 -39.82
CA ARG D 87 17.85 -12.75 -40.64
C ARG D 87 18.42 -14.06 -40.11
N ILE D 88 17.60 -15.10 -39.94
CA ILE D 88 18.20 -16.33 -39.45
C ILE D 88 17.92 -17.47 -40.43
N PRO D 89 18.64 -18.56 -40.29
CA PRO D 89 18.45 -19.78 -41.04
C PRO D 89 17.08 -20.39 -40.79
N VAL D 90 16.27 -20.59 -41.81
CA VAL D 90 14.98 -21.25 -41.59
C VAL D 90 14.88 -22.48 -42.50
N GLY D 91 14.34 -23.58 -42.00
CA GLY D 91 14.15 -24.74 -42.85
C GLY D 91 14.29 -26.05 -42.07
N PRO D 92 14.14 -27.15 -42.76
CA PRO D 92 14.28 -28.50 -42.25
C PRO D 92 15.65 -28.73 -41.63
N GLU D 93 16.65 -27.99 -42.09
CA GLU D 93 17.98 -28.12 -41.50
C GLU D 93 18.19 -27.37 -40.19
N THR D 94 17.14 -26.93 -39.52
CA THR D 94 17.23 -26.38 -38.18
C THR D 94 16.94 -27.49 -37.18
N LEU D 95 16.24 -28.54 -37.66
CA LEU D 95 15.89 -29.67 -36.83
C LEU D 95 17.12 -30.40 -36.27
N GLY D 96 17.11 -30.76 -35.00
CA GLY D 96 18.21 -31.38 -34.30
C GLY D 96 19.30 -30.36 -33.94
N ARG D 97 19.30 -29.21 -34.63
CA ARG D 97 20.25 -28.15 -34.33
C ARG D 97 19.85 -27.26 -33.16
N ILE D 98 20.83 -26.78 -32.40
CA ILE D 98 20.58 -25.80 -31.36
C ILE D 98 21.00 -24.43 -31.90
N MET D 99 20.04 -23.57 -32.13
CA MET D 99 20.36 -22.23 -32.65
C MET D 99 20.31 -21.17 -31.54
N ASN D 100 20.88 -20.05 -31.85
CA ASN D 100 21.13 -18.84 -31.11
C ASN D 100 20.08 -17.78 -31.44
N VAL D 101 20.14 -16.62 -30.79
CA VAL D 101 19.33 -15.51 -31.14
C VAL D 101 19.56 -15.11 -32.62
N ILE D 102 20.83 -14.83 -32.93
CA ILE D 102 21.14 -14.31 -34.26
C ILE D 102 21.31 -15.42 -35.29
N GLY D 103 20.88 -16.65 -35.01
CA GLY D 103 20.91 -17.71 -35.96
C GLY D 103 22.16 -18.56 -36.04
N GLU D 104 23.13 -18.40 -35.13
CA GLU D 104 24.32 -19.23 -35.18
C GLU D 104 24.07 -20.54 -34.41
N PRO D 105 24.67 -21.61 -34.94
CA PRO D 105 24.78 -22.91 -34.36
C PRO D 105 25.50 -22.84 -33.01
N ILE D 106 24.90 -23.33 -31.93
CA ILE D 106 25.62 -23.25 -30.65
C ILE D 106 25.75 -24.67 -30.14
N ASP D 107 25.53 -25.60 -31.05
CA ASP D 107 25.65 -27.03 -30.75
C ASP D 107 27.01 -27.59 -31.10
N GLU D 108 27.92 -26.76 -31.57
CA GLU D 108 29.25 -27.22 -31.96
C GLU D 108 29.24 -28.24 -33.09
N ARG D 109 28.20 -28.38 -33.87
CA ARG D 109 28.13 -29.34 -34.97
C ARG D 109 28.29 -28.71 -36.34
N GLY D 110 28.91 -27.55 -36.45
CA GLY D 110 29.14 -26.91 -37.74
C GLY D 110 27.99 -26.05 -38.17
N PRO D 111 28.06 -25.41 -39.32
CA PRO D 111 27.07 -24.53 -39.89
C PRO D 111 25.70 -25.13 -40.10
N ILE D 112 24.70 -24.24 -40.10
CA ILE D 112 23.33 -24.71 -40.41
C ILE D 112 23.22 -24.42 -41.90
N LYS D 113 23.42 -25.45 -42.71
CA LYS D 113 23.44 -25.21 -44.17
C LYS D 113 22.03 -25.07 -44.72
N THR D 114 21.37 -23.96 -44.40
CA THR D 114 20.02 -23.76 -44.91
C THR D 114 20.12 -23.19 -46.33
N LYS D 115 18.99 -23.09 -46.97
CA LYS D 115 18.86 -22.48 -48.28
C LYS D 115 17.87 -21.32 -48.22
N GLN D 116 17.35 -21.11 -47.02
CA GLN D 116 16.42 -20.02 -46.79
C GLN D 116 16.74 -19.40 -45.44
N PHE D 117 16.71 -18.08 -45.43
CA PHE D 117 16.90 -17.23 -44.28
C PHE D 117 15.67 -16.33 -44.13
N ALA D 118 15.28 -16.08 -42.89
CA ALA D 118 14.12 -15.25 -42.62
C ALA D 118 14.39 -14.29 -41.46
N ALA D 119 13.87 -13.10 -41.69
CA ALA D 119 13.93 -11.97 -40.78
C ALA D 119 13.10 -12.26 -39.52
N ILE D 120 13.68 -12.00 -38.34
CA ILE D 120 12.95 -12.31 -37.11
C ILE D 120 11.84 -11.30 -36.86
N HIS D 121 11.78 -10.26 -37.69
CA HIS D 121 10.72 -9.26 -37.56
C HIS D 121 9.79 -9.42 -38.75
N ALA D 122 8.48 -9.34 -38.51
CA ALA D 122 7.47 -9.62 -39.50
C ALA D 122 6.07 -9.34 -38.96
N GLU D 123 5.18 -8.95 -39.89
CA GLU D 123 3.82 -8.59 -39.63
C GLU D 123 2.97 -9.78 -39.19
N ALA D 124 1.92 -9.50 -38.45
CA ALA D 124 1.05 -10.56 -37.96
C ALA D 124 0.00 -10.90 -39.03
N PRO D 125 -0.30 -12.17 -39.15
CA PRO D 125 -1.35 -12.67 -40.02
C PRO D 125 -2.60 -11.79 -39.81
N GLU D 126 -3.22 -11.45 -40.91
CA GLU D 126 -4.39 -10.61 -40.99
C GLU D 126 -5.58 -11.41 -40.47
N PHE D 127 -6.64 -10.70 -40.10
CA PHE D 127 -7.89 -11.21 -39.63
C PHE D 127 -8.49 -12.24 -40.61
N VAL D 128 -8.53 -11.93 -41.91
CA VAL D 128 -9.04 -12.92 -42.84
C VAL D 128 -8.28 -14.26 -42.83
N GLU D 129 -7.08 -14.35 -42.34
CA GLU D 129 -6.29 -15.57 -42.34
C GLU D 129 -6.52 -16.40 -41.08
N MET D 130 -7.43 -15.95 -40.23
CA MET D 130 -7.74 -16.66 -39.00
C MET D 130 -8.56 -17.91 -39.20
N SER D 131 -8.48 -18.87 -38.30
CA SER D 131 -9.19 -20.14 -38.31
C SER D 131 -10.06 -20.25 -37.07
N VAL D 132 -11.21 -20.90 -37.19
CA VAL D 132 -12.09 -21.02 -36.02
C VAL D 132 -12.26 -22.44 -35.54
N GLU D 133 -11.61 -23.43 -36.15
CA GLU D 133 -11.74 -24.82 -35.75
C GLU D 133 -11.15 -25.13 -34.38
N GLN D 134 -11.76 -25.96 -33.55
CA GLN D 134 -11.24 -26.34 -32.25
C GLN D 134 -11.54 -27.80 -31.90
N GLU D 135 -10.50 -28.61 -31.73
CA GLU D 135 -10.65 -30.01 -31.41
C GLU D 135 -9.80 -30.31 -30.18
N ILE D 136 -10.36 -30.98 -29.18
CA ILE D 136 -9.58 -31.29 -27.99
C ILE D 136 -8.25 -31.96 -28.32
N LEU D 137 -7.26 -31.75 -27.49
CA LEU D 137 -5.95 -32.30 -27.48
C LEU D 137 -5.71 -32.99 -26.12
N VAL D 138 -6.14 -34.25 -26.02
CA VAL D 138 -5.95 -34.95 -24.75
C VAL D 138 -4.46 -34.96 -24.42
N THR D 139 -4.14 -34.69 -23.17
CA THR D 139 -2.74 -34.57 -22.79
C THR D 139 -2.34 -35.68 -21.81
N GLY D 140 -3.35 -36.33 -21.25
CA GLY D 140 -3.16 -37.35 -20.25
C GLY D 140 -3.09 -36.83 -18.84
N ILE D 141 -3.22 -35.49 -18.68
CA ILE D 141 -3.18 -34.93 -17.33
C ILE D 141 -4.60 -34.80 -16.78
N LYS D 142 -4.86 -35.38 -15.60
CA LYS D 142 -6.24 -35.37 -15.12
C LYS D 142 -6.85 -33.98 -15.09
N VAL D 143 -6.40 -33.09 -14.22
CA VAL D 143 -6.90 -31.75 -14.06
C VAL D 143 -7.09 -30.95 -15.36
N VAL D 144 -6.13 -30.96 -16.22
CA VAL D 144 -6.19 -30.25 -17.50
C VAL D 144 -7.32 -30.78 -18.35
N ASP D 145 -7.23 -32.02 -18.77
CA ASP D 145 -8.22 -32.72 -19.60
C ASP D 145 -9.65 -32.58 -19.09
N LEU D 146 -9.85 -32.66 -17.78
CA LEU D 146 -11.15 -32.47 -17.16
C LEU D 146 -11.62 -31.03 -17.10
N LEU D 147 -10.92 -30.13 -16.39
CA LEU D 147 -11.37 -28.78 -16.17
C LEU D 147 -11.07 -27.74 -17.25
N ALA D 148 -9.92 -27.77 -17.92
CA ALA D 148 -9.62 -26.79 -18.96
C ALA D 148 -8.80 -27.43 -20.08
N PRO D 149 -9.44 -28.24 -20.88
CA PRO D 149 -8.87 -28.96 -22.01
C PRO D 149 -8.12 -28.06 -22.98
N TYR D 150 -6.97 -28.50 -23.44
CA TYR D 150 -6.28 -27.74 -24.49
C TYR D 150 -6.93 -28.10 -25.83
N ALA D 151 -6.68 -27.33 -26.86
CA ALA D 151 -7.19 -27.63 -28.17
C ALA D 151 -6.04 -27.76 -29.16
N LYS D 152 -6.38 -28.23 -30.36
CA LYS D 152 -5.36 -28.50 -31.38
C LYS D 152 -5.12 -27.26 -32.22
N GLY D 153 -3.91 -26.71 -32.11
CA GLY D 153 -3.60 -25.51 -32.89
C GLY D 153 -4.06 -24.27 -32.12
N GLY D 154 -4.30 -24.45 -30.84
CA GLY D 154 -4.73 -23.37 -29.98
C GLY D 154 -3.54 -22.79 -29.19
N LYS D 155 -3.82 -21.72 -28.46
CA LYS D 155 -2.81 -21.07 -27.64
C LYS D 155 -2.98 -21.47 -26.19
N ILE D 156 -2.04 -22.22 -25.65
CA ILE D 156 -2.05 -22.61 -24.26
C ILE D 156 -1.02 -21.73 -23.51
N GLY D 157 -1.36 -21.35 -22.26
CA GLY D 157 -0.39 -20.75 -21.39
C GLY D 157 -0.28 -21.42 -20.03
N LEU D 158 0.97 -21.57 -19.50
CA LEU D 158 1.06 -22.12 -18.15
C LEU D 158 1.58 -21.01 -17.23
N PHE D 159 0.66 -20.52 -16.37
CA PHE D 159 1.03 -19.40 -15.52
C PHE D 159 1.50 -19.95 -14.18
N GLY D 160 2.51 -19.34 -13.59
CA GLY D 160 2.94 -19.76 -12.28
C GLY D 160 4.05 -18.89 -11.71
N GLY D 161 4.06 -18.80 -10.40
CA GLY D 161 5.12 -18.19 -9.62
C GLY D 161 6.38 -19.07 -9.75
N ALA D 162 7.35 -18.74 -8.93
CA ALA D 162 8.68 -19.31 -9.00
C ALA D 162 8.81 -20.62 -8.25
N GLY D 163 9.00 -21.71 -8.98
CA GLY D 163 9.12 -23.02 -8.37
C GLY D 163 7.78 -23.70 -8.19
N VAL D 164 6.80 -23.42 -9.07
CA VAL D 164 5.51 -24.14 -8.84
C VAL D 164 5.30 -25.29 -9.83
N GLY D 165 6.02 -25.39 -10.95
CA GLY D 165 5.87 -26.52 -11.84
C GLY D 165 5.71 -26.23 -13.30
N LYS D 166 5.84 -24.93 -13.67
CA LYS D 166 5.64 -24.62 -15.08
C LYS D 166 6.48 -25.56 -15.96
N THR D 167 7.78 -25.64 -15.66
CA THR D 167 8.71 -26.37 -16.52
C THR D 167 8.47 -27.87 -16.49
N VAL D 168 8.36 -28.46 -15.31
CA VAL D 168 7.97 -29.87 -15.20
C VAL D 168 6.75 -30.11 -16.08
N LEU D 169 5.68 -29.34 -15.91
CA LEU D 169 4.44 -29.55 -16.66
C LEU D 169 4.63 -29.48 -18.17
N ILE D 170 5.44 -28.58 -18.67
CA ILE D 170 5.63 -28.42 -20.10
C ILE D 170 6.52 -29.57 -20.62
N MET D 171 7.37 -30.09 -19.74
CA MET D 171 8.25 -31.20 -20.03
C MET D 171 7.36 -32.46 -20.17
N GLU D 172 6.38 -32.56 -19.30
CA GLU D 172 5.42 -33.63 -19.37
C GLU D 172 4.67 -33.62 -20.70
N LEU D 173 4.40 -32.43 -21.20
CA LEU D 173 3.59 -32.21 -22.39
C LEU D 173 4.35 -32.59 -23.64
N ILE D 174 5.63 -32.30 -23.67
CA ILE D 174 6.52 -32.61 -24.78
C ILE D 174 6.68 -34.14 -24.83
N ASN D 175 6.78 -34.73 -23.63
CA ASN D 175 6.89 -36.15 -23.43
C ASN D 175 5.66 -36.85 -23.99
N ASN D 176 4.45 -36.36 -23.71
CA ASN D 176 3.25 -37.07 -24.18
C ASN D 176 2.77 -36.65 -25.57
N VAL D 177 2.53 -35.37 -25.75
CA VAL D 177 1.99 -34.85 -26.98
C VAL D 177 3.04 -34.79 -28.08
N ALA D 178 4.24 -34.34 -27.76
CA ALA D 178 5.22 -34.13 -28.81
C ALA D 178 5.84 -35.44 -29.25
N LYS D 179 6.14 -36.34 -28.32
CA LYS D 179 6.71 -37.62 -28.75
C LYS D 179 5.80 -38.37 -29.70
N ALA D 180 4.49 -38.22 -29.59
CA ALA D 180 3.57 -38.91 -30.49
C ALA D 180 3.15 -38.00 -31.64
N HIS D 181 3.64 -36.75 -31.62
CA HIS D 181 3.24 -35.80 -32.64
C HIS D 181 3.84 -36.14 -34.00
N GLY D 182 3.01 -36.17 -35.04
CA GLY D 182 3.52 -36.37 -36.40
C GLY D 182 3.60 -34.99 -37.05
N GLY D 183 4.81 -34.49 -37.17
CA GLY D 183 5.09 -33.16 -37.72
C GLY D 183 6.30 -32.59 -36.98
N TYR D 184 6.74 -31.38 -37.32
CA TYR D 184 7.89 -30.77 -36.64
C TYR D 184 7.48 -29.99 -35.40
N SER D 185 8.46 -29.74 -34.54
CA SER D 185 8.32 -29.08 -33.27
C SER D 185 9.50 -28.10 -33.09
N VAL D 186 9.19 -27.00 -32.40
CA VAL D 186 10.18 -25.98 -32.12
C VAL D 186 10.19 -25.68 -30.62
N PHE D 187 11.37 -25.57 -30.02
CA PHE D 187 11.43 -25.21 -28.60
C PHE D 187 12.36 -23.99 -28.44
N ALA D 188 11.82 -22.95 -27.83
CA ALA D 188 12.58 -21.73 -27.60
C ALA D 188 12.77 -21.52 -26.11
N GLY D 189 14.01 -21.60 -25.67
CA GLY D 189 14.36 -21.37 -24.27
C GLY D 189 14.61 -19.85 -24.21
N VAL D 190 13.72 -19.14 -23.53
CA VAL D 190 13.86 -17.70 -23.38
C VAL D 190 14.07 -17.31 -21.93
N GLY D 191 15.22 -16.77 -21.61
CA GLY D 191 15.48 -16.25 -20.27
C GLY D 191 15.43 -17.29 -19.21
N GLU D 192 15.62 -18.55 -19.60
CA GLU D 192 15.57 -19.60 -18.57
C GLU D 192 16.87 -20.25 -18.29
N ARG D 193 16.91 -21.27 -17.43
CA ARG D 193 18.16 -21.91 -17.05
C ARG D 193 18.91 -22.57 -18.20
N THR D 194 20.24 -22.43 -18.23
CA THR D 194 21.04 -23.13 -19.23
C THR D 194 21.04 -24.64 -18.89
N ARG D 195 21.32 -24.97 -17.65
CA ARG D 195 21.30 -26.39 -17.22
C ARG D 195 20.06 -27.08 -17.77
N GLU D 196 18.94 -26.35 -17.78
CA GLU D 196 17.72 -27.02 -18.26
C GLU D 196 17.86 -27.29 -19.75
N GLY D 197 18.60 -26.46 -20.45
CA GLY D 197 18.76 -26.55 -21.90
C GLY D 197 19.56 -27.83 -22.21
N ASN D 198 20.61 -28.03 -21.40
CA ASN D 198 21.45 -29.17 -21.49
C ASN D 198 20.63 -30.40 -21.08
N ASP D 199 19.77 -30.28 -20.10
CA ASP D 199 18.96 -31.39 -19.67
C ASP D 199 18.03 -31.87 -20.78
N LEU D 200 17.27 -30.92 -21.30
CA LEU D 200 16.36 -31.22 -22.37
C LEU D 200 17.06 -31.79 -23.61
N TYR D 201 18.19 -31.23 -23.99
CA TYR D 201 18.85 -31.60 -25.24
C TYR D 201 19.24 -33.08 -25.26
N HIS D 202 19.87 -33.44 -24.15
CA HIS D 202 20.39 -34.76 -23.93
C HIS D 202 19.27 -35.77 -23.74
N GLU D 203 18.13 -35.34 -23.23
CA GLU D 203 17.00 -36.23 -23.03
C GLU D 203 16.31 -36.54 -24.36
N MET D 204 16.32 -35.57 -25.25
CA MET D 204 15.72 -35.70 -26.57
C MET D 204 16.60 -36.57 -27.47
N ILE D 205 17.92 -36.42 -27.31
CA ILE D 205 18.79 -37.31 -28.09
C ILE D 205 18.49 -38.76 -27.69
N GLU D 206 18.28 -39.02 -26.40
CA GLU D 206 18.03 -40.34 -25.90
C GLU D 206 16.72 -40.91 -26.43
N SER D 207 15.65 -40.19 -26.40
CA SER D 207 14.37 -40.63 -26.96
C SER D 207 14.40 -40.64 -28.48
N GLY D 208 15.50 -40.23 -29.11
CA GLY D 208 15.51 -40.20 -30.57
C GLY D 208 14.77 -39.04 -31.20
N VAL D 209 14.04 -38.24 -30.43
CA VAL D 209 13.40 -37.04 -30.99
C VAL D 209 14.40 -36.19 -31.73
N ILE D 210 15.62 -36.15 -31.20
CA ILE D 210 16.71 -35.50 -31.95
C ILE D 210 17.68 -36.65 -32.30
N ASN D 211 18.07 -36.73 -33.54
CA ASN D 211 19.03 -37.75 -33.97
C ASN D 211 20.25 -37.00 -34.50
N LEU D 212 21.39 -37.22 -33.87
CA LEU D 212 22.60 -36.52 -34.36
C LEU D 212 23.26 -37.22 -35.53
N LYS D 213 22.96 -38.50 -35.75
CA LYS D 213 23.61 -39.26 -36.82
C LYS D 213 22.88 -39.22 -38.14
N ASP D 214 21.67 -38.66 -38.19
CA ASP D 214 20.98 -38.54 -39.47
C ASP D 214 19.92 -37.46 -39.50
N ALA D 215 19.02 -37.57 -40.48
CA ALA D 215 17.98 -36.59 -40.71
C ALA D 215 16.60 -36.96 -40.20
N THR D 216 16.49 -37.59 -39.04
CA THR D 216 15.20 -37.89 -38.45
C THR D 216 14.72 -36.89 -37.38
N SER D 217 15.50 -35.89 -37.05
CA SER D 217 15.19 -34.92 -36.00
C SER D 217 13.85 -34.24 -36.26
N LYS D 218 13.00 -34.13 -35.25
CA LYS D 218 11.68 -33.54 -35.44
C LYS D 218 11.47 -32.25 -34.64
N VAL D 219 12.49 -31.80 -33.96
CA VAL D 219 12.48 -30.64 -33.10
C VAL D 219 13.69 -29.74 -33.34
N ALA D 220 13.44 -28.47 -33.58
CA ALA D 220 14.50 -27.47 -33.70
C ALA D 220 14.63 -26.70 -32.38
N LEU D 221 15.82 -26.29 -31.99
CA LEU D 221 16.01 -25.61 -30.71
C LEU D 221 16.58 -24.21 -30.86
N VAL D 222 16.11 -23.24 -30.11
CA VAL D 222 16.68 -21.86 -30.16
C VAL D 222 16.92 -21.42 -28.72
N TYR D 223 18.12 -21.02 -28.30
CA TYR D 223 18.32 -20.69 -26.91
C TYR D 223 18.85 -19.29 -26.65
N GLY D 224 18.41 -18.69 -25.56
CA GLY D 224 18.75 -17.36 -25.11
C GLY D 224 18.42 -17.23 -23.61
N GLN D 225 19.22 -17.97 -22.83
CA GLN D 225 19.00 -18.02 -21.39
C GLN D 225 19.38 -16.80 -20.58
N MET D 226 19.32 -16.95 -19.28
CA MET D 226 19.61 -16.03 -18.23
C MET D 226 21.00 -15.42 -18.16
N ASN D 227 21.94 -16.11 -18.77
CA ASN D 227 23.31 -15.64 -18.76
C ASN D 227 23.47 -14.63 -19.88
N GLU D 228 22.49 -14.45 -20.74
CA GLU D 228 22.67 -13.49 -21.84
C GLU D 228 22.26 -12.08 -21.46
N PRO D 229 22.61 -11.11 -22.23
CA PRO D 229 22.23 -9.71 -21.99
C PRO D 229 20.78 -9.50 -22.41
N PRO D 230 20.17 -8.39 -22.02
CA PRO D 230 18.78 -8.11 -22.27
C PRO D 230 18.41 -8.14 -23.75
N GLY D 231 19.18 -7.54 -24.63
CA GLY D 231 18.90 -7.55 -26.05
C GLY D 231 18.67 -8.95 -26.59
N ALA D 232 19.38 -9.97 -26.15
CA ALA D 232 19.24 -11.32 -26.65
C ALA D 232 17.94 -11.95 -26.15
N ARG D 233 17.75 -11.77 -24.85
CA ARG D 233 16.56 -12.39 -24.24
C ARG D 233 15.29 -11.79 -24.80
N ALA D 234 15.36 -10.53 -25.24
CA ALA D 234 14.17 -9.88 -25.78
C ALA D 234 13.94 -10.30 -27.23
N ARG D 235 14.93 -10.94 -27.85
CA ARG D 235 14.75 -11.31 -29.25
C ARG D 235 14.69 -12.80 -29.53
N VAL D 236 15.20 -13.66 -28.67
CA VAL D 236 15.13 -15.08 -28.89
C VAL D 236 13.77 -15.63 -29.27
N ALA D 237 12.75 -15.30 -28.51
CA ALA D 237 11.39 -15.76 -28.71
C ALA D 237 10.98 -15.50 -30.16
N LEU D 238 11.47 -14.39 -30.69
CA LEU D 238 11.14 -14.05 -32.07
C LEU D 238 11.93 -14.98 -32.99
N THR D 239 13.07 -15.44 -32.48
CA THR D 239 13.92 -16.32 -33.29
C THR D 239 13.24 -17.69 -33.36
N GLY D 240 12.83 -18.16 -32.19
CA GLY D 240 12.13 -19.43 -32.10
C GLY D 240 10.87 -19.40 -32.97
N LEU D 241 10.10 -18.34 -32.78
CA LEU D 241 8.86 -18.14 -33.50
C LEU D 241 9.03 -18.10 -35.02
N THR D 242 10.13 -17.51 -35.51
CA THR D 242 10.31 -17.41 -36.97
C THR D 242 10.56 -18.77 -37.62
N VAL D 243 11.32 -19.61 -36.93
CA VAL D 243 11.59 -20.97 -37.36
C VAL D 243 10.25 -21.71 -37.50
N ALA D 244 9.45 -21.67 -36.42
CA ALA D 244 8.15 -22.32 -36.43
C ALA D 244 7.26 -21.79 -37.55
N GLU D 245 7.27 -20.49 -37.77
CA GLU D 245 6.44 -19.86 -38.78
C GLU D 245 6.71 -20.50 -40.14
N TYR D 246 7.98 -20.65 -40.49
CA TYR D 246 8.41 -21.28 -41.71
C TYR D 246 7.75 -22.63 -41.94
N PHE D 247 7.88 -23.51 -40.95
CA PHE D 247 7.28 -24.82 -41.05
C PHE D 247 5.80 -24.68 -41.32
N ARG D 248 5.15 -23.70 -40.73
CA ARG D 248 3.72 -23.49 -40.87
C ARG D 248 3.25 -23.05 -42.23
N ASP D 249 3.90 -22.04 -42.79
CA ASP D 249 3.51 -21.43 -44.05
C ASP D 249 4.03 -22.22 -45.24
N GLN D 250 5.28 -22.64 -45.16
CA GLN D 250 5.91 -23.41 -46.23
C GLN D 250 5.63 -24.89 -46.14
N GLU D 251 4.62 -25.33 -45.40
CA GLU D 251 4.36 -26.77 -45.34
C GLU D 251 2.90 -27.03 -45.00
N GLY D 252 2.37 -26.14 -44.16
CA GLY D 252 1.01 -26.25 -43.64
C GLY D 252 0.95 -27.27 -42.50
N GLN D 253 2.02 -28.02 -42.35
CA GLN D 253 2.15 -29.11 -41.38
C GLN D 253 1.86 -28.69 -39.95
N ASP D 254 1.24 -29.58 -39.16
CA ASP D 254 0.94 -29.19 -37.78
C ASP D 254 2.25 -28.97 -37.04
N VAL D 255 2.56 -27.73 -36.69
CA VAL D 255 3.76 -27.41 -35.94
C VAL D 255 3.45 -27.25 -34.46
N LEU D 256 4.22 -27.85 -33.59
CA LEU D 256 4.13 -27.65 -32.16
C LEU D 256 5.19 -26.58 -31.78
N LEU D 257 4.83 -25.62 -30.94
CA LEU D 257 5.75 -24.59 -30.44
C LEU D 257 5.72 -24.54 -28.91
N PHE D 258 6.89 -24.73 -28.28
CA PHE D 258 7.00 -24.67 -26.84
C PHE D 258 7.92 -23.50 -26.50
N ILE D 259 7.45 -22.63 -25.60
CA ILE D 259 8.25 -21.47 -25.23
C ILE D 259 8.30 -21.37 -23.71
N ASP D 260 9.50 -21.46 -23.18
CA ASP D 260 9.67 -21.29 -21.71
C ASP D 260 10.81 -20.30 -21.51
N ASN D 261 10.54 -19.12 -21.04
CA ASN D 261 9.32 -18.58 -20.52
C ASN D 261 9.03 -17.24 -21.19
N ILE D 262 7.92 -17.09 -21.90
CA ILE D 262 7.62 -15.87 -22.67
C ILE D 262 7.60 -14.61 -21.82
N PHE D 263 7.54 -14.68 -20.48
CA PHE D 263 7.68 -13.48 -19.68
C PHE D 263 9.05 -12.81 -19.89
N ARG D 264 10.06 -13.62 -20.29
CA ARG D 264 11.38 -13.02 -20.39
C ARG D 264 11.54 -12.07 -21.54
N PHE D 265 10.66 -12.08 -22.50
CA PHE D 265 10.62 -11.07 -23.59
C PHE D 265 10.16 -9.73 -22.96
N THR D 266 9.17 -9.78 -22.05
CA THR D 266 8.71 -8.55 -21.42
C THR D 266 9.69 -8.03 -20.36
N GLN D 267 10.32 -8.86 -19.56
CA GLN D 267 11.27 -8.42 -18.54
C GLN D 267 12.52 -7.83 -19.21
N ALA D 268 12.93 -8.36 -20.37
CA ALA D 268 14.09 -7.87 -21.05
C ALA D 268 13.86 -6.44 -21.50
N GLY D 269 12.70 -6.19 -22.07
CA GLY D 269 12.29 -4.85 -22.45
C GLY D 269 12.35 -3.89 -21.27
N SER D 270 11.79 -4.24 -20.12
CA SER D 270 11.82 -3.27 -19.01
C SER D 270 13.27 -2.99 -18.61
N GLU D 271 14.12 -3.99 -18.89
CA GLU D 271 15.50 -3.82 -18.45
C GLU D 271 16.17 -2.68 -19.17
N VAL D 272 15.88 -2.52 -20.46
CA VAL D 272 16.56 -1.43 -21.17
C VAL D 272 15.69 -0.22 -21.37
N SER D 273 14.51 -0.21 -20.79
CA SER D 273 13.52 0.82 -21.05
C SER D 273 14.00 2.19 -20.63
N ALA D 274 14.45 2.38 -19.42
CA ALA D 274 14.99 3.69 -19.01
C ALA D 274 16.17 4.08 -19.87
N LEU D 275 17.06 3.21 -20.32
CA LEU D 275 18.17 3.71 -21.16
C LEU D 275 17.65 4.15 -22.52
N LEU D 276 16.47 3.71 -22.90
CA LEU D 276 15.91 4.14 -24.18
C LEU D 276 15.25 5.51 -24.04
N GLY D 277 15.17 6.09 -22.85
CA GLY D 277 14.59 7.36 -22.58
C GLY D 277 13.14 7.38 -22.12
N ARG D 278 12.53 6.25 -21.75
CA ARG D 278 11.10 6.30 -21.47
C ARG D 278 10.68 6.50 -20.03
N ILE D 279 9.61 7.26 -19.78
CA ILE D 279 9.04 7.37 -18.45
C ILE D 279 8.43 6.00 -18.15
N PRO D 280 8.64 5.55 -16.97
CA PRO D 280 8.13 4.25 -16.53
C PRO D 280 6.62 4.28 -16.50
N SER D 281 6.01 3.13 -16.59
CA SER D 281 4.59 2.95 -16.44
C SER D 281 4.34 2.23 -15.13
N ALA D 282 3.18 1.70 -14.88
CA ALA D 282 2.93 1.08 -13.57
C ALA D 282 3.88 -0.09 -13.32
N VAL D 283 4.20 -0.26 -12.06
CA VAL D 283 5.03 -1.33 -11.55
C VAL D 283 6.36 -1.37 -12.26
N GLY D 284 6.84 -0.31 -12.84
CA GLY D 284 8.17 -0.32 -13.44
C GLY D 284 8.26 -0.72 -14.88
N TYR D 285 7.14 -1.13 -15.46
CA TYR D 285 7.27 -1.68 -16.82
C TYR D 285 7.39 -0.59 -17.85
N GLN D 286 7.81 -0.91 -19.03
CA GLN D 286 7.85 0.00 -20.15
C GLN D 286 6.39 0.32 -20.52
N PRO D 287 6.17 1.46 -21.13
CA PRO D 287 4.89 1.92 -21.58
C PRO D 287 4.37 1.16 -22.78
N THR D 288 5.27 0.55 -23.54
CA THR D 288 4.85 -0.21 -24.73
C THR D 288 4.58 -1.68 -24.44
N LEU D 289 4.40 -2.08 -23.19
CA LEU D 289 4.21 -3.47 -22.82
C LEU D 289 3.19 -4.21 -23.68
N ALA D 290 1.94 -3.78 -23.63
CA ALA D 290 0.85 -4.40 -24.33
C ALA D 290 1.07 -4.34 -25.83
N THR D 291 1.67 -3.27 -26.36
CA THR D 291 1.81 -3.21 -27.82
C THR D 291 2.93 -4.17 -28.20
N ASP D 292 3.97 -4.14 -27.38
CA ASP D 292 5.13 -5.00 -27.64
C ASP D 292 4.72 -6.48 -27.66
N MET D 293 3.94 -6.86 -26.69
CA MET D 293 3.46 -8.21 -26.51
C MET D 293 2.50 -8.64 -27.59
N GLY D 294 1.62 -7.76 -28.03
CA GLY D 294 0.71 -7.98 -29.11
C GLY D 294 1.37 -8.19 -30.46
N THR D 295 2.40 -7.46 -30.86
CA THR D 295 3.01 -7.68 -32.18
C THR D 295 3.73 -9.02 -32.21
N MET D 296 4.14 -9.53 -31.05
CA MET D 296 4.76 -10.83 -30.99
C MET D 296 3.73 -11.97 -31.00
N GLN D 297 2.88 -11.97 -29.97
CA GLN D 297 1.85 -12.98 -29.80
C GLN D 297 0.96 -13.14 -31.03
N GLU D 298 0.70 -12.09 -31.79
CA GLU D 298 -0.18 -12.26 -32.93
C GLU D 298 0.51 -13.02 -34.06
N ARG D 299 1.79 -13.29 -33.95
CA ARG D 299 2.47 -14.11 -34.95
C ARG D 299 2.34 -15.60 -34.56
N ILE D 300 2.28 -15.85 -33.27
CA ILE D 300 2.07 -17.15 -32.68
C ILE D 300 0.59 -17.55 -32.80
N THR D 301 0.26 -18.05 -33.99
CA THR D 301 -1.15 -18.38 -34.24
C THR D 301 -1.28 -19.36 -35.40
N THR D 302 -2.31 -20.19 -35.34
CA THR D 302 -2.65 -21.09 -36.45
C THR D 302 -3.20 -20.11 -37.49
N THR D 303 -3.16 -20.44 -38.74
CA THR D 303 -3.76 -19.62 -39.79
C THR D 303 -4.48 -20.61 -40.72
N LYS D 304 -4.97 -20.07 -41.83
CA LYS D 304 -5.66 -20.95 -42.75
C LYS D 304 -4.64 -21.85 -43.49
N LYS D 305 -3.38 -21.49 -43.56
CA LYS D 305 -2.32 -22.20 -44.21
C LYS D 305 -1.73 -23.37 -43.42
N GLY D 306 -1.57 -23.27 -42.12
CA GLY D 306 -1.01 -24.39 -41.34
C GLY D 306 -1.42 -24.17 -39.89
N SER D 307 -1.20 -25.12 -39.00
CA SER D 307 -1.62 -24.85 -37.62
C SER D 307 -0.49 -25.00 -36.62
N ILE D 308 -0.41 -24.08 -35.65
CA ILE D 308 0.65 -24.10 -34.65
C ILE D 308 -0.01 -24.37 -33.30
N THR D 309 0.42 -25.34 -32.53
CA THR D 309 -0.18 -25.57 -31.20
C THR D 309 0.91 -25.06 -30.25
N SER D 310 0.72 -23.87 -29.73
CA SER D 310 1.75 -23.24 -28.92
C SER D 310 1.45 -23.45 -27.45
N VAL D 311 2.52 -23.73 -26.72
CA VAL D 311 2.47 -23.89 -25.28
C VAL D 311 3.52 -22.90 -24.72
N GLN D 312 3.08 -21.90 -24.01
CA GLN D 312 3.94 -20.88 -23.44
C GLN D 312 3.95 -20.90 -21.92
N ALA D 313 5.08 -21.19 -21.29
CA ALA D 313 5.23 -21.03 -19.84
C ALA D 313 5.29 -19.50 -19.54
N ILE D 314 4.53 -19.02 -18.59
CA ILE D 314 4.42 -17.59 -18.30
C ILE D 314 4.65 -17.27 -16.85
N TYR D 315 5.77 -16.61 -16.57
CA TYR D 315 6.12 -16.32 -15.18
C TYR D 315 5.26 -15.19 -14.60
N VAL D 316 4.95 -15.31 -13.33
CA VAL D 316 4.11 -14.41 -12.56
C VAL D 316 4.92 -13.84 -11.39
N PRO D 317 5.41 -12.64 -11.59
CA PRO D 317 6.18 -11.88 -10.60
C PRO D 317 5.51 -11.82 -9.24
N ALA D 318 6.38 -12.08 -8.24
CA ALA D 318 5.88 -12.18 -6.87
C ALA D 318 4.54 -12.87 -6.74
N ASP D 319 4.21 -13.84 -7.58
CA ASP D 319 3.00 -14.65 -7.39
C ASP D 319 1.66 -13.95 -7.59
N ASP D 320 1.76 -12.68 -7.98
CA ASP D 320 0.65 -11.83 -8.27
C ASP D 320 0.22 -11.96 -9.71
N LEU D 321 -0.91 -12.63 -9.93
CA LEU D 321 -1.51 -12.76 -11.23
C LEU D 321 -2.02 -11.45 -11.81
N THR D 322 -2.15 -10.39 -11.00
CA THR D 322 -2.56 -9.10 -11.56
C THR D 322 -1.40 -8.27 -12.07
N ASP D 323 -0.15 -8.70 -11.82
CA ASP D 323 0.99 -7.95 -12.39
C ASP D 323 0.78 -7.66 -13.86
N PRO D 324 1.13 -6.49 -14.32
CA PRO D 324 0.94 -6.08 -15.72
C PRO D 324 1.28 -7.15 -16.73
N ALA D 325 2.40 -7.83 -16.56
CA ALA D 325 2.89 -8.85 -17.52
C ALA D 325 1.95 -10.02 -17.65
N PRO D 326 1.75 -10.83 -16.65
CA PRO D 326 0.84 -11.99 -16.79
C PRO D 326 -0.55 -11.50 -17.17
N ALA D 327 -1.04 -10.45 -16.51
CA ALA D 327 -2.41 -9.97 -16.70
C ALA D 327 -2.67 -9.57 -18.14
N THR D 328 -1.65 -9.06 -18.82
CA THR D 328 -1.84 -8.73 -20.22
C THR D 328 -1.73 -9.97 -21.12
N THR D 329 -1.17 -11.07 -20.58
CA THR D 329 -0.97 -12.21 -21.47
C THR D 329 -2.26 -13.01 -21.55
N PHE D 330 -3.05 -12.93 -20.47
CA PHE D 330 -4.29 -13.70 -20.47
C PHE D 330 -5.06 -13.62 -21.78
N ALA D 331 -5.31 -12.48 -22.37
CA ALA D 331 -6.21 -12.42 -23.53
C ALA D 331 -5.62 -13.01 -24.79
N HIS D 332 -4.33 -13.30 -24.75
CA HIS D 332 -3.72 -13.88 -25.95
C HIS D 332 -3.92 -15.40 -26.07
N LEU D 333 -4.46 -16.08 -25.10
CA LEU D 333 -4.56 -17.50 -25.06
C LEU D 333 -5.92 -18.10 -25.34
N ASP D 334 -6.00 -19.44 -25.48
CA ASP D 334 -7.28 -20.09 -25.69
C ASP D 334 -7.55 -21.04 -24.51
N ALA D 335 -6.48 -21.34 -23.81
CA ALA D 335 -6.65 -22.22 -22.64
C ALA D 335 -5.53 -21.82 -21.68
N THR D 336 -5.84 -21.63 -20.44
CA THR D 336 -4.85 -21.16 -19.48
C THR D 336 -4.78 -22.17 -18.34
N THR D 337 -3.61 -22.57 -17.92
CA THR D 337 -3.44 -23.49 -16.80
C THR D 337 -2.72 -22.70 -15.72
N VAL D 338 -3.43 -22.36 -14.66
CA VAL D 338 -2.90 -21.51 -13.61
C VAL D 338 -2.34 -22.34 -12.50
N LEU D 339 -1.11 -22.08 -12.06
CA LEU D 339 -0.51 -22.91 -10.99
C LEU D 339 -0.42 -22.10 -9.71
N SER D 340 -0.65 -22.71 -8.54
CA SER D 340 -0.63 -22.01 -7.30
C SER D 340 0.41 -22.60 -6.35
N ARG D 341 1.17 -21.73 -5.73
CA ARG D 341 2.15 -22.12 -4.74
C ARG D 341 1.40 -22.65 -3.51
N ALA D 342 0.23 -22.05 -3.26
CA ALA D 342 -0.57 -22.50 -2.11
C ALA D 342 -0.96 -23.98 -2.25
N ILE D 343 -1.28 -24.35 -3.49
CA ILE D 343 -1.63 -25.77 -3.69
C ILE D 343 -0.34 -26.57 -3.61
N ALA D 344 0.64 -26.26 -4.45
CA ALA D 344 1.90 -26.99 -4.42
C ALA D 344 2.46 -27.18 -3.01
N GLU D 345 2.09 -26.29 -2.10
CA GLU D 345 2.66 -26.29 -0.75
C GLU D 345 2.05 -27.40 0.10
N LEU D 346 0.96 -27.94 -0.43
CA LEU D 346 0.22 -29.01 0.22
C LEU D 346 0.71 -30.36 -0.27
N GLY D 347 1.42 -30.37 -1.38
CA GLY D 347 1.99 -31.56 -1.98
C GLY D 347 1.20 -32.03 -3.19
N ILE D 348 0.17 -31.24 -3.55
CA ILE D 348 -0.62 -31.57 -4.71
C ILE D 348 0.16 -31.13 -5.94
N TYR D 349 0.45 -32.03 -6.83
CA TYR D 349 1.12 -31.67 -8.09
C TYR D 349 0.43 -32.45 -9.20
N PRO D 350 0.30 -31.91 -10.38
CA PRO D 350 0.68 -30.55 -10.69
C PRO D 350 -0.13 -29.60 -9.81
N ALA D 351 0.49 -28.52 -9.40
CA ALA D 351 -0.15 -27.51 -8.60
C ALA D 351 -1.21 -26.73 -9.35
N VAL D 352 -2.04 -27.34 -10.20
CA VAL D 352 -3.10 -26.63 -10.85
C VAL D 352 -4.26 -26.15 -9.98
N ASP D 353 -4.73 -24.94 -10.19
CA ASP D 353 -5.86 -24.30 -9.53
C ASP D 353 -7.12 -24.53 -10.39
N PRO D 354 -7.97 -25.42 -9.96
CA PRO D 354 -9.18 -25.84 -10.64
C PRO D 354 -10.20 -24.71 -10.73
N LEU D 355 -10.07 -23.75 -9.82
CA LEU D 355 -10.92 -22.58 -9.82
C LEU D 355 -10.23 -21.39 -10.47
N ASP D 356 -9.20 -21.59 -11.28
CA ASP D 356 -8.57 -20.49 -11.98
C ASP D 356 -8.01 -20.92 -13.33
N SER D 357 -8.29 -22.12 -13.77
CA SER D 357 -7.73 -22.58 -15.09
C SER D 357 -8.89 -22.62 -16.01
N THR D 358 -8.85 -22.21 -17.25
CA THR D 358 -10.06 -22.17 -18.07
C THR D 358 -9.66 -22.63 -19.48
N SER D 359 -10.65 -22.85 -20.34
CA SER D 359 -10.40 -23.21 -21.72
C SER D 359 -11.59 -22.88 -22.60
N ARG D 360 -11.32 -22.29 -23.74
CA ARG D 360 -12.37 -21.87 -24.66
C ARG D 360 -13.23 -23.01 -25.15
N ILE D 361 -12.72 -24.24 -25.22
CA ILE D 361 -13.46 -25.37 -25.72
C ILE D 361 -14.23 -26.09 -24.61
N MET D 362 -14.20 -25.57 -23.39
CA MET D 362 -14.96 -26.21 -22.32
C MET D 362 -16.44 -25.74 -22.39
N ASP D 363 -17.17 -26.32 -23.30
CA ASP D 363 -18.54 -26.01 -23.64
C ASP D 363 -19.23 -27.35 -23.99
N PRO D 364 -20.40 -27.55 -23.46
CA PRO D 364 -21.19 -28.76 -23.63
C PRO D 364 -21.38 -29.10 -25.10
N ASN D 365 -21.43 -28.10 -25.97
CA ASN D 365 -21.62 -28.39 -27.40
C ASN D 365 -20.32 -28.76 -28.09
N ILE D 366 -19.28 -29.03 -27.30
CA ILE D 366 -17.96 -29.34 -27.81
C ILE D 366 -17.35 -30.56 -27.11
N VAL D 367 -17.24 -30.50 -25.78
CA VAL D 367 -16.68 -31.62 -25.03
C VAL D 367 -17.82 -32.59 -24.69
N GLY D 368 -19.04 -32.16 -25.00
CA GLY D 368 -20.22 -32.96 -24.72
C GLY D 368 -20.72 -32.70 -23.31
N SER D 369 -21.96 -33.13 -23.03
CA SER D 369 -22.63 -32.95 -21.78
C SER D 369 -22.02 -33.61 -20.55
N GLU D 370 -21.64 -34.86 -20.64
CA GLU D 370 -21.12 -35.56 -19.43
C GLU D 370 -19.78 -34.98 -19.03
N HIS D 371 -18.96 -34.65 -20.03
CA HIS D 371 -17.68 -34.02 -19.71
C HIS D 371 -17.94 -32.67 -19.02
N TYR D 372 -18.77 -31.84 -19.68
CA TYR D 372 -19.08 -30.52 -19.16
C TYR D 372 -19.65 -30.56 -17.75
N ASP D 373 -20.63 -31.41 -17.54
CA ASP D 373 -21.29 -31.47 -16.24
C ASP D 373 -20.37 -32.00 -15.17
N VAL D 374 -19.44 -32.91 -15.54
CA VAL D 374 -18.59 -33.46 -14.45
C VAL D 374 -17.65 -32.35 -13.95
N ALA D 375 -17.12 -31.63 -14.95
CA ALA D 375 -16.19 -30.53 -14.70
C ALA D 375 -16.85 -29.45 -13.86
N ARG D 376 -18.04 -29.07 -14.32
CA ARG D 376 -18.80 -28.03 -13.60
C ARG D 376 -19.13 -28.47 -12.21
N GLY D 377 -19.47 -29.73 -12.00
CA GLY D 377 -19.76 -30.29 -10.68
C GLY D 377 -18.56 -30.36 -9.78
N VAL D 378 -17.37 -30.57 -10.37
CA VAL D 378 -16.15 -30.65 -9.54
C VAL D 378 -15.81 -29.26 -9.02
N GLN D 379 -15.92 -28.29 -9.93
CA GLN D 379 -15.56 -26.91 -9.54
C GLN D 379 -16.51 -26.41 -8.47
N LYS D 380 -17.81 -26.75 -8.67
CA LYS D 380 -18.77 -26.34 -7.63
C LYS D 380 -18.47 -26.92 -6.26
N ILE D 381 -18.22 -28.22 -6.16
CA ILE D 381 -17.95 -28.82 -4.85
C ILE D 381 -16.66 -28.27 -4.24
N LEU D 382 -15.69 -27.95 -5.12
CA LEU D 382 -14.46 -27.33 -4.65
C LEU D 382 -14.70 -25.90 -4.20
N GLN D 383 -15.49 -25.10 -4.93
CA GLN D 383 -15.79 -23.74 -4.51
C GLN D 383 -16.66 -23.70 -3.27
N ASP D 384 -17.46 -24.74 -3.08
CA ASP D 384 -18.26 -24.74 -1.82
C ASP D 384 -17.29 -24.83 -0.65
N TYR D 385 -16.57 -25.95 -0.62
CA TYR D 385 -15.55 -26.21 0.38
C TYR D 385 -14.66 -25.00 0.62
N LYS D 386 -14.14 -24.44 -0.46
CA LYS D 386 -13.22 -23.31 -0.35
C LYS D 386 -13.78 -22.23 0.56
N SER D 387 -15.03 -21.85 0.33
CA SER D 387 -15.68 -20.82 1.13
C SER D 387 -15.99 -21.23 2.54
N LEU D 388 -16.02 -22.52 2.87
CA LEU D 388 -16.22 -22.93 4.26
C LEU D 388 -14.91 -23.00 5.04
N GLN D 389 -13.84 -23.41 4.38
CA GLN D 389 -12.57 -23.67 5.05
C GLN D 389 -12.29 -22.76 6.24
N ASP D 390 -12.12 -21.49 5.95
CA ASP D 390 -11.78 -20.45 6.90
C ASP D 390 -12.83 -20.31 7.98
N ILE D 391 -14.06 -20.63 7.57
CA ILE D 391 -15.16 -20.53 8.53
C ILE D 391 -15.01 -21.66 9.54
N ILE D 392 -15.29 -22.91 9.16
CA ILE D 392 -15.17 -24.00 10.14
C ILE D 392 -13.80 -24.07 10.78
N ALA D 393 -12.78 -23.45 10.20
CA ALA D 393 -11.47 -23.41 10.82
C ALA D 393 -11.55 -22.84 12.24
N ILE D 394 -12.43 -21.86 12.44
CA ILE D 394 -12.66 -21.22 13.72
C ILE D 394 -13.90 -21.76 14.44
N LEU D 395 -15.03 -21.84 13.75
CA LEU D 395 -16.27 -22.26 14.41
C LEU D 395 -16.30 -23.74 14.75
N GLY D 396 -15.73 -24.57 13.88
CA GLY D 396 -15.78 -26.02 14.15
C GLY D 396 -16.72 -26.70 13.16
N MET D 397 -16.59 -28.01 13.04
CA MET D 397 -17.34 -28.80 12.08
C MET D 397 -18.65 -29.35 12.59
N ASP D 398 -18.78 -29.32 13.91
CA ASP D 398 -19.93 -29.86 14.59
C ASP D 398 -21.25 -29.25 14.15
N GLU D 399 -21.28 -28.08 13.53
CA GLU D 399 -22.59 -27.54 13.15
C GLU D 399 -22.98 -27.96 11.73
N LEU D 400 -21.98 -28.38 10.96
CA LEU D 400 -22.25 -28.78 9.58
C LEU D 400 -23.18 -29.99 9.60
N SER D 401 -24.26 -29.92 8.84
CA SER D 401 -25.22 -31.02 8.78
C SER D 401 -24.55 -32.24 8.18
N GLU D 402 -25.10 -33.43 8.40
CA GLU D 402 -24.54 -34.64 7.84
C GLU D 402 -24.45 -34.56 6.33
N GLU D 403 -25.21 -33.64 5.73
CA GLU D 403 -25.12 -33.49 4.27
C GLU D 403 -23.92 -32.60 3.92
N ASP D 404 -23.74 -31.51 4.66
CA ASP D 404 -22.63 -30.60 4.41
C ASP D 404 -21.30 -31.30 4.67
N LYS D 405 -21.09 -31.79 5.89
CA LYS D 405 -19.84 -32.44 6.23
C LYS D 405 -19.51 -33.58 5.28
N LEU D 406 -20.52 -34.17 4.68
CA LEU D 406 -20.36 -35.24 3.70
C LEU D 406 -19.75 -34.68 2.42
N THR D 407 -20.08 -33.43 2.06
CA THR D 407 -19.49 -32.88 0.84
C THR D 407 -18.03 -32.53 1.11
N VAL D 408 -17.71 -32.05 2.30
CA VAL D 408 -16.34 -31.74 2.69
C VAL D 408 -15.44 -32.96 2.49
N SER D 409 -16.00 -34.15 2.62
CA SER D 409 -15.21 -35.37 2.48
C SER D 409 -14.85 -35.55 1.01
N ARG D 410 -15.85 -35.47 0.16
CA ARG D 410 -15.63 -35.70 -1.27
C ARG D 410 -14.81 -34.56 -1.87
N ALA D 411 -14.96 -33.34 -1.34
CA ALA D 411 -14.17 -32.21 -1.88
C ALA D 411 -12.68 -32.57 -1.79
N ARG D 412 -12.29 -32.92 -0.58
CA ARG D 412 -10.98 -33.33 -0.15
C ARG D 412 -10.40 -34.48 -0.98
N LYS D 413 -11.27 -35.45 -1.30
CA LYS D 413 -10.85 -36.57 -2.13
C LYS D 413 -10.62 -36.08 -3.57
N ILE D 414 -11.54 -35.25 -4.05
CA ILE D 414 -11.46 -34.69 -5.40
C ILE D 414 -10.19 -33.85 -5.54
N GLN D 415 -9.93 -33.15 -4.45
CA GLN D 415 -8.75 -32.30 -4.37
C GLN D 415 -7.50 -33.15 -4.60
N ARG D 416 -7.37 -34.20 -3.82
CA ARG D 416 -6.27 -35.16 -3.97
C ARG D 416 -6.35 -35.95 -5.25
N PHE D 417 -7.49 -36.43 -5.68
CA PHE D 417 -7.57 -37.17 -6.94
C PHE D 417 -7.02 -36.31 -8.07
N LEU D 418 -6.86 -35.01 -7.79
CA LEU D 418 -6.42 -34.08 -8.86
C LEU D 418 -4.91 -34.18 -9.07
N SER D 419 -4.18 -34.60 -8.03
CA SER D 419 -2.75 -34.84 -8.22
C SER D 419 -2.50 -36.00 -9.19
N GLN D 420 -1.26 -36.15 -9.60
CA GLN D 420 -0.86 -37.13 -10.62
C GLN D 420 0.66 -37.12 -10.73
N PRO D 421 1.24 -38.27 -10.52
CA PRO D 421 2.68 -38.51 -10.64
C PRO D 421 3.03 -38.38 -12.11
N PHE D 422 3.98 -37.49 -12.38
CA PHE D 422 4.43 -37.28 -13.75
C PHE D 422 5.62 -38.19 -14.07
N GLN D 423 5.75 -38.65 -15.30
CA GLN D 423 6.91 -39.45 -15.69
C GLN D 423 8.21 -38.70 -15.44
N VAL D 424 8.17 -37.46 -15.86
CA VAL D 424 9.18 -36.43 -15.78
C VAL D 424 9.51 -36.06 -14.36
N ALA D 425 8.59 -36.30 -13.40
CA ALA D 425 8.92 -35.84 -12.05
C ALA D 425 9.28 -36.99 -11.14
N GLU D 426 9.64 -38.14 -11.74
CA GLU D 426 9.96 -39.30 -10.89
C GLU D 426 11.08 -38.95 -9.92
N VAL D 427 12.04 -38.10 -10.25
CA VAL D 427 13.11 -37.78 -9.32
C VAL D 427 12.60 -36.98 -8.11
N PHE D 428 11.42 -36.38 -8.21
CA PHE D 428 10.92 -35.57 -7.09
C PHE D 428 9.80 -36.28 -6.31
N THR D 429 8.88 -36.98 -6.96
CA THR D 429 7.78 -37.65 -6.33
C THR D 429 8.24 -38.92 -5.60
N GLY D 430 9.15 -39.64 -6.27
CA GLY D 430 9.62 -40.92 -5.75
C GLY D 430 8.50 -41.93 -6.08
N HIS D 431 7.79 -41.63 -7.16
CA HIS D 431 6.67 -42.44 -7.63
C HIS D 431 6.76 -42.70 -9.13
N LEU D 432 6.25 -43.77 -9.65
CA LEU D 432 6.26 -44.09 -11.06
C LEU D 432 5.20 -43.27 -11.77
N GLY D 433 5.58 -42.63 -12.86
CA GLY D 433 4.64 -41.77 -13.57
C GLY D 433 3.40 -42.47 -14.08
N LYS D 434 2.23 -41.95 -13.77
CA LYS D 434 0.97 -42.49 -14.28
C LYS D 434 0.45 -41.52 -15.35
N LEU D 435 -0.28 -42.00 -16.32
CA LEU D 435 -0.87 -41.18 -17.37
C LEU D 435 -2.32 -41.61 -17.52
N VAL D 436 -3.29 -40.75 -17.44
CA VAL D 436 -4.70 -41.16 -17.49
C VAL D 436 -5.46 -40.66 -18.68
N PRO D 437 -6.14 -41.54 -19.37
CA PRO D 437 -6.94 -41.25 -20.55
C PRO D 437 -8.17 -40.44 -20.13
N LEU D 438 -8.61 -39.60 -21.06
CA LEU D 438 -9.70 -38.69 -20.82
C LEU D 438 -10.92 -39.37 -20.21
N LYS D 439 -11.31 -40.50 -20.84
CA LYS D 439 -12.54 -41.17 -20.44
C LYS D 439 -12.48 -41.72 -19.02
N GLU D 440 -11.37 -42.29 -18.64
CA GLU D 440 -11.18 -42.84 -17.30
C GLU D 440 -11.13 -41.70 -16.31
N THR D 441 -10.64 -40.55 -16.77
CA THR D 441 -10.58 -39.35 -15.94
C THR D 441 -12.02 -38.97 -15.57
N ILE D 442 -12.85 -38.81 -16.60
CA ILE D 442 -14.24 -38.43 -16.35
C ILE D 442 -14.96 -39.38 -15.40
N LYS D 443 -14.83 -40.69 -15.67
CA LYS D 443 -15.42 -41.72 -14.83
C LYS D 443 -14.94 -41.60 -13.38
N GLY D 444 -13.63 -41.50 -13.14
CA GLY D 444 -13.13 -41.39 -11.77
C GLY D 444 -13.81 -40.29 -10.97
N PHE D 445 -13.79 -39.07 -11.53
CA PHE D 445 -14.44 -37.92 -10.93
C PHE D 445 -15.96 -38.09 -10.87
N GLN D 446 -16.55 -38.58 -11.97
CA GLN D 446 -18.02 -38.77 -11.93
C GLN D 446 -18.39 -39.57 -10.69
N GLN D 447 -17.77 -40.75 -10.57
CA GLN D 447 -17.93 -41.67 -9.48
C GLN D 447 -17.75 -41.01 -8.10
N ILE D 448 -16.67 -40.23 -7.94
CA ILE D 448 -16.45 -39.61 -6.63
C ILE D 448 -17.59 -38.65 -6.27
N LEU D 449 -18.07 -37.94 -7.28
CA LEU D 449 -19.10 -36.94 -7.02
C LEU D 449 -20.38 -37.64 -6.56
N ALA D 450 -20.54 -38.87 -7.04
CA ALA D 450 -21.76 -39.62 -6.74
C ALA D 450 -21.73 -40.31 -5.38
N GLY D 451 -20.80 -40.03 -4.51
CA GLY D 451 -20.76 -40.64 -3.19
C GLY D 451 -20.18 -42.04 -3.22
N GLU D 452 -20.02 -42.62 -4.40
CA GLU D 452 -19.50 -43.99 -4.49
C GLU D 452 -18.36 -44.24 -3.53
N TYR D 453 -17.16 -43.74 -3.77
CA TYR D 453 -16.03 -43.98 -2.89
C TYR D 453 -16.05 -43.23 -1.58
N ASP D 454 -17.21 -43.06 -0.97
CA ASP D 454 -17.27 -42.36 0.32
C ASP D 454 -16.58 -43.19 1.40
N HIS D 455 -16.45 -44.49 1.13
CA HIS D 455 -15.92 -45.41 2.12
C HIS D 455 -14.40 -45.49 2.14
N LEU D 456 -13.74 -44.93 1.14
CA LEU D 456 -12.29 -44.95 1.05
C LEU D 456 -11.70 -43.73 1.73
N PRO D 457 -10.50 -43.88 2.24
CA PRO D 457 -9.75 -42.85 2.92
C PRO D 457 -9.17 -41.82 1.96
N GLU D 458 -9.18 -40.54 2.32
CA GLU D 458 -8.67 -39.46 1.52
C GLU D 458 -7.31 -39.81 0.93
N GLN D 459 -6.39 -40.27 1.79
CA GLN D 459 -5.05 -40.57 1.30
C GLN D 459 -5.01 -41.55 0.15
N ALA D 460 -6.02 -42.36 -0.03
CA ALA D 460 -6.03 -43.31 -1.14
C ALA D 460 -5.99 -42.56 -2.46
N PHE D 461 -6.52 -41.33 -2.42
CA PHE D 461 -6.70 -40.56 -3.64
C PHE D 461 -5.47 -39.76 -4.03
N TYR D 462 -4.65 -39.47 -3.02
CA TYR D 462 -3.43 -38.70 -3.21
C TYR D 462 -2.38 -39.41 -4.04
N MET D 463 -2.01 -38.76 -5.15
CA MET D 463 -0.91 -39.18 -5.98
C MET D 463 -1.08 -40.57 -6.57
N VAL D 464 -2.09 -40.75 -7.41
CA VAL D 464 -2.25 -42.01 -8.13
C VAL D 464 -2.60 -41.64 -9.59
N GLY D 465 -2.90 -42.62 -10.39
CA GLY D 465 -3.33 -42.41 -11.77
C GLY D 465 -4.84 -42.50 -11.83
N PRO D 466 -5.34 -43.58 -12.40
CA PRO D 466 -6.77 -43.83 -12.57
C PRO D 466 -7.43 -44.13 -11.23
N ILE D 467 -8.76 -44.08 -11.16
CA ILE D 467 -9.50 -44.26 -9.91
C ILE D 467 -9.20 -45.63 -9.30
N GLU D 468 -9.01 -46.64 -10.13
CA GLU D 468 -8.70 -47.98 -9.64
C GLU D 468 -7.47 -48.00 -8.76
N GLU D 469 -6.49 -47.15 -8.99
CA GLU D 469 -5.28 -47.21 -8.16
C GLU D 469 -5.55 -46.71 -6.74
N ALA D 470 -6.53 -45.81 -6.58
CA ALA D 470 -6.88 -45.25 -5.27
C ALA D 470 -7.64 -46.29 -4.44
N VAL D 471 -8.38 -47.12 -5.18
CA VAL D 471 -9.08 -48.23 -4.50
C VAL D 471 -8.00 -49.20 -3.97
N ALA D 472 -7.11 -49.63 -4.88
CA ALA D 472 -5.98 -50.45 -4.47
C ALA D 472 -5.28 -49.85 -3.26
N LYS D 473 -4.74 -48.65 -3.43
CA LYS D 473 -4.06 -47.99 -2.33
C LYS D 473 -4.88 -48.06 -1.06
N ALA D 474 -6.19 -47.88 -1.19
CA ALA D 474 -7.05 -47.93 0.01
C ALA D 474 -6.76 -49.21 0.77
N ASP D 475 -6.77 -50.36 0.09
CA ASP D 475 -6.46 -51.63 0.75
C ASP D 475 -5.07 -51.59 1.36
N LYS D 476 -4.04 -51.32 0.56
CA LYS D 476 -2.67 -51.26 1.07
C LYS D 476 -2.54 -50.43 2.35
N LEU D 477 -3.45 -49.49 2.54
CA LEU D 477 -3.40 -48.60 3.69
C LEU D 477 -3.72 -49.29 5.01
N ALA D 478 -4.24 -50.51 4.95
CA ALA D 478 -4.55 -51.29 6.16
C ALA D 478 -3.32 -51.48 7.05
N GLU D 479 -2.17 -51.72 6.45
CA GLU D 479 -0.92 -51.86 7.19
C GLU D 479 0.25 -52.20 6.27
N THR E 13 -4.67 43.33 -24.78
CA THR E 13 -3.54 42.69 -25.49
C THR E 13 -3.88 41.35 -26.16
N THR E 14 -3.33 41.21 -27.35
CA THR E 14 -3.52 40.05 -28.19
C THR E 14 -2.23 39.23 -28.18
N GLY E 15 -2.33 38.00 -27.67
CA GLY E 15 -1.12 37.16 -27.64
C GLY E 15 -1.28 36.15 -28.78
N ARG E 16 -0.35 35.22 -28.86
CA ARG E 16 -0.43 34.14 -29.84
C ARG E 16 -0.17 32.79 -29.17
N ILE E 17 -0.79 31.72 -29.69
CA ILE E 17 -0.56 30.38 -29.13
C ILE E 17 0.81 29.84 -29.52
N VAL E 18 1.64 29.43 -28.57
CA VAL E 18 2.95 28.89 -28.97
C VAL E 18 3.08 27.38 -28.75
N ALA E 19 2.11 26.79 -28.06
CA ALA E 19 2.11 25.40 -27.68
C ALA E 19 0.75 24.85 -27.32
N VAL E 20 0.44 23.65 -27.82
CA VAL E 20 -0.79 22.99 -27.46
C VAL E 20 -0.53 21.54 -27.12
N ILE E 21 -0.82 21.21 -25.87
CA ILE E 21 -0.74 19.82 -25.42
C ILE E 21 -2.00 19.47 -24.63
N GLY E 22 -2.98 18.88 -25.30
CA GLY E 22 -4.20 18.44 -24.67
C GLY E 22 -4.99 19.66 -24.13
N ALA E 23 -5.32 19.61 -22.84
CA ALA E 23 -6.04 20.73 -22.26
C ALA E 23 -5.10 21.80 -21.75
N VAL E 24 -3.84 21.79 -22.12
CA VAL E 24 -2.92 22.84 -21.68
C VAL E 24 -2.44 23.59 -22.93
N VAL E 25 -2.42 24.91 -22.83
CA VAL E 25 -2.05 25.74 -23.98
C VAL E 25 -1.20 26.90 -23.50
N ASP E 26 -0.07 27.07 -24.15
CA ASP E 26 0.90 28.10 -23.84
C ASP E 26 0.78 29.27 -24.81
N VAL E 27 0.57 30.44 -24.23
CA VAL E 27 0.36 31.67 -24.98
C VAL E 27 1.44 32.71 -24.74
N GLN E 28 1.95 33.27 -25.83
CA GLN E 28 2.95 34.32 -25.67
C GLN E 28 2.31 35.69 -25.89
N PHE E 29 2.55 36.59 -24.95
CA PHE E 29 2.07 37.96 -25.02
C PHE E 29 3.30 38.86 -25.14
N ASP E 30 3.41 39.59 -26.25
CA ASP E 30 4.58 40.42 -26.50
C ASP E 30 4.67 41.66 -25.64
N GLU E 31 3.54 42.32 -25.41
CA GLU E 31 3.60 43.52 -24.55
C GLU E 31 2.97 43.19 -23.22
N GLY E 32 1.71 43.52 -22.94
CA GLY E 32 1.09 43.26 -21.66
C GLY E 32 0.76 41.82 -21.32
N LEU E 33 1.41 41.30 -20.28
CA LEU E 33 1.20 39.92 -19.81
C LEU E 33 0.04 39.83 -18.82
N PRO E 34 -0.92 38.98 -19.09
CA PRO E 34 -2.10 38.76 -18.30
C PRO E 34 -1.77 38.02 -17.02
N PRO E 35 -2.21 38.56 -15.92
CA PRO E 35 -1.94 37.99 -14.60
C PRO E 35 -2.55 36.60 -14.49
N ILE E 36 -2.10 35.87 -13.47
CA ILE E 36 -2.61 34.53 -13.21
C ILE E 36 -4.09 34.65 -12.87
N LEU E 37 -4.86 33.66 -13.27
CA LEU E 37 -6.27 33.52 -13.02
C LEU E 37 -7.08 34.33 -14.03
N ASN E 38 -6.41 34.95 -15.01
CA ASN E 38 -7.10 35.75 -16.01
C ASN E 38 -7.65 34.85 -17.13
N ALA E 39 -8.69 35.39 -17.75
CA ALA E 39 -9.39 34.74 -18.83
C ALA E 39 -8.95 35.20 -20.20
N LEU E 40 -8.70 34.26 -21.09
CA LEU E 40 -8.30 34.57 -22.46
C LEU E 40 -9.37 34.07 -23.43
N GLU E 41 -9.58 34.79 -24.51
CA GLU E 41 -10.52 34.38 -25.54
C GLU E 41 -9.68 33.99 -26.77
N VAL E 42 -9.74 32.74 -27.13
CA VAL E 42 -9.01 32.29 -28.32
C VAL E 42 -9.80 32.81 -29.52
N GLN E 43 -9.13 33.44 -30.48
CA GLN E 43 -9.79 34.00 -31.64
C GLN E 43 -9.77 33.03 -32.82
N GLY E 44 -10.86 32.96 -33.56
CA GLY E 44 -10.88 32.13 -34.77
C GLY E 44 -11.49 30.75 -34.50
N ARG E 45 -12.60 30.75 -33.76
CA ARG E 45 -13.25 29.48 -33.45
C ARG E 45 -14.76 29.55 -33.51
N GLU E 46 -15.41 28.47 -33.96
CA GLU E 46 -16.87 28.50 -34.03
C GLU E 46 -17.44 28.80 -32.65
N THR E 47 -17.04 28.05 -31.64
CA THR E 47 -17.56 28.27 -30.28
C THR E 47 -16.56 29.05 -29.45
N ARG E 48 -16.98 29.54 -28.29
CA ARG E 48 -16.13 30.34 -27.42
C ARG E 48 -15.16 29.46 -26.64
N LEU E 49 -13.88 29.69 -26.83
CA LEU E 49 -12.83 28.98 -26.15
C LEU E 49 -12.06 29.85 -25.15
N VAL E 50 -12.44 29.86 -23.88
CA VAL E 50 -11.76 30.60 -22.83
C VAL E 50 -10.54 29.85 -22.33
N LEU E 51 -9.41 30.52 -22.11
CA LEU E 51 -8.21 29.86 -21.56
C LEU E 51 -7.91 30.51 -20.21
N GLU E 52 -7.72 29.85 -19.11
CA GLU E 52 -7.46 30.56 -17.84
C GLU E 52 -5.98 30.58 -17.53
N VAL E 53 -5.36 31.72 -17.27
CA VAL E 53 -3.90 31.78 -17.05
C VAL E 53 -3.50 31.04 -15.79
N ALA E 54 -2.50 30.13 -15.88
CA ALA E 54 -2.21 29.41 -14.62
C ALA E 54 -0.81 29.70 -14.12
N GLN E 55 0.09 30.08 -15.00
CA GLN E 55 1.48 30.33 -14.59
C GLN E 55 2.18 31.30 -15.55
N HIS E 56 3.22 31.97 -15.02
CA HIS E 56 4.05 32.82 -15.88
C HIS E 56 5.38 32.07 -16.07
N LEU E 57 5.55 31.55 -17.26
CA LEU E 57 6.69 30.76 -17.64
C LEU E 57 7.98 31.57 -17.77
N GLY E 58 7.91 32.84 -18.12
CA GLY E 58 9.04 33.69 -18.45
C GLY E 58 9.13 33.82 -19.97
N GLU E 59 9.76 34.87 -20.47
CA GLU E 59 9.88 35.05 -21.92
C GLU E 59 8.49 35.39 -22.47
N SER E 60 7.83 36.25 -21.69
CA SER E 60 6.53 36.76 -22.15
C SER E 60 5.53 35.67 -22.48
N THR E 61 5.70 34.50 -21.85
CA THR E 61 4.83 33.36 -22.14
C THR E 61 4.06 32.89 -20.92
N VAL E 62 2.76 32.63 -21.08
CA VAL E 62 1.97 32.09 -19.98
C VAL E 62 1.40 30.72 -20.38
N ARG E 63 1.19 29.90 -19.36
CA ARG E 63 0.65 28.56 -19.43
C ARG E 63 -0.78 28.64 -18.89
N THR E 64 -1.68 28.13 -19.72
CA THR E 64 -3.09 28.18 -19.35
C THR E 64 -3.79 26.84 -19.43
N ILE E 65 -4.95 26.72 -18.77
CA ILE E 65 -5.77 25.53 -18.95
C ILE E 65 -7.01 25.86 -19.79
N ALA E 66 -7.37 25.03 -20.75
CA ALA E 66 -8.51 25.29 -21.62
C ALA E 66 -9.82 24.90 -20.95
N MET E 67 -10.85 25.76 -21.11
CA MET E 67 -12.19 25.49 -20.61
C MET E 67 -13.02 24.67 -21.57
N ASP E 68 -12.50 24.30 -22.72
CA ASP E 68 -13.23 23.46 -23.68
C ASP E 68 -12.21 22.77 -24.60
N GLY E 69 -12.63 22.05 -25.60
CA GLY E 69 -11.77 21.33 -26.53
C GLY E 69 -10.65 22.16 -27.11
N THR E 70 -9.49 21.59 -27.41
CA THR E 70 -8.39 22.34 -27.95
C THR E 70 -8.05 21.90 -29.37
N GLU E 71 -8.82 20.93 -29.85
CA GLU E 71 -8.70 20.44 -31.20
C GLU E 71 -8.88 21.60 -32.19
N GLY E 72 -7.98 21.72 -33.15
CA GLY E 72 -8.05 22.71 -34.20
C GLY E 72 -7.12 23.88 -34.00
N LEU E 73 -6.64 24.03 -32.75
CA LEU E 73 -5.74 25.16 -32.47
C LEU E 73 -4.49 25.06 -33.31
N VAL E 74 -3.91 26.18 -33.64
CA VAL E 74 -2.75 26.26 -34.54
C VAL E 74 -1.68 27.11 -33.85
N ARG E 75 -0.43 26.72 -34.01
CA ARG E 75 0.61 27.56 -33.37
C ARG E 75 0.52 28.92 -34.02
N GLY E 76 0.30 30.00 -33.28
CA GLY E 76 0.22 31.32 -33.92
C GLY E 76 -1.18 31.88 -33.89
N GLN E 77 -2.20 31.09 -33.63
CA GLN E 77 -3.57 31.62 -33.55
C GLN E 77 -3.61 32.78 -32.56
N LYS E 78 -4.46 33.77 -32.81
CA LYS E 78 -4.54 34.93 -31.93
C LYS E 78 -5.39 34.64 -30.70
N VAL E 79 -4.99 35.20 -29.59
CA VAL E 79 -5.71 35.04 -28.32
C VAL E 79 -5.77 36.43 -27.68
N LEU E 80 -6.97 36.83 -27.29
CA LEU E 80 -7.22 38.11 -26.67
C LEU E 80 -7.32 37.96 -25.15
N ASP E 81 -6.52 38.75 -24.46
CA ASP E 81 -6.57 38.87 -23.02
C ASP E 81 -7.79 39.73 -22.68
N SER E 82 -8.67 39.25 -21.84
CA SER E 82 -9.90 39.88 -21.46
C SER E 82 -9.72 41.00 -20.43
N GLY E 83 -8.58 41.03 -19.74
CA GLY E 83 -8.33 42.01 -18.71
C GLY E 83 -8.79 41.54 -17.33
N ALA E 84 -9.67 40.56 -17.22
CA ALA E 84 -10.05 40.04 -15.89
C ALA E 84 -10.20 38.52 -15.94
N PRO E 85 -10.41 37.90 -14.82
CA PRO E 85 -10.71 36.49 -14.70
C PRO E 85 -12.09 36.21 -15.33
N ILE E 86 -12.50 34.95 -15.32
CA ILE E 86 -13.81 34.62 -15.88
C ILE E 86 -14.91 35.37 -15.10
N ARG E 87 -15.79 36.00 -15.89
CA ARG E 87 -16.89 36.79 -15.31
C ARG E 87 -18.22 36.28 -15.82
N ILE E 88 -19.14 36.01 -14.90
CA ILE E 88 -20.44 35.51 -15.34
C ILE E 88 -21.55 36.50 -15.06
N PRO E 89 -22.67 36.31 -15.72
CA PRO E 89 -23.87 37.11 -15.56
C PRO E 89 -24.47 36.85 -14.18
N VAL E 90 -24.63 37.88 -13.37
CA VAL E 90 -25.20 37.73 -12.03
C VAL E 90 -26.51 38.51 -11.90
N GLY E 91 -27.31 38.15 -10.90
CA GLY E 91 -28.59 38.81 -10.70
C GLY E 91 -29.80 37.90 -10.85
N PRO E 92 -30.95 38.37 -10.38
CA PRO E 92 -32.23 37.70 -10.38
C PRO E 92 -32.60 37.03 -11.68
N GLU E 93 -32.09 37.53 -12.81
CA GLU E 93 -32.41 36.95 -14.11
C GLU E 93 -31.60 35.70 -14.41
N THR E 94 -30.87 35.22 -13.40
CA THR E 94 -30.18 33.95 -13.57
C THR E 94 -31.07 32.83 -12.98
N LEU E 95 -32.16 33.21 -12.33
CA LEU E 95 -33.04 32.25 -11.69
C LEU E 95 -33.94 31.51 -12.67
N GLY E 96 -33.89 30.17 -12.59
CA GLY E 96 -34.59 29.27 -13.46
C GLY E 96 -33.88 29.12 -14.81
N ARG E 97 -32.69 29.72 -14.89
CA ARG E 97 -31.87 29.62 -16.10
C ARG E 97 -30.74 28.60 -15.82
N ILE E 98 -30.27 28.00 -16.91
CA ILE E 98 -29.22 26.99 -16.81
C ILE E 98 -27.96 27.61 -17.40
N MET E 99 -27.00 27.85 -16.52
CA MET E 99 -25.73 28.42 -16.99
C MET E 99 -24.60 27.40 -17.06
N ASN E 100 -23.68 27.66 -17.95
CA ASN E 100 -22.43 26.94 -18.23
C ASN E 100 -21.33 27.51 -17.35
N VAL E 101 -20.14 26.96 -17.33
CA VAL E 101 -19.02 27.40 -16.51
C VAL E 101 -18.65 28.88 -16.67
N ILE E 102 -18.57 29.32 -17.91
CA ILE E 102 -18.19 30.69 -18.24
C ILE E 102 -19.38 31.61 -18.44
N GLY E 103 -20.50 31.35 -17.75
CA GLY E 103 -21.66 32.16 -17.85
C GLY E 103 -22.64 32.01 -18.99
N GLU E 104 -22.36 31.24 -20.03
CA GLU E 104 -23.29 31.05 -21.13
C GLU E 104 -24.51 30.22 -20.76
N PRO E 105 -25.62 30.57 -21.37
CA PRO E 105 -26.91 29.91 -21.14
C PRO E 105 -26.95 28.63 -21.95
N ILE E 106 -27.14 27.49 -21.26
CA ILE E 106 -27.12 26.22 -22.01
C ILE E 106 -28.52 25.63 -22.02
N ASP E 107 -29.51 26.46 -21.70
CA ASP E 107 -30.89 26.01 -21.68
C ASP E 107 -31.62 26.44 -22.95
N GLU E 108 -30.90 27.12 -23.83
CA GLU E 108 -31.46 27.50 -25.11
C GLU E 108 -32.59 28.51 -25.01
N ARG E 109 -32.85 29.01 -23.80
CA ARG E 109 -33.88 30.01 -23.62
C ARG E 109 -33.33 31.40 -23.94
N GLY E 110 -32.41 31.49 -24.88
CA GLY E 110 -31.83 32.77 -25.27
C GLY E 110 -30.92 33.36 -24.20
N PRO E 111 -30.43 34.56 -24.43
CA PRO E 111 -29.53 35.30 -23.58
C PRO E 111 -29.97 35.50 -22.15
N ILE E 112 -28.98 35.77 -21.30
CA ILE E 112 -29.29 36.14 -19.91
C ILE E 112 -29.01 37.63 -19.81
N LYS E 113 -30.03 38.45 -20.04
CA LYS E 113 -29.84 39.90 -20.05
C LYS E 113 -29.63 40.44 -18.64
N THR E 114 -28.39 40.69 -18.27
CA THR E 114 -28.03 41.27 -16.99
C THR E 114 -27.29 42.61 -17.24
N LYS E 115 -27.17 43.36 -16.16
CA LYS E 115 -26.48 44.66 -16.24
C LYS E 115 -25.22 44.57 -15.37
N GLN E 116 -25.15 43.44 -14.67
CA GLN E 116 -24.08 43.17 -13.73
C GLN E 116 -23.41 41.82 -14.04
N PHE E 117 -22.09 41.83 -14.03
CA PHE E 117 -21.28 40.63 -14.15
C PHE E 117 -20.41 40.50 -12.90
N ALA E 118 -19.69 39.41 -12.78
CA ALA E 118 -18.81 39.19 -11.63
C ALA E 118 -17.83 38.06 -11.94
N ALA E 119 -16.60 38.29 -11.51
CA ALA E 119 -15.47 37.39 -11.61
C ALA E 119 -15.66 36.15 -10.73
N ILE E 120 -15.35 34.97 -11.23
CA ILE E 120 -15.57 33.74 -10.40
C ILE E 120 -14.47 33.53 -9.38
N HIS E 121 -13.39 34.31 -9.52
CA HIS E 121 -12.34 34.25 -8.49
C HIS E 121 -12.47 35.43 -7.53
N ALA E 122 -12.74 35.18 -6.25
CA ALA E 122 -12.89 36.24 -5.27
C ALA E 122 -12.27 35.77 -3.95
N GLU E 123 -11.71 36.72 -3.18
CA GLU E 123 -11.16 36.37 -1.88
C GLU E 123 -12.29 36.11 -0.88
N ALA E 124 -11.99 35.44 0.21
CA ALA E 124 -13.03 35.14 1.21
C ALA E 124 -13.22 36.32 2.14
N PRO E 125 -14.41 36.50 2.65
CA PRO E 125 -14.75 37.53 3.62
C PRO E 125 -13.58 37.72 4.59
N GLU E 126 -13.17 38.96 4.79
CA GLU E 126 -12.07 39.23 5.72
C GLU E 126 -12.54 38.92 7.13
N PHE E 127 -11.65 38.80 8.09
CA PHE E 127 -11.95 38.46 9.48
C PHE E 127 -12.91 39.48 10.09
N VAL E 128 -12.71 40.77 9.79
CA VAL E 128 -13.60 41.77 10.35
C VAL E 128 -15.02 41.65 9.81
N GLU E 129 -15.22 40.94 8.71
CA GLU E 129 -16.57 40.80 8.15
C GLU E 129 -17.31 39.56 8.65
N MET E 130 -16.64 38.75 9.45
CA MET E 130 -17.18 37.48 9.90
C MET E 130 -18.21 37.70 10.99
N SER E 131 -19.33 36.99 10.92
CA SER E 131 -20.26 37.06 12.06
C SER E 131 -19.76 36.14 13.16
N VAL E 132 -20.17 36.36 14.40
CA VAL E 132 -19.67 35.61 15.55
C VAL E 132 -20.79 34.92 16.31
N GLU E 133 -21.99 35.04 15.76
CA GLU E 133 -23.19 34.40 16.26
C GLU E 133 -23.37 33.06 15.56
N GLN E 134 -23.99 32.15 16.27
CA GLN E 134 -24.31 30.81 15.74
C GLN E 134 -25.82 30.71 15.58
N GLU E 135 -26.33 30.99 14.39
CA GLU E 135 -27.75 30.97 14.13
C GLU E 135 -28.13 29.74 13.30
N ILE E 136 -29.16 29.05 13.75
CA ILE E 136 -29.68 27.85 13.11
C ILE E 136 -30.57 28.26 11.94
N LEU E 137 -30.28 27.77 10.75
CA LEU E 137 -31.12 28.05 9.58
C LEU E 137 -32.30 27.07 9.63
N VAL E 138 -33.46 27.55 10.01
CA VAL E 138 -34.63 26.65 10.07
C VAL E 138 -34.97 26.18 8.67
N THR E 139 -35.19 24.88 8.50
CA THR E 139 -35.50 24.40 7.13
C THR E 139 -37.00 24.15 7.06
N GLY E 140 -37.51 23.78 8.23
CA GLY E 140 -38.91 23.44 8.39
C GLY E 140 -39.19 21.95 8.26
N ILE E 141 -38.13 21.14 8.24
CA ILE E 141 -38.17 19.71 8.11
C ILE E 141 -37.80 19.06 9.44
N LYS E 142 -38.83 18.65 10.17
CA LYS E 142 -38.73 18.07 11.50
C LYS E 142 -37.46 17.32 11.83
N VAL E 143 -37.11 16.19 11.22
CA VAL E 143 -35.90 15.45 11.50
C VAL E 143 -34.63 16.32 11.63
N VAL E 144 -34.39 17.10 10.59
CA VAL E 144 -33.22 17.95 10.49
C VAL E 144 -33.23 18.97 11.65
N ASP E 145 -34.13 19.94 11.57
CA ASP E 145 -34.27 21.01 12.55
C ASP E 145 -34.26 20.49 13.97
N LEU E 146 -34.83 19.32 14.22
CA LEU E 146 -34.71 18.76 15.56
C LEU E 146 -33.37 18.08 15.80
N LEU E 147 -32.88 17.24 14.88
CA LEU E 147 -31.67 16.47 15.21
C LEU E 147 -30.35 16.91 14.64
N ALA E 148 -30.34 17.46 13.43
CA ALA E 148 -29.09 17.89 12.79
C ALA E 148 -29.35 19.20 12.06
N PRO E 149 -29.67 20.20 12.84
CA PRO E 149 -29.97 21.54 12.39
C PRO E 149 -28.79 22.08 11.59
N TYR E 150 -29.13 22.59 10.42
CA TYR E 150 -28.24 23.27 9.51
C TYR E 150 -27.83 24.57 10.15
N ALA E 151 -26.55 24.93 10.05
CA ALA E 151 -26.10 26.17 10.68
C ALA E 151 -25.96 27.22 9.60
N LYS E 152 -26.62 28.35 9.81
CA LYS E 152 -26.55 29.44 8.84
C LYS E 152 -25.10 29.80 8.50
N GLY E 153 -24.81 29.74 7.20
CA GLY E 153 -23.46 29.96 6.70
C GLY E 153 -22.60 28.69 6.79
N GLY E 154 -23.15 27.57 7.21
CA GLY E 154 -22.48 26.32 7.40
C GLY E 154 -22.53 25.38 6.21
N LYS E 155 -21.59 24.45 6.15
CA LYS E 155 -21.59 23.48 5.06
C LYS E 155 -22.23 22.19 5.58
N ILE E 156 -23.23 21.68 4.84
CA ILE E 156 -23.83 20.40 5.28
C ILE E 156 -23.42 19.34 4.24
N GLY E 157 -22.94 18.22 4.73
CA GLY E 157 -22.56 17.11 3.84
C GLY E 157 -23.76 16.14 3.71
N LEU E 158 -24.22 15.95 2.47
CA LEU E 158 -25.35 15.07 2.23
C LEU E 158 -24.91 13.65 1.89
N PHE E 159 -24.82 12.80 2.89
CA PHE E 159 -24.47 11.41 2.64
C PHE E 159 -25.74 10.66 2.26
N GLY E 160 -25.67 9.91 1.20
CA GLY E 160 -26.79 9.08 0.71
C GLY E 160 -26.65 9.03 -0.81
N GLY E 161 -26.77 7.86 -1.40
CA GLY E 161 -26.59 7.76 -2.83
C GLY E 161 -27.80 8.16 -3.65
N ALA E 162 -28.20 7.28 -4.56
CA ALA E 162 -29.33 7.52 -5.44
C ALA E 162 -30.54 6.71 -4.99
N GLY E 163 -31.73 6.98 -5.47
CA GLY E 163 -32.92 6.28 -5.04
C GLY E 163 -33.24 6.47 -3.56
N VAL E 164 -32.82 7.57 -2.96
CA VAL E 164 -33.13 7.82 -1.56
C VAL E 164 -33.82 9.16 -1.30
N GLY E 165 -34.38 9.76 -2.34
CA GLY E 165 -35.14 10.99 -2.24
C GLY E 165 -34.28 12.24 -2.15
N LYS E 166 -33.10 12.17 -2.76
CA LYS E 166 -32.15 13.26 -2.73
C LYS E 166 -32.68 14.40 -3.57
N THR E 167 -32.97 14.18 -4.84
CA THR E 167 -33.48 15.30 -5.61
C THR E 167 -34.73 15.87 -4.94
N VAL E 168 -35.50 15.07 -4.21
CA VAL E 168 -36.72 15.63 -3.63
C VAL E 168 -36.41 16.52 -2.43
N LEU E 169 -35.43 16.13 -1.64
CA LEU E 169 -35.01 16.88 -0.49
C LEU E 169 -34.42 18.24 -0.87
N ILE E 170 -33.64 18.21 -1.95
CA ILE E 170 -33.02 19.47 -2.43
C ILE E 170 -34.11 20.46 -2.83
N MET E 171 -35.10 19.95 -3.55
CA MET E 171 -36.19 20.73 -4.10
C MET E 171 -37.06 21.33 -2.99
N GLU E 172 -37.25 20.54 -1.94
CA GLU E 172 -37.98 21.04 -0.78
C GLU E 172 -37.18 22.19 -0.15
N LEU E 173 -35.93 21.91 0.23
CA LEU E 173 -35.07 22.90 0.87
C LEU E 173 -35.14 24.23 0.12
N ILE E 174 -35.02 24.20 -1.18
CA ILE E 174 -35.14 25.42 -1.99
C ILE E 174 -36.43 26.15 -1.64
N ASN E 175 -37.55 25.54 -1.95
CA ASN E 175 -38.88 25.99 -1.67
C ASN E 175 -39.09 26.38 -0.22
N ASN E 176 -38.49 25.68 0.73
CA ASN E 176 -38.71 25.99 2.14
C ASN E 176 -37.93 27.20 2.62
N VAL E 177 -36.73 27.39 2.07
CA VAL E 177 -35.89 28.52 2.48
C VAL E 177 -36.43 29.76 1.81
N ALA E 178 -36.93 29.63 0.58
CA ALA E 178 -37.50 30.74 -0.17
C ALA E 178 -38.77 31.31 0.48
N LYS E 179 -39.62 30.44 0.99
CA LYS E 179 -40.89 30.84 1.60
C LYS E 179 -40.64 31.50 2.96
N ALA E 180 -39.90 30.82 3.80
CA ALA E 180 -39.54 31.24 5.14
C ALA E 180 -38.32 32.14 5.29
N HIS E 181 -37.62 32.57 4.25
CA HIS E 181 -36.44 33.38 4.46
C HIS E 181 -36.22 34.39 3.35
N GLY E 182 -36.90 34.27 2.22
CA GLY E 182 -36.71 35.22 1.14
C GLY E 182 -35.56 34.90 0.21
N GLY E 183 -34.51 34.24 0.71
CA GLY E 183 -33.33 33.90 -0.07
C GLY E 183 -33.54 32.82 -1.13
N TYR E 184 -32.85 32.97 -2.25
CA TYR E 184 -32.87 31.98 -3.30
C TYR E 184 -31.82 30.88 -3.06
N SER E 185 -31.77 29.98 -4.03
CA SER E 185 -30.85 28.86 -4.02
C SER E 185 -30.08 28.78 -5.33
N VAL E 186 -28.86 28.29 -5.24
CA VAL E 186 -28.02 28.03 -6.40
C VAL E 186 -27.63 26.53 -6.42
N PHE E 187 -27.72 25.92 -7.59
CA PHE E 187 -27.40 24.51 -7.79
C PHE E 187 -26.18 24.38 -8.72
N ALA E 188 -25.08 23.92 -8.15
CA ALA E 188 -23.86 23.77 -8.94
C ALA E 188 -23.62 22.28 -9.27
N GLY E 189 -23.69 22.00 -10.57
CA GLY E 189 -23.50 20.63 -11.06
C GLY E 189 -22.05 20.37 -11.45
N VAL E 190 -21.26 19.80 -10.52
CA VAL E 190 -19.85 19.53 -10.80
C VAL E 190 -19.66 18.13 -11.41
N GLY E 191 -19.39 18.14 -12.72
CA GLY E 191 -19.30 16.83 -13.39
C GLY E 191 -20.67 16.16 -13.40
N GLU E 192 -21.69 16.98 -13.67
CA GLU E 192 -23.03 16.51 -13.91
C GLU E 192 -23.01 15.59 -15.18
N ARG E 193 -23.81 14.55 -15.06
CA ARG E 193 -24.05 13.72 -16.23
C ARG E 193 -25.13 14.42 -17.05
N THR E 194 -24.91 14.77 -18.27
CA THR E 194 -25.95 15.37 -19.13
C THR E 194 -27.34 14.79 -18.90
N ARG E 195 -27.45 13.46 -18.79
CA ARG E 195 -28.73 12.80 -18.64
C ARG E 195 -29.45 13.27 -17.37
N GLU E 196 -28.81 13.05 -16.24
CA GLU E 196 -29.35 13.44 -14.95
C GLU E 196 -29.59 14.94 -14.85
N GLY E 197 -28.86 15.71 -15.65
CA GLY E 197 -28.99 17.16 -15.61
C GLY E 197 -30.36 17.54 -16.17
N ASN E 198 -30.60 17.12 -17.39
CA ASN E 198 -31.86 17.36 -18.07
C ASN E 198 -33.03 16.87 -17.22
N ASP E 199 -32.82 15.77 -16.53
CA ASP E 199 -33.87 15.17 -15.74
C ASP E 199 -34.19 16.03 -14.52
N LEU E 200 -33.15 16.63 -13.96
CA LEU E 200 -33.22 17.45 -12.77
C LEU E 200 -33.80 18.82 -13.17
N TYR E 201 -33.59 19.16 -14.42
CA TYR E 201 -34.13 20.41 -14.96
C TYR E 201 -35.65 20.28 -15.05
N HIS E 202 -36.04 19.27 -15.84
CA HIS E 202 -37.44 19.04 -16.12
C HIS E 202 -38.21 18.66 -14.85
N GLU E 203 -37.51 18.12 -13.88
CA GLU E 203 -38.16 17.77 -12.60
C GLU E 203 -38.36 19.04 -11.77
N MET E 204 -37.50 20.03 -12.06
CA MET E 204 -37.53 21.27 -11.28
C MET E 204 -38.72 22.12 -11.72
N ILE E 205 -38.84 22.18 -13.05
CA ILE E 205 -39.95 22.78 -13.74
C ILE E 205 -41.27 22.19 -13.26
N GLU E 206 -41.45 20.88 -13.27
CA GLU E 206 -42.67 20.29 -12.74
C GLU E 206 -42.88 20.52 -11.25
N SER E 207 -41.86 20.71 -10.45
CA SER E 207 -42.09 20.87 -9.00
C SER E 207 -42.48 22.31 -8.70
N GLY E 208 -42.25 23.17 -9.70
CA GLY E 208 -42.47 24.58 -9.54
C GLY E 208 -41.27 25.38 -9.07
N VAL E 209 -40.19 24.77 -8.57
CA VAL E 209 -39.03 25.56 -8.17
C VAL E 209 -38.42 26.34 -9.31
N ILE E 210 -38.77 26.03 -10.53
CA ILE E 210 -38.32 26.80 -11.69
C ILE E 210 -39.61 27.09 -12.48
N ASN E 211 -39.73 28.25 -13.09
CA ASN E 211 -40.85 28.60 -13.92
C ASN E 211 -40.38 29.05 -15.30
N LEU E 212 -40.81 28.37 -16.35
CA LEU E 212 -40.39 28.74 -17.70
C LEU E 212 -41.17 29.94 -18.22
N LYS E 213 -41.99 30.51 -17.35
CA LYS E 213 -42.83 31.64 -17.78
C LYS E 213 -42.68 32.84 -16.87
N ASP E 214 -43.29 32.77 -15.69
CA ASP E 214 -43.25 33.91 -14.79
C ASP E 214 -42.15 33.81 -13.74
N ALA E 215 -41.51 34.94 -13.49
CA ALA E 215 -40.41 35.08 -12.56
C ALA E 215 -40.62 34.57 -11.15
N THR E 216 -41.19 33.40 -10.95
CA THR E 216 -41.28 32.82 -9.62
C THR E 216 -40.12 31.87 -9.34
N SER E 217 -39.28 31.60 -10.32
CA SER E 217 -38.13 30.73 -10.18
C SER E 217 -37.27 31.08 -8.96
N LYS E 218 -37.07 30.14 -8.05
CA LYS E 218 -36.22 30.34 -6.91
C LYS E 218 -34.81 29.78 -7.01
N VAL E 219 -34.44 29.06 -8.06
CA VAL E 219 -33.14 28.44 -8.14
C VAL E 219 -32.44 28.76 -9.46
N ALA E 220 -31.14 29.03 -9.34
CA ALA E 220 -30.31 29.25 -10.53
C ALA E 220 -29.46 27.98 -10.71
N LEU E 221 -29.34 27.53 -11.95
CA LEU E 221 -28.61 26.30 -12.21
C LEU E 221 -27.26 26.56 -12.91
N VAL E 222 -26.21 25.98 -12.29
CA VAL E 222 -24.88 26.09 -12.98
C VAL E 222 -24.40 24.68 -13.27
N TYR E 223 -24.21 24.35 -14.55
CA TYR E 223 -23.83 22.96 -14.89
C TYR E 223 -22.44 22.81 -15.47
N GLY E 224 -21.63 21.96 -14.87
CA GLY E 224 -20.28 21.67 -15.43
C GLY E 224 -20.30 20.16 -15.80
N GLN E 225 -20.55 19.86 -17.06
CA GLN E 225 -20.76 18.48 -17.46
C GLN E 225 -19.49 17.66 -17.52
N MET E 226 -19.69 16.35 -17.37
CA MET E 226 -18.63 15.36 -17.50
C MET E 226 -17.82 15.41 -18.77
N ASN E 227 -18.36 15.63 -19.96
CA ASN E 227 -17.57 15.74 -21.17
C ASN E 227 -16.57 16.90 -21.11
N GLU E 228 -16.71 17.85 -20.20
CA GLU E 228 -15.85 19.05 -20.29
C GLU E 228 -14.47 18.70 -19.77
N PRO E 229 -13.45 19.42 -20.18
CA PRO E 229 -12.09 19.24 -19.69
C PRO E 229 -12.06 19.53 -18.20
N PRO E 230 -11.06 19.09 -17.49
CA PRO E 230 -10.94 19.22 -16.06
C PRO E 230 -10.97 20.62 -15.50
N GLY E 231 -10.45 21.60 -16.20
CA GLY E 231 -10.42 23.01 -15.82
C GLY E 231 -11.83 23.56 -15.66
N ALA E 232 -12.68 23.22 -16.65
CA ALA E 232 -14.09 23.62 -16.57
C ALA E 232 -14.73 22.99 -15.35
N ARG E 233 -14.61 21.67 -15.22
CA ARG E 233 -15.28 21.06 -14.05
C ARG E 233 -14.66 21.50 -12.76
N ALA E 234 -13.45 22.06 -12.72
CA ALA E 234 -12.90 22.48 -11.41
C ALA E 234 -13.42 23.87 -11.01
N ARG E 235 -13.78 24.70 -11.96
CA ARG E 235 -14.29 26.03 -11.83
C ARG E 235 -15.79 26.18 -11.58
N VAL E 236 -16.66 25.28 -12.04
CA VAL E 236 -18.09 25.39 -11.91
C VAL E 236 -18.58 25.65 -10.48
N ALA E 237 -17.95 25.10 -9.48
CA ALA E 237 -18.47 25.36 -8.11
C ALA E 237 -18.17 26.84 -7.82
N LEU E 238 -17.17 27.40 -8.52
CA LEU E 238 -16.81 28.79 -8.23
C LEU E 238 -17.85 29.69 -8.93
N THR E 239 -18.18 29.37 -10.18
CA THR E 239 -19.20 30.13 -10.89
C THR E 239 -20.53 30.15 -10.14
N GLY E 240 -20.94 28.97 -9.68
CA GLY E 240 -22.16 28.89 -8.92
C GLY E 240 -21.95 29.67 -7.62
N LEU E 241 -20.72 29.73 -7.17
CA LEU E 241 -20.47 30.40 -5.88
C LEU E 241 -20.60 31.92 -6.08
N THR E 242 -20.24 32.37 -7.26
CA THR E 242 -20.33 33.78 -7.61
C THR E 242 -21.81 34.17 -7.64
N VAL E 243 -22.65 33.37 -8.33
CA VAL E 243 -24.08 33.67 -8.40
C VAL E 243 -24.63 33.79 -6.99
N ALA E 244 -24.36 32.81 -6.13
CA ALA E 244 -24.86 32.86 -4.76
C ALA E 244 -24.39 34.13 -4.04
N GLU E 245 -23.14 34.51 -4.25
CA GLU E 245 -22.53 35.65 -3.60
C GLU E 245 -23.29 36.95 -3.90
N TYR E 246 -23.82 37.05 -5.11
CA TYR E 246 -24.62 38.21 -5.47
C TYR E 246 -25.83 38.39 -4.55
N PHE E 247 -26.57 37.31 -4.30
CA PHE E 247 -27.76 37.42 -3.48
C PHE E 247 -27.40 37.72 -2.04
N ARG E 248 -26.17 37.34 -1.68
CA ARG E 248 -25.74 37.63 -0.33
C ARG E 248 -25.35 39.09 -0.19
N ASP E 249 -24.35 39.47 -0.94
CA ASP E 249 -23.72 40.77 -0.82
C ASP E 249 -24.49 41.92 -1.41
N GLN E 250 -25.45 41.67 -2.28
CA GLN E 250 -26.19 42.76 -2.91
C GLN E 250 -27.64 42.80 -2.44
N GLU E 251 -28.23 41.65 -2.14
CA GLU E 251 -29.63 41.63 -1.73
C GLU E 251 -29.75 41.30 -0.25
N GLY E 252 -28.65 41.07 0.42
CA GLY E 252 -28.68 40.75 1.83
C GLY E 252 -29.45 39.51 2.20
N GLN E 253 -29.70 38.61 1.23
CA GLN E 253 -30.40 37.36 1.51
C GLN E 253 -29.53 36.29 2.16
N ASP E 254 -30.20 35.22 2.59
CA ASP E 254 -29.57 34.00 3.04
C ASP E 254 -29.66 32.98 1.88
N VAL E 255 -28.56 32.93 1.11
CA VAL E 255 -28.59 32.03 -0.04
C VAL E 255 -28.30 30.59 0.35
N LEU E 256 -28.87 29.69 -0.45
CA LEU E 256 -28.61 28.24 -0.30
C LEU E 256 -27.78 27.81 -1.53
N LEU E 257 -26.65 27.16 -1.29
CA LEU E 257 -25.78 26.71 -2.39
C LEU E 257 -25.59 25.19 -2.33
N PHE E 258 -26.11 24.53 -3.36
CA PHE E 258 -26.05 23.07 -3.46
C PHE E 258 -24.88 22.71 -4.38
N ILE E 259 -23.99 21.93 -3.81
CA ILE E 259 -22.82 21.50 -4.61
C ILE E 259 -22.94 19.99 -4.82
N ASP E 260 -23.14 19.61 -6.09
CA ASP E 260 -23.24 18.16 -6.37
C ASP E 260 -22.22 17.73 -7.43
N ASN E 261 -21.21 16.98 -7.04
CA ASN E 261 -20.92 16.67 -5.65
C ASN E 261 -19.49 17.14 -5.32
N ILE E 262 -19.19 17.40 -4.06
CA ILE E 262 -17.87 17.93 -3.70
C ILE E 262 -16.71 17.03 -4.08
N PHE E 263 -16.92 15.71 -4.17
CA PHE E 263 -15.84 14.79 -4.56
C PHE E 263 -15.33 15.09 -5.96
N ARG E 264 -16.26 15.33 -6.88
CA ARG E 264 -15.90 15.66 -8.25
C ARG E 264 -15.17 16.98 -8.41
N PHE E 265 -15.18 17.86 -7.42
CA PHE E 265 -14.45 19.12 -7.44
C PHE E 265 -12.99 18.86 -7.04
N THR E 266 -12.75 18.02 -6.05
CA THR E 266 -11.42 17.53 -5.77
C THR E 266 -10.78 16.80 -6.96
N GLN E 267 -11.48 15.83 -7.57
CA GLN E 267 -10.96 15.09 -8.70
C GLN E 267 -10.58 15.98 -9.86
N ALA E 268 -11.38 17.02 -10.08
CA ALA E 268 -11.09 17.93 -11.20
C ALA E 268 -9.83 18.69 -10.84
N GLY E 269 -9.66 18.91 -9.55
CA GLY E 269 -8.50 19.59 -9.00
C GLY E 269 -7.25 18.78 -9.29
N SER E 270 -7.31 17.50 -8.90
CA SER E 270 -6.24 16.53 -9.18
C SER E 270 -5.90 16.47 -10.67
N GLU E 271 -6.94 16.36 -11.49
CA GLU E 271 -6.67 16.23 -12.92
C GLU E 271 -5.97 17.48 -13.45
N VAL E 272 -6.38 18.66 -12.97
CA VAL E 272 -5.79 19.91 -13.44
C VAL E 272 -4.30 19.95 -13.05
N SER E 273 -4.05 19.67 -11.76
CA SER E 273 -2.64 19.74 -11.28
C SER E 273 -1.75 18.77 -12.03
N ALA E 274 -2.33 17.59 -12.33
CA ALA E 274 -1.58 16.56 -13.04
C ALA E 274 -1.17 17.07 -14.41
N LEU E 275 -2.10 17.69 -15.14
CA LEU E 275 -1.69 18.24 -16.44
C LEU E 275 -0.70 19.37 -16.29
N LEU E 276 -0.70 20.06 -15.14
CA LEU E 276 0.23 21.14 -14.89
C LEU E 276 1.67 20.71 -14.58
N GLY E 277 1.87 19.40 -14.47
CA GLY E 277 3.11 18.75 -14.21
C GLY E 277 3.50 18.75 -12.75
N ARG E 278 2.60 18.67 -11.78
CA ARG E 278 3.02 18.70 -10.38
C ARG E 278 3.11 17.33 -9.75
N ILE E 279 4.02 17.17 -8.80
CA ILE E 279 4.24 15.92 -8.13
C ILE E 279 3.00 15.74 -7.24
N PRO E 280 2.28 14.67 -7.40
CA PRO E 280 1.06 14.34 -6.68
C PRO E 280 1.36 14.06 -5.21
N SER E 281 0.40 14.23 -4.31
CA SER E 281 0.62 13.93 -2.91
C SER E 281 0.00 12.57 -2.54
N ALA E 282 -0.14 12.31 -1.26
CA ALA E 282 -0.69 11.08 -0.76
C ALA E 282 -1.89 10.63 -1.60
N VAL E 283 -2.03 9.31 -1.74
CA VAL E 283 -3.14 8.74 -2.48
C VAL E 283 -3.47 9.35 -3.82
N GLY E 284 -2.53 10.03 -4.46
CA GLY E 284 -2.75 10.58 -5.77
C GLY E 284 -3.26 12.00 -5.86
N TYR E 285 -3.80 12.62 -4.82
CA TYR E 285 -4.36 13.96 -4.97
C TYR E 285 -3.32 15.05 -5.18
N GLN E 286 -3.79 16.21 -5.67
CA GLN E 286 -2.95 17.38 -5.85
C GLN E 286 -2.35 17.85 -4.52
N PRO E 287 -1.16 18.41 -4.56
CA PRO E 287 -0.37 19.04 -3.53
C PRO E 287 -1.07 20.16 -2.75
N THR E 288 -1.84 20.90 -3.51
CA THR E 288 -2.69 21.96 -3.05
C THR E 288 -4.08 21.48 -2.66
N LEU E 289 -4.26 20.23 -2.23
CA LEU E 289 -5.60 19.75 -1.92
C LEU E 289 -6.28 20.58 -0.85
N ALA E 290 -5.65 20.84 0.29
CA ALA E 290 -6.22 21.63 1.38
C ALA E 290 -6.51 23.06 0.95
N THR E 291 -5.55 23.65 0.26
CA THR E 291 -5.76 25.04 -0.15
C THR E 291 -6.86 25.15 -1.19
N ASP E 292 -6.84 24.32 -2.22
CA ASP E 292 -7.88 24.36 -3.26
C ASP E 292 -9.27 24.29 -2.59
N MET E 293 -9.34 23.51 -1.54
CA MET E 293 -10.57 23.30 -0.82
C MET E 293 -10.95 24.53 0.02
N GLY E 294 -9.95 25.10 0.70
CA GLY E 294 -10.22 26.15 1.68
C GLY E 294 -10.51 27.49 1.03
N THR E 295 -9.92 27.74 -0.13
CA THR E 295 -10.24 28.97 -0.82
C THR E 295 -11.67 28.92 -1.34
N MET E 296 -12.21 27.77 -1.68
CA MET E 296 -13.60 27.78 -2.19
C MET E 296 -14.62 27.80 -1.06
N GLN E 297 -14.39 27.02 -0.03
CA GLN E 297 -15.22 26.87 1.13
C GLN E 297 -15.32 28.11 2.01
N GLU E 298 -14.25 28.89 2.11
CA GLU E 298 -14.34 30.05 3.02
C GLU E 298 -15.30 31.11 2.51
N ARG E 299 -15.43 31.32 1.21
CA ARG E 299 -16.42 32.16 0.59
C ARG E 299 -17.83 31.78 1.03
N ILE E 300 -17.96 30.61 1.67
CA ILE E 300 -19.28 30.19 2.14
C ILE E 300 -19.42 30.52 3.62
N THR E 301 -19.87 31.74 3.94
CA THR E 301 -20.07 32.09 5.35
C THR E 301 -21.26 33.04 5.52
N THR E 302 -21.50 33.36 6.78
CA THR E 302 -22.40 34.40 7.24
C THR E 302 -21.60 35.73 7.36
N THR E 303 -21.87 36.71 6.55
CA THR E 303 -21.22 38.01 6.63
C THR E 303 -22.13 39.06 7.23
N LYS E 304 -21.73 40.33 7.25
CA LYS E 304 -22.57 41.36 7.88
C LYS E 304 -23.83 41.58 7.07
N LYS E 305 -23.81 41.39 5.76
CA LYS E 305 -24.98 41.57 4.93
C LYS E 305 -25.87 40.34 4.84
N GLY E 306 -25.33 39.14 5.12
CA GLY E 306 -26.16 37.95 5.03
C GLY E 306 -25.45 36.63 5.16
N SER E 307 -25.82 35.65 4.32
CA SER E 307 -25.10 34.39 4.38
C SER E 307 -25.43 33.41 3.27
N ILE E 308 -24.43 32.55 3.02
CA ILE E 308 -24.58 31.42 2.14
C ILE E 308 -24.50 30.12 2.97
N THR E 309 -25.48 29.24 2.83
CA THR E 309 -25.44 27.93 3.45
C THR E 309 -25.34 26.90 2.33
N SER E 310 -24.39 25.97 2.51
CA SER E 310 -24.07 25.03 1.44
C SER E 310 -24.36 23.57 1.72
N VAL E 311 -25.21 23.04 0.84
CA VAL E 311 -25.62 21.63 0.90
C VAL E 311 -24.84 20.93 -0.22
N GLN E 312 -23.94 20.07 0.29
CA GLN E 312 -23.01 19.47 -0.71
C GLN E 312 -22.91 17.97 -0.60
N ALA E 313 -23.26 17.36 -1.72
CA ALA E 313 -23.28 15.89 -1.82
C ALA E 313 -21.85 15.36 -1.71
N ILE E 314 -21.66 14.36 -0.88
CA ILE E 314 -20.36 13.74 -0.69
C ILE E 314 -20.28 12.28 -1.11
N TYR E 315 -19.34 11.95 -1.99
CA TYR E 315 -19.01 10.56 -2.31
C TYR E 315 -17.79 10.18 -1.48
N VAL E 316 -17.79 9.13 -0.74
CA VAL E 316 -16.63 8.65 0.00
C VAL E 316 -15.92 7.54 -0.78
N PRO E 317 -14.74 7.82 -1.30
CA PRO E 317 -13.94 6.90 -2.08
C PRO E 317 -13.64 5.62 -1.31
N ALA E 318 -13.76 4.46 -1.95
CA ALA E 318 -13.51 3.14 -1.38
C ALA E 318 -14.14 2.94 -0.01
N ASP E 319 -15.20 3.71 0.23
CA ASP E 319 -15.83 3.62 1.56
C ASP E 319 -14.88 4.06 2.65
N ASP E 320 -13.75 4.67 2.28
CA ASP E 320 -12.79 5.02 3.34
C ASP E 320 -12.91 6.47 3.78
N LEU E 321 -13.42 6.64 5.01
CA LEU E 321 -13.61 7.97 5.58
C LEU E 321 -12.25 8.61 5.84
N THR E 322 -11.20 7.79 6.04
CA THR E 322 -9.90 8.40 6.20
C THR E 322 -9.25 8.76 4.87
N ASP E 323 -9.85 8.70 3.70
CA ASP E 323 -9.26 9.08 2.42
C ASP E 323 -8.98 10.59 2.36
N PRO E 324 -7.83 11.02 1.93
CA PRO E 324 -7.55 12.44 1.88
C PRO E 324 -8.72 13.29 1.41
N ALA E 325 -9.46 12.87 0.38
CA ALA E 325 -10.57 13.65 -0.15
C ALA E 325 -11.64 13.96 0.87
N PRO E 326 -12.25 12.95 1.45
CA PRO E 326 -13.30 13.13 2.43
C PRO E 326 -12.77 13.79 3.71
N ALA E 327 -11.59 13.40 4.18
CA ALA E 327 -11.10 13.97 5.45
C ALA E 327 -10.84 15.46 5.23
N THR E 328 -10.44 15.81 3.98
CA THR E 328 -10.34 17.23 3.75
C THR E 328 -11.70 17.89 3.89
N THR E 329 -12.71 17.43 3.18
CA THR E 329 -14.04 18.01 3.28
C THR E 329 -14.57 17.97 4.70
N PHE E 330 -14.17 16.98 5.50
CA PHE E 330 -14.76 17.03 6.86
C PHE E 330 -14.32 18.29 7.57
N ALA E 331 -13.11 18.77 7.36
CA ALA E 331 -12.69 20.00 8.04
C ALA E 331 -13.67 21.16 7.89
N HIS E 332 -14.52 21.19 6.87
CA HIS E 332 -15.36 22.37 6.64
C HIS E 332 -16.84 22.19 6.88
N LEU E 333 -17.31 20.96 7.11
CA LEU E 333 -18.73 20.70 7.32
C LEU E 333 -19.11 21.00 8.77
N ASP E 334 -20.40 21.28 9.00
CA ASP E 334 -20.87 21.65 10.34
C ASP E 334 -21.93 20.66 10.81
N ALA E 335 -22.50 20.03 9.80
CA ALA E 335 -23.57 19.08 9.92
C ALA E 335 -23.57 18.17 8.67
N THR E 336 -24.16 17.00 8.87
CA THR E 336 -24.33 15.99 7.86
C THR E 336 -25.78 15.50 7.84
N THR E 337 -26.38 15.42 6.67
CA THR E 337 -27.69 14.79 6.51
C THR E 337 -27.46 13.41 5.85
N VAL E 338 -27.69 12.33 6.58
CA VAL E 338 -27.53 10.96 6.08
C VAL E 338 -28.85 10.37 5.55
N LEU E 339 -28.97 10.15 4.26
CA LEU E 339 -30.15 9.53 3.66
C LEU E 339 -29.94 8.01 3.54
N SER E 340 -30.87 7.23 4.03
CA SER E 340 -30.76 5.77 4.03
C SER E 340 -31.92 5.01 3.40
N ARG E 341 -31.56 4.06 2.54
CA ARG E 341 -32.45 3.13 1.88
C ARG E 341 -33.24 2.25 2.86
N ALA E 342 -32.63 1.84 3.96
CA ALA E 342 -33.32 1.16 5.01
C ALA E 342 -34.54 1.97 5.46
N ILE E 343 -34.32 3.23 5.80
CA ILE E 343 -35.42 4.06 6.28
C ILE E 343 -36.42 4.28 5.16
N ALA E 344 -35.86 4.38 3.93
CA ALA E 344 -36.81 4.65 2.81
C ALA E 344 -37.82 3.49 2.78
N GLU E 345 -37.27 2.30 2.86
CA GLU E 345 -37.95 1.04 2.89
C GLU E 345 -38.99 0.92 4.00
N LEU E 346 -38.82 1.72 5.05
CA LEU E 346 -39.82 1.71 6.10
C LEU E 346 -40.86 2.79 5.77
N GLY E 347 -40.75 3.36 4.58
CA GLY E 347 -41.70 4.34 4.08
C GLY E 347 -41.59 5.68 4.78
N ILE E 348 -40.56 5.81 5.60
CA ILE E 348 -40.29 7.05 6.32
C ILE E 348 -39.69 8.06 5.35
N TYR E 349 -40.38 9.16 5.13
CA TYR E 349 -39.95 10.21 4.22
C TYR E 349 -39.98 11.54 4.98
N PRO E 350 -38.90 12.27 4.97
CA PRO E 350 -37.67 11.97 4.28
C PRO E 350 -36.91 10.81 4.92
N ALA E 351 -36.12 10.14 4.09
CA ALA E 351 -35.36 8.96 4.49
C ALA E 351 -34.14 9.37 5.32
N VAL E 352 -34.38 10.27 6.28
CA VAL E 352 -33.25 10.72 7.08
C VAL E 352 -32.98 9.80 8.25
N ASP E 353 -31.80 9.22 8.30
CA ASP E 353 -31.42 8.42 9.47
C ASP E 353 -31.12 9.35 10.64
N PRO E 354 -31.96 9.31 11.64
CA PRO E 354 -31.91 10.14 12.82
C PRO E 354 -30.74 9.91 13.74
N LEU E 355 -30.07 8.77 13.67
CA LEU E 355 -28.92 8.52 14.53
C LEU E 355 -27.59 8.84 13.90
N ASP E 356 -27.49 8.81 12.57
CA ASP E 356 -26.26 9.08 11.88
C ASP E 356 -26.08 10.55 11.55
N SER E 357 -27.15 11.18 11.08
CA SER E 357 -27.07 12.63 10.80
C SER E 357 -26.64 13.35 12.05
N THR E 358 -25.66 14.24 11.97
CA THR E 358 -25.16 14.99 13.12
C THR E 358 -25.06 16.47 12.83
N SER E 359 -24.79 17.28 13.85
CA SER E 359 -24.63 18.72 13.68
C SER E 359 -23.72 19.25 14.80
N ARG E 360 -22.84 20.18 14.40
CA ARG E 360 -21.93 20.76 15.40
C ARG E 360 -22.73 21.67 16.36
N ILE E 361 -23.56 22.55 15.81
CA ILE E 361 -24.40 23.45 16.56
C ILE E 361 -25.46 22.76 17.38
N MET E 362 -25.27 21.48 17.71
CA MET E 362 -26.20 20.78 18.57
C MET E 362 -25.69 20.89 20.02
N ASP E 363 -25.39 22.12 20.41
CA ASP E 363 -24.93 22.40 21.77
C ASP E 363 -25.93 23.38 22.37
N PRO E 364 -26.26 23.19 23.63
CA PRO E 364 -27.20 24.01 24.36
C PRO E 364 -26.84 25.49 24.25
N ASN E 365 -25.53 25.75 24.21
CA ASN E 365 -25.02 27.11 24.13
C ASN E 365 -25.40 27.79 22.83
N ILE E 366 -25.96 27.01 21.90
CA ILE E 366 -26.26 27.53 20.58
C ILE E 366 -27.72 27.40 20.21
N VAL E 367 -28.29 26.23 20.44
CA VAL E 367 -29.69 26.00 20.06
C VAL E 367 -30.58 26.01 21.30
N GLY E 368 -29.92 26.32 22.43
CA GLY E 368 -30.63 26.46 23.68
C GLY E 368 -30.75 25.14 24.43
N SER E 369 -30.96 25.27 25.74
CA SER E 369 -31.04 24.09 26.58
C SER E 369 -32.28 23.25 26.31
N GLU E 370 -33.38 23.90 25.93
CA GLU E 370 -34.61 23.17 25.62
C GLU E 370 -34.41 22.29 24.39
N HIS E 371 -34.13 22.93 23.25
CA HIS E 371 -33.89 22.21 22.01
C HIS E 371 -32.92 21.04 22.22
N TYR E 372 -31.85 21.29 22.96
CA TYR E 372 -30.84 20.30 23.23
C TYR E 372 -31.43 19.09 23.93
N ASP E 373 -32.06 19.30 25.08
CA ASP E 373 -32.66 18.23 25.86
C ASP E 373 -33.68 17.39 25.11
N VAL E 374 -34.52 18.03 24.29
CA VAL E 374 -35.47 17.28 23.48
C VAL E 374 -34.72 16.36 22.50
N ALA E 375 -33.86 16.96 21.70
CA ALA E 375 -33.03 16.25 20.73
C ALA E 375 -32.39 15.03 21.37
N ARG E 376 -31.74 15.25 22.51
CA ARG E 376 -31.10 14.14 23.22
C ARG E 376 -32.12 13.09 23.62
N GLY E 377 -33.29 13.52 24.07
CA GLY E 377 -34.35 12.59 24.48
C GLY E 377 -34.77 11.74 23.29
N VAL E 378 -35.00 12.39 22.14
CA VAL E 378 -35.39 11.60 20.97
C VAL E 378 -34.28 10.64 20.57
N GLN E 379 -33.05 11.12 20.52
CA GLN E 379 -31.93 10.26 20.13
C GLN E 379 -31.82 9.07 21.06
N LYS E 380 -32.00 9.30 22.36
CA LYS E 380 -31.91 8.22 23.35
C LYS E 380 -33.01 7.17 23.23
N ILE E 381 -34.25 7.64 23.23
CA ILE E 381 -35.39 6.72 23.11
C ILE E 381 -35.21 5.84 21.89
N LEU E 382 -34.64 6.41 20.83
CA LEU E 382 -34.42 5.70 19.57
C LEU E 382 -33.27 4.70 19.65
N GLN E 383 -32.24 4.99 20.44
CA GLN E 383 -31.13 4.06 20.58
C GLN E 383 -31.55 2.85 21.41
N ASP E 384 -32.34 3.13 22.44
CA ASP E 384 -32.83 2.07 23.33
C ASP E 384 -33.72 1.09 22.58
N TYR E 385 -34.70 1.59 21.87
CA TYR E 385 -35.59 0.80 21.04
C TYR E 385 -34.81 -0.15 20.12
N LYS E 386 -33.93 0.43 19.32
CA LYS E 386 -33.07 -0.29 18.40
C LYS E 386 -32.48 -1.52 19.11
N SER E 387 -31.97 -1.31 20.32
CA SER E 387 -31.34 -2.38 21.07
C SER E 387 -32.33 -3.46 21.46
N LEU E 388 -33.51 -3.03 21.90
CA LEU E 388 -34.56 -3.94 22.32
C LEU E 388 -34.97 -4.92 21.22
N GLN E 389 -34.86 -4.49 19.97
CA GLN E 389 -35.26 -5.33 18.85
C GLN E 389 -34.92 -6.80 19.06
N ASP E 390 -33.67 -7.08 19.36
CA ASP E 390 -33.20 -8.43 19.59
C ASP E 390 -34.11 -9.22 20.52
N ILE E 391 -34.25 -8.71 21.74
CA ILE E 391 -35.07 -9.37 22.75
C ILE E 391 -36.51 -9.53 22.27
N ILE E 392 -37.07 -8.42 21.79
CA ILE E 392 -38.43 -8.41 21.29
C ILE E 392 -38.72 -9.62 20.42
N ALA E 393 -37.87 -9.90 19.45
CA ALA E 393 -38.10 -11.01 18.53
C ALA E 393 -37.84 -12.36 19.18
N ILE E 394 -36.68 -12.51 19.80
CA ILE E 394 -36.30 -13.79 20.38
C ILE E 394 -37.00 -14.04 21.70
N LEU E 395 -36.64 -13.36 22.77
CA LEU E 395 -37.28 -13.64 24.06
C LEU E 395 -38.76 -13.27 24.02
N GLY E 396 -39.25 -12.81 22.88
CA GLY E 396 -40.66 -12.45 22.74
C GLY E 396 -41.02 -11.14 23.40
N MET E 397 -41.78 -10.31 22.67
CA MET E 397 -42.25 -9.03 23.19
C MET E 397 -43.45 -9.24 24.11
N ASP E 398 -43.24 -10.01 25.16
CA ASP E 398 -44.31 -10.35 26.10
C ASP E 398 -43.87 -10.16 27.54
N GLU E 399 -42.55 -10.11 27.76
CA GLU E 399 -42.01 -9.95 29.10
C GLU E 399 -41.35 -8.59 29.29
N LEU E 400 -41.84 -7.58 28.57
CA LEU E 400 -41.34 -6.23 28.65
C LEU E 400 -41.99 -5.47 29.82
N SER E 401 -41.18 -4.98 30.73
CA SER E 401 -41.72 -4.26 31.89
C SER E 401 -42.43 -2.98 31.46
N GLU E 402 -43.16 -2.35 32.38
CA GLU E 402 -43.86 -1.11 32.11
C GLU E 402 -42.94 -0.15 31.36
N GLU E 403 -41.77 0.11 31.92
CA GLU E 403 -40.79 1.00 31.32
C GLU E 403 -40.35 0.52 29.94
N ASP E 404 -40.31 -0.79 29.73
CA ASP E 404 -39.87 -1.36 28.47
C ASP E 404 -40.90 -1.24 27.36
N LYS E 405 -42.19 -1.45 27.65
CA LYS E 405 -43.20 -1.34 26.60
C LYS E 405 -43.44 0.11 26.23
N LEU E 406 -43.31 1.03 27.19
CA LEU E 406 -43.51 2.45 26.89
C LEU E 406 -42.46 2.94 25.89
N THR E 407 -41.21 2.58 26.13
CA THR E 407 -40.14 2.93 25.21
C THR E 407 -40.51 2.51 23.80
N VAL E 408 -40.83 1.24 23.62
CA VAL E 408 -41.16 0.72 22.29
C VAL E 408 -42.32 1.44 21.64
N SER E 409 -43.36 1.74 22.40
CA SER E 409 -44.51 2.44 21.84
C SER E 409 -44.19 3.89 21.49
N ARG E 410 -43.53 4.59 22.41
CA ARG E 410 -43.14 5.98 22.20
C ARG E 410 -42.16 6.09 21.04
N ALA E 411 -41.05 5.35 21.15
CA ALA E 411 -40.06 5.29 20.09
C ALA E 411 -40.75 5.25 18.73
N ARG E 412 -41.69 4.33 18.54
CA ARG E 412 -42.40 4.18 17.28
C ARG E 412 -43.25 5.37 16.89
N LYS E 413 -43.70 6.14 17.89
CA LYS E 413 -44.51 7.32 17.57
C LYS E 413 -43.60 8.43 17.05
N ILE E 414 -42.54 8.70 17.78
CA ILE E 414 -41.49 9.67 17.38
C ILE E 414 -40.96 9.35 15.99
N GLN E 415 -40.57 8.10 15.82
CA GLN E 415 -40.03 7.62 14.56
C GLN E 415 -40.96 7.97 13.40
N ARG E 416 -42.24 7.66 13.61
CA ARG E 416 -43.24 7.93 12.58
C ARG E 416 -43.54 9.41 12.52
N PHE E 417 -43.39 10.10 13.67
CA PHE E 417 -43.62 11.54 13.65
C PHE E 417 -42.48 12.27 12.94
N LEU E 418 -41.34 11.58 12.71
CA LEU E 418 -40.25 12.20 11.96
C LEU E 418 -40.53 12.20 10.46
N SER E 419 -41.56 11.51 9.99
CA SER E 419 -41.91 11.61 8.55
C SER E 419 -42.57 12.96 8.35
N GLN E 420 -42.81 13.40 7.14
CA GLN E 420 -43.32 14.72 6.83
C GLN E 420 -43.53 14.89 5.33
N PRO E 421 -44.74 15.22 4.94
CA PRO E 421 -45.14 15.44 3.56
C PRO E 421 -44.45 16.66 3.00
N PHE E 422 -43.62 16.47 1.99
CA PHE E 422 -42.91 17.64 1.45
C PHE E 422 -43.83 18.43 0.55
N GLN E 423 -43.76 19.76 0.64
CA GLN E 423 -44.60 20.62 -0.19
C GLN E 423 -44.42 20.27 -1.67
N VAL E 424 -43.25 19.75 -2.04
CA VAL E 424 -42.91 19.41 -3.42
C VAL E 424 -43.50 18.07 -3.86
N ALA E 425 -43.80 17.23 -2.88
CA ALA E 425 -44.40 15.93 -3.13
C ALA E 425 -45.83 16.04 -3.64
N GLU E 426 -46.57 17.06 -3.21
CA GLU E 426 -47.95 17.25 -3.60
C GLU E 426 -48.27 16.77 -5.01
N VAL E 427 -47.54 17.23 -6.01
CA VAL E 427 -47.73 16.87 -7.40
C VAL E 427 -47.97 15.40 -7.66
N PHE E 428 -47.69 14.53 -6.70
CA PHE E 428 -47.89 13.10 -6.88
C PHE E 428 -48.62 12.49 -5.68
N THR E 429 -48.24 12.91 -4.48
CA THR E 429 -48.81 12.36 -3.26
C THR E 429 -50.27 12.74 -3.07
N GLY E 430 -50.70 13.80 -3.75
CA GLY E 430 -52.09 14.26 -3.62
C GLY E 430 -52.37 14.69 -2.18
N HIS E 431 -51.35 15.20 -1.51
CA HIS E 431 -51.48 15.65 -0.12
C HIS E 431 -50.71 16.94 0.10
N LEU E 432 -51.34 17.90 0.76
CA LEU E 432 -50.76 19.21 1.02
C LEU E 432 -49.50 19.12 1.87
N GLY E 433 -48.42 19.69 1.31
CA GLY E 433 -47.13 19.72 1.95
C GLY E 433 -47.12 20.54 3.24
N LYS E 434 -46.36 20.08 4.23
CA LYS E 434 -46.27 20.74 5.51
C LYS E 434 -44.89 21.31 5.81
N LEU E 435 -44.87 22.54 6.30
CA LEU E 435 -43.64 23.23 6.71
C LEU E 435 -43.78 23.50 8.21
N VAL E 436 -43.04 22.79 9.02
CA VAL E 436 -43.12 22.84 10.47
C VAL E 436 -42.12 23.83 11.05
N PRO E 437 -42.63 24.80 11.80
CA PRO E 437 -41.86 25.81 12.51
C PRO E 437 -41.07 25.17 13.64
N LEU E 438 -39.90 25.71 13.94
CA LEU E 438 -39.03 25.11 14.95
C LEU E 438 -39.66 24.94 16.31
N LYS E 439 -40.67 25.72 16.68
CA LYS E 439 -41.33 25.64 17.97
C LYS E 439 -42.22 24.41 18.08
N GLU E 440 -43.04 24.21 17.07
CA GLU E 440 -43.89 23.03 16.98
C GLU E 440 -43.09 21.74 16.99
N THR E 441 -41.96 21.71 16.28
CA THR E 441 -41.06 20.57 16.25
C THR E 441 -40.61 20.24 17.67
N ILE E 442 -39.95 21.18 18.35
CA ILE E 442 -39.46 20.93 19.69
C ILE E 442 -40.58 20.50 20.63
N LYS E 443 -41.63 21.32 20.69
CA LYS E 443 -42.77 21.04 21.56
C LYS E 443 -43.35 19.66 21.24
N GLY E 444 -43.67 19.49 19.96
CA GLY E 444 -44.20 18.25 19.43
C GLY E 444 -43.51 17.01 19.98
N PHE E 445 -42.19 16.89 19.77
CA PHE E 445 -41.48 15.71 20.24
C PHE E 445 -41.34 15.72 21.76
N GLN E 446 -41.29 16.92 22.33
CA GLN E 446 -41.17 17.07 23.78
C GLN E 446 -42.36 16.41 24.48
N GLN E 447 -43.56 16.67 23.95
CA GLN E 447 -44.78 16.10 24.52
C GLN E 447 -44.83 14.59 24.33
N ILE E 448 -44.48 14.13 23.13
CA ILE E 448 -44.49 12.68 22.89
C ILE E 448 -43.59 12.04 23.95
N LEU E 449 -42.39 12.60 24.07
CA LEU E 449 -41.45 12.03 25.04
C LEU E 449 -42.13 11.88 26.39
N ALA E 450 -42.80 12.94 26.83
CA ALA E 450 -43.49 12.97 28.09
C ALA E 450 -44.53 11.86 28.18
N GLY E 451 -45.12 11.53 27.04
CA GLY E 451 -46.15 10.49 27.02
C GLY E 451 -47.54 11.09 26.89
N GLU E 452 -47.62 12.41 26.82
CA GLU E 452 -48.86 13.14 26.72
C GLU E 452 -49.74 12.64 25.58
N TYR E 453 -49.16 12.09 24.52
CA TYR E 453 -49.98 11.63 23.40
C TYR E 453 -49.94 10.12 23.24
N ASP E 454 -49.51 9.44 24.31
CA ASP E 454 -49.42 7.99 24.27
C ASP E 454 -50.76 7.35 23.93
N HIS E 455 -51.84 8.04 24.25
CA HIS E 455 -53.19 7.56 24.02
C HIS E 455 -53.62 7.74 22.57
N LEU E 456 -52.68 7.57 21.65
CA LEU E 456 -52.98 7.71 20.23
C LEU E 456 -52.33 6.57 19.46
N PRO E 457 -52.91 6.18 18.34
CA PRO E 457 -52.41 5.15 17.46
C PRO E 457 -51.24 5.61 16.59
N GLU E 458 -50.24 4.75 16.40
CA GLU E 458 -49.09 5.06 15.57
C GLU E 458 -49.45 5.90 14.36
N GLN E 459 -50.29 5.37 13.47
CA GLN E 459 -50.62 6.04 12.23
C GLN E 459 -51.10 7.47 12.38
N ALA E 460 -51.29 7.94 13.60
CA ALA E 460 -51.72 9.32 13.81
C ALA E 460 -50.57 10.30 13.55
N PHE E 461 -49.35 9.87 13.83
CA PHE E 461 -48.20 10.74 13.68
C PHE E 461 -47.55 10.61 12.29
N TYR E 462 -47.90 9.56 11.58
CA TYR E 462 -47.31 9.27 10.28
C TYR E 462 -47.77 10.25 9.23
N MET E 463 -46.80 10.85 8.57
CA MET E 463 -47.01 11.85 7.54
C MET E 463 -48.01 12.91 7.92
N VAL E 464 -47.67 13.71 8.92
CA VAL E 464 -48.51 14.83 9.37
C VAL E 464 -47.72 16.13 9.33
N GLY E 465 -48.03 17.09 10.19
CA GLY E 465 -47.30 18.37 10.24
C GLY E 465 -46.99 18.64 11.72
N PRO E 466 -47.60 19.68 12.25
CA PRO E 466 -47.51 20.04 13.66
C PRO E 466 -48.07 18.93 14.54
N ILE E 467 -47.85 19.00 15.85
CA ILE E 467 -48.36 17.93 16.72
C ILE E 467 -49.88 17.85 16.67
N GLU E 468 -50.50 19.01 16.50
CA GLU E 468 -51.95 19.13 16.43
C GLU E 468 -52.52 18.11 15.45
N GLU E 469 -51.94 18.06 14.27
CA GLU E 469 -52.38 17.17 13.21
C GLU E 469 -52.25 15.70 13.56
N ALA E 470 -51.52 15.37 14.61
CA ALA E 470 -51.37 13.96 14.98
C ALA E 470 -52.64 13.49 15.68
N VAL E 471 -53.11 14.32 16.61
CA VAL E 471 -54.33 14.05 17.37
C VAL E 471 -55.50 14.05 16.38
N ALA E 472 -55.59 15.11 15.60
CA ALA E 472 -56.62 15.22 14.59
C ALA E 472 -56.79 13.89 13.85
N LYS E 473 -55.77 13.53 13.09
CA LYS E 473 -55.71 12.30 12.31
C LYS E 473 -56.18 11.11 13.15
N ALA E 474 -55.69 11.05 14.37
CA ALA E 474 -56.03 9.96 15.28
C ALA E 474 -57.54 9.82 15.44
N ASP E 475 -58.17 10.87 15.95
CA ASP E 475 -59.61 10.85 16.16
C ASP E 475 -60.32 10.30 14.91
N LYS E 476 -59.92 10.82 13.75
CA LYS E 476 -60.49 10.36 12.49
C LYS E 476 -60.24 8.88 12.28
N LEU E 477 -59.03 8.42 12.54
CA LEU E 477 -58.70 7.00 12.37
C LEU E 477 -59.29 6.16 13.49
N ALA E 478 -59.79 6.83 14.52
CA ALA E 478 -60.34 6.16 15.69
C ALA E 478 -59.24 5.34 16.38
N THR F 13 43.93 30.03 0.28
CA THR F 13 43.20 30.73 -0.81
C THR F 13 41.72 30.90 -0.44
N THR F 14 41.12 31.89 -1.08
CA THR F 14 39.76 32.23 -0.73
C THR F 14 38.75 31.87 -1.81
N GLY F 15 37.59 31.36 -1.35
CA GLY F 15 36.53 31.03 -2.32
C GLY F 15 35.38 31.98 -2.14
N ARG F 16 34.39 31.91 -3.03
CA ARG F 16 33.19 32.74 -2.86
C ARG F 16 31.89 31.96 -3.00
N ILE F 17 31.01 32.12 -2.00
CA ILE F 17 29.70 31.50 -2.06
C ILE F 17 29.03 31.83 -3.38
N VAL F 18 28.67 30.81 -4.16
CA VAL F 18 27.95 31.08 -5.43
C VAL F 18 26.51 30.63 -5.32
N ALA F 19 26.17 29.83 -4.30
CA ALA F 19 24.79 29.36 -4.18
C ALA F 19 24.49 28.87 -2.80
N VAL F 20 23.25 29.13 -2.36
CA VAL F 20 22.89 28.71 -1.01
C VAL F 20 21.46 28.18 -0.99
N ILE F 21 21.28 27.01 -0.41
CA ILE F 21 20.01 26.32 -0.31
C ILE F 21 20.02 25.48 0.96
N GLY F 22 19.36 26.03 1.98
CA GLY F 22 19.35 25.39 3.27
C GLY F 22 20.76 25.06 3.75
N ALA F 23 21.02 23.79 4.01
CA ALA F 23 22.32 23.37 4.51
C ALA F 23 23.35 23.20 3.40
N VAL F 24 22.95 23.27 2.14
CA VAL F 24 23.93 23.05 1.06
C VAL F 24 24.40 24.34 0.43
N VAL F 25 25.71 24.60 0.56
CA VAL F 25 26.33 25.81 0.04
C VAL F 25 27.31 25.50 -1.09
N ASP F 26 27.23 26.20 -2.21
CA ASP F 26 28.17 26.09 -3.31
C ASP F 26 29.23 27.19 -3.25
N VAL F 27 30.49 26.80 -3.34
CA VAL F 27 31.62 27.72 -3.22
C VAL F 27 32.57 27.62 -4.37
N GLN F 28 32.89 28.77 -4.99
CA GLN F 28 33.82 28.71 -6.15
C GLN F 28 35.22 29.14 -5.74
N PHE F 29 36.25 28.36 -5.99
CA PHE F 29 37.62 28.74 -5.62
C PHE F 29 38.40 29.02 -6.90
N ASP F 30 39.01 30.18 -7.03
CA ASP F 30 39.77 30.53 -8.24
C ASP F 30 41.16 29.90 -8.29
N GLU F 31 41.75 29.68 -7.14
CA GLU F 31 43.03 29.01 -6.99
C GLU F 31 42.93 28.12 -5.73
N GLY F 32 43.50 26.94 -5.78
CA GLY F 32 43.56 26.06 -4.64
C GLY F 32 42.25 25.45 -4.19
N LEU F 33 41.68 24.59 -5.02
CA LEU F 33 40.41 23.93 -4.69
C LEU F 33 40.59 22.94 -3.55
N PRO F 34 39.70 23.02 -2.58
CA PRO F 34 39.73 22.19 -1.39
C PRO F 34 39.24 20.79 -1.64
N PRO F 35 39.95 19.80 -1.15
CA PRO F 35 39.59 18.41 -1.25
C PRO F 35 38.32 18.06 -0.48
N ILE F 36 37.71 16.93 -0.91
CA ILE F 36 36.51 16.43 -0.24
C ILE F 36 36.82 16.15 1.22
N LEU F 37 35.90 16.44 2.10
CA LEU F 37 35.92 16.27 3.52
C LEU F 37 36.67 17.39 4.24
N ASN F 38 37.17 18.39 3.59
CA ASN F 38 37.84 19.51 4.26
C ASN F 38 36.86 20.57 4.79
N ALA F 39 37.25 21.18 5.89
CA ALA F 39 36.42 22.18 6.55
C ALA F 39 36.76 23.60 6.10
N LEU F 40 35.81 24.30 5.53
CA LEU F 40 35.92 25.66 5.11
C LEU F 40 35.31 26.59 6.19
N GLU F 41 35.83 27.78 6.36
CA GLU F 41 35.36 28.73 7.37
C GLU F 41 34.77 29.92 6.62
N VAL F 42 33.50 30.17 6.83
CA VAL F 42 32.83 31.26 6.14
C VAL F 42 33.27 32.56 6.82
N GLN F 43 33.60 33.57 6.03
CA GLN F 43 34.14 34.81 6.62
C GLN F 43 33.06 35.82 6.80
N GLY F 44 33.21 36.69 7.80
CA GLY F 44 32.24 37.73 8.03
C GLY F 44 30.95 37.24 8.70
N ARG F 45 31.12 36.55 9.81
CA ARG F 45 30.09 35.86 10.56
C ARG F 45 30.39 35.87 12.03
N GLU F 46 29.41 36.26 12.86
CA GLU F 46 29.65 36.38 14.30
C GLU F 46 30.18 35.09 14.89
N THR F 47 29.44 34.02 14.68
CA THR F 47 29.81 32.70 15.15
C THR F 47 30.44 31.89 14.05
N ARG F 48 31.32 30.98 14.43
CA ARG F 48 32.05 30.12 13.49
C ARG F 48 31.08 29.25 12.68
N LEU F 49 31.12 29.44 11.37
CA LEU F 49 30.28 28.68 10.46
C LEU F 49 31.15 27.81 9.52
N VAL F 50 31.27 26.51 9.78
CA VAL F 50 32.05 25.56 9.03
C VAL F 50 31.27 24.94 7.87
N LEU F 51 31.87 24.86 6.70
CA LEU F 51 31.28 24.23 5.55
C LEU F 51 32.14 22.98 5.28
N GLU F 52 31.60 21.78 5.14
CA GLU F 52 32.44 20.60 4.88
C GLU F 52 32.30 20.26 3.41
N VAL F 53 33.42 20.03 2.71
CA VAL F 53 33.32 19.84 1.26
C VAL F 53 32.71 18.48 1.02
N ALA F 54 31.62 18.40 0.22
CA ALA F 54 31.06 17.06 -0.02
C ALA F 54 31.45 16.55 -1.40
N GLN F 55 31.46 17.43 -2.40
CA GLN F 55 31.74 16.95 -3.77
C GLN F 55 32.23 18.08 -4.65
N HIS F 56 33.03 17.79 -5.66
CA HIS F 56 33.57 18.73 -6.61
C HIS F 56 32.67 18.74 -7.85
N LEU F 57 31.96 19.83 -8.05
CA LEU F 57 30.95 19.94 -9.07
C LEU F 57 31.53 20.17 -10.45
N GLY F 58 32.82 20.45 -10.49
CA GLY F 58 33.45 20.84 -11.74
C GLY F 58 33.50 22.38 -11.81
N GLU F 59 34.14 22.91 -12.84
CA GLU F 59 34.29 24.34 -13.05
C GLU F 59 34.83 25.07 -11.83
N SER F 60 35.77 24.45 -11.13
CA SER F 60 36.35 25.08 -9.94
C SER F 60 35.31 25.38 -8.87
N THR F 61 34.13 24.77 -8.98
CA THR F 61 33.15 24.95 -7.93
C THR F 61 33.06 23.72 -7.04
N VAL F 62 32.85 23.90 -5.74
CA VAL F 62 32.64 22.76 -4.86
C VAL F 62 31.28 22.87 -4.12
N ARG F 63 30.67 21.68 -3.86
CA ARG F 63 29.41 21.63 -3.14
C ARG F 63 29.72 21.26 -1.69
N THR F 64 29.16 21.98 -0.73
CA THR F 64 29.46 21.79 0.68
C THR F 64 28.19 21.70 1.54
N ILE F 65 28.35 21.35 2.79
CA ILE F 65 27.27 21.19 3.74
C ILE F 65 27.63 22.01 5.00
N ALA F 66 26.79 22.94 5.41
CA ALA F 66 27.09 23.74 6.58
C ALA F 66 26.90 22.95 7.86
N MET F 67 27.60 23.36 8.88
CA MET F 67 27.43 22.74 10.21
C MET F 67 26.59 23.64 11.09
N ASP F 68 26.03 24.68 10.47
CA ASP F 68 25.14 25.55 11.25
C ASP F 68 24.26 26.35 10.31
N GLY F 69 23.41 27.19 10.84
CA GLY F 69 22.50 27.95 10.02
C GLY F 69 23.12 28.80 8.95
N THR F 70 22.69 28.69 7.72
CA THR F 70 23.12 29.53 6.64
C THR F 70 22.30 30.78 6.45
N GLU F 71 21.46 31.19 7.41
CA GLU F 71 20.74 32.48 7.21
C GLU F 71 21.82 33.60 7.30
N GLY F 72 21.60 34.66 6.55
CA GLY F 72 22.57 35.74 6.53
C GLY F 72 23.57 35.62 5.40
N LEU F 73 23.97 34.44 4.98
CA LEU F 73 24.92 34.35 3.85
C LEU F 73 24.37 35.13 2.63
N VAL F 74 25.32 35.60 1.85
CA VAL F 74 25.08 36.35 0.63
C VAL F 74 25.90 35.73 -0.50
N ARG F 75 25.40 35.84 -1.74
CA ARG F 75 26.24 35.38 -2.86
C ARG F 75 27.48 36.30 -2.93
N GLY F 76 28.66 35.80 -3.19
CA GLY F 76 29.87 36.57 -3.26
C GLY F 76 30.72 36.48 -1.99
N GLN F 77 30.14 36.15 -0.87
CA GLN F 77 30.77 36.10 0.44
C GLN F 77 31.96 35.18 0.45
N LYS F 78 32.98 35.49 1.23
CA LYS F 78 34.27 34.81 1.15
C LYS F 78 34.38 33.60 2.05
N VAL F 79 35.08 32.59 1.55
CA VAL F 79 35.26 31.35 2.28
C VAL F 79 36.73 30.98 2.35
N LEU F 80 37.20 30.55 3.50
CA LEU F 80 38.59 30.19 3.72
C LEU F 80 38.79 28.71 3.97
N ASP F 81 39.68 28.08 3.20
CA ASP F 81 39.95 26.65 3.38
C ASP F 81 40.80 26.41 4.63
N SER F 82 40.25 25.74 5.64
CA SER F 82 41.02 25.44 6.83
C SER F 82 42.23 24.56 6.55
N GLY F 83 42.37 23.92 5.38
CA GLY F 83 43.48 23.02 5.22
C GLY F 83 43.14 21.59 5.57
N ALA F 84 42.33 21.27 6.55
CA ALA F 84 42.05 19.86 6.87
C ALA F 84 40.55 19.70 7.11
N PRO F 85 40.09 18.56 7.56
CA PRO F 85 38.68 18.28 7.88
C PRO F 85 38.39 18.75 9.30
N ILE F 86 37.17 18.67 9.77
CA ILE F 86 36.84 19.15 11.11
C ILE F 86 37.72 18.45 12.13
N ARG F 87 38.48 19.19 12.92
CA ARG F 87 39.35 18.57 13.94
C ARG F 87 38.76 19.00 15.27
N ILE F 88 38.72 18.18 16.28
CA ILE F 88 38.02 18.55 17.50
C ILE F 88 38.97 18.19 18.62
N PRO F 89 38.80 18.77 19.78
CA PRO F 89 39.59 18.45 20.95
C PRO F 89 39.38 16.99 21.32
N VAL F 90 40.43 16.29 21.70
CA VAL F 90 40.32 14.91 22.19
C VAL F 90 41.22 14.82 23.42
N GLY F 91 41.12 13.82 24.26
CA GLY F 91 41.98 13.75 25.45
C GLY F 91 41.17 13.89 26.73
N PRO F 92 41.83 13.77 27.86
CA PRO F 92 41.26 13.80 29.19
C PRO F 92 40.51 15.07 29.53
N GLU F 93 40.94 16.15 28.91
CA GLU F 93 40.37 17.46 29.15
C GLU F 93 39.10 17.65 28.36
N THR F 94 38.49 16.54 27.91
CA THR F 94 37.21 16.65 27.21
C THR F 94 36.14 16.08 28.18
N LEU F 95 36.63 15.39 29.20
CA LEU F 95 35.83 14.85 30.27
C LEU F 95 35.21 15.95 31.15
N GLY F 96 33.93 15.83 31.47
CA GLY F 96 33.17 16.81 32.21
C GLY F 96 32.72 17.96 31.35
N ARG F 97 33.26 18.14 30.14
CA ARG F 97 32.80 19.21 29.28
C ARG F 97 31.68 18.73 28.34
N ILE F 98 30.89 19.69 27.87
CA ILE F 98 29.92 19.45 26.86
C ILE F 98 30.46 20.08 25.56
N MET F 99 30.67 19.28 24.54
CA MET F 99 31.18 19.89 23.28
C MET F 99 30.14 19.73 22.21
N ASN F 100 30.25 20.49 21.16
CA ASN F 100 29.31 20.50 20.03
C ASN F 100 29.97 19.79 18.86
N VAL F 101 29.30 19.75 17.71
CA VAL F 101 29.79 19.16 16.51
C VAL F 101 31.24 19.48 16.16
N ILE F 102 31.55 20.74 15.97
CA ILE F 102 32.84 21.24 15.59
C ILE F 102 33.78 21.35 16.78
N GLY F 103 33.43 20.79 17.93
CA GLY F 103 34.34 20.77 19.06
C GLY F 103 34.26 21.92 20.03
N GLU F 104 33.64 23.02 19.66
CA GLU F 104 33.50 24.17 20.55
C GLU F 104 32.69 23.84 21.77
N PRO F 105 33.11 24.28 22.93
CA PRO F 105 32.46 24.08 24.21
C PRO F 105 31.09 24.74 24.20
N ILE F 106 30.13 24.12 24.85
CA ILE F 106 28.77 24.64 24.91
C ILE F 106 28.24 24.53 26.32
N ASP F 107 29.14 24.60 27.29
CA ASP F 107 28.76 24.54 28.70
C ASP F 107 29.16 25.80 29.47
N GLU F 108 29.64 26.79 28.72
CA GLU F 108 29.99 28.07 29.27
C GLU F 108 31.11 28.02 30.29
N ARG F 109 31.92 26.97 30.27
CA ARG F 109 32.98 26.81 31.27
C ARG F 109 34.34 27.11 30.64
N GLY F 110 34.34 27.96 29.62
CA GLY F 110 35.58 28.37 29.00
C GLY F 110 35.99 27.47 27.85
N PRO F 111 37.23 27.55 27.43
CA PRO F 111 37.75 26.82 26.31
C PRO F 111 38.28 25.44 26.68
N ILE F 112 38.24 24.52 25.70
CA ILE F 112 38.80 23.20 25.95
C ILE F 112 40.26 23.24 25.48
N LYS F 113 41.20 23.27 26.42
CA LYS F 113 42.61 23.38 26.07
C LYS F 113 43.31 22.04 26.00
N THR F 114 43.20 21.39 24.84
CA THR F 114 43.83 20.10 24.65
C THR F 114 45.21 20.30 24.04
N LYS F 115 45.94 19.20 24.13
CA LYS F 115 47.22 19.13 23.43
C LYS F 115 46.84 18.67 22.01
N GLN F 116 46.33 17.45 21.97
CA GLN F 116 45.97 16.79 20.73
C GLN F 116 44.57 17.07 20.22
N PHE F 117 44.47 17.07 18.90
CA PHE F 117 43.24 17.21 18.16
C PHE F 117 43.01 16.01 17.28
N ALA F 118 41.81 15.76 16.84
CA ALA F 118 41.51 14.64 15.96
C ALA F 118 40.40 14.99 14.99
N ALA F 119 40.56 14.50 13.77
CA ALA F 119 39.56 14.73 12.73
C ALA F 119 38.34 13.86 13.02
N ILE F 120 37.15 14.33 12.66
CA ILE F 120 35.97 13.54 12.99
C ILE F 120 35.78 12.48 11.91
N HIS F 121 36.52 12.64 10.83
CA HIS F 121 36.49 11.70 9.72
C HIS F 121 37.73 10.81 9.74
N ALA F 122 37.51 9.52 9.88
CA ALA F 122 38.60 8.55 9.89
C ALA F 122 38.20 7.22 9.23
N GLU F 123 39.17 6.46 8.71
CA GLU F 123 38.85 5.16 8.09
C GLU F 123 38.58 4.15 9.18
N ALA F 124 37.68 3.21 8.99
CA ALA F 124 37.39 2.22 10.05
C ALA F 124 38.54 1.23 10.19
N PRO F 125 38.78 0.74 11.39
CA PRO F 125 39.78 -0.27 11.69
C PRO F 125 39.71 -1.46 10.74
N GLU F 126 40.85 -1.90 10.28
CA GLU F 126 41.06 -2.98 9.35
C GLU F 126 40.71 -4.35 9.90
N PHE F 127 40.51 -5.31 9.00
CA PHE F 127 40.21 -6.69 9.42
C PHE F 127 41.18 -7.27 10.44
N VAL F 128 42.46 -6.92 10.31
CA VAL F 128 43.46 -7.45 11.25
C VAL F 128 43.31 -6.86 12.62
N GLU F 129 42.57 -5.73 12.70
CA GLU F 129 42.39 -5.10 14.01
C GLU F 129 41.23 -5.72 14.77
N MET F 130 40.44 -6.61 14.16
CA MET F 130 39.26 -7.14 14.80
C MET F 130 39.54 -8.02 16.01
N SER F 131 38.55 -8.06 16.91
CA SER F 131 38.64 -8.85 18.13
C SER F 131 37.58 -9.94 18.10
N VAL F 132 37.88 -11.09 18.68
CA VAL F 132 36.98 -12.24 18.57
C VAL F 132 36.57 -12.79 19.92
N GLU F 133 36.89 -12.09 21.00
CA GLU F 133 36.43 -12.52 22.32
C GLU F 133 34.94 -12.17 22.47
N GLN F 134 34.17 -13.11 22.97
CA GLN F 134 32.76 -12.89 23.29
C GLN F 134 32.72 -13.09 24.84
N GLU F 135 32.10 -12.17 25.55
CA GLU F 135 32.02 -12.24 27.02
C GLU F 135 30.76 -11.56 27.52
N ILE F 136 29.93 -12.30 28.25
CA ILE F 136 28.63 -11.78 28.66
C ILE F 136 28.74 -10.57 29.60
N LEU F 137 27.86 -9.60 29.41
CA LEU F 137 27.78 -8.41 30.23
C LEU F 137 26.41 -8.40 30.89
N VAL F 138 26.35 -8.79 32.16
CA VAL F 138 25.08 -8.84 32.86
C VAL F 138 24.66 -7.43 33.26
N THR F 139 23.41 -7.09 32.95
CA THR F 139 22.89 -5.75 33.13
C THR F 139 21.87 -5.72 34.25
N GLY F 140 21.55 -6.88 34.81
CA GLY F 140 20.57 -6.92 35.88
C GLY F 140 19.14 -6.72 35.40
N ILE F 141 18.95 -6.77 34.10
CA ILE F 141 17.56 -6.70 33.57
C ILE F 141 17.16 -8.11 33.21
N LYS F 142 16.01 -8.58 33.69
CA LYS F 142 15.57 -9.95 33.43
C LYS F 142 15.49 -10.32 31.96
N VAL F 143 14.68 -9.63 31.18
CA VAL F 143 14.49 -9.88 29.78
C VAL F 143 15.84 -10.01 29.03
N VAL F 144 16.60 -8.92 29.03
CA VAL F 144 17.87 -8.89 28.35
C VAL F 144 18.75 -10.10 28.73
N ASP F 145 19.10 -10.17 30.01
CA ASP F 145 20.05 -11.14 30.52
C ASP F 145 19.67 -12.58 30.20
N LEU F 146 18.35 -12.81 30.12
CA LEU F 146 17.89 -14.15 29.79
C LEU F 146 17.97 -14.46 28.30
N LEU F 147 17.14 -13.80 27.54
CA LEU F 147 16.88 -14.03 26.14
C LEU F 147 17.83 -13.35 25.19
N ALA F 148 18.36 -12.15 25.47
CA ALA F 148 19.37 -11.65 24.50
C ALA F 148 20.48 -10.88 25.21
N PRO F 149 21.28 -11.58 25.98
CA PRO F 149 22.37 -11.01 26.75
C PRO F 149 23.25 -10.12 25.90
N TYR F 150 23.79 -9.09 26.56
CA TYR F 150 24.73 -8.17 25.96
C TYR F 150 26.13 -8.74 26.15
N ALA F 151 27.11 -8.22 25.43
CA ALA F 151 28.47 -8.68 25.62
C ALA F 151 29.39 -7.51 25.94
N LYS F 152 30.45 -7.75 26.73
CA LYS F 152 31.44 -6.70 26.92
C LYS F 152 32.13 -6.30 25.62
N GLY F 153 32.14 -5.02 25.30
CA GLY F 153 32.83 -4.54 24.11
C GLY F 153 32.04 -4.83 22.84
N GLY F 154 30.77 -5.23 22.99
CA GLY F 154 29.99 -5.47 21.77
C GLY F 154 29.10 -4.27 21.49
N LYS F 155 28.46 -4.27 20.33
CA LYS F 155 27.54 -3.27 19.89
C LYS F 155 26.10 -3.70 20.23
N ILE F 156 25.39 -2.87 20.94
CA ILE F 156 24.02 -3.13 21.35
C ILE F 156 23.07 -2.08 20.77
N GLY F 157 21.94 -2.52 20.24
CA GLY F 157 20.95 -1.62 19.66
C GLY F 157 19.63 -1.64 20.41
N LEU F 158 19.02 -0.51 20.73
CA LEU F 158 17.70 -0.47 21.44
C LEU F 158 16.65 0.05 20.48
N PHE F 159 15.88 -0.77 19.79
CA PHE F 159 14.93 -0.31 18.76
C PHE F 159 13.64 0.10 19.43
N GLY F 160 12.94 1.11 18.88
CA GLY F 160 11.67 1.48 19.52
C GLY F 160 11.03 2.65 18.80
N GLY F 161 9.72 2.59 18.58
CA GLY F 161 8.94 3.68 18.02
C GLY F 161 8.82 4.82 19.06
N ALA F 162 8.09 5.86 18.74
CA ALA F 162 7.95 7.03 19.59
C ALA F 162 7.25 6.76 20.91
N GLY F 163 7.89 7.11 22.01
CA GLY F 163 7.28 6.91 23.32
C GLY F 163 7.32 5.57 23.95
N VAL F 164 7.98 4.59 23.37
CA VAL F 164 7.99 3.22 23.90
C VAL F 164 8.96 2.91 24.99
N GLY F 165 10.05 3.61 25.20
CA GLY F 165 11.00 3.40 26.25
C GLY F 165 12.47 3.33 25.99
N LYS F 166 12.99 3.80 24.86
CA LYS F 166 14.43 3.69 24.59
C LYS F 166 15.30 4.50 25.54
N THR F 167 14.87 5.77 25.78
CA THR F 167 15.67 6.67 26.64
C THR F 167 15.63 6.25 28.06
N VAL F 168 14.62 5.52 28.49
CA VAL F 168 14.59 5.04 29.90
C VAL F 168 15.51 3.83 30.04
N LEU F 169 15.43 3.00 29.00
CA LEU F 169 16.31 1.81 28.94
C LEU F 169 17.75 2.29 28.90
N ILE F 170 18.12 3.23 28.07
CA ILE F 170 19.51 3.73 28.07
C ILE F 170 19.93 4.30 29.42
N MET F 171 19.09 5.14 30.05
CA MET F 171 19.41 5.65 31.39
C MET F 171 19.54 4.50 32.38
N GLU F 172 18.61 3.56 32.38
CA GLU F 172 18.76 2.39 33.24
C GLU F 172 20.10 1.64 33.03
N LEU F 173 20.56 1.47 31.80
CA LEU F 173 21.84 0.86 31.49
C LEU F 173 23.00 1.70 32.00
N ILE F 174 22.89 3.01 31.84
CA ILE F 174 23.96 3.88 32.37
C ILE F 174 24.16 3.66 33.86
N ASN F 175 23.03 3.57 34.56
CA ASN F 175 23.02 3.27 36.00
C ASN F 175 23.55 1.87 36.24
N ASN F 176 22.88 0.83 35.78
CA ASN F 176 23.28 -0.54 35.99
C ASN F 176 24.62 -0.96 35.45
N VAL F 177 25.26 -0.28 34.52
CA VAL F 177 26.51 -0.69 33.90
C VAL F 177 27.59 0.38 34.03
N ALA F 178 27.34 1.54 33.42
CA ALA F 178 28.29 2.63 33.40
C ALA F 178 28.76 3.01 34.79
N LYS F 179 27.89 3.06 35.78
CA LYS F 179 28.30 3.46 37.12
C LYS F 179 29.37 2.53 37.65
N ALA F 180 29.19 1.23 37.41
CA ALA F 180 30.18 0.25 37.86
C ALA F 180 31.18 -0.03 36.75
N HIS F 181 31.40 1.01 35.94
CA HIS F 181 32.34 0.86 34.82
C HIS F 181 33.72 1.36 35.23
N GLY F 182 34.71 0.49 35.02
CA GLY F 182 36.10 0.86 35.27
C GLY F 182 36.67 1.52 34.00
N GLY F 183 36.48 2.83 33.91
CA GLY F 183 36.98 3.55 32.74
C GLY F 183 36.19 4.81 32.43
N TYR F 184 36.27 5.25 31.17
CA TYR F 184 35.59 6.46 30.76
C TYR F 184 34.35 6.15 29.95
N SER F 185 33.47 7.15 29.86
CA SER F 185 32.25 7.05 29.09
C SER F 185 32.09 8.30 28.22
N VAL F 186 31.33 8.17 27.17
CA VAL F 186 31.07 9.18 26.17
C VAL F 186 29.56 9.08 25.86
N PHE F 187 28.87 10.17 25.94
CA PHE F 187 27.45 10.25 25.72
C PHE F 187 27.20 11.25 24.59
N ALA F 188 26.71 10.78 23.46
CA ALA F 188 26.49 11.65 22.32
C ALA F 188 24.98 11.84 22.16
N GLY F 189 24.61 13.11 22.24
CA GLY F 189 23.21 13.50 22.05
C GLY F 189 23.09 13.74 20.53
N VAL F 190 22.31 12.94 19.84
CA VAL F 190 22.14 13.19 18.41
C VAL F 190 20.68 13.34 18.08
N GLY F 191 20.22 14.49 17.59
CA GLY F 191 18.87 14.72 17.20
C GLY F 191 17.81 14.55 18.27
N GLU F 192 18.14 14.54 19.56
CA GLU F 192 17.08 14.40 20.53
C GLU F 192 16.78 15.72 21.24
N ARG F 193 16.12 15.54 22.39
CA ARG F 193 15.65 16.66 23.18
C ARG F 193 16.78 17.34 23.95
N THR F 194 16.98 18.62 23.65
CA THR F 194 17.89 19.48 24.41
C THR F 194 17.55 19.43 25.91
N ARG F 195 16.28 19.46 26.29
CA ARG F 195 16.04 19.42 27.76
C ARG F 195 16.48 18.10 28.35
N GLU F 196 16.61 17.07 27.51
CA GLU F 196 17.07 15.79 28.04
C GLU F 196 18.56 15.91 28.35
N GLY F 197 19.20 16.69 27.50
CA GLY F 197 20.66 16.93 27.69
C GLY F 197 20.77 17.66 29.04
N ASN F 198 19.93 18.71 29.17
CA ASN F 198 19.93 19.49 30.42
C ASN F 198 19.77 18.52 31.56
N ASP F 199 18.76 17.61 31.42
CA ASP F 199 18.54 16.67 32.52
C ASP F 199 19.77 15.84 32.81
N LEU F 200 20.40 15.38 31.72
CA LEU F 200 21.52 14.47 31.89
C LEU F 200 22.64 15.18 32.64
N TYR F 201 23.06 16.29 32.03
CA TYR F 201 24.15 17.09 32.57
C TYR F 201 23.94 17.34 34.05
N HIS F 202 22.75 17.79 34.48
CA HIS F 202 22.57 18.06 35.90
C HIS F 202 22.51 16.80 36.75
N GLU F 203 21.98 15.74 36.15
CA GLU F 203 21.95 14.45 36.85
C GLU F 203 23.38 14.00 37.15
N MET F 204 24.22 13.99 36.12
CA MET F 204 25.61 13.56 36.26
C MET F 204 26.36 14.41 37.29
N ILE F 205 26.13 15.72 37.28
CA ILE F 205 26.81 16.59 38.22
C ILE F 205 26.46 16.25 39.67
N GLU F 206 25.17 16.03 39.90
CA GLU F 206 24.68 15.68 41.23
C GLU F 206 25.26 14.36 41.70
N SER F 207 25.35 13.37 40.81
CA SER F 207 25.85 12.05 41.20
C SER F 207 27.35 12.12 41.47
N GLY F 208 28.00 13.04 40.75
CA GLY F 208 29.44 13.21 40.89
C GLY F 208 30.26 12.64 39.75
N VAL F 209 29.61 12.09 38.73
CA VAL F 209 30.35 11.53 37.60
C VAL F 209 30.92 12.69 36.79
N ILE F 210 30.25 13.83 36.91
CA ILE F 210 30.82 15.05 36.35
C ILE F 210 31.16 15.96 37.55
N ASN F 211 32.43 16.27 37.73
CA ASN F 211 32.88 17.14 38.79
C ASN F 211 33.28 18.47 38.13
N LEU F 212 32.78 19.58 38.64
CA LEU F 212 33.10 20.88 38.05
C LEU F 212 34.31 21.54 38.69
N LYS F 213 34.97 20.85 39.60
CA LYS F 213 36.17 21.34 40.26
C LYS F 213 37.29 20.29 40.19
N ASP F 214 37.24 19.31 41.08
CA ASP F 214 38.23 18.23 41.13
C ASP F 214 38.26 17.52 39.77
N ALA F 215 39.44 17.21 39.27
CA ALA F 215 39.55 16.55 37.96
C ALA F 215 39.27 15.05 38.06
N THR F 216 38.02 14.71 38.29
CA THR F 216 37.61 13.32 38.47
C THR F 216 36.48 12.91 37.55
N SER F 217 36.13 13.78 36.62
CA SER F 217 35.05 13.49 35.68
C SER F 217 35.39 12.26 34.84
N LYS F 218 34.39 11.37 34.73
CA LYS F 218 34.61 10.13 33.98
C LYS F 218 33.78 10.03 32.71
N VAL F 219 33.03 11.08 32.39
CA VAL F 219 32.20 11.13 31.21
C VAL F 219 32.51 12.40 30.41
N ALA F 220 32.51 12.34 29.10
CA ALA F 220 32.59 13.40 28.16
C ALA F 220 31.23 13.48 27.42
N LEU F 221 30.71 14.69 27.18
CA LEU F 221 29.42 14.84 26.53
C LEU F 221 29.58 15.56 25.20
N VAL F 222 28.88 15.11 24.17
CA VAL F 222 28.85 15.71 22.83
C VAL F 222 27.39 15.83 22.40
N TYR F 223 26.90 16.96 21.92
CA TYR F 223 25.49 17.12 21.65
C TYR F 223 25.17 17.92 20.38
N GLY F 224 24.21 17.40 19.65
CA GLY F 224 23.69 18.04 18.43
C GLY F 224 22.19 17.65 18.39
N GLN F 225 21.36 18.40 19.14
CA GLN F 225 19.98 17.93 19.30
C GLN F 225 19.07 18.38 18.17
N MET F 226 17.75 18.16 18.36
CA MET F 226 16.76 18.47 17.36
C MET F 226 16.60 19.94 16.99
N ASN F 227 17.21 20.86 17.70
CA ASN F 227 17.22 22.27 17.40
C ASN F 227 18.34 22.55 16.38
N GLU F 228 19.09 21.51 15.97
CA GLU F 228 20.16 21.77 15.01
C GLU F 228 19.77 21.49 13.56
N PRO F 229 20.24 22.32 12.64
CA PRO F 229 20.19 22.12 11.21
C PRO F 229 20.83 20.76 10.83
N PRO F 230 20.45 20.24 9.67
CA PRO F 230 20.69 18.89 9.20
C PRO F 230 22.13 18.48 9.23
N GLY F 231 22.98 19.37 8.72
CA GLY F 231 24.40 19.16 8.69
C GLY F 231 24.98 18.85 10.04
N ALA F 232 24.55 19.50 11.11
CA ALA F 232 25.19 19.24 12.40
C ALA F 232 24.71 17.89 12.89
N ARG F 233 23.44 17.56 12.66
CA ARG F 233 22.99 16.26 13.19
C ARG F 233 23.60 15.14 12.36
N ALA F 234 23.80 15.39 11.07
CA ALA F 234 24.37 14.26 10.33
C ALA F 234 25.80 14.00 10.78
N ARG F 235 26.45 14.98 11.44
CA ARG F 235 27.85 14.85 11.82
C ARG F 235 28.13 14.69 13.29
N VAL F 236 27.20 15.03 14.20
CA VAL F 236 27.46 14.86 15.61
C VAL F 236 27.96 13.47 15.99
N ALA F 237 27.33 12.46 15.43
CA ALA F 237 27.65 11.07 15.80
C ALA F 237 29.11 10.74 15.55
N LEU F 238 29.69 11.44 14.56
CA LEU F 238 31.10 11.25 14.24
C LEU F 238 32.02 11.89 15.28
N THR F 239 31.59 13.05 15.76
CA THR F 239 32.25 13.82 16.80
C THR F 239 32.17 13.03 18.10
N GLY F 240 31.05 12.39 18.37
CA GLY F 240 31.01 11.61 19.65
C GLY F 240 31.97 10.41 19.56
N LEU F 241 31.91 9.71 18.47
CA LEU F 241 32.73 8.57 18.10
C LEU F 241 34.23 8.88 18.22
N THR F 242 34.64 9.94 17.51
CA THR F 242 36.02 10.37 17.50
C THR F 242 36.59 10.50 18.92
N VAL F 243 35.86 11.21 19.78
CA VAL F 243 36.26 11.28 21.19
C VAL F 243 36.36 9.86 21.74
N ALA F 244 35.44 8.98 21.37
CA ALA F 244 35.47 7.62 21.92
C ALA F 244 36.70 6.82 21.42
N GLU F 245 37.05 6.98 20.19
CA GLU F 245 38.20 6.30 19.60
C GLU F 245 39.46 6.67 20.40
N TYR F 246 39.65 7.97 20.76
CA TYR F 246 40.83 8.34 21.49
C TYR F 246 40.99 7.53 22.76
N PHE F 247 39.99 7.45 23.62
CA PHE F 247 40.12 6.68 24.85
C PHE F 247 40.34 5.19 24.56
N ARG F 248 39.80 4.71 23.43
CA ARG F 248 39.91 3.29 23.14
C ARG F 248 41.37 2.93 22.80
N ASP F 249 41.92 3.64 21.84
CA ASP F 249 43.25 3.41 21.32
C ASP F 249 44.34 4.23 22.01
N GLN F 250 44.22 5.54 21.87
CA GLN F 250 45.23 6.47 22.42
C GLN F 250 45.20 6.46 23.94
N GLU F 251 45.03 5.26 24.49
CA GLU F 251 45.02 5.05 25.93
C GLU F 251 44.84 3.58 26.27
N GLY F 252 44.10 2.86 25.43
CA GLY F 252 43.82 1.44 25.68
C GLY F 252 42.94 1.28 26.92
N GLN F 253 41.89 2.11 26.98
CA GLN F 253 40.98 2.04 28.13
C GLN F 253 39.73 1.32 27.70
N ASP F 254 38.92 0.82 28.62
CA ASP F 254 37.67 0.25 28.12
C ASP F 254 36.69 1.43 28.06
N VAL F 255 36.25 1.79 26.85
CA VAL F 255 35.30 2.85 26.69
C VAL F 255 33.86 2.33 26.68
N LEU F 256 32.95 3.16 27.17
CA LEU F 256 31.52 3.00 27.06
C LEU F 256 31.04 4.21 26.20
N LEU F 257 30.29 3.94 25.17
CA LEU F 257 29.75 4.91 24.25
C LEU F 257 28.23 4.73 24.20
N PHE F 258 27.53 5.78 24.52
CA PHE F 258 26.07 5.82 24.53
C PHE F 258 25.63 6.90 23.53
N ILE F 259 24.87 6.52 22.53
CA ILE F 259 24.36 7.43 21.54
C ILE F 259 22.82 7.39 21.48
N ASP F 260 22.19 8.54 21.69
CA ASP F 260 20.72 8.65 21.58
C ASP F 260 20.56 9.81 20.61
N ASN F 261 20.19 9.52 19.41
CA ASN F 261 19.55 8.40 18.85
C ASN F 261 20.19 8.31 17.45
N ILE F 262 20.78 7.16 17.14
CA ILE F 262 21.60 7.08 15.96
C ILE F 262 20.78 7.21 14.70
N PHE F 263 19.47 7.02 14.79
CA PHE F 263 18.62 7.16 13.62
C PHE F 263 18.65 8.59 13.10
N ARG F 264 18.85 9.57 13.98
CA ARG F 264 18.82 11.00 13.58
C ARG F 264 19.95 11.34 12.65
N PHE F 265 21.04 10.56 12.69
CA PHE F 265 22.12 10.60 11.72
C PHE F 265 21.57 10.34 10.31
N THR F 266 20.82 9.24 10.17
CA THR F 266 20.35 8.83 8.83
C THR F 266 19.30 9.81 8.32
N GLN F 267 18.43 10.21 9.24
CA GLN F 267 17.38 11.20 8.92
C GLN F 267 17.96 12.54 8.53
N ALA F 268 18.95 13.05 9.27
CA ALA F 268 19.68 14.24 8.81
C ALA F 268 20.24 14.04 7.41
N GLY F 269 20.89 12.86 7.24
CA GLY F 269 21.51 12.53 5.93
C GLY F 269 20.46 12.58 4.84
N SER F 270 19.20 12.21 5.14
CA SER F 270 18.14 12.36 4.18
C SER F 270 17.86 13.81 3.76
N GLU F 271 17.86 14.72 4.72
CA GLU F 271 17.53 16.11 4.48
C GLU F 271 18.56 16.78 3.58
N VAL F 272 19.85 16.47 3.74
CA VAL F 272 20.83 17.14 2.86
C VAL F 272 20.86 16.49 1.51
N SER F 273 20.64 15.16 1.47
CA SER F 273 20.73 14.39 0.26
C SER F 273 19.93 14.89 -0.92
N ALA F 274 18.76 15.36 -0.64
CA ALA F 274 17.83 16.00 -1.56
C ALA F 274 18.47 17.27 -2.16
N LEU F 275 19.04 18.12 -1.29
CA LEU F 275 19.75 19.30 -1.80
C LEU F 275 21.06 18.97 -2.49
N LEU F 276 21.71 17.83 -2.26
CA LEU F 276 22.97 17.55 -2.91
C LEU F 276 22.77 17.15 -4.35
N GLY F 277 21.51 16.99 -4.75
CA GLY F 277 21.23 16.64 -6.13
C GLY F 277 21.43 15.18 -6.49
N ARG F 278 20.98 14.26 -5.68
CA ARG F 278 20.99 12.83 -5.79
C ARG F 278 19.60 12.26 -6.05
N ILE F 279 19.42 11.30 -6.96
CA ILE F 279 18.08 10.71 -7.22
C ILE F 279 17.76 9.89 -5.99
N PRO F 280 16.61 10.04 -5.42
CA PRO F 280 16.25 9.37 -4.18
C PRO F 280 16.02 7.88 -4.45
N SER F 281 16.16 7.12 -3.39
CA SER F 281 15.95 5.73 -3.28
C SER F 281 14.57 5.46 -2.62
N ALA F 282 14.45 4.27 -2.07
CA ALA F 282 13.18 3.85 -1.46
C ALA F 282 12.77 4.76 -0.30
N VAL F 283 11.49 5.04 -0.28
CA VAL F 283 10.85 5.88 0.72
C VAL F 283 11.46 7.28 0.84
N GLY F 284 11.94 7.88 -0.26
CA GLY F 284 12.54 9.19 -0.13
C GLY F 284 13.97 9.20 0.41
N TYR F 285 14.52 8.14 0.96
CA TYR F 285 15.83 8.15 1.51
C TYR F 285 16.98 8.29 0.49
N GLN F 286 18.13 8.68 1.06
CA GLN F 286 19.33 8.87 0.25
C GLN F 286 19.80 7.54 -0.31
N PRO F 287 20.26 7.51 -1.54
CA PRO F 287 20.80 6.33 -2.19
C PRO F 287 21.99 5.69 -1.49
N THR F 288 22.71 6.41 -0.68
CA THR F 288 23.91 6.08 0.00
C THR F 288 23.65 5.73 1.48
N LEU F 289 22.39 5.52 1.78
CA LEU F 289 22.05 5.18 3.19
C LEU F 289 22.85 4.06 3.74
N ALA F 290 23.02 2.92 3.07
CA ALA F 290 23.76 1.79 3.65
C ALA F 290 25.23 2.07 3.70
N THR F 291 25.75 2.78 2.69
CA THR F 291 27.20 3.05 2.86
C THR F 291 27.53 4.14 3.86
N ASP F 292 26.64 5.15 3.98
CA ASP F 292 26.95 6.19 4.99
C ASP F 292 26.89 5.55 6.36
N MET F 293 25.90 4.68 6.54
CA MET F 293 25.77 4.06 7.88
C MET F 293 26.96 3.14 8.16
N GLY F 294 27.32 2.35 7.13
CA GLY F 294 28.42 1.43 7.30
C GLY F 294 29.73 2.07 7.66
N THR F 295 30.14 3.12 6.96
CA THR F 295 31.42 3.75 7.26
C THR F 295 31.43 4.41 8.62
N MET F 296 30.24 4.71 9.18
CA MET F 296 30.20 5.22 10.55
C MET F 296 30.03 4.11 11.56
N GLN F 297 29.18 3.09 11.35
CA GLN F 297 29.17 2.02 12.37
C GLN F 297 30.43 1.17 12.40
N GLU F 298 31.19 1.07 11.32
CA GLU F 298 32.41 0.24 11.35
C GLU F 298 33.44 0.84 12.27
N ARG F 299 33.32 2.14 12.60
CA ARG F 299 34.23 2.75 13.57
C ARG F 299 33.81 2.52 15.02
N ILE F 300 32.53 2.28 15.24
CA ILE F 300 32.05 2.01 16.59
C ILE F 300 32.35 0.55 16.86
N THR F 301 33.56 0.24 17.27
CA THR F 301 33.87 -1.18 17.47
C THR F 301 35.05 -1.37 18.41
N THR F 302 35.12 -2.55 18.99
CA THR F 302 36.29 -2.96 19.77
C THR F 302 37.41 -3.33 18.77
N THR F 303 38.66 -3.27 19.18
CA THR F 303 39.82 -3.68 18.43
C THR F 303 40.80 -4.42 19.35
N LYS F 304 41.92 -4.91 18.83
CA LYS F 304 42.85 -5.65 19.69
C LYS F 304 43.58 -4.65 20.59
N LYS F 305 43.41 -3.38 20.25
CA LYS F 305 44.00 -2.27 20.94
C LYS F 305 43.18 -1.74 22.11
N GLY F 306 41.89 -2.03 22.17
CA GLY F 306 41.03 -1.48 23.20
C GLY F 306 39.56 -1.76 22.90
N SER F 307 38.81 -1.82 24.00
CA SER F 307 37.40 -2.18 23.93
C SER F 307 36.42 -1.02 24.08
N ILE F 308 35.29 -1.13 23.40
CA ILE F 308 34.18 -0.24 23.36
C ILE F 308 32.86 -1.04 23.43
N THR F 309 32.14 -0.85 24.51
CA THR F 309 30.77 -1.36 24.66
C THR F 309 29.90 -0.16 24.23
N SER F 310 29.15 -0.28 23.15
CA SER F 310 28.38 0.87 22.65
C SER F 310 26.89 0.53 22.70
N VAL F 311 26.10 1.51 23.02
CA VAL F 311 24.66 1.32 23.21
C VAL F 311 23.99 2.54 22.56
N GLN F 312 23.40 2.24 21.43
CA GLN F 312 22.78 3.13 20.51
C GLN F 312 21.27 2.96 20.50
N ALA F 313 20.52 4.04 20.88
CA ALA F 313 19.07 3.89 20.74
C ALA F 313 18.78 4.07 19.24
N ILE F 314 17.76 3.45 18.71
CA ILE F 314 17.39 3.54 17.31
C ILE F 314 15.90 3.69 17.12
N TYR F 315 15.44 4.89 16.87
CA TYR F 315 14.10 5.29 16.62
C TYR F 315 13.57 4.50 15.42
N VAL F 316 12.31 4.15 15.40
CA VAL F 316 11.68 3.39 14.32
C VAL F 316 10.49 4.24 13.90
N PRO F 317 10.58 4.84 12.75
CA PRO F 317 9.56 5.72 12.20
C PRO F 317 8.26 4.99 11.95
N ALA F 318 7.17 5.60 12.36
CA ALA F 318 5.85 5.01 12.18
C ALA F 318 5.81 3.58 12.67
N ASP F 319 6.63 3.21 13.65
CA ASP F 319 6.61 1.82 14.10
C ASP F 319 6.93 0.80 13.01
N ASP F 320 7.43 1.19 11.85
CA ASP F 320 7.74 0.20 10.80
C ASP F 320 9.15 -0.34 10.85
N LEU F 321 9.36 -1.53 11.46
CA LEU F 321 10.69 -2.11 11.56
C LEU F 321 11.30 -2.52 10.23
N THR F 322 10.56 -2.55 9.14
CA THR F 322 11.17 -2.77 7.83
C THR F 322 11.59 -1.46 7.20
N ASP F 323 11.52 -0.31 7.90
CA ASP F 323 11.90 0.96 7.23
C ASP F 323 13.39 0.91 6.97
N PRO F 324 13.85 1.44 5.88
CA PRO F 324 15.23 1.36 5.46
C PRO F 324 16.23 1.58 6.55
N ALA F 325 16.03 2.56 7.41
CA ALA F 325 16.96 2.93 8.46
C ALA F 325 17.15 1.84 9.49
N PRO F 326 16.12 1.44 10.20
CA PRO F 326 16.25 0.40 11.22
C PRO F 326 16.73 -0.90 10.56
N ALA F 327 16.07 -1.25 9.46
CA ALA F 327 16.37 -2.48 8.72
C ALA F 327 17.85 -2.62 8.39
N THR F 328 18.44 -1.57 7.83
CA THR F 328 19.88 -1.58 7.60
C THR F 328 20.64 -1.58 8.92
N THR F 329 20.05 -1.19 10.03
CA THR F 329 20.87 -1.08 11.26
C THR F 329 21.10 -2.40 11.97
N PHE F 330 20.16 -3.31 11.88
CA PHE F 330 20.28 -4.65 12.43
C PHE F 330 21.60 -5.33 12.07
N ALA F 331 22.09 -5.31 10.85
CA ALA F 331 23.36 -6.00 10.61
C ALA F 331 24.53 -5.44 11.37
N HIS F 332 24.48 -4.31 12.05
CA HIS F 332 25.62 -3.71 12.70
C HIS F 332 25.69 -3.95 14.20
N LEU F 333 24.83 -4.80 14.71
CA LEU F 333 24.76 -5.07 16.15
C LEU F 333 25.10 -6.52 16.47
N ASP F 334 25.47 -6.73 17.73
CA ASP F 334 25.76 -7.96 18.40
C ASP F 334 24.63 -8.34 19.36
N ALA F 335 23.85 -7.38 19.85
CA ALA F 335 22.71 -7.69 20.72
C ALA F 335 21.65 -6.67 20.30
N THR F 336 20.41 -7.07 20.16
CA THR F 336 19.39 -6.06 19.83
C THR F 336 18.26 -6.15 20.84
N THR F 337 17.71 -5.00 21.26
CA THR F 337 16.55 -5.03 22.19
C THR F 337 15.42 -4.34 21.44
N VAL F 338 14.47 -5.07 20.89
CA VAL F 338 13.36 -4.48 20.11
C VAL F 338 12.16 -4.20 21.00
N LEU F 339 11.93 -2.98 21.38
CA LEU F 339 10.80 -2.53 22.19
C LEU F 339 9.51 -2.48 21.37
N SER F 340 8.37 -2.69 22.02
CA SER F 340 7.11 -2.78 21.30
C SER F 340 6.02 -1.86 21.81
N ARG F 341 5.22 -1.31 20.90
CA ARG F 341 4.17 -0.40 21.38
C ARG F 341 3.02 -1.17 22.01
N ALA F 342 2.74 -2.34 21.45
CA ALA F 342 1.68 -3.21 21.91
C ALA F 342 2.01 -3.80 23.28
N ILE F 343 3.28 -4.11 23.50
CA ILE F 343 3.65 -4.58 24.85
C ILE F 343 3.52 -3.45 25.86
N ALA F 344 4.13 -2.30 25.57
CA ALA F 344 4.10 -1.16 26.46
C ALA F 344 2.66 -0.81 26.84
N GLU F 345 1.77 -0.80 25.86
CA GLU F 345 0.37 -0.52 26.15
C GLU F 345 -0.22 -1.55 27.10
N LEU F 346 0.24 -2.79 27.13
CA LEU F 346 -0.25 -3.77 28.10
C LEU F 346 0.27 -3.44 29.50
N GLY F 347 1.14 -2.44 29.63
CA GLY F 347 1.70 -2.11 30.95
C GLY F 347 3.02 -2.82 31.13
N ILE F 348 3.45 -3.61 30.11
CA ILE F 348 4.73 -4.29 30.33
C ILE F 348 5.91 -3.36 30.11
N TYR F 349 6.80 -3.28 31.08
CA TYR F 349 8.01 -2.48 30.98
C TYR F 349 9.15 -3.21 31.67
N PRO F 350 10.30 -3.21 31.03
CA PRO F 350 10.51 -2.63 29.72
C PRO F 350 9.69 -3.33 28.65
N ALA F 351 9.26 -2.59 27.63
CA ALA F 351 8.44 -3.17 26.57
C ALA F 351 9.23 -4.04 25.60
N VAL F 352 10.08 -4.93 26.10
CA VAL F 352 10.86 -5.78 25.20
C VAL F 352 10.11 -6.91 24.52
N ASP F 353 10.34 -7.13 23.23
CA ASP F 353 9.71 -8.20 22.46
C ASP F 353 10.58 -9.47 22.56
N PRO F 354 10.18 -10.41 23.37
CA PRO F 354 10.95 -11.59 23.69
C PRO F 354 11.19 -12.51 22.52
N LEU F 355 10.48 -12.35 21.42
CA LEU F 355 10.71 -13.07 20.18
C LEU F 355 11.30 -12.25 19.05
N ASP F 356 11.90 -11.10 19.28
CA ASP F 356 12.44 -10.25 18.22
C ASP F 356 13.79 -9.64 18.60
N SER F 357 14.16 -9.79 19.87
CA SER F 357 15.46 -9.29 20.36
C SER F 357 16.38 -10.50 20.38
N THR F 358 17.56 -10.47 19.85
CA THR F 358 18.46 -11.59 19.80
C THR F 358 19.85 -11.17 20.30
N SER F 359 20.72 -12.14 20.36
CA SER F 359 22.10 -11.90 20.77
C SER F 359 23.04 -12.94 20.18
N ARG F 360 24.23 -12.47 19.80
CA ARG F 360 25.20 -13.38 19.19
C ARG F 360 25.82 -14.29 20.24
N ILE F 361 25.74 -13.98 21.48
CA ILE F 361 26.29 -14.68 22.63
C ILE F 361 25.33 -15.78 23.08
N MET F 362 24.07 -15.72 22.63
CA MET F 362 23.09 -16.71 23.04
C MET F 362 23.44 -18.08 22.44
N ASP F 363 24.43 -18.73 22.98
CA ASP F 363 25.01 -19.97 22.56
C ASP F 363 25.45 -20.79 23.78
N PRO F 364 25.16 -22.07 23.78
CA PRO F 364 25.45 -23.00 24.85
C PRO F 364 26.90 -23.01 25.29
N ASN F 365 27.85 -22.69 24.41
CA ASN F 365 29.25 -22.73 24.77
C ASN F 365 29.69 -21.41 25.38
N ILE F 366 28.84 -20.39 25.24
CA ILE F 366 29.11 -19.08 25.84
C ILE F 366 28.29 -18.85 27.09
N VAL F 367 26.98 -19.06 27.09
CA VAL F 367 26.23 -18.73 28.31
C VAL F 367 26.04 -19.95 29.18
N GLY F 368 26.40 -21.13 28.63
CA GLY F 368 26.23 -22.39 29.33
C GLY F 368 24.84 -22.97 29.02
N SER F 369 24.76 -24.29 29.04
CA SER F 369 23.57 -25.03 28.73
C SER F 369 22.38 -24.71 29.61
N GLU F 370 22.53 -24.49 30.91
CA GLU F 370 21.35 -24.16 31.74
C GLU F 370 20.65 -22.90 31.24
N HIS F 371 21.42 -21.83 31.08
CA HIS F 371 20.91 -20.57 30.54
C HIS F 371 20.27 -20.82 29.18
N TYR F 372 21.01 -21.41 28.24
CA TYR F 372 20.53 -21.59 26.87
C TYR F 372 19.20 -22.31 26.80
N ASP F 373 19.06 -23.40 27.53
CA ASP F 373 17.87 -24.20 27.63
C ASP F 373 16.69 -23.41 28.16
N VAL F 374 16.90 -22.71 29.31
CA VAL F 374 15.78 -21.96 29.86
C VAL F 374 15.33 -20.89 28.87
N ALA F 375 16.32 -20.15 28.32
CA ALA F 375 15.89 -19.13 27.34
C ALA F 375 15.14 -19.72 26.17
N ARG F 376 15.58 -20.89 25.65
CA ARG F 376 14.85 -21.52 24.53
C ARG F 376 13.48 -22.01 25.00
N GLY F 377 13.37 -22.41 26.26
CA GLY F 377 12.11 -22.89 26.84
C GLY F 377 11.07 -21.78 26.90
N VAL F 378 11.52 -20.63 27.38
CA VAL F 378 10.61 -19.46 27.51
C VAL F 378 10.13 -19.05 26.11
N GLN F 379 11.06 -19.02 25.16
CA GLN F 379 10.71 -18.53 23.82
C GLN F 379 9.75 -19.47 23.14
N LYS F 380 9.92 -20.76 23.39
CA LYS F 380 8.96 -21.70 22.78
C LYS F 380 7.57 -21.54 23.40
N ILE F 381 7.52 -21.37 24.73
CA ILE F 381 6.15 -21.21 25.27
C ILE F 381 5.54 -19.88 24.84
N LEU F 382 6.38 -18.84 24.61
CA LEU F 382 5.79 -17.59 24.11
C LEU F 382 5.33 -17.71 22.69
N GLN F 383 6.08 -18.44 21.88
CA GLN F 383 5.64 -18.60 20.47
C GLN F 383 4.40 -19.46 20.40
N ASP F 384 4.33 -20.49 21.28
CA ASP F 384 3.14 -21.35 21.28
C ASP F 384 1.90 -20.57 21.67
N TYR F 385 2.08 -19.74 22.72
CA TYR F 385 0.94 -18.91 23.11
C TYR F 385 0.50 -18.05 21.93
N LYS F 386 1.50 -17.45 21.27
CA LYS F 386 1.23 -16.56 20.13
C LYS F 386 0.43 -17.20 19.03
N SER F 387 0.66 -18.48 18.73
CA SER F 387 -0.08 -19.11 17.63
C SER F 387 -1.52 -19.37 18.06
N LEU F 388 -1.71 -19.59 19.35
CA LEU F 388 -3.06 -19.79 19.88
C LEU F 388 -3.88 -18.51 19.86
N GLN F 389 -3.27 -17.34 19.95
CA GLN F 389 -3.96 -16.07 19.90
C GLN F 389 -4.94 -15.97 18.74
N ASP F 390 -4.67 -16.61 17.61
CA ASP F 390 -5.60 -16.52 16.47
C ASP F 390 -6.97 -17.07 16.84
N ILE F 391 -6.99 -18.11 17.65
CA ILE F 391 -8.21 -18.78 18.09
C ILE F 391 -8.84 -18.03 19.27
N ILE F 392 -8.00 -17.76 20.25
CA ILE F 392 -8.42 -17.06 21.45
C ILE F 392 -9.24 -15.80 21.10
N ALA F 393 -8.74 -15.00 20.18
CA ALA F 393 -9.38 -13.80 19.70
C ALA F 393 -10.85 -13.93 19.40
N ILE F 394 -11.34 -15.01 18.80
CA ILE F 394 -12.77 -15.13 18.53
C ILE F 394 -13.54 -15.92 19.57
N LEU F 395 -13.19 -17.19 19.76
CA LEU F 395 -13.93 -18.02 20.71
C LEU F 395 -13.47 -17.88 22.15
N GLY F 396 -12.32 -17.28 22.40
CA GLY F 396 -11.81 -17.18 23.77
C GLY F 396 -11.15 -18.51 24.13
N MET F 397 -10.94 -18.75 25.42
CA MET F 397 -10.26 -19.94 25.89
C MET F 397 -11.07 -21.19 26.09
N ASP F 398 -12.40 -21.10 26.07
CA ASP F 398 -13.28 -22.23 26.22
C ASP F 398 -13.01 -23.39 25.28
N GLU F 399 -12.43 -23.18 24.10
CA GLU F 399 -12.24 -24.33 23.20
C GLU F 399 -10.83 -24.86 23.26
N LEU F 400 -10.05 -24.39 24.23
CA LEU F 400 -8.67 -24.86 24.30
C LEU F 400 -8.57 -26.20 25.00
N SER F 401 -7.70 -27.07 24.48
CA SER F 401 -7.40 -28.32 25.18
C SER F 401 -6.90 -27.95 26.58
N GLU F 402 -6.77 -28.93 27.45
CA GLU F 402 -6.25 -28.65 28.80
C GLU F 402 -4.75 -28.43 28.69
N GLU F 403 -4.18 -28.95 27.61
CA GLU F 403 -2.74 -28.79 27.37
C GLU F 403 -2.48 -27.33 26.97
N ASP F 404 -3.33 -26.86 26.05
CA ASP F 404 -3.23 -25.51 25.55
C ASP F 404 -3.37 -24.50 26.69
N LYS F 405 -4.40 -24.68 27.51
CA LYS F 405 -4.61 -23.76 28.64
C LYS F 405 -3.35 -23.73 29.50
N LEU F 406 -2.70 -24.89 29.59
CA LEU F 406 -1.54 -24.93 30.50
C LEU F 406 -0.48 -23.98 29.96
N THR F 407 -0.37 -23.96 28.62
CA THR F 407 0.63 -23.09 27.99
C THR F 407 0.24 -21.63 28.17
N VAL F 408 -1.05 -21.35 27.95
CA VAL F 408 -1.58 -20.02 28.18
C VAL F 408 -1.39 -19.51 29.58
N SER F 409 -1.46 -20.33 30.62
CA SER F 409 -1.26 -19.84 31.99
C SER F 409 0.19 -19.48 32.24
N ARG F 410 1.09 -20.38 31.87
CA ARG F 410 2.53 -20.19 32.09
C ARG F 410 3.05 -19.04 31.20
N ALA F 411 2.69 -19.09 29.91
CA ALA F 411 3.14 -17.99 29.06
C ALA F 411 2.73 -16.66 29.69
N ARG F 412 1.47 -16.54 30.12
CA ARG F 412 1.07 -15.28 30.77
C ARG F 412 1.88 -15.03 32.03
N LYS F 413 2.31 -16.07 32.72
CA LYS F 413 3.16 -15.78 33.91
C LYS F 413 4.55 -15.40 33.47
N ILE F 414 5.04 -15.96 32.34
CA ILE F 414 6.35 -15.56 31.80
C ILE F 414 6.33 -14.12 31.32
N GLN F 415 5.34 -13.71 30.53
CA GLN F 415 5.25 -12.35 30.05
C GLN F 415 5.37 -11.33 31.17
N ARG F 416 4.60 -11.52 32.25
CA ARG F 416 4.60 -10.52 33.33
C ARG F 416 5.88 -10.53 34.14
N PHE F 417 6.44 -11.72 34.33
CA PHE F 417 7.68 -11.86 35.08
C PHE F 417 8.87 -11.30 34.29
N LEU F 418 8.64 -10.89 33.04
CA LEU F 418 9.72 -10.36 32.20
C LEU F 418 9.82 -8.83 32.42
N SER F 419 8.69 -8.33 32.92
CA SER F 419 8.55 -6.93 33.28
C SER F 419 9.41 -6.70 34.53
N GLN F 420 9.74 -5.47 34.83
CA GLN F 420 10.66 -5.20 35.94
C GLN F 420 10.65 -3.68 36.15
N PRO F 421 10.54 -3.29 37.40
CA PRO F 421 10.59 -1.92 37.83
C PRO F 421 12.01 -1.35 37.70
N PHE F 422 12.16 -0.30 36.91
CA PHE F 422 13.45 0.37 36.78
C PHE F 422 13.49 1.56 37.75
N GLN F 423 14.69 1.80 38.28
CA GLN F 423 14.95 2.92 39.16
C GLN F 423 14.65 4.27 38.50
N VAL F 424 14.92 4.39 37.24
CA VAL F 424 14.77 5.57 36.41
C VAL F 424 13.31 5.79 36.05
N ALA F 425 12.48 4.77 36.27
CA ALA F 425 11.06 4.89 35.93
C ALA F 425 10.17 4.82 37.17
N GLU F 426 10.79 4.85 38.34
CA GLU F 426 10.05 4.81 39.59
C GLU F 426 8.85 5.73 39.57
N VAL F 427 9.05 6.93 39.01
CA VAL F 427 7.93 7.85 38.95
C VAL F 427 6.74 7.29 38.20
N PHE F 428 6.92 6.44 37.19
CA PHE F 428 5.78 5.99 36.40
C PHE F 428 5.25 4.62 36.80
N THR F 429 6.07 3.88 37.54
CA THR F 429 5.66 2.52 37.91
C THR F 429 5.12 2.52 39.33
N GLY F 430 5.70 3.41 40.14
CA GLY F 430 5.28 3.52 41.54
C GLY F 430 5.83 2.34 42.32
N HIS F 431 7.01 1.86 41.94
CA HIS F 431 7.66 0.75 42.61
C HIS F 431 9.15 1.02 42.76
N LEU F 432 9.77 0.39 43.73
CA LEU F 432 11.23 0.53 43.92
C LEU F 432 11.91 -0.13 42.73
N GLY F 433 13.14 0.24 42.43
CA GLY F 433 13.82 -0.38 41.28
C GLY F 433 14.36 -1.75 41.67
N LYS F 434 14.60 -2.61 40.69
CA LYS F 434 15.13 -3.95 40.97
C LYS F 434 16.26 -4.28 39.99
N LEU F 435 17.29 -4.87 40.54
CA LEU F 435 18.47 -5.27 39.75
C LEU F 435 18.59 -6.76 40.06
N VAL F 436 18.14 -7.60 39.14
CA VAL F 436 18.14 -9.04 39.40
C VAL F 436 19.39 -9.70 38.82
N PRO F 437 20.09 -10.46 39.63
CA PRO F 437 21.26 -11.23 39.21
C PRO F 437 20.84 -12.38 38.31
N LEU F 438 21.68 -12.66 37.32
CA LEU F 438 21.49 -13.66 36.28
C LEU F 438 21.01 -14.98 36.87
N LYS F 439 21.77 -15.55 37.81
CA LYS F 439 21.35 -16.81 38.41
C LYS F 439 19.90 -16.76 38.86
N GLU F 440 19.49 -15.68 39.51
CA GLU F 440 18.12 -15.57 40.03
C GLU F 440 17.12 -15.46 38.89
N THR F 441 17.62 -15.04 37.72
CA THR F 441 16.72 -14.88 36.57
C THR F 441 16.46 -16.23 35.93
N ILE F 442 17.56 -17.00 35.82
CA ILE F 442 17.42 -18.38 35.35
C ILE F 442 16.47 -19.16 36.26
N LYS F 443 16.77 -19.16 37.56
CA LYS F 443 15.96 -19.89 38.52
C LYS F 443 14.47 -19.63 38.32
N GLY F 444 14.02 -18.40 38.48
CA GLY F 444 12.62 -18.05 38.40
C GLY F 444 11.95 -18.55 37.14
N PHE F 445 12.66 -18.42 36.01
CA PHE F 445 12.07 -18.86 34.75
C PHE F 445 12.00 -20.37 34.62
N GLN F 446 13.02 -21.03 35.14
CA GLN F 446 13.02 -22.49 35.17
C GLN F 446 11.76 -22.96 35.93
N GLN F 447 11.64 -22.43 37.17
CA GLN F 447 10.52 -22.84 38.00
C GLN F 447 9.22 -22.58 37.30
N ILE F 448 9.01 -21.41 36.70
CA ILE F 448 7.73 -21.23 36.00
C ILE F 448 7.52 -22.25 34.89
N LEU F 449 8.60 -22.67 34.25
CA LEU F 449 8.52 -23.63 33.17
C LEU F 449 8.16 -25.01 33.69
N ALA F 450 8.71 -25.29 34.87
CA ALA F 450 8.48 -26.60 35.49
C ALA F 450 7.08 -26.74 36.05
N GLY F 451 6.37 -25.65 36.28
CA GLY F 451 5.00 -25.75 36.79
C GLY F 451 5.00 -25.55 38.30
N GLU F 452 6.16 -25.26 38.85
CA GLU F 452 6.29 -25.04 40.28
C GLU F 452 5.36 -23.97 40.80
N TYR F 453 5.05 -22.91 40.04
CA TYR F 453 4.17 -21.85 40.56
C TYR F 453 2.87 -21.81 39.81
N ASP F 454 2.44 -22.95 39.27
CA ASP F 454 1.18 -22.95 38.51
C ASP F 454 0.01 -22.65 39.43
N HIS F 455 0.28 -22.49 40.72
CA HIS F 455 -0.76 -22.22 41.69
C HIS F 455 -0.79 -20.75 42.12
N LEU F 456 0.11 -19.91 41.59
CA LEU F 456 0.06 -18.48 41.88
C LEU F 456 -0.70 -17.75 40.79
N PRO F 457 -1.34 -16.64 41.10
CA PRO F 457 -2.12 -15.84 40.16
C PRO F 457 -1.23 -14.86 39.39
N GLU F 458 -1.45 -14.75 38.09
CA GLU F 458 -0.67 -14.01 37.14
C GLU F 458 -0.13 -12.67 37.60
N GLN F 459 -1.01 -11.82 38.09
CA GLN F 459 -0.64 -10.50 38.58
C GLN F 459 0.44 -10.63 39.62
N ALA F 460 0.63 -11.80 40.22
CA ALA F 460 1.69 -11.89 41.24
C ALA F 460 3.07 -11.67 40.62
N PHE F 461 3.25 -12.16 39.39
CA PHE F 461 4.48 -12.07 38.65
C PHE F 461 4.69 -10.74 37.97
N TYR F 462 3.77 -9.80 38.07
CA TYR F 462 3.96 -8.48 37.44
C TYR F 462 4.74 -7.46 38.27
N MET F 463 5.67 -6.75 37.63
CA MET F 463 6.52 -5.76 38.23
C MET F 463 7.24 -6.18 39.50
N VAL F 464 8.00 -7.26 39.52
CA VAL F 464 8.76 -7.66 40.71
C VAL F 464 10.22 -7.84 40.31
N GLY F 465 11.06 -8.26 41.23
CA GLY F 465 12.47 -8.52 40.97
C GLY F 465 12.69 -10.02 40.80
N PRO F 466 13.21 -10.65 41.84
CA PRO F 466 13.46 -12.09 41.91
C PRO F 466 12.17 -12.87 42.11
N ILE F 467 12.10 -14.10 41.64
CA ILE F 467 10.89 -14.91 41.78
C ILE F 467 10.30 -14.94 43.18
N GLU F 468 11.12 -14.87 44.23
CA GLU F 468 10.63 -14.83 45.59
C GLU F 468 9.59 -13.74 45.84
N GLU F 469 9.77 -12.56 45.25
CA GLU F 469 8.81 -11.48 45.44
C GLU F 469 7.46 -11.80 44.79
N ALA F 470 7.48 -12.67 43.79
CA ALA F 470 6.25 -13.07 43.11
C ALA F 470 5.33 -13.77 44.12
N VAL F 471 5.97 -14.53 44.99
CA VAL F 471 5.28 -15.35 45.99
C VAL F 471 4.66 -14.44 47.06
N ALA F 472 5.57 -13.69 47.66
CA ALA F 472 5.23 -12.65 48.62
C ALA F 472 4.06 -11.83 48.09
N LYS F 473 4.12 -11.42 46.82
CA LYS F 473 3.02 -10.60 46.28
C LYS F 473 1.76 -11.44 46.20
N ALA F 474 1.93 -12.72 45.88
CA ALA F 474 0.79 -13.64 45.79
C ALA F 474 0.10 -13.73 47.15
N ASP F 475 0.85 -14.02 48.20
CA ASP F 475 0.32 -14.11 49.55
C ASP F 475 -0.53 -12.86 49.87
N LYS F 476 0.07 -11.69 49.62
CA LYS F 476 -0.61 -10.43 49.89
C LYS F 476 -1.96 -10.39 49.22
N LEU F 477 -2.06 -10.96 48.02
CA LEU F 477 -3.31 -10.99 47.28
C LEU F 477 -4.32 -11.96 47.91
N ALA F 478 -3.80 -13.05 48.45
CA ALA F 478 -4.57 -14.12 49.06
C ALA F 478 -5.64 -14.68 48.13
N ALA G 1 1.31 -7.41 6.22
CA ALA G 1 0.03 -6.95 5.60
C ALA G 1 0.03 -7.26 4.12
N THR G 2 -1.13 -7.42 3.53
CA THR G 2 -1.35 -7.67 2.12
C THR G 2 -2.84 -7.52 1.82
N LEU G 3 -3.19 -6.69 0.86
CA LEU G 3 -4.60 -6.46 0.50
C LEU G 3 -5.31 -7.78 0.27
N LYS G 4 -4.68 -8.69 -0.50
CA LYS G 4 -5.28 -10.00 -0.73
C LYS G 4 -5.67 -10.72 0.57
N ASP G 5 -4.68 -10.75 1.47
CA ASP G 5 -4.82 -11.41 2.76
C ASP G 5 -5.96 -10.79 3.57
N ILE G 6 -5.83 -9.54 3.94
CA ILE G 6 -6.81 -8.82 4.73
C ILE G 6 -8.20 -9.03 4.15
N THR G 7 -8.34 -8.88 2.83
CA THR G 7 -9.63 -9.11 2.21
C THR G 7 -10.18 -10.50 2.55
N ARG G 8 -9.34 -11.52 2.40
CA ARG G 8 -9.74 -12.88 2.69
C ARG G 8 -10.18 -12.97 4.15
N ARG G 9 -9.31 -12.54 5.06
CA ARG G 9 -9.65 -12.66 6.49
C ARG G 9 -10.96 -11.95 6.79
N LEU G 10 -11.17 -10.77 6.20
CA LEU G 10 -12.41 -10.03 6.41
C LEU G 10 -13.63 -10.80 5.92
N LYS G 11 -13.49 -11.51 4.80
CA LYS G 11 -14.63 -12.31 4.29
C LYS G 11 -14.96 -13.43 5.28
N SER G 12 -13.89 -14.06 5.79
CA SER G 12 -14.13 -15.13 6.76
C SER G 12 -14.81 -14.61 8.03
N ILE G 13 -14.10 -13.68 8.68
CA ILE G 13 -14.52 -13.08 9.92
C ILE G 13 -15.83 -12.34 9.77
N LYS G 14 -16.16 -11.83 8.58
CA LYS G 14 -17.56 -11.33 8.49
C LYS G 14 -18.58 -12.45 8.56
N ASN G 15 -18.32 -13.60 7.96
CA ASN G 15 -19.25 -14.72 7.95
C ASN G 15 -19.48 -15.18 9.39
N ILE G 16 -18.34 -15.45 10.03
CA ILE G 16 -18.33 -15.88 11.41
C ILE G 16 -19.22 -14.98 12.26
N GLN G 17 -19.12 -13.68 12.07
CA GLN G 17 -19.90 -12.73 12.84
C GLN G 17 -21.40 -13.00 12.72
N LYS G 18 -21.88 -13.25 11.51
CA LYS G 18 -23.30 -13.51 11.30
C LYS G 18 -23.74 -14.89 11.82
N ILE G 19 -22.95 -15.92 11.52
CA ILE G 19 -23.25 -17.27 11.95
C ILE G 19 -23.35 -17.29 13.48
N THR G 20 -22.34 -16.74 14.12
CA THR G 20 -22.27 -16.66 15.57
C THR G 20 -23.44 -15.88 16.15
N LYS G 21 -23.87 -14.86 15.44
CA LYS G 21 -24.97 -13.99 15.81
C LYS G 21 -26.26 -14.81 15.82
N SER G 22 -26.40 -15.63 14.78
CA SER G 22 -27.58 -16.47 14.64
C SER G 22 -27.62 -17.55 15.71
N MET G 23 -26.42 -18.07 16.03
CA MET G 23 -26.38 -19.09 17.06
C MET G 23 -26.72 -18.47 18.41
N LYS G 24 -26.51 -17.18 18.58
CA LYS G 24 -26.87 -16.53 19.85
C LYS G 24 -28.39 -16.48 19.96
N MET G 25 -29.05 -16.21 18.83
CA MET G 25 -30.50 -16.13 18.78
C MET G 25 -31.22 -17.46 18.99
N VAL G 26 -30.68 -18.54 18.45
CA VAL G 26 -31.21 -19.89 18.59
C VAL G 26 -31.08 -20.27 20.06
N ALA G 27 -29.88 -20.13 20.60
CA ALA G 27 -29.63 -20.41 22.01
C ALA G 27 -30.60 -19.62 22.89
N ALA G 28 -30.78 -18.34 22.57
CA ALA G 28 -31.65 -17.48 23.36
C ALA G 28 -33.09 -17.98 23.40
N ALA G 29 -33.56 -18.49 22.28
CA ALA G 29 -34.93 -19.00 22.18
C ALA G 29 -35.12 -20.25 23.02
N LYS G 30 -34.22 -21.21 22.83
CA LYS G 30 -34.17 -22.45 23.55
C LYS G 30 -34.11 -22.24 25.05
N TYR G 31 -33.23 -21.33 25.46
CA TYR G 31 -33.10 -21.01 26.89
C TYR G 31 -34.39 -20.44 27.44
N ALA G 32 -35.07 -19.59 26.70
CA ALA G 32 -36.30 -18.95 27.14
C ALA G 32 -37.35 -19.99 27.52
N ARG G 33 -37.57 -20.94 26.61
CA ARG G 33 -38.54 -22.01 26.86
C ARG G 33 -38.11 -22.77 28.11
N ALA G 34 -36.86 -23.21 28.13
CA ALA G 34 -36.29 -23.93 29.27
C ALA G 34 -36.52 -23.21 30.59
N GLU G 35 -36.16 -21.94 30.64
CA GLU G 35 -36.31 -21.13 31.84
C GLU G 35 -37.75 -21.23 32.37
N ARG G 36 -38.71 -21.16 31.46
CA ARG G 36 -40.12 -21.27 31.80
C ARG G 36 -40.41 -22.61 32.47
N GLU G 37 -39.89 -23.67 31.86
CA GLU G 37 -40.08 -25.03 32.35
C GLU G 37 -39.18 -25.35 33.54
N LEU G 38 -38.31 -24.40 33.88
CA LEU G 38 -37.40 -24.59 34.99
C LEU G 38 -38.12 -24.99 36.27
N LYS G 39 -38.87 -24.05 36.84
CA LYS G 39 -39.53 -24.30 38.12
C LYS G 39 -40.40 -25.53 38.14
N PRO G 40 -41.35 -25.64 37.23
CA PRO G 40 -42.20 -26.81 37.10
C PRO G 40 -41.40 -28.10 37.24
N ALA G 41 -40.34 -28.22 36.44
CA ALA G 41 -39.51 -29.42 36.44
C ALA G 41 -38.84 -29.67 37.78
N ARG G 42 -38.65 -28.61 38.56
CA ARG G 42 -38.01 -28.73 39.86
C ARG G 42 -38.93 -29.29 40.93
N VAL G 43 -40.18 -29.55 40.56
CA VAL G 43 -41.14 -30.09 41.51
C VAL G 43 -41.18 -31.60 41.43
N TYR G 44 -40.74 -32.18 40.32
CA TYR G 44 -40.76 -33.64 40.18
C TYR G 44 -39.39 -34.20 40.54
N LEU G 77 -20.04 -26.35 20.36
CA LEU G 77 -19.45 -25.56 21.43
C LEU G 77 -20.52 -24.86 22.28
N CYS G 78 -20.50 -25.13 23.59
CA CYS G 78 -21.45 -24.54 24.53
C CYS G 78 -20.71 -23.89 25.69
N GLY G 79 -19.75 -23.03 25.38
CA GLY G 79 -18.95 -22.38 26.42
C GLY G 79 -18.18 -23.38 27.25
N ALA G 80 -18.01 -23.09 28.54
CA ALA G 80 -17.28 -23.99 29.44
C ALA G 80 -18.20 -25.03 30.08
N ILE G 81 -19.39 -25.21 29.49
CA ILE G 81 -20.34 -26.19 30.02
C ILE G 81 -19.71 -27.57 30.08
N HIS G 82 -19.54 -28.18 28.92
CA HIS G 82 -18.97 -29.51 28.82
C HIS G 82 -17.65 -29.57 29.59
N SER G 83 -16.84 -28.54 29.41
CA SER G 83 -15.54 -28.47 30.08
C SER G 83 -15.66 -28.69 31.59
N SER G 84 -16.48 -27.88 32.25
CA SER G 84 -16.67 -27.92 33.68
C SER G 84 -17.00 -29.29 34.23
N VAL G 85 -18.09 -29.87 33.74
CA VAL G 85 -18.56 -31.16 34.24
C VAL G 85 -17.51 -32.24 34.03
N ALA G 86 -16.82 -32.17 32.89
CA ALA G 86 -15.81 -33.18 32.56
C ALA G 86 -14.61 -33.03 33.50
N LYS G 87 -14.09 -31.81 33.64
CA LYS G 87 -12.94 -31.59 34.51
C LYS G 87 -13.19 -32.04 35.94
N GLN G 88 -14.44 -31.92 36.40
CA GLN G 88 -14.79 -32.32 37.76
C GLN G 88 -15.06 -33.82 37.83
N MET G 89 -15.15 -34.44 36.66
CA MET G 89 -15.44 -35.87 36.56
C MET G 89 -14.15 -36.68 36.53
N LYS G 90 -13.24 -36.33 37.44
CA LYS G 90 -11.94 -37.01 37.51
C LYS G 90 -11.35 -36.86 38.92
N LEU G 209 -34.03 -43.53 40.18
CA LEU G 209 -33.45 -43.22 38.88
C LEU G 209 -34.12 -41.99 38.25
N ALA G 210 -35.30 -42.23 37.68
CA ALA G 210 -36.10 -41.23 37.01
C ALA G 210 -35.88 -39.82 37.53
N ASN G 211 -36.55 -39.48 38.64
CA ASN G 211 -36.40 -38.18 39.27
C ASN G 211 -35.06 -37.54 38.97
N ILE G 212 -34.00 -38.10 39.52
CA ILE G 212 -32.65 -37.56 39.34
C ILE G 212 -32.33 -37.29 37.88
N ILE G 213 -32.59 -38.29 37.03
CA ILE G 213 -32.32 -38.14 35.61
C ILE G 213 -33.03 -36.91 35.04
N TYR G 214 -34.31 -36.77 35.33
CA TYR G 214 -35.13 -35.68 34.84
C TYR G 214 -34.68 -34.32 35.35
N TYR G 215 -34.43 -34.22 36.64
CA TYR G 215 -33.99 -32.96 37.24
C TYR G 215 -32.64 -32.54 36.66
N SER G 216 -31.67 -33.45 36.73
CA SER G 216 -30.34 -33.17 36.21
C SER G 216 -30.43 -32.65 34.78
N LEU G 217 -31.08 -33.42 33.92
CA LEU G 217 -31.17 -33.01 32.51
C LEU G 217 -31.82 -31.64 32.32
N LYS G 218 -32.87 -31.35 33.08
CA LYS G 218 -33.56 -30.07 32.95
C LYS G 218 -32.63 -28.93 33.30
N GLU G 219 -31.99 -29.03 34.47
CA GLU G 219 -31.06 -27.98 34.88
C GLU G 219 -29.99 -27.83 33.79
N SER G 220 -29.35 -28.91 33.41
CA SER G 220 -28.32 -28.94 32.40
C SER G 220 -28.72 -28.26 31.10
N THR G 221 -29.84 -28.60 30.49
CA THR G 221 -30.25 -27.88 29.28
C THR G 221 -30.33 -26.37 29.53
N THR G 222 -31.01 -25.93 30.59
CA THR G 222 -31.09 -24.48 30.80
C THR G 222 -29.70 -23.87 30.79
N SER G 223 -28.84 -24.36 31.67
CA SER G 223 -27.45 -23.92 31.77
C SER G 223 -26.73 -23.88 30.43
N GLU G 224 -26.73 -25.01 29.72
CA GLU G 224 -26.10 -25.13 28.43
C GLU G 224 -26.50 -24.00 27.47
N GLN G 225 -27.77 -23.91 27.15
CA GLN G 225 -28.27 -22.89 26.24
C GLN G 225 -27.98 -21.48 26.73
N SER G 226 -27.81 -21.34 28.03
CA SER G 226 -27.50 -20.01 28.60
C SER G 226 -26.07 -19.67 28.20
N ALA G 227 -25.20 -20.59 28.56
CA ALA G 227 -23.78 -20.54 28.29
C ALA G 227 -23.48 -20.24 26.82
N ARG G 228 -23.94 -21.13 25.96
CA ARG G 228 -23.82 -21.00 24.52
C ARG G 228 -24.29 -19.63 24.04
N MET G 229 -25.42 -19.17 24.54
CA MET G 229 -25.95 -17.86 24.17
C MET G 229 -24.92 -16.77 24.51
N THR G 230 -24.30 -16.91 25.67
CA THR G 230 -23.31 -15.96 26.11
C THR G 230 -22.03 -16.05 25.26
N ALA G 231 -21.62 -17.30 25.03
CA ALA G 231 -20.41 -17.53 24.24
C ALA G 231 -20.59 -16.87 22.88
N MET G 232 -21.65 -17.25 22.20
CA MET G 232 -21.90 -16.69 20.86
C MET G 232 -21.98 -15.18 20.86
N ASP G 233 -22.60 -14.62 21.91
CA ASP G 233 -22.78 -13.18 22.01
C ASP G 233 -21.40 -12.50 22.06
N ASN G 234 -20.52 -13.08 22.84
CA ASN G 234 -19.17 -12.58 22.99
C ASN G 234 -18.36 -12.82 21.72
N ALA G 235 -18.51 -14.00 21.14
CA ALA G 235 -17.78 -14.36 19.93
C ALA G 235 -18.20 -13.53 18.74
N SER G 236 -19.47 -13.12 18.69
CA SER G 236 -19.86 -12.33 17.51
C SER G 236 -19.36 -10.91 17.72
N LYS G 237 -19.31 -10.54 18.99
CA LYS G 237 -18.84 -9.23 19.39
C LYS G 237 -17.35 -9.09 19.07
N ASN G 238 -16.60 -10.15 19.39
CA ASN G 238 -15.17 -10.20 19.14
C ASN G 238 -14.94 -10.04 17.63
N ALA G 239 -15.76 -10.76 16.88
CA ALA G 239 -15.63 -10.72 15.42
C ALA G 239 -15.89 -9.32 14.90
N SER G 240 -16.99 -8.73 15.36
CA SER G 240 -17.24 -7.35 14.93
C SER G 240 -16.04 -6.44 15.17
N GLU G 241 -15.51 -6.42 16.39
CA GLU G 241 -14.40 -5.52 16.70
C GLU G 241 -13.23 -5.81 15.78
N MET G 242 -12.94 -7.09 15.55
CA MET G 242 -11.85 -7.50 14.68
C MET G 242 -12.07 -7.13 13.23
N ILE G 243 -13.31 -6.96 12.81
CA ILE G 243 -13.63 -6.63 11.42
C ILE G 243 -13.24 -5.16 11.24
N ASP G 244 -13.71 -4.39 12.20
CA ASP G 244 -13.47 -2.95 12.24
C ASP G 244 -11.97 -2.67 12.24
N LYS G 245 -11.24 -3.33 13.10
CA LYS G 245 -9.81 -3.21 13.15
C LYS G 245 -9.13 -3.63 11.85
N LEU G 246 -9.69 -4.59 11.12
CA LEU G 246 -9.08 -5.02 9.87
C LEU G 246 -9.43 -4.08 8.72
N THR G 247 -10.63 -3.53 8.77
CA THR G 247 -10.99 -2.55 7.73
C THR G 247 -10.02 -1.35 7.80
N LEU G 248 -9.64 -1.00 9.05
CA LEU G 248 -8.76 0.17 9.22
C LEU G 248 -7.44 -0.15 8.54
N THR G 249 -6.89 -1.29 8.97
CA THR G 249 -5.66 -1.80 8.40
C THR G 249 -5.75 -1.96 6.88
N PHE G 250 -6.89 -2.34 6.34
CA PHE G 250 -7.01 -2.45 4.90
C PHE G 250 -6.88 -1.07 4.24
N ASN G 251 -7.45 -0.04 4.89
CA ASN G 251 -7.47 1.30 4.30
C ASN G 251 -6.12 2.00 4.43
N ARG G 252 -5.43 1.73 5.55
CA ARG G 252 -4.08 2.25 5.66
C ARG G 252 -3.21 1.63 4.56
N THR G 253 -3.08 0.33 4.49
CA THR G 253 -2.31 -0.34 3.44
C THR G 253 -2.73 0.12 2.05
N ARG G 254 -4.01 0.24 1.83
CA ARG G 254 -4.50 0.65 0.51
C ARG G 254 -3.93 2.01 0.12
N GLN G 255 -3.99 2.98 1.01
CA GLN G 255 -3.47 4.33 0.79
C GLN G 255 -1.95 4.33 0.62
N ALA G 256 -1.24 3.65 1.52
CA ALA G 256 0.22 3.56 1.33
C ALA G 256 0.51 2.93 -0.01
N VAL G 257 -0.19 1.85 -0.42
CA VAL G 257 0.27 1.20 -1.67
C VAL G 257 0.18 2.20 -2.81
N ILE G 258 -0.99 2.84 -2.87
CA ILE G 258 -1.19 3.84 -3.94
C ILE G 258 -0.09 4.89 -4.00
N THR G 259 0.31 5.43 -2.86
CA THR G 259 1.32 6.45 -2.74
C THR G 259 2.69 5.96 -3.21
N LYS G 260 3.06 4.75 -2.77
CA LYS G 260 4.31 4.11 -3.07
C LYS G 260 4.50 3.89 -4.56
N GLU G 261 3.48 3.43 -5.26
CA GLU G 261 3.57 3.16 -6.70
C GLU G 261 3.63 4.51 -7.39
N LEU G 262 2.87 5.46 -6.81
CA LEU G 262 2.96 6.82 -7.39
C LEU G 262 4.35 7.46 -7.41
N ILE G 263 4.95 7.31 -6.21
CA ILE G 263 6.26 7.86 -5.99
C ILE G 263 7.29 7.15 -6.88
N GLU G 264 7.22 5.82 -7.03
CA GLU G 264 8.16 5.16 -7.93
C GLU G 264 8.02 5.71 -9.34
N ILE G 265 6.84 5.83 -9.88
CA ILE G 265 6.60 6.38 -11.19
C ILE G 265 7.18 7.77 -11.37
N ILE G 266 7.00 8.68 -10.45
CA ILE G 266 7.50 10.06 -10.52
C ILE G 266 9.01 10.03 -10.49
N SER G 267 9.68 9.41 -9.56
CA SER G 267 11.12 9.30 -9.50
C SER G 267 11.74 8.89 -10.82
N GLY G 268 11.21 7.86 -11.46
CA GLY G 268 11.66 7.31 -12.71
C GLY G 268 11.42 8.25 -13.88
N ALA G 269 10.40 9.10 -13.78
CA ALA G 269 10.12 10.13 -14.79
C ALA G 269 11.09 11.29 -14.59
N ALA G 270 11.30 11.67 -13.32
CA ALA G 270 12.16 12.83 -13.06
C ALA G 270 13.63 12.53 -13.29
N ALA G 271 14.05 11.28 -13.35
CA ALA G 271 15.47 10.99 -13.53
C ALA G 271 15.84 11.02 -15.01
N LEU G 272 14.84 11.14 -15.87
CA LEU G 272 15.06 11.24 -17.31
C LEU G 272 15.64 12.62 -17.66
PG ANP H . -12.13 -12.46 -20.82
O1G ANP H . -11.39 -12.04 -19.59
O2G ANP H . -12.49 -11.24 -21.56
O3G ANP H . -11.41 -13.47 -21.61
PB ANP H . -14.95 -12.54 -20.06
O1B ANP H . -15.12 -12.03 -18.72
O2B ANP H . -15.22 -11.65 -21.20
N3B ANP H . -13.49 -13.24 -20.38
PA ANP H . -16.46 -14.74 -21.29
O1A ANP H . -17.59 -14.20 -22.07
O2A ANP H . -15.34 -14.98 -22.24
O3A ANP H . -15.96 -13.80 -20.10
O5' ANP H . -16.89 -16.09 -20.58
C5' ANP H . -15.98 -16.81 -19.69
C4' ANP H . -16.37 -18.28 -19.82
O4' ANP H . -17.64 -18.56 -19.20
C3' ANP H . -16.57 -18.69 -21.28
O3' ANP H . -16.26 -20.07 -21.41
C2' ANP H . -18.07 -18.59 -21.48
O2' ANP H . -18.53 -19.43 -22.52
C1' ANP H . -18.59 -19.06 -20.11
N9 ANP H . -19.91 -18.43 -19.87
C8 ANP H . -20.30 -17.14 -20.12
N7 ANP H . -21.59 -16.92 -19.84
C5 ANP H . -22.04 -18.14 -19.39
C6 ANP H . -23.30 -18.59 -18.94
N6 ANP H . -24.38 -17.85 -18.85
N1 ANP H . -23.41 -19.88 -18.56
C2 ANP H . -22.30 -20.71 -18.68
N3 ANP H . -21.11 -20.41 -19.10
C4 ANP H . -21.03 -19.10 -19.41
MG MG I . -13.96 -10.82 -23.04
PG ANP J . -12.05 19.89 15.40
O1G ANP J . -11.48 18.79 14.54
O2G ANP J . -10.84 20.68 15.79
O3G ANP J . -13.07 20.63 14.69
PB ANP J . -11.89 19.22 18.11
O1B ANP J . -11.12 18.14 18.69
O2B ANP J . -10.99 20.45 18.19
N3B ANP J . -12.66 19.33 16.74
PA ANP J . -13.81 20.63 19.88
O1A ANP J . -12.89 21.21 20.87
O2A ANP J . -14.20 21.60 18.86
O3A ANP J . -13.12 19.35 19.16
O5' ANP J . -15.02 19.88 20.54
C5' ANP J . -16.15 19.20 19.91
C4' ANP J . -17.45 19.56 20.64
O4' ANP J . -17.47 18.98 21.93
C3' ANP J . -17.69 21.03 20.89
O3' ANP J . -18.76 21.43 20.04
C2' ANP J . -18.18 21.18 22.33
O2' ANP J . -19.58 21.58 22.27
C1' ANP J . -17.97 19.84 22.94
N9 ANP J . -17.02 19.74 24.05
C8 ANP J . -15.66 19.72 23.95
N7 ANP J . -15.08 19.53 25.14
C5 ANP J . -16.13 19.43 26.03
C6 ANP J . -16.16 19.26 27.42
N6 ANP J . -15.09 19.14 28.20
N1 ANP J . -17.38 19.19 28.01
C2 ANP J . -18.50 19.30 27.23
N3 ANP J . -18.57 19.49 25.93
C4 ANP J . -17.33 19.55 25.38
MG MG K . -10.10 22.05 17.13
PG ANP L . 21.71 -12.57 10.17
O1G ANP L . 20.43 -11.99 9.76
O2G ANP L . 22.51 -12.77 8.94
O3G ANP L . 22.42 -11.96 11.29
PB ANP L . 21.21 -15.47 9.97
O1B ANP L . 19.92 -15.46 9.27
O2B ANP L . 22.31 -15.50 8.98
N3B ANP L . 21.43 -14.05 10.85
PA ANP L . 22.56 -17.22 11.87
O1A ANP L . 23.07 -18.27 10.95
O2A ANP L . 23.54 -16.21 12.29
O3A ANP L . 21.32 -16.50 11.11
O5' ANP L . 21.88 -17.86 13.14
C5' ANP L . 21.20 -17.19 14.22
C4' ANP L . 21.37 -17.97 15.53
O4' ANP L . 20.60 -19.16 15.52
C3' ANP L . 22.81 -18.41 15.82
O3' ANP L . 23.26 -17.65 16.96
C2' ANP L . 22.75 -19.85 16.24
O2' ANP L . 23.06 -19.94 17.66
C1' ANP L . 21.30 -20.26 16.05
N9 ANP L . 21.16 -21.41 15.17
C8 ANP L . 21.35 -21.44 13.82
N7 ANP L . 21.16 -22.66 13.31
C5 ANP L . 20.86 -23.43 14.39
C6 ANP L . 20.56 -24.80 14.48
N6 ANP L . 20.50 -25.57 13.41
N1 ANP L . 20.29 -25.28 15.72
C2 ANP L . 20.33 -24.43 16.80
N3 ANP L . 20.62 -23.16 16.83
C4 ANP L . 20.86 -22.70 15.56
MG MG M . 24.08 -14.28 8.70
PB ADP N . 8.80 -23.38 -12.33
O1B ADP N . 7.32 -23.30 -12.11
O2B ADP N . 9.08 -23.60 -13.75
O3B ADP N . 9.57 -22.31 -11.67
PA ADP N . 9.68 -26.15 -11.79
O1A ADP N . 8.83 -26.65 -12.89
O2A ADP N . 11.10 -26.03 -12.30
O3A ADP N . 9.28 -24.62 -11.38
O5' ADP N . 9.50 -26.93 -10.47
C5' ADP N . 9.78 -26.50 -9.11
C4' ADP N . 9.99 -27.71 -8.21
O4' ADP N . 8.71 -28.15 -7.65
C3' ADP N . 10.48 -28.97 -8.97
O3' ADP N . 11.90 -29.07 -9.01
C2' ADP N . 9.97 -30.11 -8.11
O2' ADP N . 10.81 -30.25 -6.99
C1' ADP N . 8.58 -29.54 -7.74
N9 ADP N . 7.61 -29.90 -8.79
C8 ADP N . 7.18 -29.24 -9.87
N7 ADP N . 6.29 -29.96 -10.60
C5 ADP N . 6.19 -31.14 -9.93
C6 ADP N . 5.43 -32.29 -10.18
N6 ADP N . 4.63 -32.38 -11.24
N1 ADP N . 5.55 -33.32 -9.32
C2 ADP N . 6.37 -33.19 -8.23
N3 ADP N . 7.12 -32.16 -7.92
C4 ADP N . 6.99 -31.15 -8.81
MG MG O . 11.10 -23.51 -14.93
P PO4 P . -32.71 10.51 -6.56
O1 PO4 P . -32.91 9.48 -5.47
O2 PO4 P . -33.08 11.87 -6.00
O3 PO4 P . -31.25 10.55 -7.02
O4 PO4 P . -33.59 10.19 -7.76
PG ANP Q . 11.06 9.08 22.19
O1G ANP Q . 11.09 8.48 20.84
O2G ANP Q . 12.43 9.47 22.64
O3G ANP Q . 10.03 10.12 22.27
PB ANP Q . 11.52 6.90 24.03
O1B ANP Q . 11.56 5.59 23.29
O2B ANP Q . 12.92 7.37 24.21
N3B ANP Q . 10.59 7.93 23.21
PA ANP Q . 11.07 7.09 26.91
O1A ANP Q . 12.19 6.45 27.58
O2A ANP Q . 11.19 8.60 27.14
O3A ANP Q . 10.75 6.76 25.41
O5' ANP Q . 9.66 6.77 27.66
C5' ANP Q . 8.45 7.56 27.50
C4' ANP Q . 7.44 7.15 28.56
O4' ANP Q . 7.16 5.72 28.47
C3' ANP Q . 7.91 7.34 30.01
O3' ANP Q . 7.74 8.67 30.47
C2' ANP Q . 6.98 6.38 30.74
O2' ANP Q . 5.66 6.84 30.90
C1' ANP Q . 7.01 5.17 29.76
N9 ANP Q . 8.13 4.25 30.04
C8 ANP Q . 9.24 4.04 29.32
N7 ANP Q . 10.06 3.15 29.90
C5 ANP Q . 9.45 2.82 31.09
C6 ANP Q . 9.77 1.96 32.16
N6 ANP Q . 10.81 1.19 32.35
N1 ANP Q . 8.90 1.89 33.20
C2 ANP Q . 7.74 2.64 33.16
N3 ANP Q . 7.34 3.43 32.20
C4 ANP Q . 8.25 3.49 31.19
MG MG R . 13.91 9.39 24.12
#